data_1WDW
#
_entry.id   1WDW
#
_cell.length_a   89.056
_cell.length_b   220.257
_cell.length_c   292.560
_cell.angle_alpha   90.00
_cell.angle_beta   90.00
_cell.angle_gamma   90.00
#
_symmetry.space_group_name_H-M   'P 21 21 21'
#
loop_
_entity.id
_entity.type
_entity.pdbx_description
1 polymer 'Tryptophan synthase alpha chain'
2 polymer 'Tryptophan synthase beta chain 1'
3 non-polymer "PYRIDOXAL-5'-PHOSPHATE"
4 water water
#
loop_
_entity_poly.entity_id
_entity_poly.type
_entity_poly.pdbx_seq_one_letter_code
_entity_poly.pdbx_strand_id
1 'polypeptide(L)'
;MFKDGSLIPYLTAGDPDKQSTLNFLLALDEYAGAIELGIPFSDPIADGKTIQESHYRALKNGFKLREAFWIVKEFRRHSS
TPIVLMTYYNPIYRAGVRNFLAEAKASGVDGILVVDLPVFHAKEFTEIAREEGIKTVFLAAPNTPDERLKVIDDMTTGFV
YLVSLYGTTGAREEIPKTAYDLLRRAKRICRNKVAVGFGVSKREHVVSLLKEGANGVVVGSALVKIIGEKGREATEFLKK
KVEELLGI
;
A,C,E,G,I,K
2 'polypeptide(L)'
;MWFGEFGGQYVPETLIEPLKELEKAYKRFKDDEEFNRQLNYYLKTWAGRPTPLYYAKRLTEKIGGAKIYLKREDLVHGGA
HKTNNAIGQALLAKFMGKTRLIAETGAGQHGVATAMAGALLGMKVDIYMGAEDVERQKMNVFRMKLLGANVIPVNSGSRT
LKDAINEALRDWVATFEYTHYLIGSVVGPHPYPTIVRDFQSVIGREAKAQILEAEGQLPDVIVACVGGGSNAMGIFYPFV
NDKKVKLVGVEAGGKGLESGKHSASLNAGQVGVFHGMLSYFLQDEEGQIKPTHSIAPGLDYPGVGPEHAYLKKIQRAEYV
TVTDEEALKAFHELSRTEGIIPALESAHAVAYAMKLAKEMSRDEIIIVNLSGRGDKDLDIVLKVS
;
B,D,F,H,J,L
#
loop_
_chem_comp.id
_chem_comp.type
_chem_comp.name
_chem_comp.formula
PLP non-polymer PYRIDOXAL-5'-PHOSPHATE 'C8 H10 N O6 P'
#
# COMPACT_ATOMS: atom_id res chain seq x y z
N MET A 1 -99.01 35.79 -9.01
CA MET A 1 -100.04 35.98 -10.08
C MET A 1 -101.10 34.89 -9.93
N PHE A 2 -101.16 34.34 -8.73
CA PHE A 2 -102.08 33.28 -8.40
C PHE A 2 -102.52 33.46 -6.96
N LYS A 3 -103.70 32.96 -6.61
CA LYS A 3 -104.21 33.09 -5.24
C LYS A 3 -103.31 32.40 -4.23
N ASP A 4 -103.17 32.97 -3.04
CA ASP A 4 -102.33 32.33 -2.03
C ASP A 4 -102.88 30.96 -1.67
N GLY A 5 -101.99 30.07 -1.24
CA GLY A 5 -102.38 28.72 -0.87
C GLY A 5 -102.72 27.87 -2.08
N SER A 6 -102.46 28.39 -3.28
CA SER A 6 -102.75 27.65 -4.52
C SER A 6 -101.78 26.51 -4.80
N LEU A 7 -102.32 25.47 -5.43
CA LEU A 7 -101.51 24.32 -5.79
C LEU A 7 -101.22 24.53 -7.27
N ILE A 8 -99.94 24.47 -7.64
CA ILE A 8 -99.55 24.70 -9.04
C ILE A 8 -98.98 23.46 -9.71
N PRO A 9 -99.75 22.85 -10.63
CA PRO A 9 -99.30 21.65 -11.34
C PRO A 9 -98.33 21.98 -12.48
N TYR A 10 -97.45 21.04 -12.77
CA TYR A 10 -96.50 21.20 -13.86
C TYR A 10 -96.62 20.02 -14.83
N LEU A 11 -96.69 20.31 -16.11
CA LEU A 11 -96.78 19.28 -17.15
C LEU A 11 -95.91 19.66 -18.33
N THR A 12 -95.35 18.67 -18.98
CA THR A 12 -94.52 18.90 -20.14
C THR A 12 -95.39 18.78 -21.39
N ALA A 13 -95.52 19.88 -22.13
CA ALA A 13 -96.34 19.89 -23.34
C ALA A 13 -95.93 18.82 -24.32
N GLY A 14 -96.90 18.04 -24.80
CA GLY A 14 -96.60 17.00 -25.76
C GLY A 14 -96.22 15.65 -25.18
N ASP A 15 -96.46 15.46 -23.88
CA ASP A 15 -96.15 14.20 -23.21
C ASP A 15 -97.44 13.54 -22.71
N PRO A 16 -97.91 12.48 -23.41
CA PRO A 16 -97.35 11.84 -24.61
C PRO A 16 -97.67 12.48 -25.96
N ASP A 17 -98.68 13.34 -26.01
CA ASP A 17 -99.05 14.02 -27.26
C ASP A 17 -99.77 15.34 -26.96
N LYS A 18 -99.83 16.24 -27.94
CA LYS A 18 -100.47 17.53 -27.69
C LYS A 18 -101.90 17.43 -27.16
N GLN A 19 -102.66 16.46 -27.67
CA GLN A 19 -104.03 16.31 -27.21
C GLN A 19 -104.07 15.92 -25.73
N SER A 20 -103.34 14.86 -25.37
CA SER A 20 -103.31 14.38 -23.99
C SER A 20 -102.95 15.47 -22.98
N THR A 21 -102.06 16.37 -23.37
CA THR A 21 -101.66 17.46 -22.48
C THR A 21 -102.87 18.36 -22.20
N LEU A 22 -103.60 18.70 -23.26
CA LEU A 22 -104.78 19.54 -23.12
C LEU A 22 -105.77 18.84 -22.18
N ASN A 23 -105.91 17.54 -22.34
CA ASN A 23 -106.82 16.76 -21.50
C ASN A 23 -106.41 16.83 -20.04
N PHE A 24 -105.13 16.59 -19.77
CA PHE A 24 -104.64 16.63 -18.39
C PHE A 24 -104.86 18.01 -17.77
N LEU A 25 -104.63 19.06 -18.55
CA LEU A 25 -104.83 20.42 -18.06
C LEU A 25 -106.27 20.64 -17.64
N LEU A 26 -107.19 20.29 -18.53
CA LEU A 26 -108.61 20.47 -18.26
C LEU A 26 -109.05 19.68 -17.02
N ALA A 27 -108.52 18.47 -16.88
CA ALA A 27 -108.87 17.60 -15.75
C ALA A 27 -108.36 18.09 -14.40
N LEU A 28 -107.22 18.78 -14.41
CA LEU A 28 -106.63 19.27 -13.17
C LEU A 28 -107.02 20.71 -12.87
N ASP A 29 -107.42 21.43 -13.92
CA ASP A 29 -107.80 22.83 -13.79
C ASP A 29 -108.52 23.22 -12.50
N GLU A 30 -109.54 22.45 -12.13
CA GLU A 30 -110.34 22.74 -10.94
C GLU A 30 -109.59 22.71 -9.62
N TYR A 31 -108.46 22.01 -9.57
CA TYR A 31 -107.70 21.94 -8.34
C TYR A 31 -106.52 22.91 -8.30
N ALA A 32 -106.21 23.49 -9.46
CA ALA A 32 -105.07 24.39 -9.60
C ALA A 32 -105.40 25.86 -9.51
N GLY A 33 -104.46 26.62 -8.96
CA GLY A 33 -104.59 28.06 -8.84
C GLY A 33 -103.79 28.68 -9.97
N ALA A 34 -102.96 27.87 -10.61
CA ALA A 34 -102.11 28.28 -11.72
C ALA A 34 -101.46 27.03 -12.29
N ILE A 35 -101.09 27.07 -13.57
CA ILE A 35 -100.46 25.92 -14.21
C ILE A 35 -99.16 26.26 -14.93
N GLU A 36 -98.14 25.41 -14.75
CA GLU A 36 -96.85 25.60 -15.42
C GLU A 36 -96.77 24.62 -16.58
N LEU A 37 -96.57 25.13 -17.79
CA LEU A 37 -96.48 24.26 -18.97
C LEU A 37 -95.06 24.31 -19.54
N GLY A 38 -94.42 23.15 -19.61
CA GLY A 38 -93.06 23.09 -20.12
C GLY A 38 -92.89 22.76 -21.59
N ILE A 39 -92.05 23.52 -22.28
CA ILE A 39 -91.75 23.29 -23.70
C ILE A 39 -90.54 22.37 -23.85
N PRO A 40 -90.74 21.17 -24.41
CA PRO A 40 -89.69 20.17 -24.62
C PRO A 40 -88.40 20.68 -25.24
N PHE A 41 -87.29 20.33 -24.60
CA PHE A 41 -85.97 20.74 -25.09
C PHE A 41 -85.10 19.50 -25.20
N SER A 42 -84.23 19.47 -26.20
CA SER A 42 -83.35 18.33 -26.41
C SER A 42 -82.28 18.21 -25.31
N ASP A 43 -81.86 19.34 -24.74
CA ASP A 43 -80.83 19.32 -23.72
C ASP A 43 -81.14 20.05 -22.41
N PRO A 44 -82.02 19.46 -21.59
CA PRO A 44 -82.38 20.10 -20.31
C PRO A 44 -81.12 20.05 -19.45
N ILE A 45 -80.93 21.03 -18.57
CA ILE A 45 -79.74 21.03 -17.71
C ILE A 45 -80.11 20.83 -16.25
N ALA A 46 -79.62 19.74 -15.68
CA ALA A 46 -79.89 19.38 -14.28
C ALA A 46 -81.36 19.67 -13.98
N ASP A 47 -82.23 19.17 -14.85
CA ASP A 47 -83.67 19.40 -14.71
C ASP A 47 -84.35 18.35 -13.84
N GLY A 48 -83.62 17.31 -13.47
CA GLY A 48 -84.21 16.28 -12.63
C GLY A 48 -84.73 15.14 -13.50
N LYS A 49 -84.27 13.93 -13.21
CA LYS A 49 -84.64 12.73 -13.98
C LYS A 49 -86.09 12.58 -14.46
N THR A 50 -87.05 12.67 -13.54
CA THR A 50 -88.45 12.49 -13.94
C THR A 50 -88.88 13.47 -15.04
N ILE A 51 -88.58 14.76 -14.82
CA ILE A 51 -88.92 15.78 -15.79
C ILE A 51 -88.07 15.63 -17.04
N GLN A 52 -86.78 15.39 -16.83
CA GLN A 52 -85.83 15.22 -17.92
C GLN A 52 -86.34 14.17 -18.91
N GLU A 53 -86.88 13.06 -18.38
CA GLU A 53 -87.40 12.00 -19.23
C GLU A 53 -88.64 12.41 -20.02
N SER A 54 -89.49 13.23 -19.42
CA SER A 54 -90.69 13.68 -20.11
C SER A 54 -90.31 14.45 -21.37
N HIS A 55 -89.23 15.22 -21.29
CA HIS A 55 -88.75 16.00 -22.43
C HIS A 55 -88.42 15.09 -23.60
N TYR A 56 -87.71 14.01 -23.30
CA TYR A 56 -87.33 13.05 -24.32
C TYR A 56 -88.57 12.42 -24.94
N ARG A 57 -89.50 12.00 -24.09
CA ARG A 57 -90.75 11.41 -24.57
C ARG A 57 -91.43 12.35 -25.57
N ALA A 58 -91.68 13.57 -25.12
CA ALA A 58 -92.35 14.57 -25.96
C ALA A 58 -91.71 14.75 -27.33
N LEU A 59 -90.38 14.89 -27.35
CA LEU A 59 -89.66 15.08 -28.59
C LEU A 59 -89.61 13.81 -29.45
N LYS A 60 -89.58 12.64 -28.81
CA LYS A 60 -89.56 11.38 -29.54
C LYS A 60 -90.84 11.23 -30.34
N ASN A 61 -91.94 11.72 -29.77
CA ASN A 61 -93.23 11.64 -30.44
C ASN A 61 -93.43 12.80 -31.40
N GLY A 62 -92.34 13.46 -31.77
CA GLY A 62 -92.38 14.56 -32.71
C GLY A 62 -93.05 15.86 -32.30
N PHE A 63 -92.80 16.32 -31.09
CA PHE A 63 -93.39 17.57 -30.64
C PHE A 63 -92.85 18.75 -31.43
N LYS A 64 -93.63 19.81 -31.54
CA LYS A 64 -93.22 21.01 -32.29
C LYS A 64 -93.72 22.25 -31.57
N LEU A 65 -92.85 23.26 -31.49
CA LEU A 65 -93.17 24.50 -30.78
C LEU A 65 -94.59 25.04 -30.92
N ARG A 66 -95.12 25.10 -32.13
CA ARG A 66 -96.48 25.63 -32.29
C ARG A 66 -97.50 24.81 -31.48
N GLU A 67 -97.29 23.49 -31.40
CA GLU A 67 -98.20 22.63 -30.65
C GLU A 67 -98.34 23.07 -29.18
N ALA A 68 -97.31 23.75 -28.68
CA ALA A 68 -97.33 24.23 -27.30
C ALA A 68 -98.36 25.34 -27.22
N PHE A 69 -98.20 26.34 -28.09
CA PHE A 69 -99.13 27.48 -28.17
C PHE A 69 -100.56 27.03 -28.43
N TRP A 70 -100.71 25.98 -29.23
CA TRP A 70 -102.02 25.41 -29.55
C TRP A 70 -102.68 24.92 -28.27
N ILE A 71 -101.94 24.16 -27.46
CA ILE A 71 -102.47 23.65 -26.21
C ILE A 71 -102.96 24.80 -25.33
N VAL A 72 -102.13 25.83 -25.19
CA VAL A 72 -102.49 26.98 -24.38
C VAL A 72 -103.74 27.67 -24.92
N LYS A 73 -103.76 27.93 -26.22
CA LYS A 73 -104.90 28.58 -26.85
C LYS A 73 -106.17 27.76 -26.70
N GLU A 74 -106.08 26.47 -26.94
CA GLU A 74 -107.23 25.59 -26.82
C GLU A 74 -107.74 25.58 -25.38
N PHE A 75 -106.82 25.51 -24.42
CA PHE A 75 -107.18 25.49 -23.00
C PHE A 75 -107.91 26.77 -22.63
N ARG A 76 -107.52 27.87 -23.26
CA ARG A 76 -108.14 29.16 -23.00
C ARG A 76 -109.61 29.20 -23.37
N ARG A 77 -110.04 28.29 -24.24
CA ARG A 77 -111.45 28.24 -24.64
C ARG A 77 -112.33 27.77 -23.48
N HIS A 78 -111.73 27.18 -22.45
CA HIS A 78 -112.50 26.68 -21.33
C HIS A 78 -112.15 27.36 -20.03
N SER A 79 -110.87 27.60 -19.80
CA SER A 79 -110.44 28.21 -18.55
C SER A 79 -109.66 29.50 -18.72
N SER A 80 -109.47 30.18 -17.59
CA SER A 80 -108.74 31.43 -17.56
C SER A 80 -107.62 31.30 -16.52
N THR A 81 -107.49 30.11 -15.93
CA THR A 81 -106.45 29.83 -14.93
C THR A 81 -105.11 30.31 -15.49
N PRO A 82 -104.32 31.05 -14.67
CA PRO A 82 -103.02 31.54 -15.12
C PRO A 82 -102.12 30.43 -15.67
N ILE A 83 -101.52 30.68 -16.82
CA ILE A 83 -100.63 29.71 -17.46
C ILE A 83 -99.22 30.29 -17.54
N VAL A 84 -98.26 29.60 -16.92
CA VAL A 84 -96.88 30.04 -16.98
C VAL A 84 -96.09 29.09 -17.87
N LEU A 85 -95.54 29.65 -18.95
CA LEU A 85 -94.77 28.88 -19.92
C LEU A 85 -93.34 28.74 -19.44
N MET A 86 -92.83 27.51 -19.44
CA MET A 86 -91.45 27.28 -19.01
C MET A 86 -90.65 26.67 -20.14
N THR A 87 -89.64 27.42 -20.59
CA THR A 87 -88.83 26.98 -21.70
C THR A 87 -87.37 27.42 -21.59
N TYR A 88 -86.51 26.80 -22.38
CA TYR A 88 -85.11 27.18 -22.41
C TYR A 88 -85.00 28.32 -23.42
N TYR A 89 -83.93 29.09 -23.31
CA TYR A 89 -83.72 30.26 -24.16
C TYR A 89 -83.63 30.02 -25.67
N ASN A 90 -83.03 28.90 -26.08
CA ASN A 90 -82.86 28.64 -27.51
C ASN A 90 -84.07 28.88 -28.41
N PRO A 91 -85.23 28.31 -28.07
CA PRO A 91 -86.43 28.51 -28.90
C PRO A 91 -86.82 29.97 -29.04
N ILE A 92 -86.78 30.72 -27.94
CA ILE A 92 -87.16 32.11 -28.01
C ILE A 92 -86.08 32.93 -28.69
N TYR A 93 -84.82 32.51 -28.57
CA TYR A 93 -83.70 33.21 -29.20
C TYR A 93 -83.79 33.01 -30.72
N ARG A 94 -84.00 31.75 -31.08
CA ARG A 94 -84.11 31.33 -32.45
C ARG A 94 -85.27 32.01 -33.18
N ALA A 95 -86.25 32.46 -32.43
CA ALA A 95 -87.43 33.09 -33.02
C ALA A 95 -87.53 34.60 -32.85
N GLY A 96 -86.75 35.15 -31.93
CA GLY A 96 -86.79 36.59 -31.69
C GLY A 96 -87.54 36.82 -30.40
N VAL A 97 -86.88 37.40 -29.41
CA VAL A 97 -87.48 37.66 -28.10
C VAL A 97 -88.90 38.22 -28.20
N ARG A 98 -89.03 39.39 -28.81
CA ARG A 98 -90.34 40.02 -28.97
C ARG A 98 -91.31 39.15 -29.73
N ASN A 99 -90.87 38.54 -30.84
CA ASN A 99 -91.74 37.67 -31.61
C ASN A 99 -92.30 36.53 -30.77
N PHE A 100 -91.44 35.89 -30.00
CA PHE A 100 -91.86 34.77 -29.14
C PHE A 100 -92.85 35.26 -28.09
N LEU A 101 -92.45 36.27 -27.32
CA LEU A 101 -93.29 36.84 -26.27
C LEU A 101 -94.64 37.27 -26.80
N ALA A 102 -94.66 37.76 -28.03
CA ALA A 102 -95.90 38.21 -28.67
C ALA A 102 -96.82 37.01 -28.91
N GLU A 103 -96.31 36.00 -29.61
CA GLU A 103 -97.09 34.80 -29.89
C GLU A 103 -97.58 34.16 -28.59
N ALA A 104 -96.76 34.22 -27.55
CA ALA A 104 -97.11 33.65 -26.24
C ALA A 104 -98.31 34.36 -25.65
N LYS A 105 -98.24 35.68 -25.65
CA LYS A 105 -99.31 36.53 -25.11
C LYS A 105 -100.61 36.24 -25.86
N ALA A 106 -100.49 36.21 -27.18
CA ALA A 106 -101.63 35.95 -28.05
C ALA A 106 -102.26 34.58 -27.82
N SER A 107 -101.46 33.60 -27.39
CA SER A 107 -101.97 32.27 -27.16
C SER A 107 -102.69 32.16 -25.83
N GLY A 108 -102.56 33.18 -25.01
CA GLY A 108 -103.21 33.17 -23.71
C GLY A 108 -102.26 32.86 -22.57
N VAL A 109 -100.97 33.06 -22.80
CA VAL A 109 -99.96 32.82 -21.78
C VAL A 109 -99.86 34.05 -20.89
N ASP A 110 -99.78 33.83 -19.58
CA ASP A 110 -99.69 34.91 -18.60
C ASP A 110 -98.27 35.21 -18.16
N GLY A 111 -97.52 34.15 -17.87
CA GLY A 111 -96.15 34.33 -17.43
C GLY A 111 -95.18 33.40 -18.13
N ILE A 112 -93.90 33.73 -18.04
CA ILE A 112 -92.87 32.92 -18.67
C ILE A 112 -91.61 32.85 -17.79
N LEU A 113 -90.94 31.70 -17.85
CA LEU A 113 -89.71 31.45 -17.10
C LEU A 113 -88.68 30.87 -18.07
N VAL A 114 -87.60 31.59 -18.30
CA VAL A 114 -86.57 31.11 -19.20
C VAL A 114 -85.52 30.45 -18.29
N VAL A 115 -85.58 29.11 -18.24
CA VAL A 115 -84.73 28.27 -17.41
C VAL A 115 -83.22 28.53 -17.42
N ASP A 116 -82.65 28.69 -18.60
CA ASP A 116 -81.20 28.90 -18.72
C ASP A 116 -80.77 30.31 -19.10
N LEU A 117 -81.46 31.33 -18.61
CA LEU A 117 -81.13 32.73 -18.89
C LEU A 117 -80.91 33.44 -17.56
N PRO A 118 -79.64 33.61 -17.16
CA PRO A 118 -79.24 34.27 -15.91
C PRO A 118 -79.94 35.60 -15.68
N VAL A 119 -80.16 35.93 -14.42
CA VAL A 119 -80.83 37.18 -14.06
C VAL A 119 -80.09 38.37 -14.66
N PHE A 120 -78.78 38.41 -14.42
CA PHE A 120 -77.95 39.49 -14.92
C PHE A 120 -77.82 39.55 -16.44
N HIS A 121 -78.47 38.61 -17.13
CA HIS A 121 -78.44 38.58 -18.59
C HIS A 121 -79.83 38.78 -19.16
N ALA A 122 -80.83 38.90 -18.29
CA ALA A 122 -82.21 39.03 -18.75
C ALA A 122 -82.77 40.46 -18.70
N LYS A 123 -81.88 41.44 -18.71
CA LYS A 123 -82.33 42.83 -18.66
C LYS A 123 -83.24 43.13 -19.84
N GLU A 124 -82.75 42.92 -21.06
CA GLU A 124 -83.55 43.21 -22.24
C GLU A 124 -84.80 42.33 -22.32
N PHE A 125 -84.70 41.09 -21.85
CA PHE A 125 -85.83 40.19 -21.88
C PHE A 125 -86.98 40.69 -21.02
N THR A 126 -86.71 40.96 -19.75
CA THR A 126 -87.75 41.45 -18.85
C THR A 126 -88.38 42.72 -19.40
N GLU A 127 -87.59 43.50 -20.13
CA GLU A 127 -88.02 44.75 -20.73
C GLU A 127 -89.06 44.54 -21.84
N ILE A 128 -88.74 43.67 -22.80
CA ILE A 128 -89.66 43.35 -23.90
C ILE A 128 -90.87 42.60 -23.35
N ALA A 129 -90.64 41.80 -22.30
CA ALA A 129 -91.71 41.02 -21.67
C ALA A 129 -92.81 41.94 -21.18
N ARG A 130 -92.41 43.02 -20.52
CA ARG A 130 -93.36 44.00 -20.00
C ARG A 130 -94.15 44.58 -21.16
N GLU A 131 -93.44 45.08 -22.17
CA GLU A 131 -94.06 45.68 -23.35
C GLU A 131 -94.96 44.72 -24.12
N GLU A 132 -94.78 43.43 -23.93
CA GLU A 132 -95.62 42.45 -24.63
C GLU A 132 -96.72 41.91 -23.75
N GLY A 133 -96.77 42.40 -22.51
CA GLY A 133 -97.79 41.96 -21.57
C GLY A 133 -97.63 40.57 -21.03
N ILE A 134 -96.37 40.19 -20.76
CA ILE A 134 -96.05 38.87 -20.22
C ILE A 134 -95.34 39.06 -18.88
N LYS A 135 -95.80 38.36 -17.85
CA LYS A 135 -95.18 38.47 -16.54
C LYS A 135 -93.93 37.59 -16.51
N THR A 136 -92.90 38.06 -15.80
CA THR A 136 -91.65 37.32 -15.72
C THR A 136 -91.59 36.47 -14.46
N VAL A 137 -91.00 35.28 -14.61
CA VAL A 137 -90.81 34.36 -13.50
C VAL A 137 -89.35 33.95 -13.50
N PHE A 138 -88.65 34.24 -12.39
CA PHE A 138 -87.24 33.88 -12.24
C PHE A 138 -87.12 32.93 -11.05
N LEU A 139 -86.15 32.01 -11.11
CA LEU A 139 -86.00 31.12 -9.97
C LEU A 139 -84.76 31.36 -9.12
N ALA A 140 -84.81 30.86 -7.89
CA ALA A 140 -83.72 30.99 -6.93
C ALA A 140 -83.52 29.63 -6.25
N ALA A 141 -82.28 29.33 -5.88
CA ALA A 141 -81.93 28.06 -5.23
C ALA A 141 -81.29 28.31 -3.87
N PRO A 142 -81.17 27.25 -3.05
CA PRO A 142 -80.57 27.40 -1.73
C PRO A 142 -79.21 28.09 -1.78
N ASN A 143 -78.40 27.77 -2.80
CA ASN A 143 -77.08 28.39 -2.92
C ASN A 143 -77.10 29.82 -3.48
N THR A 144 -78.30 30.37 -3.65
CA THR A 144 -78.42 31.74 -4.15
C THR A 144 -78.23 32.72 -3.00
N PRO A 145 -77.24 33.61 -3.09
CA PRO A 145 -76.96 34.61 -2.05
C PRO A 145 -78.10 35.60 -1.88
N ASP A 146 -78.27 36.13 -0.67
CA ASP A 146 -79.32 37.10 -0.40
C ASP A 146 -79.18 38.27 -1.36
N GLU A 147 -77.96 38.50 -1.82
CA GLU A 147 -77.72 39.59 -2.75
C GLU A 147 -78.47 39.39 -4.07
N ARG A 148 -78.21 38.26 -4.74
CA ARG A 148 -78.88 37.96 -6.01
C ARG A 148 -80.37 37.79 -5.77
N LEU A 149 -80.74 37.21 -4.64
CA LEU A 149 -82.14 37.00 -4.31
C LEU A 149 -82.92 38.30 -4.51
N LYS A 150 -82.39 39.39 -3.97
CA LYS A 150 -83.04 40.69 -4.10
C LYS A 150 -83.19 41.06 -5.57
N VAL A 151 -82.08 40.96 -6.32
CA VAL A 151 -82.09 41.29 -7.74
C VAL A 151 -83.11 40.46 -8.52
N ILE A 152 -83.24 39.20 -8.12
CA ILE A 152 -84.18 38.29 -8.76
C ILE A 152 -85.59 38.79 -8.50
N ASP A 153 -85.85 39.16 -7.24
CA ASP A 153 -87.16 39.69 -6.83
C ASP A 153 -87.45 40.98 -7.57
N ASP A 154 -86.45 41.84 -7.67
CA ASP A 154 -86.58 43.13 -8.34
C ASP A 154 -86.92 43.03 -9.82
N MET A 155 -86.68 41.86 -10.43
CA MET A 155 -86.98 41.71 -11.84
C MET A 155 -88.19 40.83 -12.11
N THR A 156 -88.70 40.20 -11.05
CA THR A 156 -89.86 39.32 -11.15
C THR A 156 -91.17 40.08 -11.10
N THR A 157 -92.04 39.85 -12.08
CA THR A 157 -93.33 40.52 -12.10
C THR A 157 -94.43 39.48 -11.96
N GLY A 158 -94.04 38.21 -11.89
CA GLY A 158 -95.00 37.13 -11.75
C GLY A 158 -94.88 36.52 -10.36
N PHE A 159 -93.74 35.89 -10.10
CA PHE A 159 -93.50 35.28 -8.80
C PHE A 159 -92.15 34.60 -8.83
N VAL A 160 -91.45 34.62 -7.69
CA VAL A 160 -90.16 33.98 -7.58
C VAL A 160 -90.36 32.47 -7.38
N TYR A 161 -89.63 31.69 -8.16
CA TYR A 161 -89.75 30.23 -8.11
C TYR A 161 -88.58 29.62 -7.32
N LEU A 162 -88.89 29.08 -6.14
CA LEU A 162 -87.86 28.48 -5.30
C LEU A 162 -87.75 26.98 -5.57
N VAL A 163 -86.52 26.50 -5.76
CA VAL A 163 -86.27 25.08 -6.03
C VAL A 163 -85.17 24.58 -5.11
N SER A 164 -85.17 23.27 -4.81
CA SER A 164 -84.16 22.70 -3.91
C SER A 164 -82.95 22.07 -4.61
N LEU A 165 -81.80 22.08 -3.93
CA LEU A 165 -80.55 21.54 -4.46
C LEU A 165 -80.65 20.12 -5.04
N TYR A 166 -81.64 19.36 -4.59
CA TYR A 166 -81.83 17.99 -5.07
C TYR A 166 -83.31 17.70 -5.19
N GLU A 173 -88.96 11.33 1.38
CA GLU A 173 -89.08 12.51 0.57
C GLU A 173 -89.25 13.71 1.51
N GLU A 174 -88.53 13.67 2.62
CA GLU A 174 -88.60 14.74 3.59
C GLU A 174 -87.90 15.94 2.98
N ILE A 175 -88.63 17.06 2.93
CA ILE A 175 -88.12 18.28 2.35
C ILE A 175 -86.84 18.67 3.08
N PRO A 176 -85.74 18.83 2.32
CA PRO A 176 -84.43 19.20 2.88
C PRO A 176 -84.50 20.40 3.81
N LYS A 177 -83.68 20.39 4.86
CA LYS A 177 -83.66 21.51 5.80
C LYS A 177 -83.21 22.73 5.02
N THR A 178 -82.33 22.48 4.06
CA THR A 178 -81.78 23.53 3.21
C THR A 178 -82.86 24.24 2.38
N ALA A 179 -83.88 23.50 1.97
CA ALA A 179 -84.99 24.06 1.18
C ALA A 179 -85.85 25.01 2.02
N TYR A 180 -86.13 24.63 3.27
CA TYR A 180 -86.93 25.49 4.14
C TYR A 180 -86.21 26.79 4.40
N ASP A 181 -84.89 26.72 4.55
CA ASP A 181 -84.09 27.91 4.81
C ASP A 181 -84.19 28.88 3.65
N LEU A 182 -84.25 28.35 2.43
CA LEU A 182 -84.37 29.20 1.24
C LEU A 182 -85.71 29.92 1.35
N LEU A 183 -86.79 29.18 1.60
CA LEU A 183 -88.12 29.75 1.74
C LEU A 183 -88.15 30.84 2.81
N ARG A 184 -87.59 30.54 3.98
CA ARG A 184 -87.55 31.49 5.08
C ARG A 184 -86.97 32.82 4.62
N ARG A 185 -85.76 32.76 4.05
CA ARG A 185 -85.08 33.95 3.56
C ARG A 185 -85.89 34.65 2.48
N ALA A 186 -86.42 33.85 1.56
CA ALA A 186 -87.22 34.38 0.46
C ALA A 186 -88.37 35.24 0.96
N LYS A 187 -89.21 34.68 1.83
CA LYS A 187 -90.35 35.43 2.36
C LYS A 187 -89.88 36.69 3.07
N ARG A 188 -88.77 36.55 3.78
CA ARG A 188 -88.17 37.64 4.52
C ARG A 188 -87.49 38.70 3.62
N ILE A 189 -87.36 38.41 2.32
CA ILE A 189 -86.68 39.34 1.40
C ILE A 189 -87.48 39.79 0.17
N CYS A 190 -88.27 38.88 -0.39
CA CYS A 190 -89.04 39.16 -1.60
C CYS A 190 -90.34 39.93 -1.41
N ARG A 191 -90.67 40.73 -2.41
CA ARG A 191 -91.90 41.50 -2.40
C ARG A 191 -92.91 40.66 -3.18
N ASN A 192 -92.41 39.85 -4.10
CA ASN A 192 -93.29 39.01 -4.91
C ASN A 192 -93.76 37.78 -4.20
N LYS A 193 -94.77 37.14 -4.78
CA LYS A 193 -95.28 35.91 -4.22
C LYS A 193 -94.21 34.86 -4.49
N VAL A 194 -94.17 33.83 -3.67
CA VAL A 194 -93.19 32.79 -3.83
C VAL A 194 -93.83 31.41 -4.01
N ALA A 195 -93.46 30.73 -5.09
CA ALA A 195 -93.95 29.39 -5.37
C ALA A 195 -92.78 28.43 -5.09
N VAL A 196 -93.07 27.29 -4.47
CA VAL A 196 -92.01 26.33 -4.17
C VAL A 196 -92.13 25.01 -4.89
N GLY A 197 -91.00 24.56 -5.42
CA GLY A 197 -90.92 23.29 -6.13
C GLY A 197 -89.84 22.51 -5.42
N PHE A 198 -90.18 21.89 -4.29
CA PHE A 198 -89.22 21.13 -3.52
C PHE A 198 -89.39 19.63 -3.68
N GLY A 199 -90.22 19.22 -4.62
CA GLY A 199 -90.41 17.80 -4.84
C GLY A 199 -91.47 17.19 -3.94
N VAL A 200 -92.58 17.90 -3.80
CA VAL A 200 -93.70 17.46 -3.00
C VAL A 200 -94.22 16.10 -3.51
N SER A 201 -94.52 15.19 -2.60
CA SER A 201 -95.02 13.88 -2.99
C SER A 201 -96.13 13.38 -2.05
N LYS A 202 -96.28 14.03 -0.91
CA LYS A 202 -97.31 13.64 0.04
C LYS A 202 -97.95 14.86 0.69
N ARG A 203 -99.21 14.72 1.06
CA ARG A 203 -99.98 15.80 1.69
C ARG A 203 -99.23 16.66 2.73
N GLU A 204 -98.48 15.99 3.62
CA GLU A 204 -97.74 16.68 4.67
C GLU A 204 -96.83 17.79 4.16
N HIS A 205 -96.25 17.57 2.97
CA HIS A 205 -95.35 18.54 2.35
C HIS A 205 -96.09 19.83 2.04
N VAL A 206 -97.19 19.70 1.29
CA VAL A 206 -98.02 20.83 0.90
C VAL A 206 -98.40 21.65 2.13
N VAL A 207 -98.88 20.96 3.16
CA VAL A 207 -99.30 21.60 4.40
C VAL A 207 -98.15 22.34 5.09
N SER A 208 -97.07 21.62 5.32
CA SER A 208 -95.91 22.21 5.97
C SER A 208 -95.36 23.43 5.21
N LEU A 209 -95.29 23.32 3.88
CA LEU A 209 -94.75 24.39 3.06
C LEU A 209 -95.62 25.64 3.06
N LEU A 210 -96.93 25.45 2.94
CA LEU A 210 -97.87 26.58 2.95
C LEU A 210 -97.73 27.24 4.31
N LYS A 211 -97.70 26.40 5.34
CA LYS A 211 -97.57 26.82 6.72
C LYS A 211 -96.34 27.69 6.93
N GLU A 212 -95.28 27.41 6.18
CA GLU A 212 -94.05 28.16 6.29
C GLU A 212 -94.01 29.42 5.44
N GLY A 213 -95.13 29.77 4.83
CA GLY A 213 -95.17 30.99 4.04
C GLY A 213 -95.16 30.84 2.54
N ALA A 214 -95.24 29.61 2.04
CA ALA A 214 -95.24 29.42 0.60
C ALA A 214 -96.57 29.88 0.00
N ASN A 215 -96.52 30.89 -0.86
CA ASN A 215 -97.72 31.41 -1.51
C ASN A 215 -98.30 30.32 -2.42
N GLY A 216 -97.42 29.55 -3.06
CA GLY A 216 -97.85 28.50 -3.93
C GLY A 216 -96.97 27.29 -3.80
N VAL A 217 -97.51 26.12 -4.08
CA VAL A 217 -96.75 24.89 -4.01
C VAL A 217 -96.86 24.19 -5.36
N VAL A 218 -95.74 24.06 -6.03
CA VAL A 218 -95.68 23.42 -7.34
C VAL A 218 -95.59 21.90 -7.21
N VAL A 219 -96.33 21.21 -8.07
CA VAL A 219 -96.33 19.75 -8.11
C VAL A 219 -96.10 19.32 -9.55
N GLY A 220 -94.88 18.87 -9.83
CA GLY A 220 -94.53 18.44 -11.17
C GLY A 220 -94.10 16.98 -11.27
N SER A 221 -93.02 16.64 -10.58
CA SER A 221 -92.52 15.27 -10.62
C SER A 221 -93.61 14.25 -10.29
N ALA A 222 -94.28 14.43 -9.16
CA ALA A 222 -95.34 13.52 -8.75
C ALA A 222 -96.33 13.28 -9.87
N LEU A 223 -96.62 14.31 -10.65
CA LEU A 223 -97.57 14.20 -11.76
C LEU A 223 -97.00 13.62 -13.04
N VAL A 224 -95.88 14.18 -13.53
CA VAL A 224 -95.29 13.68 -14.78
C VAL A 224 -94.84 12.24 -14.63
N LYS A 225 -94.58 11.82 -13.39
CA LYS A 225 -94.15 10.45 -13.12
C LYS A 225 -95.31 9.52 -13.50
N ILE A 226 -96.52 9.95 -13.17
CA ILE A 226 -97.73 9.22 -13.48
C ILE A 226 -97.99 9.26 -14.98
N ILE A 227 -97.78 10.42 -15.58
CA ILE A 227 -97.99 10.58 -17.01
C ILE A 227 -97.02 9.69 -17.77
N GLY A 228 -95.91 9.35 -17.13
CA GLY A 228 -94.93 8.50 -17.76
C GLY A 228 -95.32 7.05 -17.66
N GLU A 229 -96.03 6.70 -16.58
CA GLU A 229 -96.45 5.32 -16.36
C GLU A 229 -97.81 4.98 -16.98
N LYS A 230 -98.68 5.98 -17.13
CA LYS A 230 -100.01 5.74 -17.69
C LYS A 230 -100.23 6.30 -19.09
N GLY A 231 -99.30 7.09 -19.60
CA GLY A 231 -99.45 7.65 -20.94
C GLY A 231 -100.77 8.37 -21.16
N ARG A 232 -101.45 8.04 -22.26
CA ARG A 232 -102.72 8.67 -22.58
C ARG A 232 -103.81 8.43 -21.54
N GLU A 233 -103.67 7.35 -20.77
CA GLU A 233 -104.63 6.98 -19.75
C GLU A 233 -104.31 7.52 -18.36
N ALA A 234 -103.56 8.61 -18.29
CA ALA A 234 -103.18 9.16 -16.98
C ALA A 234 -104.23 10.01 -16.28
N THR A 235 -105.11 10.63 -17.06
CA THR A 235 -106.14 11.52 -16.51
C THR A 235 -106.68 11.20 -15.13
N GLU A 236 -107.29 10.04 -14.96
CA GLU A 236 -107.87 9.68 -13.67
C GLU A 236 -106.88 9.62 -12.52
N PHE A 237 -105.74 8.97 -12.75
CA PHE A 237 -104.70 8.84 -11.73
C PHE A 237 -104.13 10.19 -11.31
N LEU A 238 -104.09 11.13 -12.25
CA LEU A 238 -103.56 12.45 -11.96
C LEU A 238 -104.47 13.14 -10.95
N LYS A 239 -105.78 13.07 -11.17
CA LYS A 239 -106.75 13.69 -10.28
C LYS A 239 -106.64 13.09 -8.89
N LYS A 240 -106.61 11.75 -8.84
CA LYS A 240 -106.50 11.04 -7.58
C LYS A 240 -105.31 11.56 -6.78
N LYS A 241 -104.17 11.70 -7.46
CA LYS A 241 -102.94 12.18 -6.82
C LYS A 241 -103.08 13.64 -6.41
N VAL A 242 -103.59 14.47 -7.31
CA VAL A 242 -103.77 15.87 -6.97
C VAL A 242 -104.66 15.91 -5.73
N GLU A 243 -105.76 15.15 -5.76
CA GLU A 243 -106.71 15.11 -4.64
C GLU A 243 -106.03 14.79 -3.31
N GLU A 244 -105.13 13.82 -3.36
CA GLU A 244 -104.40 13.44 -2.18
C GLU A 244 -103.61 14.62 -1.64
N LEU A 245 -102.91 15.31 -2.53
CA LEU A 245 -102.10 16.45 -2.13
C LEU A 245 -102.89 17.63 -1.57
N LEU A 246 -104.09 17.89 -2.07
CA LEU A 246 -104.87 19.00 -1.51
C LEU A 246 -105.62 18.54 -0.28
N GLY A 247 -105.61 17.24 -0.04
CA GLY A 247 -106.31 16.71 1.13
C GLY A 247 -107.80 16.52 0.90
N MET B 1 -69.42 37.38 -20.06
CA MET B 1 -68.92 36.06 -20.34
C MET B 1 -68.86 36.03 -21.93
N TRP B 2 -68.02 36.84 -22.64
CA TRP B 2 -68.22 36.90 -24.09
C TRP B 2 -67.08 36.97 -25.08
N PHE B 3 -67.29 36.38 -26.27
CA PHE B 3 -66.29 36.43 -27.37
C PHE B 3 -67.13 36.99 -28.49
N GLY B 4 -67.18 38.30 -28.56
CA GLY B 4 -68.02 38.93 -29.57
C GLY B 4 -69.44 38.74 -29.05
N GLU B 5 -70.30 38.17 -29.89
CA GLU B 5 -71.69 37.93 -29.51
C GLU B 5 -71.85 36.55 -28.87
N PHE B 6 -70.83 35.71 -29.02
CA PHE B 6 -70.85 34.34 -28.51
C PHE B 6 -70.35 34.15 -27.08
N GLY B 7 -70.68 32.98 -26.52
CA GLY B 7 -70.26 32.66 -25.16
C GLY B 7 -71.41 32.71 -24.18
N GLY B 8 -71.23 33.43 -23.09
CA GLY B 8 -72.28 33.55 -22.10
C GLY B 8 -72.22 32.61 -20.91
N GLN B 9 -73.24 32.69 -20.07
CA GLN B 9 -73.31 31.86 -18.87
C GLN B 9 -74.75 31.36 -18.73
N TYR B 10 -75.30 30.83 -19.82
CA TYR B 10 -76.67 30.34 -19.85
C TYR B 10 -76.95 29.06 -19.09
N VAL B 11 -77.18 29.17 -17.78
CA VAL B 11 -77.48 28.02 -16.94
C VAL B 11 -78.50 28.34 -15.86
N PRO B 12 -79.14 27.30 -15.30
CA PRO B 12 -80.14 27.48 -14.25
C PRO B 12 -79.48 28.18 -13.06
N GLU B 13 -80.27 28.88 -12.26
CA GLU B 13 -79.76 29.59 -11.10
C GLU B 13 -78.95 28.70 -10.14
N THR B 14 -79.29 27.41 -10.11
CA THR B 14 -78.62 26.47 -9.22
C THR B 14 -77.12 26.30 -9.51
N LEU B 15 -76.72 26.63 -10.73
CA LEU B 15 -75.32 26.53 -11.15
C LEU B 15 -74.57 27.85 -11.09
N ILE B 16 -75.30 28.93 -10.85
CA ILE B 16 -74.67 30.25 -10.79
C ILE B 16 -73.66 30.44 -9.67
N GLU B 17 -74.01 30.07 -8.43
CA GLU B 17 -73.07 30.26 -7.33
C GLU B 17 -71.74 29.54 -7.59
N PRO B 18 -71.79 28.24 -7.89
CA PRO B 18 -70.55 27.50 -8.16
C PRO B 18 -69.71 28.18 -9.25
N LEU B 19 -70.38 28.59 -10.31
CA LEU B 19 -69.71 29.27 -11.41
C LEU B 19 -69.11 30.61 -10.96
N LYS B 20 -69.91 31.43 -10.29
CA LYS B 20 -69.43 32.72 -9.82
C LYS B 20 -68.19 32.55 -8.95
N GLU B 21 -68.22 31.55 -8.07
CA GLU B 21 -67.08 31.31 -7.19
C GLU B 21 -65.85 30.86 -7.97
N LEU B 22 -66.05 30.05 -9.00
CA LEU B 22 -64.96 29.58 -9.83
C LEU B 22 -64.31 30.78 -10.52
N GLU B 23 -65.13 31.75 -10.93
CA GLU B 23 -64.63 32.95 -11.57
C GLU B 23 -63.68 33.69 -10.63
N LYS B 24 -64.11 33.84 -9.37
CA LYS B 24 -63.30 34.54 -8.37
C LYS B 24 -61.96 33.85 -8.19
N ALA B 25 -62.00 32.55 -7.90
CA ALA B 25 -60.78 31.77 -7.70
C ALA B 25 -59.82 31.93 -8.87
N TYR B 26 -60.33 31.71 -10.08
CA TYR B 26 -59.49 31.81 -11.25
C TYR B 26 -58.84 33.18 -11.35
N LYS B 27 -59.52 34.22 -10.92
CA LYS B 27 -58.96 35.57 -10.97
C LYS B 27 -57.76 35.72 -10.04
N ARG B 28 -57.88 35.27 -8.80
CA ARG B 28 -56.79 35.43 -7.85
C ARG B 28 -55.60 34.50 -8.09
N PHE B 29 -55.80 33.40 -8.80
CA PHE B 29 -54.70 32.49 -9.03
C PHE B 29 -54.18 32.54 -10.44
N LYS B 30 -55.01 33.02 -11.35
CA LYS B 30 -54.64 33.11 -12.75
C LYS B 30 -53.22 33.59 -12.92
N ASP B 31 -52.83 34.56 -12.10
CA ASP B 31 -51.47 35.11 -12.18
C ASP B 31 -50.67 34.99 -10.89
N ASP B 32 -51.17 34.23 -9.91
CA ASP B 32 -50.44 34.06 -8.65
C ASP B 32 -49.12 33.39 -8.98
N GLU B 33 -48.03 34.01 -8.56
CA GLU B 33 -46.71 33.48 -8.82
C GLU B 33 -46.58 32.02 -8.37
N GLU B 34 -46.94 31.74 -7.11
CA GLU B 34 -46.87 30.39 -6.59
C GLU B 34 -47.67 29.40 -7.42
N PHE B 35 -48.90 29.77 -7.77
CA PHE B 35 -49.74 28.88 -8.57
C PHE B 35 -49.06 28.48 -9.86
N ASN B 36 -48.60 29.46 -10.63
CA ASN B 36 -47.95 29.13 -11.90
C ASN B 36 -46.65 28.37 -11.70
N ARG B 37 -45.94 28.68 -10.62
CA ARG B 37 -44.69 27.99 -10.36
C ARG B 37 -44.94 26.51 -10.28
N GLN B 38 -46.00 26.13 -9.56
CA GLN B 38 -46.35 24.73 -9.43
C GLN B 38 -46.89 24.18 -10.74
N LEU B 39 -47.72 24.98 -11.42
CA LEU B 39 -48.30 24.53 -12.67
C LEU B 39 -47.19 24.17 -13.66
N ASN B 40 -46.17 25.01 -13.74
CA ASN B 40 -45.08 24.73 -14.66
C ASN B 40 -44.26 23.54 -14.17
N TYR B 41 -44.15 23.43 -12.85
CA TYR B 41 -43.42 22.33 -12.25
C TYR B 41 -43.96 20.97 -12.66
N TYR B 42 -45.28 20.80 -12.55
CA TYR B 42 -45.90 19.54 -12.92
C TYR B 42 -45.89 19.35 -14.42
N LEU B 43 -46.21 20.41 -15.14
CA LEU B 43 -46.21 20.35 -16.59
C LEU B 43 -44.87 19.84 -17.08
N LYS B 44 -43.80 20.28 -16.42
CA LYS B 44 -42.45 19.87 -16.82
C LYS B 44 -42.02 18.47 -16.37
N THR B 45 -41.91 18.27 -15.06
CA THR B 45 -41.44 16.99 -14.52
C THR B 45 -42.41 15.82 -14.54
N TRP B 46 -43.71 16.09 -14.67
CA TRP B 46 -44.69 15.01 -14.68
C TRP B 46 -45.33 14.79 -16.05
N ALA B 47 -45.71 15.88 -16.69
CA ALA B 47 -46.36 15.80 -17.99
C ALA B 47 -45.35 15.63 -19.12
N GLY B 48 -44.13 16.14 -18.93
CA GLY B 48 -43.12 16.02 -19.96
C GLY B 48 -42.94 17.23 -20.87
N ARG B 49 -43.61 18.33 -20.55
CA ARG B 49 -43.48 19.54 -21.35
C ARG B 49 -42.06 20.12 -21.23
N PRO B 50 -41.55 20.72 -22.32
CA PRO B 50 -42.19 20.90 -23.63
C PRO B 50 -42.15 19.70 -24.56
N THR B 51 -43.02 19.74 -25.56
CA THR B 51 -43.09 18.68 -26.55
C THR B 51 -42.31 19.22 -27.73
N PRO B 52 -41.69 18.34 -28.52
CA PRO B 52 -40.92 18.84 -29.65
C PRO B 52 -41.78 19.28 -30.84
N LEU B 53 -41.16 20.03 -31.74
CA LEU B 53 -41.78 20.48 -32.97
C LEU B 53 -40.99 19.66 -33.99
N TYR B 54 -41.64 18.69 -34.61
CA TYR B 54 -40.94 17.81 -35.56
C TYR B 54 -41.14 18.18 -37.03
N TYR B 55 -40.07 18.08 -37.79
CA TYR B 55 -40.14 18.37 -39.21
C TYR B 55 -40.34 17.07 -40.01
N ALA B 56 -41.52 16.93 -40.63
CA ALA B 56 -41.81 15.74 -41.42
C ALA B 56 -41.12 15.85 -42.77
N LYS B 57 -39.79 15.76 -42.75
CA LYS B 57 -38.96 15.86 -43.95
C LYS B 57 -39.46 14.94 -45.05
N ARG B 58 -39.62 13.68 -44.72
CA ARG B 58 -40.05 12.73 -45.70
C ARG B 58 -41.47 12.95 -46.25
N LEU B 59 -42.40 13.35 -45.39
CA LEU B 59 -43.76 13.59 -45.84
C LEU B 59 -43.84 14.85 -46.71
N THR B 60 -43.13 15.90 -46.31
CA THR B 60 -43.19 17.14 -47.08
C THR B 60 -42.62 16.96 -48.48
N GLU B 61 -41.54 16.18 -48.59
CA GLU B 61 -40.93 15.95 -49.90
C GLU B 61 -41.79 15.04 -50.74
N LYS B 62 -42.49 14.09 -50.11
CA LYS B 62 -43.35 13.18 -50.84
C LYS B 62 -44.47 13.97 -51.54
N ILE B 63 -44.85 15.10 -50.94
CA ILE B 63 -45.91 15.95 -51.49
C ILE B 63 -45.34 17.03 -52.42
N GLY B 64 -44.10 17.42 -52.17
CA GLY B 64 -43.45 18.43 -52.98
C GLY B 64 -44.00 19.83 -52.80
N GLY B 65 -44.72 20.06 -51.71
CA GLY B 65 -45.28 21.38 -51.47
C GLY B 65 -44.53 22.14 -50.41
N ALA B 66 -45.28 22.71 -49.47
CA ALA B 66 -44.70 23.49 -48.38
C ALA B 66 -44.10 22.54 -47.35
N LYS B 67 -43.33 23.10 -46.42
CA LYS B 67 -42.71 22.32 -45.35
C LYS B 67 -43.78 22.04 -44.30
N ILE B 68 -43.75 20.83 -43.75
CA ILE B 68 -44.71 20.42 -42.74
C ILE B 68 -44.08 20.09 -41.39
N TYR B 69 -44.43 20.85 -40.38
CA TYR B 69 -43.94 20.62 -39.03
C TYR B 69 -45.11 20.08 -38.19
N LEU B 70 -44.80 19.26 -37.18
CA LEU B 70 -45.84 18.70 -36.32
C LEU B 70 -45.57 19.03 -34.86
N LYS B 71 -46.55 19.62 -34.18
CA LYS B 71 -46.39 19.91 -32.75
C LYS B 71 -46.76 18.60 -32.09
N ARG B 72 -45.76 17.91 -31.53
CA ARG B 72 -45.96 16.60 -30.92
C ARG B 72 -46.66 16.54 -29.56
N GLU B 73 -47.93 16.90 -29.50
CA GLU B 73 -48.65 16.81 -28.24
C GLU B 73 -48.94 15.34 -27.94
N ASP B 74 -48.70 14.49 -28.94
CA ASP B 74 -48.90 13.04 -28.78
C ASP B 74 -47.88 12.48 -27.78
N LEU B 75 -46.88 13.28 -27.43
CA LEU B 75 -45.86 12.83 -26.51
C LEU B 75 -46.07 13.23 -25.04
N VAL B 76 -47.07 14.06 -24.74
CA VAL B 76 -47.28 14.44 -23.34
C VAL B 76 -47.78 13.22 -22.57
N HIS B 77 -47.48 13.18 -21.27
CA HIS B 77 -47.91 12.06 -20.43
C HIS B 77 -49.42 11.90 -20.60
N GLY B 78 -49.83 10.71 -21.00
CA GLY B 78 -51.24 10.46 -21.25
C GLY B 78 -51.50 10.27 -22.75
N GLY B 79 -50.68 10.89 -23.59
CA GLY B 79 -50.85 10.74 -25.02
C GLY B 79 -51.76 11.74 -25.71
N ALA B 80 -52.14 12.81 -25.02
CA ALA B 80 -52.99 13.82 -25.62
C ALA B 80 -52.91 15.15 -24.90
N HIS B 81 -53.18 16.22 -25.63
CA HIS B 81 -53.14 17.57 -25.06
C HIS B 81 -54.10 17.73 -23.87
N LYS B 82 -55.13 16.88 -23.82
CA LYS B 82 -56.10 16.94 -22.72
C LYS B 82 -55.44 17.02 -21.34
N THR B 83 -54.28 16.39 -21.20
CA THR B 83 -53.52 16.39 -19.94
C THR B 83 -53.15 17.79 -19.47
N ASN B 84 -52.94 18.72 -20.41
CA ASN B 84 -52.59 20.09 -20.06
C ASN B 84 -53.70 20.72 -19.22
N ASN B 85 -54.92 20.64 -19.74
CA ASN B 85 -56.09 21.19 -19.07
C ASN B 85 -56.40 20.45 -17.77
N ALA B 86 -56.24 19.13 -17.77
CA ALA B 86 -56.52 18.35 -16.56
C ALA B 86 -55.65 18.84 -15.38
N ILE B 87 -54.34 18.90 -15.60
CA ILE B 87 -53.42 19.35 -14.57
C ILE B 87 -53.80 20.76 -14.08
N GLY B 88 -54.06 21.66 -15.04
CA GLY B 88 -54.44 23.02 -14.71
C GLY B 88 -55.63 23.14 -13.77
N GLN B 89 -56.80 22.67 -14.22
CA GLN B 89 -57.99 22.72 -13.39
C GLN B 89 -57.86 21.96 -12.07
N ALA B 90 -57.18 20.82 -12.08
CA ALA B 90 -57.02 20.03 -10.86
C ALA B 90 -56.19 20.86 -9.86
N LEU B 91 -55.12 21.49 -10.33
CA LEU B 91 -54.27 22.30 -9.46
C LEU B 91 -55.08 23.49 -8.93
N LEU B 92 -55.81 24.15 -9.83
CA LEU B 92 -56.63 25.28 -9.43
C LEU B 92 -57.63 24.84 -8.37
N ALA B 93 -58.24 23.68 -8.58
CA ALA B 93 -59.20 23.16 -7.63
C ALA B 93 -58.54 22.95 -6.28
N LYS B 94 -57.29 22.49 -6.31
CA LYS B 94 -56.57 22.24 -5.07
C LYS B 94 -56.32 23.56 -4.35
N PHE B 95 -55.89 24.57 -5.10
CA PHE B 95 -55.64 25.89 -4.52
C PHE B 95 -56.92 26.49 -3.97
N MET B 96 -58.05 26.13 -4.58
CA MET B 96 -59.33 26.63 -4.12
C MET B 96 -59.70 25.91 -2.83
N GLY B 97 -58.91 24.90 -2.47
CA GLY B 97 -59.20 24.17 -1.26
C GLY B 97 -60.18 23.03 -1.46
N LYS B 98 -60.41 22.63 -2.71
CA LYS B 98 -61.34 21.52 -2.98
C LYS B 98 -60.61 20.22 -2.71
N THR B 99 -61.35 19.13 -2.54
CA THR B 99 -60.73 17.85 -2.25
C THR B 99 -61.22 16.77 -3.20
N ARG B 100 -62.19 17.10 -4.04
CA ARG B 100 -62.75 16.12 -4.94
C ARG B 100 -62.91 16.66 -6.34
N LEU B 101 -62.65 15.82 -7.34
CA LEU B 101 -62.80 16.19 -8.74
C LEU B 101 -63.86 15.28 -9.34
N ILE B 102 -64.74 15.83 -10.17
CA ILE B 102 -65.73 15.01 -10.84
C ILE B 102 -65.81 15.45 -12.28
N ALA B 103 -66.10 14.49 -13.15
CA ALA B 103 -66.21 14.75 -14.58
C ALA B 103 -66.96 13.60 -15.21
N GLU B 104 -67.36 13.77 -16.46
CA GLU B 104 -68.06 12.72 -17.17
C GLU B 104 -67.26 12.41 -18.42
N THR B 105 -67.44 11.22 -18.99
CA THR B 105 -66.70 10.87 -20.19
C THR B 105 -67.45 9.89 -21.09
N GLY B 106 -67.18 10.01 -22.40
CA GLY B 106 -67.79 9.12 -23.37
C GLY B 106 -66.79 8.08 -23.81
N ALA B 107 -65.86 8.49 -24.69
CA ALA B 107 -64.81 7.59 -25.18
C ALA B 107 -63.96 7.15 -23.98
N GLY B 108 -63.79 8.06 -23.02
CA GLY B 108 -63.01 7.75 -21.84
C GLY B 108 -61.73 8.54 -21.74
N GLN B 109 -61.39 9.26 -22.81
CA GLN B 109 -60.17 10.05 -22.82
C GLN B 109 -60.15 11.11 -21.73
N HIS B 110 -61.21 11.91 -21.65
CA HIS B 110 -61.23 12.94 -20.62
C HIS B 110 -61.26 12.26 -19.25
N GLY B 111 -62.00 11.17 -19.16
CA GLY B 111 -62.07 10.45 -17.90
C GLY B 111 -60.69 10.11 -17.39
N VAL B 112 -59.90 9.45 -18.24
CA VAL B 112 -58.55 9.07 -17.86
C VAL B 112 -57.68 10.28 -17.49
N ALA B 113 -57.71 11.31 -18.33
CA ALA B 113 -56.92 12.50 -18.07
C ALA B 113 -57.22 13.04 -16.67
N THR B 114 -58.51 13.15 -16.35
CA THR B 114 -58.95 13.66 -15.06
C THR B 114 -58.45 12.76 -13.95
N ALA B 115 -58.64 11.46 -14.13
CA ALA B 115 -58.21 10.48 -13.15
C ALA B 115 -56.71 10.64 -12.82
N MET B 116 -55.87 10.77 -13.85
CA MET B 116 -54.42 10.90 -13.67
C MET B 116 -54.05 12.11 -12.86
N ALA B 117 -54.64 13.25 -13.21
CA ALA B 117 -54.34 14.49 -12.51
C ALA B 117 -54.77 14.41 -11.06
N GLY B 118 -55.95 13.83 -10.85
CA GLY B 118 -56.47 13.70 -9.49
C GLY B 118 -55.50 12.87 -8.69
N ALA B 119 -55.02 11.80 -9.28
CA ALA B 119 -54.07 10.94 -8.58
C ALA B 119 -52.79 11.71 -8.24
N LEU B 120 -52.29 12.46 -9.21
CA LEU B 120 -51.08 13.24 -9.02
C LEU B 120 -51.19 14.20 -7.84
N LEU B 121 -52.31 14.92 -7.78
CA LEU B 121 -52.50 15.91 -6.74
C LEU B 121 -53.23 15.38 -5.54
N GLY B 122 -53.45 14.09 -5.51
CA GLY B 122 -54.13 13.54 -4.35
C GLY B 122 -55.53 13.99 -4.06
N MET B 123 -56.39 13.82 -5.04
CA MET B 123 -57.77 14.22 -4.89
C MET B 123 -58.68 13.06 -5.22
N LYS B 124 -59.87 13.08 -4.61
CA LYS B 124 -60.85 12.04 -4.84
C LYS B 124 -61.38 12.32 -6.24
N VAL B 125 -61.55 11.28 -7.05
CA VAL B 125 -62.05 11.45 -8.40
C VAL B 125 -63.21 10.50 -8.67
N ASP B 126 -64.36 11.08 -9.00
CA ASP B 126 -65.56 10.31 -9.33
C ASP B 126 -65.87 10.66 -10.77
N ILE B 127 -65.95 9.64 -11.62
CA ILE B 127 -66.23 9.91 -13.01
C ILE B 127 -67.55 9.31 -13.47
N TYR B 128 -68.40 10.16 -14.02
CA TYR B 128 -69.71 9.72 -14.51
C TYR B 128 -69.57 9.25 -15.94
N MET B 129 -70.22 8.12 -16.22
CA MET B 129 -70.14 7.54 -17.55
C MET B 129 -71.40 6.72 -17.84
N GLY B 130 -72.00 6.93 -19.01
CA GLY B 130 -73.19 6.19 -19.37
C GLY B 130 -72.88 4.70 -19.39
N ALA B 131 -73.78 3.89 -18.84
CA ALA B 131 -73.59 2.44 -18.80
C ALA B 131 -73.27 1.88 -20.19
N GLU B 132 -73.84 2.50 -21.22
CA GLU B 132 -73.60 2.09 -22.60
C GLU B 132 -72.10 2.17 -22.88
N ASP B 133 -71.53 3.34 -22.64
CA ASP B 133 -70.11 3.59 -22.85
C ASP B 133 -69.23 2.75 -21.92
N VAL B 134 -69.70 2.52 -20.70
CA VAL B 134 -68.90 1.72 -19.78
C VAL B 134 -68.64 0.34 -20.38
N GLU B 135 -69.65 -0.25 -21.03
CA GLU B 135 -69.50 -1.55 -21.67
C GLU B 135 -68.54 -1.48 -22.85
N ARG B 136 -68.71 -0.46 -23.67
CA ARG B 136 -67.88 -0.25 -24.85
C ARG B 136 -66.42 0.06 -24.53
N GLN B 137 -66.15 0.65 -23.37
CA GLN B 137 -64.78 1.05 -23.03
C GLN B 137 -64.06 0.25 -21.98
N LYS B 138 -64.13 -1.07 -22.06
CA LYS B 138 -63.47 -1.96 -21.11
C LYS B 138 -62.11 -1.45 -20.60
N MET B 139 -61.15 -1.27 -21.50
CA MET B 139 -59.81 -0.84 -21.12
C MET B 139 -59.68 0.55 -20.50
N ASN B 140 -60.48 1.51 -20.94
CA ASN B 140 -60.40 2.85 -20.37
C ASN B 140 -60.96 2.87 -18.96
N VAL B 141 -62.05 2.15 -18.74
CA VAL B 141 -62.65 2.07 -17.42
C VAL B 141 -61.62 1.47 -16.45
N PHE B 142 -60.96 0.41 -16.89
CA PHE B 142 -59.95 -0.26 -16.08
C PHE B 142 -58.82 0.72 -15.76
N ARG B 143 -58.43 1.50 -16.77
CA ARG B 143 -57.37 2.48 -16.60
C ARG B 143 -57.74 3.48 -15.50
N MET B 144 -58.97 3.99 -15.56
CA MET B 144 -59.44 4.94 -14.57
C MET B 144 -59.44 4.33 -13.17
N LYS B 145 -59.87 3.08 -13.07
CA LYS B 145 -59.87 2.42 -11.78
C LYS B 145 -58.44 2.22 -11.27
N LEU B 146 -57.51 1.86 -12.16
CA LEU B 146 -56.11 1.67 -11.77
C LEU B 146 -55.54 2.97 -11.18
N LEU B 147 -55.98 4.09 -11.74
CA LEU B 147 -55.54 5.41 -11.31
C LEU B 147 -56.21 5.88 -10.01
N GLY B 148 -57.01 5.00 -9.43
CA GLY B 148 -57.69 5.33 -8.19
C GLY B 148 -59.04 6.00 -8.27
N ALA B 149 -59.52 6.35 -9.46
CA ALA B 149 -60.81 7.00 -9.56
C ALA B 149 -61.88 5.92 -9.58
N ASN B 150 -63.10 6.27 -9.21
CA ASN B 150 -64.16 5.28 -9.27
C ASN B 150 -65.16 5.76 -10.30
N VAL B 151 -65.37 4.92 -11.31
CA VAL B 151 -66.28 5.25 -12.38
C VAL B 151 -67.69 4.86 -11.99
N ILE B 152 -68.56 5.87 -12.03
CA ILE B 152 -69.97 5.75 -11.70
C ILE B 152 -70.81 5.59 -12.97
N PRO B 153 -71.34 4.38 -13.21
CA PRO B 153 -72.15 4.14 -14.42
C PRO B 153 -73.54 4.76 -14.26
N VAL B 154 -74.02 5.45 -15.27
CA VAL B 154 -75.36 6.03 -15.18
C VAL B 154 -76.24 5.22 -16.14
N ASN B 155 -77.39 4.77 -15.65
CA ASN B 155 -78.30 3.98 -16.48
C ASN B 155 -79.58 4.71 -16.85
N SER B 156 -79.76 5.91 -16.32
CA SER B 156 -80.96 6.70 -16.64
C SER B 156 -80.90 7.09 -18.12
N GLY B 157 -82.08 7.35 -18.70
CA GLY B 157 -82.14 7.75 -20.10
C GLY B 157 -81.49 6.77 -21.05
N SER B 158 -80.82 7.31 -22.07
CA SER B 158 -80.14 6.52 -23.08
C SER B 158 -78.86 5.85 -22.56
N ARG B 159 -78.55 6.04 -21.28
CA ARG B 159 -77.35 5.48 -20.67
C ARG B 159 -76.08 5.90 -21.41
N THR B 160 -76.09 7.10 -21.98
CA THR B 160 -74.93 7.61 -22.71
C THR B 160 -74.36 8.85 -22.06
N LEU B 161 -73.46 9.51 -22.79
CA LEU B 161 -72.81 10.70 -22.31
C LEU B 161 -73.77 11.76 -21.79
N LYS B 162 -74.80 12.06 -22.57
CA LYS B 162 -75.76 13.09 -22.18
C LYS B 162 -76.30 12.84 -20.79
N ASP B 163 -76.64 11.59 -20.51
CA ASP B 163 -77.17 11.22 -19.21
C ASP B 163 -76.14 11.34 -18.10
N ALA B 164 -74.87 11.13 -18.45
CA ALA B 164 -73.77 11.23 -17.49
C ALA B 164 -73.50 12.69 -17.16
N ILE B 165 -73.62 13.56 -18.15
CA ILE B 165 -73.40 14.97 -17.96
C ILE B 165 -74.36 15.51 -16.91
N ASN B 166 -75.64 15.17 -17.04
CA ASN B 166 -76.64 15.63 -16.08
C ASN B 166 -76.36 15.12 -14.68
N GLU B 167 -75.88 13.90 -14.58
CA GLU B 167 -75.56 13.34 -13.27
C GLU B 167 -74.42 14.13 -12.64
N ALA B 168 -73.44 14.51 -13.46
CA ALA B 168 -72.31 15.29 -12.98
C ALA B 168 -72.78 16.64 -12.47
N LEU B 169 -73.58 17.34 -13.29
CA LEU B 169 -74.09 18.65 -12.90
C LEU B 169 -74.86 18.60 -11.59
N ARG B 170 -75.79 17.65 -11.47
CA ARG B 170 -76.56 17.51 -10.25
C ARG B 170 -75.60 17.36 -9.07
N ASP B 171 -74.61 16.49 -9.25
CA ASP B 171 -73.60 16.24 -8.22
C ASP B 171 -72.92 17.55 -7.80
N TRP B 172 -72.41 18.28 -8.78
CA TRP B 172 -71.73 19.53 -8.49
C TRP B 172 -72.57 20.52 -7.71
N VAL B 173 -73.80 20.74 -8.14
CA VAL B 173 -74.68 21.68 -7.46
C VAL B 173 -74.80 21.40 -5.98
N ALA B 174 -74.72 20.12 -5.60
CA ALA B 174 -74.84 19.75 -4.21
C ALA B 174 -73.51 19.68 -3.45
N THR B 175 -72.42 19.43 -4.15
CA THR B 175 -71.14 19.29 -3.50
C THR B 175 -70.06 20.28 -3.90
N PHE B 176 -70.42 21.29 -4.68
CA PHE B 176 -69.44 22.26 -5.16
C PHE B 176 -68.56 22.89 -4.08
N GLU B 177 -69.01 22.81 -2.83
CA GLU B 177 -68.24 23.40 -1.74
C GLU B 177 -66.84 22.76 -1.63
N TYR B 178 -66.74 21.46 -1.86
CA TYR B 178 -65.46 20.75 -1.78
C TYR B 178 -65.16 19.97 -3.06
N THR B 179 -66.00 20.12 -4.07
CA THR B 179 -65.83 19.40 -5.31
C THR B 179 -65.73 20.31 -6.51
N HIS B 180 -64.79 20.01 -7.39
CA HIS B 180 -64.62 20.78 -8.61
C HIS B 180 -65.06 19.94 -9.80
N TYR B 181 -65.72 20.61 -10.74
CA TYR B 181 -66.23 19.98 -11.95
C TYR B 181 -65.24 20.28 -13.08
N LEU B 182 -64.56 19.25 -13.53
CA LEU B 182 -63.53 19.38 -14.57
C LEU B 182 -64.04 19.26 -16.01
N ILE B 183 -64.29 20.40 -16.67
CA ILE B 183 -64.75 20.39 -18.06
C ILE B 183 -63.58 20.08 -18.97
N GLY B 184 -63.80 19.21 -19.95
CA GLY B 184 -62.72 18.83 -20.86
C GLY B 184 -62.37 19.65 -22.08
N SER B 185 -63.19 20.62 -22.47
CA SER B 185 -62.88 21.42 -23.65
C SER B 185 -63.31 22.88 -23.49
N VAL B 186 -62.95 23.72 -24.47
CA VAL B 186 -63.30 25.14 -24.42
C VAL B 186 -64.79 25.40 -24.66
N VAL B 187 -65.62 24.63 -23.98
CA VAL B 187 -67.05 24.76 -24.11
C VAL B 187 -67.74 24.93 -22.74
N GLY B 188 -69.06 25.07 -22.77
CA GLY B 188 -69.80 25.24 -21.54
C GLY B 188 -69.96 26.70 -21.13
N PRO B 189 -70.51 26.95 -19.92
CA PRO B 189 -70.68 28.33 -19.48
C PRO B 189 -69.38 28.94 -19.03
N HIS B 190 -69.37 30.26 -18.93
CA HIS B 190 -68.22 30.97 -18.44
C HIS B 190 -68.03 30.47 -17.01
N PRO B 191 -66.78 30.43 -16.51
CA PRO B 191 -65.51 30.81 -17.13
C PRO B 191 -64.75 29.67 -17.81
N TYR B 192 -65.40 28.54 -18.04
CA TYR B 192 -64.72 27.39 -18.64
C TYR B 192 -64.09 27.60 -20.02
N PRO B 193 -64.88 28.04 -21.02
CA PRO B 193 -64.34 28.25 -22.37
C PRO B 193 -63.01 28.99 -22.39
N THR B 194 -62.86 29.96 -21.51
CA THR B 194 -61.63 30.73 -21.46
C THR B 194 -60.56 30.10 -20.53
N ILE B 195 -60.97 29.55 -19.38
CA ILE B 195 -60.02 28.90 -18.48
C ILE B 195 -59.31 27.77 -19.24
N VAL B 196 -60.08 26.90 -19.88
CA VAL B 196 -59.50 25.79 -20.62
C VAL B 196 -58.54 26.29 -21.69
N ARG B 197 -58.90 27.35 -22.39
CA ARG B 197 -58.01 27.87 -23.43
C ARG B 197 -56.69 28.30 -22.82
N ASP B 198 -56.76 29.00 -21.69
CA ASP B 198 -55.56 29.47 -21.02
C ASP B 198 -54.60 28.32 -20.66
N PHE B 199 -55.16 27.21 -20.18
CA PHE B 199 -54.36 26.06 -19.80
C PHE B 199 -53.80 25.28 -21.00
N GLN B 200 -54.19 25.67 -22.21
CA GLN B 200 -53.72 25.00 -23.43
C GLN B 200 -52.83 25.93 -24.28
N SER B 201 -52.75 27.20 -23.90
CA SER B 201 -51.95 28.17 -24.65
C SER B 201 -50.47 27.80 -24.69
N VAL B 202 -50.05 26.98 -23.74
CA VAL B 202 -48.66 26.55 -23.71
C VAL B 202 -48.27 25.97 -25.07
N ILE B 203 -49.16 25.17 -25.65
CA ILE B 203 -48.91 24.56 -26.94
C ILE B 203 -48.44 25.60 -27.95
N GLY B 204 -49.27 26.62 -28.18
CA GLY B 204 -48.91 27.66 -29.12
C GLY B 204 -47.63 28.39 -28.76
N ARG B 205 -47.51 28.81 -27.50
CA ARG B 205 -46.30 29.49 -27.06
C ARG B 205 -45.05 28.69 -27.42
N GLU B 206 -45.00 27.42 -27.00
CA GLU B 206 -43.86 26.57 -27.29
C GLU B 206 -43.63 26.52 -28.80
N ALA B 207 -44.69 26.19 -29.54
CA ALA B 207 -44.58 26.09 -31.00
C ALA B 207 -44.02 27.36 -31.67
N LYS B 208 -44.41 28.52 -31.16
CA LYS B 208 -43.94 29.77 -31.72
C LYS B 208 -42.43 29.86 -31.58
N ALA B 209 -41.97 29.75 -30.34
CA ALA B 209 -40.54 29.81 -30.04
C ALA B 209 -39.80 28.80 -30.88
N GLN B 210 -40.35 27.59 -30.93
CA GLN B 210 -39.74 26.50 -31.67
C GLN B 210 -39.62 26.73 -33.16
N ILE B 211 -40.67 27.21 -33.80
CA ILE B 211 -40.61 27.44 -35.24
C ILE B 211 -39.63 28.58 -35.56
N LEU B 212 -39.55 29.57 -34.67
CA LEU B 212 -38.62 30.68 -34.89
C LEU B 212 -37.21 30.15 -34.83
N GLU B 213 -36.95 29.25 -33.88
CA GLU B 213 -35.62 28.67 -33.73
C GLU B 213 -35.23 27.83 -34.95
N ALA B 214 -36.19 27.17 -35.57
CA ALA B 214 -35.91 26.32 -36.72
C ALA B 214 -35.94 26.99 -38.07
N GLU B 215 -36.84 27.95 -38.24
CA GLU B 215 -36.98 28.63 -39.51
C GLU B 215 -36.67 30.12 -39.47
N GLY B 216 -36.43 30.64 -38.27
CA GLY B 216 -36.14 32.06 -38.14
C GLY B 216 -37.33 32.96 -38.50
N GLN B 217 -38.52 32.38 -38.55
CA GLN B 217 -39.72 33.15 -38.88
C GLN B 217 -41.01 32.43 -38.50
N LEU B 218 -42.12 33.16 -38.46
CA LEU B 218 -43.40 32.56 -38.10
C LEU B 218 -43.93 31.75 -39.25
N PRO B 219 -44.80 30.78 -38.96
CA PRO B 219 -45.37 29.92 -40.00
C PRO B 219 -46.38 30.64 -40.89
N ASP B 220 -46.64 30.06 -42.05
CA ASP B 220 -47.60 30.63 -42.98
C ASP B 220 -49.01 30.16 -42.62
N VAL B 221 -49.10 28.93 -42.12
CA VAL B 221 -50.38 28.35 -41.73
C VAL B 221 -50.22 27.47 -40.51
N ILE B 222 -51.28 27.37 -39.72
CA ILE B 222 -51.33 26.51 -38.54
C ILE B 222 -52.63 25.73 -38.70
N VAL B 223 -52.53 24.41 -38.71
CA VAL B 223 -53.70 23.57 -38.88
C VAL B 223 -53.95 22.70 -37.67
N ALA B 224 -55.17 22.70 -37.15
CA ALA B 224 -55.52 21.87 -36.00
C ALA B 224 -56.95 21.34 -36.15
N CYS B 225 -57.21 20.15 -35.60
CA CYS B 225 -58.56 19.61 -35.70
C CYS B 225 -59.43 20.28 -34.65
N VAL B 226 -60.75 20.32 -34.91
CA VAL B 226 -61.69 20.94 -33.98
C VAL B 226 -62.89 20.08 -33.60
N GLY B 227 -62.95 19.75 -32.32
CA GLY B 227 -64.07 18.98 -31.79
C GLY B 227 -64.77 20.04 -30.97
N GLY B 228 -64.34 20.22 -29.74
CA GLY B 228 -64.89 21.27 -28.92
C GLY B 228 -64.04 22.48 -29.28
N GLY B 229 -62.78 22.21 -29.63
CA GLY B 229 -61.86 23.25 -30.03
C GLY B 229 -60.76 23.63 -29.06
N SER B 230 -60.47 22.78 -28.06
CA SER B 230 -59.44 23.14 -27.09
C SER B 230 -57.97 23.01 -27.56
N ASN B 231 -57.65 22.02 -28.38
CA ASN B 231 -56.27 21.91 -28.84
C ASN B 231 -56.01 22.95 -29.93
N ALA B 232 -57.05 23.24 -30.71
CA ALA B 232 -56.96 24.21 -31.79
C ALA B 232 -56.80 25.62 -31.21
N MET B 233 -57.55 25.90 -30.15
CA MET B 233 -57.49 27.19 -29.50
C MET B 233 -56.15 27.35 -28.79
N GLY B 234 -55.65 26.25 -28.23
CA GLY B 234 -54.39 26.27 -27.51
C GLY B 234 -53.19 26.63 -28.37
N ILE B 235 -53.19 26.16 -29.62
CA ILE B 235 -52.09 26.46 -30.51
C ILE B 235 -52.35 27.75 -31.33
N PHE B 236 -53.63 28.09 -31.57
CA PHE B 236 -53.99 29.30 -32.31
C PHE B 236 -53.70 30.58 -31.52
N TYR B 237 -54.27 30.66 -30.32
CA TYR B 237 -54.15 31.83 -29.48
C TYR B 237 -52.89 32.68 -29.54
N PRO B 238 -51.72 32.12 -29.19
CA PRO B 238 -50.49 32.91 -29.24
C PRO B 238 -50.14 33.54 -30.60
N PHE B 239 -50.79 33.06 -31.66
CA PHE B 239 -50.54 33.57 -33.01
C PHE B 239 -51.68 34.46 -33.51
N VAL B 240 -52.67 34.70 -32.67
CA VAL B 240 -53.81 35.51 -33.08
C VAL B 240 -53.47 36.94 -33.50
N ASN B 241 -52.41 37.51 -32.94
CA ASN B 241 -52.04 38.87 -33.32
C ASN B 241 -50.95 38.96 -34.37
N ASP B 242 -50.50 37.81 -34.85
CA ASP B 242 -49.48 37.74 -35.89
C ASP B 242 -50.24 37.57 -37.18
N LYS B 243 -50.57 38.70 -37.80
CA LYS B 243 -51.32 38.75 -39.03
C LYS B 243 -50.81 37.89 -40.17
N LYS B 244 -49.49 37.69 -40.25
CA LYS B 244 -48.92 36.85 -41.30
C LYS B 244 -49.47 35.43 -41.22
N VAL B 245 -49.60 34.93 -39.98
CA VAL B 245 -50.06 33.57 -39.70
C VAL B 245 -51.52 33.24 -39.98
N LYS B 246 -51.75 32.29 -40.88
CA LYS B 246 -53.09 31.85 -41.23
C LYS B 246 -53.49 30.72 -40.27
N LEU B 247 -54.72 30.75 -39.77
CA LEU B 247 -55.21 29.73 -38.85
C LEU B 247 -56.32 28.91 -39.52
N VAL B 248 -56.21 27.59 -39.45
CA VAL B 248 -57.21 26.72 -40.06
C VAL B 248 -57.69 25.63 -39.13
N GLY B 249 -59.00 25.57 -38.94
CA GLY B 249 -59.57 24.54 -38.09
C GLY B 249 -60.18 23.46 -38.97
N VAL B 250 -60.01 22.21 -38.59
CA VAL B 250 -60.55 21.11 -39.38
C VAL B 250 -61.61 20.38 -38.58
N GLU B 251 -62.86 20.40 -39.05
CA GLU B 251 -63.94 19.72 -38.36
C GLU B 251 -64.18 18.37 -39.03
N ALA B 252 -64.89 17.49 -38.34
CA ALA B 252 -65.17 16.17 -38.86
C ALA B 252 -66.22 16.17 -39.96
N GLY B 253 -65.80 15.83 -41.17
CA GLY B 253 -66.72 15.77 -42.29
C GLY B 253 -67.40 14.40 -42.32
N GLY B 254 -66.98 13.51 -41.43
CA GLY B 254 -67.58 12.20 -41.38
C GLY B 254 -67.72 11.54 -42.74
N LYS B 255 -68.95 11.16 -43.09
CA LYS B 255 -69.21 10.51 -44.37
C LYS B 255 -69.62 11.48 -45.48
N GLY B 256 -69.31 12.76 -45.30
CA GLY B 256 -69.64 13.76 -46.29
C GLY B 256 -70.66 14.77 -45.78
N LEU B 257 -70.39 16.06 -45.96
CA LEU B 257 -71.30 17.10 -45.51
C LEU B 257 -72.70 16.88 -46.09
N GLU B 258 -72.73 16.27 -47.26
CA GLU B 258 -73.98 15.99 -47.94
C GLU B 258 -74.50 14.60 -47.58
N SER B 259 -74.59 14.30 -46.29
CA SER B 259 -75.09 12.98 -45.86
C SER B 259 -75.53 13.01 -44.40
N GLY B 260 -75.47 14.18 -43.79
CA GLY B 260 -75.88 14.32 -42.39
C GLY B 260 -75.07 13.50 -41.40
N LYS B 261 -74.09 12.75 -41.90
CA LYS B 261 -73.23 11.94 -41.04
C LYS B 261 -71.91 12.67 -40.80
N HIS B 262 -71.95 13.73 -39.99
CA HIS B 262 -70.75 14.50 -39.67
C HIS B 262 -70.92 15.28 -38.36
N SER B 263 -69.97 16.16 -38.08
CA SER B 263 -70.00 16.99 -36.86
C SER B 263 -69.47 18.38 -37.15
N ALA B 264 -69.56 18.82 -38.40
CA ALA B 264 -69.08 20.15 -38.79
C ALA B 264 -70.02 21.24 -38.28
N SER B 265 -69.97 21.52 -36.98
CA SER B 265 -70.81 22.53 -36.35
C SER B 265 -70.62 23.91 -36.95
N LEU B 266 -69.37 24.32 -37.12
CA LEU B 266 -69.05 25.64 -37.69
C LEU B 266 -69.30 25.70 -39.19
N ASN B 267 -69.14 24.57 -39.88
CA ASN B 267 -69.31 24.53 -41.32
C ASN B 267 -70.69 24.08 -41.75
N ALA B 268 -71.66 24.14 -40.85
CA ALA B 268 -73.03 23.69 -41.19
C ALA B 268 -74.07 23.80 -40.09
N GLY B 269 -73.73 24.39 -38.96
CA GLY B 269 -74.70 24.52 -37.89
C GLY B 269 -75.21 25.94 -37.78
N GLN B 270 -76.25 26.15 -36.99
CA GLN B 270 -76.83 27.48 -36.79
C GLN B 270 -76.52 27.90 -35.37
N VAL B 271 -76.43 29.20 -35.11
CA VAL B 271 -76.15 29.62 -33.74
C VAL B 271 -77.33 29.25 -32.85
N GLY B 272 -77.04 29.04 -31.57
CA GLY B 272 -78.08 28.67 -30.65
C GLY B 272 -77.54 28.69 -29.25
N VAL B 273 -78.36 28.28 -28.29
CA VAL B 273 -77.92 28.27 -26.92
C VAL B 273 -78.16 26.90 -26.31
N PHE B 274 -77.06 26.18 -26.07
CA PHE B 274 -77.07 24.86 -25.46
C PHE B 274 -75.86 24.76 -24.53
N HIS B 275 -75.89 23.76 -23.66
CA HIS B 275 -74.80 23.52 -22.71
C HIS B 275 -74.25 24.81 -22.10
N GLY B 276 -75.13 25.76 -21.79
CA GLY B 276 -74.69 27.00 -21.18
C GLY B 276 -73.93 28.00 -22.04
N MET B 277 -73.86 27.77 -23.34
CA MET B 277 -73.16 28.71 -24.21
C MET B 277 -73.89 29.08 -25.51
N LEU B 278 -73.65 30.28 -25.99
CA LEU B 278 -74.25 30.76 -27.23
C LEU B 278 -73.17 30.57 -28.29
N SER B 279 -73.35 29.57 -29.13
CA SER B 279 -72.38 29.25 -30.16
C SER B 279 -73.05 28.56 -31.34
N TYR B 280 -72.26 27.86 -32.17
CA TYR B 280 -72.80 27.13 -33.32
C TYR B 280 -73.11 25.69 -32.95
N PHE B 281 -74.31 25.24 -33.27
CA PHE B 281 -74.71 23.85 -32.98
C PHE B 281 -75.40 23.24 -34.18
N LEU B 282 -75.18 21.94 -34.40
CA LEU B 282 -75.84 21.25 -35.49
C LEU B 282 -77.26 21.03 -35.02
N GLN B 283 -78.12 21.96 -35.40
CA GLN B 283 -79.51 21.92 -34.98
C GLN B 283 -80.53 21.36 -35.96
N ASP B 284 -81.64 21.00 -35.35
CA ASP B 284 -82.83 20.45 -35.98
C ASP B 284 -83.55 21.62 -36.67
N GLU B 285 -84.60 21.30 -37.42
CA GLU B 285 -85.38 22.33 -38.10
C GLU B 285 -86.16 23.08 -37.03
N GLU B 286 -86.34 22.43 -35.88
CA GLU B 286 -87.06 23.01 -34.77
C GLU B 286 -86.18 23.45 -33.59
N GLY B 287 -84.92 23.72 -33.88
CA GLY B 287 -84.00 24.16 -32.83
C GLY B 287 -83.65 23.10 -31.81
N GLN B 288 -83.64 21.84 -32.25
CA GLN B 288 -83.30 20.73 -31.37
C GLN B 288 -81.95 20.16 -31.82
N ILE B 289 -81.17 19.60 -30.90
CA ILE B 289 -79.88 19.06 -31.29
C ILE B 289 -79.99 17.85 -32.21
N LYS B 290 -79.20 17.86 -33.29
CA LYS B 290 -79.18 16.76 -34.25
C LYS B 290 -78.11 15.73 -33.88
N PRO B 291 -78.23 14.50 -34.40
CA PRO B 291 -77.25 13.46 -34.10
C PRO B 291 -76.02 13.73 -34.95
N THR B 292 -74.84 13.46 -34.40
CA THR B 292 -73.61 13.71 -35.13
C THR B 292 -72.81 12.43 -35.30
N HIS B 293 -71.83 12.47 -36.20
CA HIS B 293 -71.00 11.31 -36.47
C HIS B 293 -69.58 11.67 -36.88
N SER B 294 -68.65 10.77 -36.59
CA SER B 294 -67.25 10.92 -36.97
C SER B 294 -66.51 9.68 -36.55
N ILE B 295 -65.56 9.27 -37.38
CA ILE B 295 -64.78 8.09 -37.07
C ILE B 295 -63.90 8.37 -35.85
N ALA B 296 -63.58 9.64 -35.65
CA ALA B 296 -62.77 10.09 -34.53
C ALA B 296 -63.71 10.51 -33.39
N PRO B 297 -63.74 9.74 -32.29
CA PRO B 297 -64.59 10.03 -31.14
C PRO B 297 -64.53 11.49 -30.67
N GLY B 298 -63.32 11.97 -30.40
CA GLY B 298 -63.16 13.34 -29.94
C GLY B 298 -63.71 14.43 -30.84
N LEU B 299 -64.11 14.08 -32.05
CA LEU B 299 -64.63 15.08 -32.99
C LEU B 299 -66.14 15.01 -33.12
N ASP B 300 -66.72 13.97 -32.53
CA ASP B 300 -68.15 13.71 -32.56
C ASP B 300 -68.93 14.59 -31.57
N TYR B 301 -69.05 15.89 -31.85
CA TYR B 301 -69.76 16.80 -30.96
C TYR B 301 -70.58 17.77 -31.80
N PRO B 302 -71.87 17.92 -31.46
CA PRO B 302 -72.81 18.81 -32.15
C PRO B 302 -72.54 20.29 -31.97
N GLY B 303 -71.65 20.62 -31.05
CA GLY B 303 -71.35 22.03 -30.81
C GLY B 303 -69.90 22.41 -31.07
N VAL B 304 -69.49 23.56 -30.53
CA VAL B 304 -68.14 24.06 -30.69
C VAL B 304 -67.90 25.25 -29.75
N GLY B 305 -66.65 25.46 -29.37
CA GLY B 305 -66.33 26.55 -28.47
C GLY B 305 -66.75 27.91 -29.00
N PRO B 306 -67.21 28.80 -28.10
CA PRO B 306 -67.65 30.15 -28.45
C PRO B 306 -66.54 30.94 -29.13
N GLU B 307 -65.32 30.76 -28.64
CA GLU B 307 -64.19 31.49 -29.18
C GLU B 307 -63.91 31.15 -30.64
N HIS B 308 -64.29 29.94 -31.06
CA HIS B 308 -64.07 29.56 -32.45
C HIS B 308 -65.15 30.20 -33.31
N ALA B 309 -66.37 30.28 -32.76
CA ALA B 309 -67.47 30.90 -33.47
C ALA B 309 -67.07 32.35 -33.72
N TYR B 310 -66.48 32.97 -32.70
CA TYR B 310 -66.04 34.35 -32.79
C TYR B 310 -64.95 34.53 -33.84
N LEU B 311 -63.98 33.63 -33.86
CA LEU B 311 -62.89 33.71 -34.84
C LEU B 311 -63.41 33.50 -36.25
N LYS B 312 -64.41 32.64 -36.40
CA LYS B 312 -65.00 32.38 -37.70
C LYS B 312 -65.71 33.63 -38.17
N LYS B 313 -66.52 34.21 -37.28
CA LYS B 313 -67.27 35.42 -37.55
C LYS B 313 -66.37 36.53 -38.09
N ILE B 314 -65.43 36.99 -37.28
CA ILE B 314 -64.51 38.05 -37.68
C ILE B 314 -63.54 37.61 -38.75
N GLN B 315 -63.69 36.36 -39.20
CA GLN B 315 -62.85 35.78 -40.24
C GLN B 315 -61.35 35.83 -39.94
N ARG B 316 -60.98 35.59 -38.68
CA ARG B 316 -59.58 35.58 -38.27
C ARG B 316 -59.06 34.17 -38.49
N ALA B 317 -59.97 33.21 -38.53
CA ALA B 317 -59.64 31.82 -38.74
C ALA B 317 -60.59 31.21 -39.76
N GLU B 318 -60.07 30.28 -40.55
CA GLU B 318 -60.87 29.61 -41.56
C GLU B 318 -61.12 28.17 -41.11
N TYR B 319 -62.36 27.70 -41.22
CA TYR B 319 -62.65 26.34 -40.79
C TYR B 319 -63.05 25.49 -41.97
N VAL B 320 -62.49 24.29 -42.05
CA VAL B 320 -62.76 23.38 -43.15
C VAL B 320 -63.19 22.02 -42.61
N THR B 321 -63.34 21.04 -43.48
CA THR B 321 -63.72 19.69 -43.04
C THR B 321 -62.99 18.64 -43.84
N VAL B 322 -62.90 17.44 -43.26
CA VAL B 322 -62.22 16.31 -43.88
C VAL B 322 -63.08 15.09 -43.59
N THR B 323 -63.15 14.17 -44.55
CA THR B 323 -63.99 12.98 -44.36
C THR B 323 -63.32 11.86 -43.56
N ASP B 324 -64.13 10.90 -43.13
CA ASP B 324 -63.60 9.79 -42.37
C ASP B 324 -62.56 9.09 -43.22
N GLU B 325 -62.86 8.95 -44.50
CA GLU B 325 -61.95 8.27 -45.41
C GLU B 325 -60.61 8.98 -45.55
N GLU B 326 -60.66 10.31 -45.65
CA GLU B 326 -59.45 11.11 -45.78
C GLU B 326 -58.58 11.02 -44.52
N ALA B 327 -59.22 11.20 -43.36
CA ALA B 327 -58.51 11.15 -42.08
C ALA B 327 -57.88 9.78 -41.92
N LEU B 328 -58.63 8.75 -42.33
CA LEU B 328 -58.15 7.38 -42.24
C LEU B 328 -56.90 7.20 -43.11
N LYS B 329 -56.88 7.86 -44.27
CA LYS B 329 -55.72 7.75 -45.16
C LYS B 329 -54.51 8.38 -44.50
N ALA B 330 -54.69 9.61 -43.98
CA ALA B 330 -53.62 10.32 -43.30
C ALA B 330 -53.09 9.46 -42.14
N PHE B 331 -54.00 8.78 -41.45
CA PHE B 331 -53.62 7.90 -40.35
C PHE B 331 -52.54 6.92 -40.82
N HIS B 332 -52.83 6.19 -41.90
CA HIS B 332 -51.87 5.22 -42.45
C HIS B 332 -50.62 5.88 -42.98
N GLU B 333 -50.81 6.96 -43.73
CA GLU B 333 -49.70 7.69 -44.32
C GLU B 333 -48.67 8.16 -43.28
N LEU B 334 -49.13 8.87 -42.24
CA LEU B 334 -48.21 9.38 -41.22
C LEU B 334 -47.45 8.22 -40.58
N SER B 335 -48.16 7.11 -40.37
CA SER B 335 -47.58 5.93 -39.77
C SER B 335 -46.43 5.36 -40.59
N ARG B 336 -46.70 5.08 -41.86
CA ARG B 336 -45.70 4.52 -42.78
C ARG B 336 -44.56 5.48 -43.14
N THR B 337 -44.90 6.74 -43.33
CA THR B 337 -43.95 7.75 -43.74
C THR B 337 -43.07 8.37 -42.67
N GLU B 338 -43.64 8.71 -41.51
CA GLU B 338 -42.83 9.32 -40.48
C GLU B 338 -42.67 8.46 -39.22
N GLY B 339 -43.30 7.28 -39.22
CA GLY B 339 -43.21 6.40 -38.07
C GLY B 339 -43.90 6.95 -36.83
N ILE B 340 -45.00 7.66 -37.04
CA ILE B 340 -45.78 8.24 -35.95
C ILE B 340 -47.26 7.91 -36.20
N ILE B 341 -47.85 7.13 -35.30
CA ILE B 341 -49.27 6.74 -35.41
C ILE B 341 -50.07 7.81 -34.68
N PRO B 342 -50.83 8.64 -35.42
CA PRO B 342 -51.64 9.71 -34.84
C PRO B 342 -53.02 9.28 -34.41
N ALA B 343 -53.64 10.10 -33.57
CA ALA B 343 -54.99 9.84 -33.10
C ALA B 343 -55.88 10.19 -34.29
N LEU B 344 -57.03 9.53 -34.41
CA LEU B 344 -57.93 9.83 -35.51
C LEU B 344 -58.33 11.30 -35.57
N GLU B 345 -58.48 11.92 -34.39
CA GLU B 345 -58.82 13.34 -34.34
C GLU B 345 -57.73 14.12 -35.05
N SER B 346 -56.48 13.89 -34.64
CA SER B 346 -55.32 14.56 -35.22
C SER B 346 -55.17 14.26 -36.72
N ALA B 347 -55.46 13.01 -37.11
CA ALA B 347 -55.35 12.59 -38.51
C ALA B 347 -56.14 13.52 -39.44
N HIS B 348 -57.18 14.15 -38.90
CA HIS B 348 -57.98 15.06 -39.70
C HIS B 348 -57.14 16.27 -40.08
N ALA B 349 -56.42 16.80 -39.11
CA ALA B 349 -55.57 17.97 -39.37
C ALA B 349 -54.45 17.56 -40.31
N VAL B 350 -53.85 16.40 -40.06
CA VAL B 350 -52.78 15.92 -40.91
C VAL B 350 -53.27 15.81 -42.35
N ALA B 351 -54.45 15.21 -42.53
CA ALA B 351 -55.03 15.04 -43.86
C ALA B 351 -55.19 16.37 -44.60
N TYR B 352 -55.86 17.33 -43.97
CA TYR B 352 -56.06 18.61 -44.62
C TYR B 352 -54.73 19.31 -44.90
N ALA B 353 -53.85 19.33 -43.90
CA ALA B 353 -52.56 19.97 -44.08
C ALA B 353 -51.83 19.37 -45.28
N MET B 354 -52.02 18.08 -45.53
CA MET B 354 -51.36 17.44 -46.66
C MET B 354 -51.83 17.98 -48.01
N LYS B 355 -53.14 18.11 -48.19
CA LYS B 355 -53.63 18.61 -49.47
C LYS B 355 -53.37 20.11 -49.60
N LEU B 356 -53.40 20.80 -48.46
CA LEU B 356 -53.16 22.22 -48.44
C LEU B 356 -51.69 22.51 -48.78
N ALA B 357 -50.80 21.63 -48.32
CA ALA B 357 -49.38 21.80 -48.55
C ALA B 357 -49.04 21.67 -50.02
N LYS B 358 -49.77 20.81 -50.71
CA LYS B 358 -49.53 20.59 -52.13
C LYS B 358 -49.73 21.84 -52.98
N GLU B 359 -50.60 22.74 -52.51
CA GLU B 359 -50.90 23.96 -53.25
C GLU B 359 -50.04 25.15 -52.83
N MET B 360 -48.93 24.90 -52.15
CA MET B 360 -48.06 25.97 -51.70
C MET B 360 -46.64 25.76 -52.19
N SER B 361 -45.81 26.79 -52.08
CA SER B 361 -44.43 26.70 -52.55
C SER B 361 -43.49 26.04 -51.54
N ARG B 362 -42.47 25.39 -52.09
CA ARG B 362 -41.49 24.67 -51.29
C ARG B 362 -40.82 25.47 -50.18
N ASP B 363 -41.02 26.79 -50.16
CA ASP B 363 -40.39 27.61 -49.12
C ASP B 363 -41.37 28.07 -48.03
N GLU B 364 -42.62 27.63 -48.14
CA GLU B 364 -43.65 28.00 -47.17
C GLU B 364 -43.66 27.05 -45.98
N ILE B 365 -44.28 27.49 -44.89
CA ILE B 365 -44.31 26.70 -43.66
C ILE B 365 -45.68 26.41 -43.05
N ILE B 366 -45.93 25.13 -42.78
CA ILE B 366 -47.18 24.71 -42.16
C ILE B 366 -46.86 23.99 -40.87
N ILE B 367 -47.58 24.33 -39.80
CA ILE B 367 -47.41 23.67 -38.51
C ILE B 367 -48.73 22.97 -38.21
N VAL B 368 -48.67 21.66 -38.03
CA VAL B 368 -49.87 20.87 -37.72
C VAL B 368 -49.83 20.46 -36.26
N ASN B 369 -50.95 20.59 -35.56
CA ASN B 369 -51.00 20.23 -34.16
C ASN B 369 -51.38 18.75 -34.03
N LEU B 370 -50.40 17.90 -33.72
CA LEU B 370 -50.68 16.47 -33.54
C LEU B 370 -51.13 16.28 -32.09
N SER B 371 -52.42 16.56 -31.86
CA SER B 371 -53.03 16.49 -30.53
C SER B 371 -52.89 15.20 -29.71
N GLY B 372 -52.68 14.07 -30.36
CA GLY B 372 -52.54 12.83 -29.60
C GLY B 372 -52.07 11.63 -30.37
N ARG B 373 -51.65 10.60 -29.65
CA ARG B 373 -51.19 9.38 -30.30
C ARG B 373 -52.38 8.50 -30.63
N GLY B 374 -52.23 7.66 -31.63
CA GLY B 374 -53.32 6.81 -32.07
C GLY B 374 -53.42 5.43 -31.47
N ASP B 375 -52.66 5.14 -30.43
CA ASP B 375 -52.73 3.82 -29.82
C ASP B 375 -54.20 3.51 -29.50
N LYS B 376 -54.90 4.50 -28.97
CA LYS B 376 -56.31 4.36 -28.61
C LYS B 376 -57.23 3.98 -29.76
N ASP B 377 -56.84 4.27 -30.99
CA ASP B 377 -57.71 3.99 -32.12
C ASP B 377 -57.39 2.75 -32.94
N LEU B 378 -56.44 1.94 -32.49
CA LEU B 378 -56.10 0.76 -33.24
C LEU B 378 -57.31 -0.12 -33.54
N ASP B 379 -58.13 -0.39 -32.53
CA ASP B 379 -59.31 -1.23 -32.76
C ASP B 379 -60.22 -0.60 -33.81
N ILE B 380 -60.55 0.67 -33.65
CA ILE B 380 -61.40 1.36 -34.61
C ILE B 380 -60.87 1.08 -36.01
N VAL B 381 -59.62 1.48 -36.25
CA VAL B 381 -59.00 1.30 -37.56
C VAL B 381 -58.89 -0.17 -37.98
N LEU B 382 -58.29 -0.99 -37.14
CA LEU B 382 -58.12 -2.41 -37.43
C LEU B 382 -59.43 -3.04 -37.90
N LYS B 383 -60.53 -2.54 -37.38
CA LYS B 383 -61.83 -3.05 -37.78
C LYS B 383 -62.16 -2.67 -39.22
N VAL B 384 -62.43 -1.38 -39.46
CA VAL B 384 -62.77 -0.91 -40.81
C VAL B 384 -61.77 -1.31 -41.90
N SER B 385 -60.50 -0.97 -41.72
CA SER B 385 -59.49 -1.30 -42.72
C SER B 385 -59.04 -2.76 -42.67
N MET C 1 -8.46 -36.85 -42.81
CA MET C 1 -8.49 -38.02 -41.89
C MET C 1 -9.41 -39.13 -42.43
N PHE C 2 -9.91 -38.96 -43.66
CA PHE C 2 -10.77 -39.94 -44.31
C PHE C 2 -10.28 -40.11 -45.74
N LYS C 3 -10.55 -41.26 -46.35
CA LYS C 3 -10.10 -41.53 -47.72
C LYS C 3 -10.71 -40.55 -48.70
N ASP C 4 -9.95 -40.14 -49.72
CA ASP C 4 -10.50 -39.21 -50.71
C ASP C 4 -11.71 -39.82 -51.41
N GLY C 5 -12.61 -38.95 -51.86
CA GLY C 5 -13.81 -39.40 -52.55
C GLY C 5 -14.83 -40.03 -51.62
N SER C 6 -14.57 -39.94 -50.32
CA SER C 6 -15.48 -40.51 -49.31
C SER C 6 -16.76 -39.72 -49.13
N LEU C 7 -17.83 -40.45 -48.81
CA LEU C 7 -19.11 -39.81 -48.57
C LEU C 7 -19.21 -39.75 -47.05
N ILE C 8 -19.50 -38.57 -46.51
CA ILE C 8 -19.58 -38.40 -45.07
C ILE C 8 -20.98 -38.07 -44.57
N PRO C 9 -21.66 -39.03 -43.91
CA PRO C 9 -23.01 -38.82 -43.39
C PRO C 9 -23.01 -38.03 -42.08
N TYR C 10 -24.09 -37.29 -41.85
CA TYR C 10 -24.24 -36.53 -40.62
C TYR C 10 -25.55 -36.91 -39.95
N LEU C 11 -25.49 -37.19 -38.66
CA LEU C 11 -26.67 -37.54 -37.88
C LEU C 11 -26.62 -36.84 -36.53
N THR C 12 -27.79 -36.48 -36.01
CA THR C 12 -27.90 -35.84 -34.72
C THR C 12 -28.14 -36.92 -33.66
N ALA C 13 -27.18 -37.08 -32.75
CA ALA C 13 -27.29 -38.09 -31.69
C ALA C 13 -28.58 -37.96 -30.90
N GLY C 14 -29.31 -39.05 -30.76
CA GLY C 14 -30.53 -39.00 -30.00
C GLY C 14 -31.80 -38.68 -30.76
N ASP C 15 -31.72 -38.73 -32.10
CA ASP C 15 -32.86 -38.43 -32.95
C ASP C 15 -33.27 -39.66 -33.75
N PRO C 16 -34.36 -40.33 -33.36
CA PRO C 16 -35.27 -40.03 -32.24
C PRO C 16 -34.84 -40.53 -30.85
N ASP C 17 -33.87 -41.45 -30.78
CA ASP C 17 -33.39 -41.96 -29.50
C ASP C 17 -31.97 -42.49 -29.62
N LYS C 18 -31.26 -42.64 -28.49
CA LYS C 18 -29.88 -43.10 -28.57
C LYS C 18 -29.72 -44.43 -29.31
N GLN C 19 -30.64 -45.36 -29.14
CA GLN C 19 -30.55 -46.64 -29.82
C GLN C 19 -30.65 -46.47 -31.33
N SER C 20 -31.71 -45.82 -31.79
CA SER C 20 -31.91 -45.58 -33.22
C SER C 20 -30.71 -44.95 -33.91
N THR C 21 -30.02 -44.05 -33.23
CA THR C 21 -28.83 -43.40 -33.80
C THR C 21 -27.75 -44.44 -34.06
N LEU C 22 -27.52 -45.32 -33.08
CA LEU C 22 -26.52 -46.38 -33.22
C LEU C 22 -26.91 -47.26 -34.41
N ASN C 23 -28.20 -47.53 -34.55
CA ASN C 23 -28.68 -48.36 -35.64
C ASN C 23 -28.41 -47.71 -36.99
N PHE C 24 -28.76 -46.44 -37.12
CA PHE C 24 -28.54 -45.72 -38.37
C PHE C 24 -27.04 -45.72 -38.73
N LEU C 25 -26.19 -45.51 -37.72
CA LEU C 25 -24.75 -45.49 -37.94
C LEU C 25 -24.27 -46.81 -38.51
N LEU C 26 -24.67 -47.89 -37.86
CA LEU C 26 -24.26 -49.21 -38.31
C LEU C 26 -24.77 -49.51 -39.72
N ALA C 27 -25.98 -49.08 -40.04
CA ALA C 27 -26.56 -49.33 -41.35
C ALA C 27 -25.90 -48.56 -42.48
N LEU C 28 -25.39 -47.38 -42.16
CA LEU C 28 -24.76 -46.54 -43.17
C LEU C 28 -23.25 -46.75 -43.23
N ASP C 29 -22.68 -47.25 -42.14
CA ASP C 29 -21.24 -47.47 -42.05
C ASP C 29 -20.54 -47.90 -43.33
N GLU C 30 -21.07 -48.94 -43.96
CA GLU C 30 -20.49 -49.48 -45.18
C GLU C 30 -20.36 -48.51 -46.35
N TYR C 31 -21.19 -47.47 -46.40
CA TYR C 31 -21.13 -46.52 -47.49
C TYR C 31 -20.32 -45.27 -47.14
N ALA C 32 -19.99 -45.12 -45.86
CA ALA C 32 -19.28 -43.93 -45.40
C ALA C 32 -17.79 -44.09 -45.21
N GLY C 33 -17.08 -42.99 -45.44
CA GLY C 33 -15.64 -42.97 -45.29
C GLY C 33 -15.32 -42.32 -43.97
N ALA C 34 -16.36 -41.71 -43.39
CA ALA C 34 -16.25 -41.03 -42.10
C ALA C 34 -17.66 -40.59 -41.72
N ILE C 35 -17.92 -40.45 -40.43
CA ILE C 35 -19.23 -40.05 -39.94
C ILE C 35 -19.21 -38.85 -38.99
N GLU C 36 -20.13 -37.90 -39.18
CA GLU C 36 -20.23 -36.73 -38.32
C GLU C 36 -21.40 -36.94 -37.37
N LEU C 37 -21.15 -36.91 -36.06
CA LEU C 37 -22.21 -37.08 -35.08
C LEU C 37 -22.47 -35.77 -34.32
N GLY C 38 -23.69 -35.27 -34.39
CA GLY C 38 -24.00 -34.02 -33.71
C GLY C 38 -24.61 -34.15 -32.33
N ILE C 39 -24.11 -33.35 -31.38
CA ILE C 39 -24.63 -33.33 -30.00
C ILE C 39 -25.70 -32.25 -29.87
N PRO C 40 -26.96 -32.65 -29.60
CA PRO C 40 -28.11 -31.76 -29.44
C PRO C 40 -27.89 -30.55 -28.54
N PHE C 41 -28.23 -29.37 -29.07
CA PHE C 41 -28.08 -28.12 -28.32
C PHE C 41 -29.41 -27.39 -28.32
N SER C 42 -29.71 -26.70 -27.22
CA SER C 42 -30.96 -26.00 -27.13
C SER C 42 -31.03 -24.79 -28.06
N ASP C 43 -29.88 -24.18 -28.29
CA ASP C 43 -29.85 -23.01 -29.15
C ASP C 43 -28.86 -23.04 -30.32
N PRO C 44 -29.18 -23.81 -31.37
CA PRO C 44 -28.28 -23.88 -32.54
C PRO C 44 -28.33 -22.50 -33.21
N ILE C 45 -27.24 -22.08 -33.84
CA ILE C 45 -27.25 -20.77 -34.49
C ILE C 45 -27.13 -20.90 -35.99
N ALA C 46 -28.15 -20.43 -36.70
CA ALA C 46 -28.21 -20.49 -38.16
C ALA C 46 -27.69 -21.85 -38.61
N ASP C 47 -28.23 -22.90 -37.98
CA ASP C 47 -27.80 -24.26 -38.28
C ASP C 47 -28.56 -24.87 -39.45
N GLY C 48 -29.62 -24.20 -39.90
CA GLY C 48 -30.39 -24.75 -41.00
C GLY C 48 -31.59 -25.51 -40.47
N LYS C 49 -32.77 -25.13 -40.93
CA LYS C 49 -34.02 -25.74 -40.48
C LYS C 49 -34.08 -27.24 -40.27
N THR C 50 -33.71 -28.02 -41.28
CA THR C 50 -33.77 -29.48 -41.13
C THR C 50 -32.96 -29.97 -39.95
N ILE C 51 -31.71 -29.51 -39.85
CA ILE C 51 -30.85 -29.93 -38.75
C ILE C 51 -31.33 -29.32 -37.44
N GLN C 52 -31.68 -28.05 -37.51
CA GLN C 52 -32.17 -27.32 -36.35
C GLN C 52 -33.32 -28.09 -35.68
N GLU C 53 -34.23 -28.62 -36.48
CA GLU C 53 -35.35 -29.38 -35.96
C GLU C 53 -34.95 -30.68 -35.29
N SER C 54 -33.91 -31.33 -35.81
CA SER C 54 -33.46 -32.59 -35.24
C SER C 54 -32.98 -32.36 -33.82
N HIS C 55 -32.36 -31.20 -33.59
CA HIS C 55 -31.87 -30.86 -32.26
C HIS C 55 -33.02 -30.83 -31.24
N TYR C 56 -34.11 -30.18 -31.64
CA TYR C 56 -35.29 -30.07 -30.79
C TYR C 56 -35.85 -31.46 -30.52
N ARG C 57 -35.99 -32.27 -31.56
CA ARG C 57 -36.50 -33.63 -31.39
C ARG C 57 -35.69 -34.37 -30.35
N ALA C 58 -34.37 -34.41 -30.54
CA ALA C 58 -33.47 -35.12 -29.66
C ALA C 58 -33.65 -34.71 -28.20
N LEU C 59 -33.66 -33.40 -27.96
CA LEU C 59 -33.81 -32.89 -26.61
C LEU C 59 -35.21 -33.11 -26.02
N LYS C 60 -36.23 -33.06 -26.87
CA LYS C 60 -37.59 -33.28 -26.41
C LYS C 60 -37.71 -34.70 -25.86
N ASN C 61 -37.00 -35.64 -26.46
CA ASN C 61 -37.04 -37.02 -26.03
C ASN C 61 -36.06 -37.28 -24.90
N GLY C 62 -35.61 -36.19 -24.27
CA GLY C 62 -34.70 -36.29 -23.14
C GLY C 62 -33.28 -36.77 -23.36
N PHE C 63 -32.63 -36.26 -24.40
CA PHE C 63 -31.27 -36.65 -24.67
C PHE C 63 -30.33 -36.14 -23.58
N LYS C 64 -29.23 -36.85 -23.35
CA LYS C 64 -28.24 -36.46 -22.34
C LYS C 64 -26.82 -36.70 -22.85
N LEU C 65 -25.94 -35.75 -22.59
CA LEU C 65 -24.57 -35.82 -23.07
C LEU C 65 -23.91 -37.16 -23.04
N ARG C 66 -24.03 -37.90 -21.93
CA ARG C 66 -23.37 -39.20 -21.90
C ARG C 66 -23.88 -40.13 -23.00
N GLU C 67 -25.16 -40.04 -23.31
CA GLU C 67 -25.75 -40.88 -24.35
C GLU C 67 -25.02 -40.73 -25.69
N ALA C 68 -24.41 -39.57 -25.90
CA ALA C 68 -23.66 -39.32 -27.14
C ALA C 68 -22.44 -40.21 -27.13
N PHE C 69 -21.64 -40.11 -26.07
CA PHE C 69 -20.43 -40.91 -25.91
C PHE C 69 -20.75 -42.41 -25.96
N TRP C 70 -21.91 -42.79 -25.43
CA TRP C 70 -22.35 -44.18 -25.42
C TRP C 70 -22.51 -44.68 -26.86
N ILE C 71 -23.18 -43.89 -27.69
CA ILE C 71 -23.38 -44.24 -29.08
C ILE C 71 -22.04 -44.47 -29.77
N VAL C 72 -21.12 -43.55 -29.55
CA VAL C 72 -19.81 -43.65 -30.18
C VAL C 72 -19.09 -44.89 -29.70
N LYS C 73 -19.08 -45.11 -28.39
CA LYS C 73 -18.40 -46.27 -27.81
C LYS C 73 -19.00 -47.58 -28.31
N GLU C 74 -20.32 -47.64 -28.35
CA GLU C 74 -21.01 -48.83 -28.80
C GLU C 74 -20.71 -49.08 -30.28
N PHE C 75 -20.71 -48.03 -31.08
CA PHE C 75 -20.41 -48.13 -32.50
C PHE C 75 -19.00 -48.67 -32.70
N ARG C 76 -18.10 -48.28 -31.81
CA ARG C 76 -16.72 -48.73 -31.90
C ARG C 76 -16.57 -50.23 -31.75
N ARG C 77 -17.55 -50.90 -31.16
CA ARG C 77 -17.49 -52.34 -30.99
C ARG C 77 -17.63 -53.06 -32.32
N HIS C 78 -18.09 -52.36 -33.35
CA HIS C 78 -18.28 -52.97 -34.66
C HIS C 78 -17.44 -52.36 -35.75
N SER C 79 -17.31 -51.03 -35.73
CA SER C 79 -16.55 -50.34 -36.75
C SER C 79 -15.41 -49.49 -36.21
N SER C 80 -14.58 -49.03 -37.13
CA SER C 80 -13.43 -48.20 -36.82
C SER C 80 -13.52 -46.93 -37.67
N THR C 81 -14.58 -46.82 -38.47
CA THR C 81 -14.80 -45.66 -39.32
C THR C 81 -14.61 -44.40 -38.50
N PRO C 82 -13.83 -43.43 -39.02
CA PRO C 82 -13.61 -42.19 -38.29
C PRO C 82 -14.92 -41.51 -37.85
N ILE C 83 -14.94 -41.06 -36.61
CA ILE C 83 -16.11 -40.39 -36.04
C ILE C 83 -15.72 -38.96 -35.65
N VAL C 84 -16.41 -37.99 -36.24
CA VAL C 84 -16.16 -36.59 -35.90
C VAL C 84 -17.34 -36.07 -35.12
N LEU C 85 -17.08 -35.66 -33.88
CA LEU C 85 -18.10 -35.14 -32.99
C LEU C 85 -18.34 -33.66 -33.28
N MET C 86 -19.59 -33.27 -33.45
CA MET C 86 -19.90 -31.87 -33.70
C MET C 86 -20.80 -31.33 -32.61
N THR C 87 -20.30 -30.34 -31.87
CA THR C 87 -21.04 -29.77 -30.77
C THR C 87 -20.78 -28.30 -30.57
N TYR C 88 -21.62 -27.65 -29.78
CA TYR C 88 -21.44 -26.25 -29.48
C TYR C 88 -20.52 -26.20 -28.27
N TYR C 89 -19.88 -25.06 -28.05
CA TYR C 89 -18.93 -24.88 -26.97
C TYR C 89 -19.43 -25.06 -25.54
N ASN C 90 -20.68 -24.66 -25.28
CA ASN C 90 -21.22 -24.74 -23.92
C ASN C 90 -20.99 -26.05 -23.17
N PRO C 91 -21.34 -27.20 -23.80
CA PRO C 91 -21.17 -28.49 -23.14
C PRO C 91 -19.72 -28.76 -22.75
N ILE C 92 -18.80 -28.48 -23.67
CA ILE C 92 -17.39 -28.72 -23.38
C ILE C 92 -16.83 -27.69 -22.39
N TYR C 93 -17.40 -26.49 -22.41
CA TYR C 93 -16.97 -25.44 -21.48
C TYR C 93 -17.45 -25.79 -20.08
N ARG C 94 -18.70 -26.18 -20.01
CA ARG C 94 -19.36 -26.54 -18.77
C ARG C 94 -18.68 -27.74 -18.11
N ALA C 95 -17.99 -28.56 -18.91
CA ALA C 95 -17.33 -29.75 -18.38
C ALA C 95 -15.82 -29.68 -18.25
N GLY C 96 -15.20 -28.71 -18.92
CA GLY C 96 -13.76 -28.58 -18.87
C GLY C 96 -13.20 -29.06 -20.19
N VAL C 97 -12.53 -28.18 -20.92
CA VAL C 97 -11.98 -28.53 -22.22
C VAL C 97 -11.28 -29.88 -22.18
N ARG C 98 -10.22 -29.99 -21.39
CA ARG C 98 -9.47 -31.23 -21.30
C ARG C 98 -10.34 -32.40 -20.89
N ASN C 99 -11.16 -32.22 -19.87
CA ASN C 99 -12.06 -33.28 -19.42
C ASN C 99 -12.95 -33.80 -20.56
N PHE C 100 -13.53 -32.88 -21.33
CA PHE C 100 -14.40 -33.27 -22.44
C PHE C 100 -13.61 -34.01 -23.51
N LEU C 101 -12.53 -33.39 -23.97
CA LEU C 101 -11.69 -33.98 -25.00
C LEU C 101 -11.21 -35.36 -24.61
N ALA C 102 -10.94 -35.55 -23.32
CA ALA C 102 -10.47 -36.82 -22.80
C ALA C 102 -11.55 -37.90 -22.94
N GLU C 103 -12.74 -37.60 -22.41
CA GLU C 103 -13.86 -38.53 -22.49
C GLU C 103 -14.18 -38.84 -23.94
N ALA C 104 -14.02 -37.86 -24.82
CA ALA C 104 -14.32 -38.04 -26.23
C ALA C 104 -13.37 -39.05 -26.84
N LYS C 105 -12.08 -38.85 -26.58
CA LYS C 105 -11.03 -39.73 -27.08
C LYS C 105 -11.29 -41.16 -26.61
N ALA C 106 -11.57 -41.28 -25.32
CA ALA C 106 -11.85 -42.56 -24.70
C ALA C 106 -13.06 -43.27 -25.28
N SER C 107 -14.02 -42.50 -25.78
CA SER C 107 -15.23 -43.11 -26.34
C SER C 107 -15.00 -43.60 -27.77
N GLY C 108 -13.86 -43.24 -28.33
CA GLY C 108 -13.56 -43.66 -29.70
C GLY C 108 -13.76 -42.56 -30.71
N VAL C 109 -13.76 -41.31 -30.26
CA VAL C 109 -13.96 -40.18 -31.16
C VAL C 109 -12.60 -39.82 -31.75
N ASP C 110 -12.60 -39.53 -33.05
CA ASP C 110 -11.38 -39.18 -33.77
C ASP C 110 -11.18 -37.67 -33.91
N GLY C 111 -12.24 -36.97 -34.29
CA GLY C 111 -12.13 -35.54 -34.47
C GLY C 111 -13.30 -34.80 -33.87
N ILE C 112 -13.12 -33.50 -33.69
CA ILE C 112 -14.16 -32.68 -33.10
C ILE C 112 -14.25 -31.30 -33.78
N LEU C 113 -15.46 -30.78 -33.88
CA LEU C 113 -15.72 -29.46 -34.45
C LEU C 113 -16.60 -28.65 -33.48
N VAL C 114 -16.07 -27.57 -32.94
CA VAL C 114 -16.85 -26.74 -32.03
C VAL C 114 -17.47 -25.61 -32.87
N VAL C 115 -18.73 -25.82 -33.23
CA VAL C 115 -19.50 -24.91 -34.06
C VAL C 115 -19.44 -23.44 -33.76
N ASP C 116 -19.55 -23.05 -32.49
CA ASP C 116 -19.55 -21.64 -32.14
C ASP C 116 -18.31 -21.14 -31.42
N LEU C 117 -17.14 -21.66 -31.80
CA LEU C 117 -15.88 -21.24 -31.20
C LEU C 117 -14.97 -20.72 -32.30
N PRO C 118 -14.88 -19.37 -32.48
CA PRO C 118 -14.06 -18.71 -33.50
C PRO C 118 -12.64 -19.22 -33.56
N VAL C 119 -12.05 -19.21 -34.74
CA VAL C 119 -10.68 -19.67 -34.93
C VAL C 119 -9.72 -18.93 -34.00
N PHE C 120 -9.82 -17.61 -34.02
CA PHE C 120 -8.95 -16.78 -33.20
C PHE C 120 -9.20 -16.91 -31.70
N HIS C 121 -10.16 -17.74 -31.32
CA HIS C 121 -10.46 -17.96 -29.90
C HIS C 121 -10.19 -19.41 -29.52
N ALA C 122 -9.80 -20.24 -30.49
CA ALA C 122 -9.56 -21.65 -30.22
C ALA C 122 -8.11 -22.05 -30.06
N LYS C 123 -7.25 -21.09 -29.73
CA LYS C 123 -5.84 -21.40 -29.57
C LYS C 123 -5.66 -22.46 -28.49
N GLU C 124 -6.14 -22.20 -27.29
CA GLU C 124 -5.98 -23.17 -26.21
C GLU C 124 -6.69 -24.47 -26.47
N PHE C 125 -7.82 -24.42 -27.17
CA PHE C 125 -8.55 -25.63 -27.48
C PHE C 125 -7.76 -26.56 -28.38
N THR C 126 -7.31 -26.05 -29.52
CA THR C 126 -6.53 -26.88 -30.45
C THR C 126 -5.32 -27.47 -29.74
N GLU C 127 -4.81 -26.74 -28.76
CA GLU C 127 -3.63 -27.15 -28.01
C GLU C 127 -3.91 -28.38 -27.12
N ILE C 128 -4.98 -28.31 -26.34
CA ILE C 128 -5.37 -29.42 -25.48
C ILE C 128 -5.86 -30.58 -26.33
N ALA C 129 -6.47 -30.26 -27.47
CA ALA C 129 -6.98 -31.29 -28.38
C ALA C 129 -5.85 -32.20 -28.83
N ARG C 130 -4.72 -31.59 -29.18
CA ARG C 130 -3.55 -32.33 -29.64
C ARG C 130 -3.09 -33.25 -28.52
N GLU C 131 -2.89 -32.66 -27.34
CA GLU C 131 -2.46 -33.40 -26.16
C GLU C 131 -3.41 -34.51 -25.73
N GLU C 132 -4.66 -34.44 -26.19
CA GLU C 132 -5.63 -35.46 -25.82
C GLU C 132 -5.85 -36.44 -26.96
N GLY C 133 -5.15 -36.20 -28.07
CA GLY C 133 -5.25 -37.09 -29.22
C GLY C 133 -6.52 -36.98 -29.99
N ILE C 134 -7.00 -35.75 -30.14
CA ILE C 134 -8.23 -35.49 -30.87
C ILE C 134 -7.90 -34.55 -32.01
N LYS C 135 -8.34 -34.90 -33.22
CA LYS C 135 -8.08 -34.05 -34.38
C LYS C 135 -9.08 -32.90 -34.40
N THR C 136 -8.63 -31.72 -34.83
CA THR C 136 -9.48 -30.55 -34.88
C THR C 136 -10.10 -30.35 -36.27
N VAL C 137 -11.36 -29.91 -36.28
CA VAL C 137 -12.07 -29.64 -37.52
C VAL C 137 -12.66 -28.24 -37.39
N PHE C 138 -12.27 -27.34 -38.29
CA PHE C 138 -12.77 -25.97 -38.31
C PHE C 138 -13.49 -25.75 -39.63
N LEU C 139 -14.50 -24.89 -39.64
CA LEU C 139 -15.20 -24.64 -40.89
C LEU C 139 -14.96 -23.25 -41.46
N ALA C 140 -15.20 -23.15 -42.76
CA ALA C 140 -15.05 -21.91 -43.50
C ALA C 140 -16.27 -21.72 -44.41
N ALA C 141 -16.64 -20.47 -44.65
CA ALA C 141 -17.80 -20.14 -45.48
C ALA C 141 -17.41 -19.26 -46.66
N PRO C 142 -18.32 -19.09 -47.64
CA PRO C 142 -17.99 -18.26 -48.79
C PRO C 142 -17.50 -16.88 -48.40
N ASN C 143 -18.12 -16.27 -47.38
CA ASN C 143 -17.69 -14.95 -46.96
C ASN C 143 -16.40 -14.95 -46.14
N THR C 144 -15.73 -16.09 -46.03
CA THR C 144 -14.48 -16.17 -45.28
C THR C 144 -13.34 -15.68 -46.16
N PRO C 145 -12.60 -14.65 -45.72
CA PRO C 145 -11.49 -14.11 -46.50
C PRO C 145 -10.34 -15.10 -46.64
N ASP C 146 -9.59 -15.00 -47.74
CA ASP C 146 -8.46 -15.90 -47.96
C ASP C 146 -7.51 -15.82 -46.78
N GLU C 147 -7.53 -14.68 -46.10
CA GLU C 147 -6.66 -14.50 -44.95
C GLU C 147 -6.99 -15.47 -43.82
N ARG C 148 -8.25 -15.45 -43.36
CA ARG C 148 -8.69 -16.34 -42.29
C ARG C 148 -8.61 -17.79 -42.77
N LEU C 149 -8.95 -18.02 -44.05
CA LEU C 149 -8.91 -19.36 -44.61
C LEU C 149 -7.58 -20.03 -44.28
N LYS C 150 -6.49 -19.30 -44.48
CA LYS C 150 -5.16 -19.84 -44.20
C LYS C 150 -5.07 -20.19 -42.72
N VAL C 151 -5.42 -19.26 -41.86
CA VAL C 151 -5.36 -19.47 -40.41
C VAL C 151 -6.18 -20.68 -39.97
N ILE C 152 -7.34 -20.85 -40.62
CA ILE C 152 -8.22 -21.97 -40.33
C ILE C 152 -7.49 -23.26 -40.68
N ASP C 153 -6.87 -23.28 -41.86
CA ASP C 153 -6.13 -24.44 -42.35
C ASP C 153 -4.95 -24.74 -41.43
N ASP C 154 -4.27 -23.68 -40.99
CA ASP C 154 -3.11 -23.82 -40.12
C ASP C 154 -3.44 -24.40 -38.75
N MET C 155 -4.70 -24.36 -38.36
CA MET C 155 -5.11 -24.91 -37.07
C MET C 155 -5.87 -26.23 -37.17
N THR C 156 -6.23 -26.61 -38.39
CA THR C 156 -6.96 -27.85 -38.63
C THR C 156 -6.03 -29.05 -38.72
N THR C 157 -6.32 -30.09 -37.95
CA THR C 157 -5.51 -31.30 -37.98
C THR C 157 -6.35 -32.45 -38.48
N GLY C 158 -7.62 -32.18 -38.77
CA GLY C 158 -8.51 -33.21 -39.27
C GLY C 158 -8.88 -32.91 -40.70
N PHE C 159 -9.59 -31.80 -40.92
CA PHE C 159 -9.98 -31.40 -42.25
C PHE C 159 -10.83 -30.13 -42.17
N VAL C 160 -10.69 -29.26 -43.18
CA VAL C 160 -11.46 -28.03 -43.23
C VAL C 160 -12.84 -28.36 -43.76
N TYR C 161 -13.85 -27.85 -43.06
CA TYR C 161 -15.24 -28.09 -43.41
C TYR C 161 -15.84 -26.87 -44.12
N LEU C 162 -16.12 -27.02 -45.41
CA LEU C 162 -16.68 -25.93 -46.20
C LEU C 162 -18.20 -26.00 -46.23
N VAL C 163 -18.85 -24.88 -45.96
CA VAL C 163 -20.33 -24.81 -45.94
C VAL C 163 -20.79 -23.63 -46.78
N SER C 164 -22.01 -23.71 -47.33
CA SER C 164 -22.54 -22.62 -48.17
C SER C 164 -23.44 -21.62 -47.44
N LEU C 165 -23.45 -20.38 -47.93
CA LEU C 165 -24.22 -19.28 -47.34
C LEU C 165 -25.70 -19.61 -47.08
N TYR C 166 -26.24 -20.58 -47.81
CA TYR C 166 -27.64 -20.97 -47.64
C TYR C 166 -27.75 -22.48 -47.80
N GLU C 174 -29.58 -26.66 -56.94
CA GLU C 174 -28.35 -26.47 -57.68
C GLU C 174 -27.38 -25.78 -56.74
N ILE C 175 -26.22 -26.39 -56.58
CA ILE C 175 -25.20 -25.87 -55.70
C ILE C 175 -24.84 -24.44 -56.13
N PRO C 176 -24.98 -23.47 -55.21
CA PRO C 176 -24.68 -22.07 -55.49
C PRO C 176 -23.31 -21.87 -56.15
N LYS C 177 -23.23 -20.90 -57.05
CA LYS C 177 -21.97 -20.63 -57.73
C LYS C 177 -20.98 -20.20 -56.66
N THR C 178 -21.50 -19.50 -55.65
CA THR C 178 -20.71 -19.01 -54.54
C THR C 178 -20.02 -20.14 -53.77
N ALA C 179 -20.71 -21.28 -53.66
CA ALA C 179 -20.17 -22.44 -52.94
C ALA C 179 -18.98 -23.05 -53.70
N TYR C 180 -19.09 -23.16 -55.02
CA TYR C 180 -18.00 -23.72 -55.80
C TYR C 180 -16.76 -22.84 -55.68
N ASP C 181 -16.97 -21.53 -55.68
CA ASP C 181 -15.86 -20.60 -55.56
C ASP C 181 -15.11 -20.81 -54.25
N LEU C 182 -15.86 -21.13 -53.19
CA LEU C 182 -15.25 -21.36 -51.89
C LEU C 182 -14.34 -22.58 -52.04
N LEU C 183 -14.88 -23.65 -52.61
CA LEU C 183 -14.12 -24.88 -52.81
C LEU C 183 -12.86 -24.64 -53.64
N ARG C 184 -12.99 -23.90 -54.73
CA ARG C 184 -11.88 -23.58 -55.62
C ARG C 184 -10.74 -22.98 -54.81
N ARG C 185 -11.05 -21.89 -54.10
CA ARG C 185 -10.07 -21.19 -53.27
C ARG C 185 -9.48 -22.10 -52.21
N ALA C 186 -10.36 -22.85 -51.55
CA ALA C 186 -9.95 -23.77 -50.49
C ALA C 186 -8.87 -24.73 -50.97
N LYS C 187 -9.14 -25.48 -52.04
CA LYS C 187 -8.18 -26.43 -52.57
C LYS C 187 -6.88 -25.72 -52.93
N ARG C 188 -7.03 -24.52 -53.49
CA ARG C 188 -5.91 -23.71 -53.90
C ARG C 188 -5.12 -23.11 -52.73
N ILE C 189 -5.67 -23.20 -51.51
CA ILE C 189 -5.01 -22.61 -50.34
C ILE C 189 -4.70 -23.57 -49.18
N CYS C 190 -5.59 -24.52 -48.92
CA CYS C 190 -5.43 -25.45 -47.82
C CYS C 190 -4.49 -26.63 -48.04
N ARG C 191 -3.84 -27.05 -46.96
CA ARG C 191 -2.93 -28.18 -47.01
C ARG C 191 -3.75 -29.39 -46.55
N ASN C 192 -4.80 -29.13 -45.77
CA ASN C 192 -5.66 -30.20 -45.25
C ASN C 192 -6.68 -30.66 -46.26
N LYS C 193 -7.28 -31.81 -45.97
CA LYS C 193 -8.31 -32.33 -46.84
C LYS C 193 -9.51 -31.43 -46.64
N VAL C 194 -10.38 -31.35 -47.65
CA VAL C 194 -11.55 -30.51 -47.54
C VAL C 194 -12.84 -31.29 -47.72
N ALA C 195 -13.76 -31.15 -46.78
CA ALA C 195 -15.05 -31.82 -46.85
C ALA C 195 -16.07 -30.74 -47.15
N VAL C 196 -17.04 -31.04 -48.01
CA VAL C 196 -18.04 -30.02 -48.34
C VAL C 196 -19.45 -30.37 -47.92
N GLY C 197 -20.12 -29.39 -47.33
CA GLY C 197 -21.50 -29.56 -46.91
C GLY C 197 -22.28 -28.46 -47.58
N PHE C 198 -22.62 -28.68 -48.84
CA PHE C 198 -23.35 -27.68 -49.60
C PHE C 198 -24.83 -28.01 -49.77
N GLY C 199 -25.30 -29.02 -49.07
CA GLY C 199 -26.70 -29.38 -49.17
C GLY C 199 -27.01 -30.33 -50.31
N VAL C 200 -26.14 -31.31 -50.46
CA VAL C 200 -26.28 -32.32 -51.49
C VAL C 200 -27.62 -33.04 -51.36
N SER C 201 -28.31 -33.25 -52.48
CA SER C 201 -29.60 -33.95 -52.43
C SER C 201 -29.79 -34.92 -53.61
N LYS C 202 -28.91 -34.82 -54.61
CA LYS C 202 -28.99 -35.70 -55.76
C LYS C 202 -27.60 -36.09 -56.24
N ARG C 203 -27.51 -37.29 -56.82
CA ARG C 203 -26.23 -37.84 -57.30
C ARG C 203 -25.31 -36.86 -58.03
N GLU C 204 -25.88 -36.04 -58.91
CA GLU C 204 -25.13 -35.06 -59.68
C GLU C 204 -24.25 -34.15 -58.82
N HIS C 205 -24.76 -33.79 -57.65
CA HIS C 205 -24.03 -32.94 -56.71
C HIS C 205 -22.73 -33.60 -56.26
N VAL C 206 -22.86 -34.81 -55.74
CA VAL C 206 -21.72 -35.58 -55.26
C VAL C 206 -20.65 -35.67 -56.33
N VAL C 207 -21.07 -36.02 -57.53
CA VAL C 207 -20.17 -36.18 -58.66
C VAL C 207 -19.46 -34.87 -59.01
N SER C 208 -20.26 -33.83 -59.21
CA SER C 208 -19.72 -32.53 -59.56
C SER C 208 -18.75 -31.99 -58.49
N LEU C 209 -19.10 -32.15 -57.22
CA LEU C 209 -18.27 -31.68 -56.12
C LEU C 209 -16.94 -32.41 -55.98
N LEU C 210 -16.98 -33.73 -56.12
CA LEU C 210 -15.76 -34.53 -56.04
C LEU C 210 -14.89 -34.11 -57.20
N LYS C 211 -15.53 -33.99 -58.36
CA LYS C 211 -14.88 -33.59 -59.60
C LYS C 211 -14.14 -32.27 -59.45
N GLU C 212 -14.68 -31.38 -58.63
CA GLU C 212 -14.08 -30.08 -58.41
C GLU C 212 -13.01 -30.06 -57.32
N GLY C 213 -12.64 -31.23 -56.83
CA GLY C 213 -11.61 -31.30 -55.81
C GLY C 213 -12.02 -31.56 -54.38
N ALA C 214 -13.31 -31.83 -54.14
CA ALA C 214 -13.76 -32.07 -52.79
C ALA C 214 -13.24 -33.43 -52.32
N ASN C 215 -12.41 -33.43 -51.28
CA ASN C 215 -11.88 -34.68 -50.73
C ASN C 215 -13.04 -35.51 -50.15
N GLY C 216 -14.01 -34.82 -49.57
CA GLY C 216 -15.16 -35.50 -49.00
C GLY C 216 -16.43 -34.70 -49.24
N VAL C 217 -17.55 -35.40 -49.29
CA VAL C 217 -18.84 -34.76 -49.50
C VAL C 217 -19.75 -35.17 -48.34
N VAL C 218 -20.15 -34.18 -47.54
CA VAL C 218 -21.01 -34.43 -46.40
C VAL C 218 -22.47 -34.45 -46.82
N VAL C 219 -23.21 -35.38 -46.22
CA VAL C 219 -24.64 -35.53 -46.48
C VAL C 219 -25.35 -35.58 -45.14
N GLY C 220 -25.99 -34.48 -44.78
CA GLY C 220 -26.70 -34.39 -43.52
C GLY C 220 -28.19 -34.13 -43.67
N SER C 221 -28.55 -32.98 -44.23
CA SER C 221 -29.96 -32.64 -44.41
C SER C 221 -30.76 -33.74 -45.07
N ALA C 222 -30.28 -34.21 -46.22
CA ALA C 222 -30.95 -35.27 -46.96
C ALA C 222 -31.28 -36.47 -46.07
N LEU C 223 -30.37 -36.78 -45.15
CA LEU C 223 -30.58 -37.91 -44.26
C LEU C 223 -31.45 -37.60 -43.04
N VAL C 224 -31.13 -36.53 -42.30
CA VAL C 224 -31.91 -36.20 -41.11
C VAL C 224 -33.35 -35.87 -41.47
N LYS C 225 -33.57 -35.47 -42.72
CA LYS C 225 -34.90 -35.13 -43.18
C LYS C 225 -35.74 -36.42 -43.19
N ILE C 226 -35.09 -37.51 -43.57
CA ILE C 226 -35.72 -38.82 -43.61
C ILE C 226 -35.94 -39.31 -42.19
N ILE C 227 -34.93 -39.11 -41.34
CA ILE C 227 -35.01 -39.53 -39.94
C ILE C 227 -36.14 -38.79 -39.24
N GLY C 228 -36.49 -37.62 -39.78
CA GLY C 228 -37.55 -36.84 -39.20
C GLY C 228 -38.90 -37.35 -39.66
N GLU C 229 -38.95 -37.92 -40.85
CA GLU C 229 -40.20 -38.43 -41.41
C GLU C 229 -40.48 -39.88 -41.05
N LYS C 230 -39.42 -40.67 -40.86
CA LYS C 230 -39.57 -42.09 -40.56
C LYS C 230 -39.26 -42.50 -39.12
N GLY C 231 -38.71 -41.59 -38.33
CA GLY C 231 -38.39 -41.91 -36.95
C GLY C 231 -37.56 -43.18 -36.78
N ARG C 232 -38.01 -44.05 -35.88
CA ARG C 232 -37.29 -45.29 -35.63
C ARG C 232 -37.21 -46.21 -36.86
N GLU C 233 -38.14 -46.02 -37.79
CA GLU C 233 -38.19 -46.85 -38.99
C GLU C 233 -37.45 -46.25 -40.18
N ALA C 234 -36.47 -45.39 -39.93
CA ALA C 234 -35.74 -44.76 -41.02
C ALA C 234 -34.64 -45.58 -41.67
N THR C 235 -34.08 -46.53 -40.93
CA THR C 235 -32.97 -47.35 -41.43
C THR C 235 -32.97 -47.68 -42.92
N GLU C 236 -34.00 -48.38 -43.41
CA GLU C 236 -34.04 -48.75 -44.81
C GLU C 236 -34.01 -47.58 -45.79
N PHE C 237 -34.83 -46.57 -45.53
CA PHE C 237 -34.90 -45.40 -46.39
C PHE C 237 -33.58 -44.63 -46.43
N LEU C 238 -32.84 -44.66 -45.33
CA LEU C 238 -31.56 -43.98 -45.28
C LEU C 238 -30.59 -44.63 -46.25
N LYS C 239 -30.54 -45.96 -46.24
CA LYS C 239 -29.64 -46.71 -47.12
C LYS C 239 -29.99 -46.42 -48.58
N LYS C 240 -31.29 -46.50 -48.90
CA LYS C 240 -31.77 -46.25 -50.26
C LYS C 240 -31.28 -44.89 -50.74
N LYS C 241 -31.40 -43.87 -49.89
CA LYS C 241 -30.96 -42.53 -50.23
C LYS C 241 -29.43 -42.46 -50.36
N VAL C 242 -28.72 -43.06 -49.43
CA VAL C 242 -27.26 -43.04 -49.49
C VAL C 242 -26.83 -43.72 -50.78
N GLU C 243 -27.46 -44.86 -51.09
CA GLU C 243 -27.14 -45.60 -52.30
C GLU C 243 -27.33 -44.71 -53.53
N GLU C 244 -28.43 -43.97 -53.56
CA GLU C 244 -28.70 -43.07 -54.67
C GLU C 244 -27.55 -42.07 -54.84
N LEU C 245 -27.11 -41.49 -53.74
CA LEU C 245 -26.04 -40.50 -53.78
C LEU C 245 -24.69 -41.08 -54.19
N LEU C 246 -24.42 -42.33 -53.85
CA LEU C 246 -23.14 -42.96 -54.21
C LEU C 246 -23.23 -43.50 -55.63
N GLY C 247 -24.46 -43.55 -56.17
CA GLY C 247 -24.66 -44.04 -57.51
C GLY C 247 -24.69 -45.55 -57.57
N ILE C 248 -24.77 -46.20 -56.42
CA ILE C 248 -24.82 -47.65 -56.41
C ILE C 248 -26.22 -48.11 -56.03
N MET D 1 -14.05 -6.89 -26.82
CA MET D 1 -15.30 -7.71 -26.97
C MET D 1 -15.53 -8.43 -25.65
N TRP D 2 -14.69 -8.10 -24.69
CA TRP D 2 -14.78 -8.74 -23.40
C TRP D 2 -15.02 -7.76 -22.27
N PHE D 3 -15.80 -8.21 -21.27
CA PHE D 3 -16.07 -7.42 -20.07
C PHE D 3 -15.56 -8.36 -19.01
N GLY D 4 -14.27 -8.24 -18.72
CA GLY D 4 -13.68 -9.14 -17.75
C GLY D 4 -13.53 -10.46 -18.50
N GLU D 5 -14.07 -11.53 -17.92
CA GLU D 5 -14.00 -12.84 -18.53
C GLU D 5 -15.22 -13.09 -19.41
N PHE D 6 -16.24 -12.24 -19.26
CA PHE D 6 -17.49 -12.38 -20.00
C PHE D 6 -17.55 -11.66 -21.34
N GLY D 7 -18.52 -12.06 -22.15
CA GLY D 7 -18.71 -11.45 -23.46
C GLY D 7 -18.33 -12.38 -24.59
N GLY D 8 -17.47 -11.91 -25.48
CA GLY D 8 -17.04 -12.73 -26.60
C GLY D 8 -17.80 -12.62 -27.90
N GLN D 9 -17.42 -13.46 -28.86
CA GLN D 9 -18.02 -13.47 -30.18
C GLN D 9 -18.24 -14.92 -30.62
N TYR D 10 -18.84 -15.72 -29.75
CA TYR D 10 -19.09 -17.13 -30.01
C TYR D 10 -20.18 -17.45 -31.02
N VAL D 11 -19.83 -17.42 -32.30
CA VAL D 11 -20.78 -17.72 -33.35
C VAL D 11 -20.15 -18.48 -34.50
N PRO D 12 -20.97 -19.15 -35.33
CA PRO D 12 -20.47 -19.91 -36.46
C PRO D 12 -19.73 -18.97 -37.39
N GLU D 13 -18.79 -19.49 -38.16
CA GLU D 13 -18.01 -18.68 -39.10
C GLU D 13 -18.88 -17.88 -40.07
N THR D 14 -20.06 -18.39 -40.38
CA THR D 14 -20.96 -17.71 -41.31
C THR D 14 -21.40 -16.33 -40.84
N LEU D 15 -21.34 -16.10 -39.53
CA LEU D 15 -21.74 -14.82 -38.94
C LEU D 15 -20.57 -13.89 -38.66
N ILE D 16 -19.36 -14.40 -38.80
CA ILE D 16 -18.18 -13.60 -38.54
C ILE D 16 -17.99 -12.39 -39.45
N GLU D 17 -18.13 -12.56 -40.77
CA GLU D 17 -17.93 -11.42 -41.66
C GLU D 17 -18.89 -10.27 -41.33
N PRO D 18 -20.21 -10.55 -41.29
CA PRO D 18 -21.18 -9.49 -40.98
C PRO D 18 -20.81 -8.79 -39.67
N LEU D 19 -20.42 -9.56 -38.66
CA LEU D 19 -20.06 -9.01 -37.36
C LEU D 19 -18.80 -8.15 -37.46
N LYS D 20 -17.76 -8.67 -38.11
CA LYS D 20 -16.51 -7.94 -38.28
C LYS D 20 -16.77 -6.62 -38.98
N GLU D 21 -17.59 -6.65 -40.03
CA GLU D 21 -17.90 -5.42 -40.74
C GLU D 21 -18.65 -4.43 -39.86
N LEU D 22 -19.60 -4.92 -39.06
CA LEU D 22 -20.35 -4.06 -38.16
C LEU D 22 -19.39 -3.38 -37.18
N GLU D 23 -18.38 -4.11 -36.74
CA GLU D 23 -17.38 -3.58 -35.83
C GLU D 23 -16.70 -2.38 -36.46
N LYS D 24 -16.28 -2.55 -37.72
CA LYS D 24 -15.60 -1.48 -38.45
C LYS D 24 -16.48 -0.24 -38.54
N ALA D 25 -17.69 -0.41 -39.05
CA ALA D 25 -18.60 0.71 -39.21
C ALA D 25 -18.78 1.46 -37.90
N TYR D 26 -19.09 0.70 -36.85
CA TYR D 26 -19.32 1.33 -35.56
C TYR D 26 -18.11 2.15 -35.14
N LYS D 27 -16.92 1.70 -35.50
CA LYS D 27 -15.72 2.45 -35.13
C LYS D 27 -15.64 3.80 -35.82
N ARG D 28 -15.88 3.83 -37.13
CA ARG D 28 -15.77 5.08 -37.84
C ARG D 28 -16.89 6.06 -37.59
N PHE D 29 -18.04 5.58 -37.14
CA PHE D 29 -19.15 6.49 -36.90
C PHE D 29 -19.42 6.76 -35.45
N LYS D 30 -18.94 5.87 -34.60
CA LYS D 30 -19.13 6.00 -33.16
C LYS D 30 -18.91 7.45 -32.71
N ASP D 31 -17.90 8.10 -33.27
CA ASP D 31 -17.61 9.47 -32.91
C ASP D 31 -17.66 10.46 -34.08
N ASP D 32 -18.17 10.03 -35.23
CA ASP D 32 -18.29 10.92 -36.37
C ASP D 32 -19.21 12.05 -35.97
N GLU D 33 -18.73 13.28 -36.10
CA GLU D 33 -19.51 14.46 -35.75
C GLU D 33 -20.89 14.46 -36.43
N GLU D 34 -20.91 14.26 -37.75
CA GLU D 34 -22.18 14.24 -38.48
C GLU D 34 -23.12 13.16 -37.98
N PHE D 35 -22.60 11.95 -37.76
CA PHE D 35 -23.45 10.88 -37.28
C PHE D 35 -24.17 11.26 -35.97
N ASN D 36 -23.41 11.71 -34.98
CA ASN D 36 -24.01 12.08 -33.71
C ASN D 36 -24.94 13.27 -33.85
N ARG D 37 -24.59 14.20 -34.72
CA ARG D 37 -25.42 15.37 -34.92
C ARG D 37 -26.84 14.93 -35.31
N GLN D 38 -26.92 13.98 -36.23
CA GLN D 38 -28.20 13.45 -36.66
C GLN D 38 -28.83 12.60 -35.56
N LEU D 39 -28.02 11.81 -34.87
CA LEU D 39 -28.55 10.97 -33.81
C LEU D 39 -29.24 11.82 -32.76
N ASN D 40 -28.60 12.91 -32.35
CA ASN D 40 -29.19 13.78 -31.35
C ASN D 40 -30.41 14.48 -31.92
N TYR D 41 -30.35 14.80 -33.20
CA TYR D 41 -31.45 15.47 -33.88
C TYR D 41 -32.74 14.66 -33.79
N TYR D 42 -32.67 13.38 -34.14
CA TYR D 42 -33.85 12.52 -34.08
C TYR D 42 -34.27 12.25 -32.65
N LEU D 43 -33.29 11.99 -31.80
CA LEU D 43 -33.56 11.71 -30.40
C LEU D 43 -34.37 12.87 -29.82
N LYS D 44 -34.05 14.07 -30.24
CA LYS D 44 -34.72 15.25 -29.73
C LYS D 44 -36.07 15.55 -30.33
N THR D 45 -36.09 15.84 -31.63
CA THR D 45 -37.32 16.21 -32.30
C THR D 45 -38.32 15.10 -32.62
N TRP D 46 -37.86 13.86 -32.63
CA TRP D 46 -38.75 12.75 -32.98
C TRP D 46 -39.04 11.87 -31.79
N ALA D 47 -38.00 11.54 -31.03
CA ALA D 47 -38.14 10.67 -29.88
C ALA D 47 -38.66 11.42 -28.67
N GLY D 48 -38.34 12.71 -28.58
CA GLY D 48 -38.80 13.49 -27.43
C GLY D 48 -37.80 13.67 -26.31
N ARG D 49 -36.54 13.27 -26.53
CA ARG D 49 -35.52 13.42 -25.49
C ARG D 49 -35.20 14.90 -25.30
N PRO D 50 -34.86 15.30 -24.07
CA PRO D 50 -34.75 14.46 -22.88
C PRO D 50 -36.07 14.16 -22.19
N THR D 51 -36.04 13.16 -21.32
CA THR D 51 -37.20 12.77 -20.55
C THR D 51 -36.99 13.40 -19.19
N PRO D 52 -38.06 13.74 -18.50
CA PRO D 52 -37.88 14.36 -17.18
C PRO D 52 -37.48 13.39 -16.07
N LEU D 53 -37.01 13.95 -14.98
CA LEU D 53 -36.63 13.19 -13.80
C LEU D 53 -37.69 13.67 -12.83
N TYR D 54 -38.63 12.79 -12.50
CA TYR D 54 -39.74 13.15 -11.62
C TYR D 54 -39.57 12.76 -10.14
N TYR D 55 -39.94 13.67 -9.25
CA TYR D 55 -39.86 13.38 -7.83
C TYR D 55 -41.21 12.89 -7.33
N ALA D 56 -41.26 11.62 -6.92
CA ALA D 56 -42.48 11.03 -6.40
C ALA D 56 -42.69 11.47 -4.96
N LYS D 57 -43.02 12.74 -4.79
CA LYS D 57 -43.22 13.36 -3.49
C LYS D 57 -44.19 12.54 -2.64
N ARG D 58 -45.35 12.27 -3.21
CA ARG D 58 -46.35 11.56 -2.48
C ARG D 58 -45.96 10.12 -2.10
N LEU D 59 -45.29 9.41 -3.02
CA LEU D 59 -44.89 8.04 -2.73
C LEU D 59 -43.77 7.99 -1.69
N THR D 60 -42.81 8.90 -1.78
CA THR D 60 -41.72 8.88 -0.83
C THR D 60 -42.23 9.18 0.58
N GLU D 61 -43.18 10.10 0.69
CA GLU D 61 -43.70 10.43 2.01
C GLU D 61 -44.55 9.31 2.56
N LYS D 62 -45.25 8.61 1.67
CA LYS D 62 -46.11 7.50 2.09
C LYS D 62 -45.25 6.42 2.74
N ILE D 63 -44.00 6.30 2.29
CA ILE D 63 -43.08 5.30 2.82
C ILE D 63 -42.24 5.85 4.00
N GLY D 64 -42.05 7.15 4.01
CA GLY D 64 -41.29 7.79 5.08
C GLY D 64 -39.81 7.48 5.07
N GLY D 65 -39.30 7.03 3.94
CA GLY D 65 -37.89 6.71 3.87
C GLY D 65 -37.10 7.73 3.08
N ALA D 66 -36.29 7.24 2.14
CA ALA D 66 -35.48 8.10 1.30
C ALA D 66 -36.35 8.73 0.22
N LYS D 67 -35.79 9.72 -0.46
CA LYS D 67 -36.50 10.39 -1.54
C LYS D 67 -36.44 9.51 -2.79
N ILE D 68 -37.56 9.45 -3.52
CA ILE D 68 -37.64 8.63 -4.72
C ILE D 68 -37.86 9.42 -5.98
N TYR D 69 -36.89 9.35 -6.90
CA TYR D 69 -37.01 10.04 -8.17
C TYR D 69 -37.21 8.99 -9.26
N LEU D 70 -37.92 9.34 -10.32
CA LEU D 70 -38.17 8.41 -11.43
C LEU D 70 -37.67 8.96 -12.77
N LYS D 71 -36.81 8.22 -13.47
CA LYS D 71 -36.35 8.66 -14.78
C LYS D 71 -37.47 8.21 -15.71
N ARG D 72 -38.23 9.19 -16.21
CA ARG D 72 -39.39 8.91 -17.05
C ARG D 72 -39.14 8.45 -18.49
N GLU D 73 -38.54 7.28 -18.66
CA GLU D 73 -38.32 6.78 -20.02
C GLU D 73 -39.65 6.35 -20.61
N ASP D 74 -40.68 6.31 -19.77
CA ASP D 74 -42.03 5.93 -20.21
C ASP D 74 -42.60 7.00 -21.13
N LEU D 75 -41.95 8.16 -21.18
CA LEU D 75 -42.42 9.24 -22.02
C LEU D 75 -41.78 9.34 -23.39
N VAL D 76 -40.74 8.55 -23.69
CA VAL D 76 -40.12 8.64 -25.03
C VAL D 76 -41.12 8.12 -26.07
N HIS D 77 -41.03 8.63 -27.29
CA HIS D 77 -41.91 8.21 -28.37
C HIS D 77 -41.86 6.69 -28.45
N GLY D 78 -43.01 6.04 -28.31
CA GLY D 78 -43.04 4.59 -28.34
C GLY D 78 -43.38 4.02 -26.97
N GLY D 79 -43.08 4.76 -25.91
CA GLY D 79 -43.39 4.31 -24.57
C GLY D 79 -42.36 3.46 -23.87
N ALA D 80 -41.15 3.36 -24.43
CA ALA D 80 -40.11 2.56 -23.79
C ALA D 80 -38.71 2.96 -24.24
N HIS D 81 -37.73 2.75 -23.37
CA HIS D 81 -36.35 3.09 -23.67
C HIS D 81 -35.87 2.38 -24.95
N LYS D 82 -36.51 1.27 -25.31
CA LYS D 82 -36.12 0.53 -26.49
C LYS D 82 -35.93 1.41 -27.72
N THR D 83 -36.72 2.48 -27.80
CA THR D 83 -36.66 3.43 -28.91
C THR D 83 -35.28 4.08 -29.08
N ASN D 84 -34.55 4.27 -27.98
CA ASN D 84 -33.23 4.87 -28.03
C ASN D 84 -32.32 4.01 -28.90
N ASN D 85 -32.28 2.72 -28.58
CA ASN D 85 -31.45 1.76 -29.30
C ASN D 85 -31.91 1.58 -30.76
N ALA D 86 -33.22 1.55 -30.97
CA ALA D 86 -33.75 1.39 -32.32
C ALA D 86 -33.22 2.50 -33.23
N ILE D 87 -33.45 3.75 -32.84
CA ILE D 87 -32.99 4.89 -33.62
C ILE D 87 -31.48 4.81 -33.88
N GLY D 88 -30.71 4.51 -32.84
CA GLY D 88 -29.27 4.41 -32.98
C GLY D 88 -28.82 3.43 -34.06
N GLN D 89 -29.15 2.15 -33.88
CA GLN D 89 -28.77 1.14 -34.85
C GLN D 89 -29.35 1.38 -36.25
N ALA D 90 -30.56 1.89 -36.33
CA ALA D 90 -31.14 2.12 -37.65
C ALA D 90 -30.33 3.20 -38.35
N LEU D 91 -30.00 4.28 -37.63
CA LEU D 91 -29.22 5.37 -38.21
C LEU D 91 -27.84 4.86 -38.63
N LEU D 92 -27.22 4.06 -37.75
CA LEU D 92 -25.92 3.49 -38.06
C LEU D 92 -26.03 2.63 -39.31
N ALA D 93 -27.09 1.85 -39.41
CA ALA D 93 -27.30 0.99 -40.56
C ALA D 93 -27.43 1.84 -41.83
N LYS D 94 -28.08 2.99 -41.71
CA LYS D 94 -28.24 3.87 -42.85
C LYS D 94 -26.88 4.44 -43.27
N PHE D 95 -26.09 4.92 -42.31
CA PHE D 95 -24.76 5.43 -42.61
C PHE D 95 -23.89 4.35 -43.23
N MET D 96 -24.13 3.09 -42.86
CA MET D 96 -23.35 1.99 -43.39
C MET D 96 -23.79 1.75 -44.82
N GLY D 97 -24.85 2.44 -45.24
CA GLY D 97 -25.36 2.27 -46.59
C GLY D 97 -26.32 1.10 -46.75
N LYS D 98 -26.85 0.60 -45.63
CA LYS D 98 -27.80 -0.51 -45.69
C LYS D 98 -29.15 0.08 -46.05
N THR D 99 -30.07 -0.79 -46.49
CA THR D 99 -31.40 -0.33 -46.91
C THR D 99 -32.51 -1.13 -46.28
N ARG D 100 -32.14 -2.17 -45.55
CA ARG D 100 -33.14 -3.01 -44.93
C ARG D 100 -32.78 -3.34 -43.48
N LEU D 101 -33.80 -3.35 -42.63
CA LEU D 101 -33.61 -3.69 -41.23
C LEU D 101 -34.41 -4.95 -40.97
N ILE D 102 -33.83 -5.89 -40.21
CA ILE D 102 -34.56 -7.09 -39.83
C ILE D 102 -34.35 -7.34 -38.35
N ALA D 103 -35.36 -7.91 -37.71
CA ALA D 103 -35.29 -8.22 -36.30
C ALA D 103 -36.37 -9.23 -35.99
N GLU D 104 -36.32 -9.81 -34.79
CA GLU D 104 -37.33 -10.77 -34.39
C GLU D 104 -37.96 -10.24 -33.10
N THR D 105 -39.17 -10.69 -32.79
CA THR D 105 -39.82 -10.24 -31.56
C THR D 105 -40.79 -11.25 -30.97
N GLY D 106 -40.90 -11.22 -29.64
CA GLY D 106 -41.81 -12.11 -28.93
C GLY D 106 -43.08 -11.35 -28.54
N ALA D 107 -42.98 -10.53 -27.49
CA ALA D 107 -44.10 -9.73 -27.02
C ALA D 107 -44.49 -8.77 -28.14
N GLY D 108 -43.50 -8.30 -28.88
CA GLY D 108 -43.77 -7.39 -29.97
C GLY D 108 -43.18 -6.00 -29.73
N GLN D 109 -42.70 -5.77 -28.52
CA GLN D 109 -42.13 -4.45 -28.20
C GLN D 109 -40.94 -4.09 -29.08
N HIS D 110 -39.96 -4.98 -29.17
CA HIS D 110 -38.81 -4.68 -30.00
C HIS D 110 -39.24 -4.57 -31.44
N GLY D 111 -40.17 -5.44 -31.85
CA GLY D 111 -40.67 -5.41 -33.21
C GLY D 111 -41.18 -4.02 -33.56
N VAL D 112 -42.07 -3.48 -32.73
CA VAL D 112 -42.62 -2.16 -32.97
C VAL D 112 -41.55 -1.07 -32.97
N ALA D 113 -40.66 -1.08 -31.98
CA ALA D 113 -39.61 -0.08 -31.93
C ALA D 113 -38.82 -0.09 -33.25
N THR D 114 -38.42 -1.27 -33.70
CA THR D 114 -37.66 -1.39 -34.94
C THR D 114 -38.47 -0.84 -36.09
N ALA D 115 -39.73 -1.27 -36.18
CA ALA D 115 -40.60 -0.80 -37.25
C ALA D 115 -40.69 0.74 -37.31
N MET D 116 -40.80 1.40 -36.16
CA MET D 116 -40.92 2.86 -36.11
C MET D 116 -39.67 3.54 -36.63
N ALA D 117 -38.51 3.07 -36.20
CA ALA D 117 -37.25 3.66 -36.61
C ALA D 117 -37.03 3.47 -38.10
N GLY D 118 -37.35 2.27 -38.58
CA GLY D 118 -37.20 1.99 -40.00
C GLY D 118 -38.05 2.95 -40.79
N ALA D 119 -39.28 3.18 -40.33
CA ALA D 119 -40.19 4.09 -41.03
C ALA D 119 -39.61 5.49 -41.03
N LEU D 120 -39.11 5.94 -39.87
CA LEU D 120 -38.52 7.27 -39.73
C LEU D 120 -37.37 7.50 -40.72
N LEU D 121 -36.48 6.53 -40.82
CA LEU D 121 -35.32 6.63 -41.69
C LEU D 121 -35.53 6.07 -43.07
N GLY D 122 -36.76 5.67 -43.36
CA GLY D 122 -37.03 5.13 -44.67
C GLY D 122 -36.30 3.89 -45.08
N MET D 123 -36.45 2.84 -44.28
CA MET D 123 -35.81 1.59 -44.58
C MET D 123 -36.83 0.46 -44.63
N LYS D 124 -36.49 -0.58 -45.38
CA LYS D 124 -37.38 -1.72 -45.46
C LYS D 124 -37.23 -2.43 -44.12
N VAL D 125 -38.35 -2.87 -43.54
CA VAL D 125 -38.31 -3.57 -42.26
C VAL D 125 -39.07 -4.89 -42.33
N ASP D 126 -38.35 -5.98 -42.09
CA ASP D 126 -38.95 -7.31 -42.08
C ASP D 126 -38.78 -7.82 -40.65
N ILE D 127 -39.87 -8.21 -40.03
CA ILE D 127 -39.79 -8.68 -38.67
C ILE D 127 -40.22 -10.13 -38.53
N TYR D 128 -39.33 -10.94 -37.96
CA TYR D 128 -39.59 -12.35 -37.75
C TYR D 128 -40.28 -12.55 -36.42
N MET D 129 -41.32 -13.38 -36.43
CA MET D 129 -42.09 -13.62 -35.22
C MET D 129 -42.73 -15.00 -35.28
N GLY D 130 -42.59 -15.76 -34.19
CA GLY D 130 -43.17 -17.08 -34.16
C GLY D 130 -44.66 -16.99 -34.35
N ALA D 131 -45.22 -17.90 -35.15
CA ALA D 131 -46.65 -17.91 -35.43
C ALA D 131 -47.46 -17.93 -34.12
N GLU D 132 -46.90 -18.56 -33.10
CA GLU D 132 -47.55 -18.62 -31.79
C GLU D 132 -47.77 -17.21 -31.29
N ASP D 133 -46.68 -16.45 -31.20
CA ASP D 133 -46.73 -15.07 -30.75
C ASP D 133 -47.55 -14.17 -31.68
N VAL D 134 -47.52 -14.45 -32.98
CA VAL D 134 -48.31 -13.63 -33.90
C VAL D 134 -49.78 -13.67 -33.51
N GLU D 135 -50.27 -14.85 -33.14
CA GLU D 135 -51.67 -15.00 -32.74
C GLU D 135 -51.93 -14.25 -31.44
N ARG D 136 -51.03 -14.42 -30.48
CA ARG D 136 -51.15 -13.78 -29.17
C ARG D 136 -51.05 -12.26 -29.20
N GLN D 137 -50.34 -11.71 -30.18
CA GLN D 137 -50.15 -10.27 -30.24
C GLN D 137 -50.91 -9.48 -31.30
N LYS D 138 -52.19 -9.78 -31.45
CA LYS D 138 -53.01 -9.10 -32.44
C LYS D 138 -52.66 -7.61 -32.65
N MET D 139 -52.79 -6.81 -31.60
CA MET D 139 -52.55 -5.38 -31.70
C MET D 139 -51.12 -4.93 -32.03
N ASN D 140 -50.12 -5.66 -31.57
CA ASN D 140 -48.74 -5.29 -31.89
C ASN D 140 -48.41 -5.59 -33.34
N VAL D 141 -48.91 -6.71 -33.84
CA VAL D 141 -48.68 -7.08 -35.23
C VAL D 141 -49.29 -5.99 -36.11
N PHE D 142 -50.51 -5.60 -35.79
CA PHE D 142 -51.21 -4.56 -36.54
C PHE D 142 -50.42 -3.27 -36.51
N ARG D 143 -49.85 -2.96 -35.34
CA ARG D 143 -49.06 -1.74 -35.17
C ARG D 143 -47.86 -1.76 -36.13
N MET D 144 -47.17 -2.89 -36.17
CA MET D 144 -46.01 -3.05 -37.03
C MET D 144 -46.40 -2.89 -38.49
N LYS D 145 -47.54 -3.46 -38.87
CA LYS D 145 -47.99 -3.35 -40.25
C LYS D 145 -48.33 -1.89 -40.55
N LEU D 146 -48.98 -1.20 -39.62
CA LEU D 146 -49.34 0.21 -39.81
C LEU D 146 -48.08 1.04 -40.08
N LEU D 147 -47.00 0.68 -39.40
CA LEU D 147 -45.73 1.37 -39.53
C LEU D 147 -44.96 1.02 -40.80
N GLY D 148 -45.61 0.21 -41.66
CA GLY D 148 -45.00 -0.19 -42.91
C GLY D 148 -44.11 -1.41 -42.92
N ALA D 149 -43.86 -2.02 -41.78
CA ALA D 149 -43.01 -3.21 -41.75
C ALA D 149 -43.89 -4.41 -42.06
N ASN D 150 -43.30 -5.49 -42.55
CA ASN D 150 -44.09 -6.68 -42.81
C ASN D 150 -43.60 -7.76 -41.88
N VAL D 151 -44.53 -8.25 -41.06
CA VAL D 151 -44.22 -9.29 -40.09
C VAL D 151 -44.30 -10.67 -40.74
N ILE D 152 -43.17 -11.37 -40.66
CA ILE D 152 -43.00 -12.70 -41.22
C ILE D 152 -43.19 -13.75 -40.13
N PRO D 153 -44.32 -14.49 -40.18
CA PRO D 153 -44.61 -15.52 -39.18
C PRO D 153 -43.76 -16.75 -39.43
N VAL D 154 -43.12 -17.30 -38.39
CA VAL D 154 -42.33 -18.51 -38.57
C VAL D 154 -43.10 -19.65 -37.92
N ASN D 155 -43.27 -20.75 -38.65
CA ASN D 155 -44.01 -21.90 -38.12
C ASN D 155 -43.13 -23.09 -37.82
N SER D 156 -41.84 -23.00 -38.13
CA SER D 156 -40.93 -24.10 -37.87
C SER D 156 -40.77 -24.26 -36.36
N GLY D 157 -40.39 -25.45 -35.91
CA GLY D 157 -40.20 -25.71 -34.50
C GLY D 157 -41.41 -25.38 -33.64
N SER D 158 -41.14 -24.83 -32.46
CA SER D 158 -42.20 -24.45 -31.52
C SER D 158 -42.99 -23.20 -31.94
N ARG D 159 -42.68 -22.65 -33.11
CA ARG D 159 -43.36 -21.47 -33.62
C ARG D 159 -43.26 -20.30 -32.63
N THR D 160 -42.17 -20.25 -31.88
CA THR D 160 -41.97 -19.18 -30.91
C THR D 160 -40.74 -18.33 -31.24
N LEU D 161 -40.37 -17.48 -30.28
CA LEU D 161 -39.26 -16.58 -30.44
C LEU D 161 -37.98 -17.27 -30.89
N LYS D 162 -37.63 -18.37 -30.22
CA LYS D 162 -36.42 -19.07 -30.58
C LYS D 162 -36.37 -19.40 -32.06
N ASP D 163 -37.48 -19.89 -32.60
CA ASP D 163 -37.55 -20.23 -34.02
C ASP D 163 -37.45 -19.00 -34.92
N ALA D 164 -37.92 -17.85 -34.42
CA ALA D 164 -37.88 -16.60 -35.18
C ALA D 164 -36.45 -16.07 -35.21
N ILE D 165 -35.74 -16.23 -34.11
CA ILE D 165 -34.36 -15.78 -34.04
C ILE D 165 -33.52 -16.46 -35.12
N ASN D 166 -33.63 -17.78 -35.22
CA ASN D 166 -32.88 -18.52 -36.21
C ASN D 166 -33.22 -18.07 -37.61
N GLU D 167 -34.49 -17.78 -37.86
CA GLU D 167 -34.89 -17.32 -39.19
C GLU D 167 -34.22 -15.99 -39.50
N ALA D 168 -34.14 -15.13 -38.50
CA ALA D 168 -33.51 -13.83 -38.66
C ALA D 168 -32.03 -14.02 -38.98
N LEU D 169 -31.34 -14.82 -38.18
CA LEU D 169 -29.92 -15.07 -38.42
C LEU D 169 -29.65 -15.60 -39.82
N ARG D 170 -30.38 -16.62 -40.24
CA ARG D 170 -30.20 -17.18 -41.56
C ARG D 170 -30.34 -16.05 -42.59
N ASP D 171 -31.39 -15.25 -42.43
CA ASP D 171 -31.65 -14.12 -43.33
C ASP D 171 -30.42 -13.19 -43.41
N TRP D 172 -29.94 -12.76 -42.26
CA TRP D 172 -28.80 -11.87 -42.21
C TRP D 172 -27.59 -12.42 -42.92
N VAL D 173 -27.23 -13.67 -42.64
CA VAL D 173 -26.07 -14.28 -43.28
C VAL D 173 -26.10 -14.16 -44.79
N ALA D 174 -27.30 -14.21 -45.37
CA ALA D 174 -27.43 -14.13 -46.81
C ALA D 174 -27.60 -12.72 -47.36
N THR D 175 -28.14 -11.81 -46.55
CA THR D 175 -28.38 -10.46 -47.02
C THR D 175 -27.66 -9.34 -46.29
N PHE D 176 -26.72 -9.69 -45.43
CA PHE D 176 -26.03 -8.68 -44.64
C PHE D 176 -25.42 -7.55 -45.44
N GLU D 177 -25.24 -7.77 -46.74
CA GLU D 177 -24.64 -6.75 -47.60
C GLU D 177 -25.47 -5.47 -47.61
N TYR D 178 -26.80 -5.62 -47.61
CA TYR D 178 -27.67 -4.46 -47.61
C TYR D 178 -28.68 -4.48 -46.46
N THR D 179 -28.52 -5.45 -45.57
CA THR D 179 -29.44 -5.59 -44.47
C THR D 179 -28.75 -5.55 -43.12
N HIS D 180 -29.34 -4.83 -42.17
CA HIS D 180 -28.80 -4.77 -40.83
C HIS D 180 -29.71 -5.53 -39.88
N TYR D 181 -29.08 -6.26 -38.96
CA TYR D 181 -29.80 -7.04 -37.97
C TYR D 181 -29.84 -6.24 -36.67
N LEU D 182 -31.04 -5.78 -36.31
CA LEU D 182 -31.24 -4.95 -35.12
C LEU D 182 -31.49 -5.73 -33.80
N ILE D 183 -30.45 -5.90 -32.99
CA ILE D 183 -30.58 -6.61 -31.71
C ILE D 183 -31.23 -5.66 -30.71
N GLY D 184 -32.17 -6.19 -29.92
CA GLY D 184 -32.85 -5.36 -28.95
C GLY D 184 -32.30 -5.09 -27.56
N SER D 185 -31.26 -5.81 -27.14
CA SER D 185 -30.70 -5.60 -25.82
C SER D 185 -29.19 -5.80 -25.79
N VAL D 186 -28.58 -5.49 -24.64
CA VAL D 186 -27.14 -5.61 -24.49
C VAL D 186 -26.67 -7.05 -24.45
N VAL D 187 -27.17 -7.86 -25.37
CA VAL D 187 -26.80 -9.26 -25.42
C VAL D 187 -26.31 -9.66 -26.80
N GLY D 188 -25.98 -10.94 -26.96
CA GLY D 188 -25.51 -11.44 -28.23
C GLY D 188 -24.01 -11.33 -28.39
N PRO D 189 -23.47 -11.61 -29.59
CA PRO D 189 -22.03 -11.51 -29.81
C PRO D 189 -21.59 -10.08 -29.97
N HIS D 190 -20.29 -9.88 -29.84
CA HIS D 190 -19.71 -8.56 -30.02
C HIS D 190 -20.00 -8.18 -31.48
N PRO D 191 -20.18 -6.89 -31.77
CA PRO D 191 -20.13 -5.70 -30.90
C PRO D 191 -21.47 -5.25 -30.31
N TYR D 192 -22.52 -6.07 -30.44
CA TYR D 192 -23.82 -5.69 -29.93
C TYR D 192 -23.93 -5.27 -28.45
N PRO D 193 -23.53 -6.14 -27.52
CA PRO D 193 -23.60 -5.82 -26.09
C PRO D 193 -23.11 -4.44 -25.75
N THR D 194 -22.06 -4.01 -26.43
CA THR D 194 -21.54 -2.68 -26.15
C THR D 194 -22.19 -1.57 -27.00
N ILE D 195 -22.50 -1.85 -28.28
CA ILE D 195 -23.16 -0.85 -29.12
C ILE D 195 -24.50 -0.44 -28.48
N VAL D 196 -25.32 -1.43 -28.14
CA VAL D 196 -26.60 -1.15 -27.52
C VAL D 196 -26.41 -0.33 -26.25
N ARG D 197 -25.42 -0.67 -25.43
CA ARG D 197 -25.22 0.10 -24.20
C ARG D 197 -24.93 1.56 -24.51
N ASP D 198 -24.09 1.78 -25.50
CA ASP D 198 -23.73 3.13 -25.90
C ASP D 198 -24.96 3.94 -26.31
N PHE D 199 -25.85 3.33 -27.07
CA PHE D 199 -27.06 4.01 -27.50
C PHE D 199 -28.09 4.26 -26.39
N GLN D 200 -27.84 3.72 -25.20
CA GLN D 200 -28.74 3.88 -24.05
C GLN D 200 -28.13 4.71 -22.93
N SER D 201 -26.85 5.05 -23.06
CA SER D 201 -26.15 5.84 -22.06
C SER D 201 -26.77 7.21 -21.86
N VAL D 202 -27.52 7.67 -22.87
CA VAL D 202 -28.16 8.96 -22.77
C VAL D 202 -28.98 9.03 -21.48
N ILE D 203 -29.71 7.94 -21.19
CA ILE D 203 -30.53 7.87 -20.00
C ILE D 203 -29.74 8.30 -18.77
N GLY D 204 -28.63 7.62 -18.51
CA GLY D 204 -27.81 7.95 -17.36
C GLY D 204 -27.28 9.37 -17.38
N ARG D 205 -26.73 9.78 -18.52
CA ARG D 205 -26.21 11.14 -18.67
C ARG D 205 -27.24 12.18 -18.26
N GLU D 206 -28.42 12.12 -18.88
CA GLU D 206 -29.50 13.04 -18.57
C GLU D 206 -29.82 12.99 -17.08
N ALA D 207 -30.05 11.79 -16.55
CA ALA D 207 -30.38 11.63 -15.15
C ALA D 207 -29.34 12.24 -14.20
N LYS D 208 -28.07 12.12 -14.54
CA LYS D 208 -27.00 12.65 -13.72
C LYS D 208 -27.14 14.15 -13.60
N ALA D 209 -27.19 14.78 -14.76
CA ALA D 209 -27.33 16.23 -14.85
C ALA D 209 -28.56 16.67 -14.08
N GLN D 210 -29.66 15.97 -14.33
CA GLN D 210 -30.93 16.27 -13.70
C GLN D 210 -30.93 16.16 -12.19
N ILE D 211 -30.38 15.09 -11.64
CA ILE D 211 -30.37 14.94 -10.19
C ILE D 211 -29.46 15.99 -9.54
N LEU D 212 -28.42 16.39 -10.24
CA LEU D 212 -27.51 17.40 -9.70
C LEU D 212 -28.27 18.72 -9.61
N GLU D 213 -29.04 19.00 -10.66
CA GLU D 213 -29.80 20.23 -10.72
C GLU D 213 -30.85 20.29 -9.62
N ALA D 214 -31.44 19.15 -9.28
CA ALA D 214 -32.47 19.08 -8.26
C ALA D 214 -32.01 18.92 -6.82
N GLU D 215 -30.92 18.18 -6.64
CA GLU D 215 -30.44 17.90 -5.31
C GLU D 215 -29.07 18.46 -5.03
N GLY D 216 -28.41 18.95 -6.08
CA GLY D 216 -27.06 19.45 -5.92
C GLY D 216 -26.03 18.38 -5.60
N GLN D 217 -26.39 17.10 -5.82
CA GLN D 217 -25.47 16.00 -5.53
C GLN D 217 -25.91 14.73 -6.26
N LEU D 218 -25.01 13.74 -6.31
CA LEU D 218 -25.33 12.48 -6.95
C LEU D 218 -26.21 11.65 -6.04
N PRO D 219 -26.94 10.69 -6.61
CA PRO D 219 -27.83 9.83 -5.84
C PRO D 219 -27.10 8.79 -5.00
N ASP D 220 -27.78 8.26 -4.00
CA ASP D 220 -27.21 7.25 -3.13
C ASP D 220 -27.38 5.89 -3.79
N VAL D 221 -28.49 5.71 -4.50
CA VAL D 221 -28.78 4.45 -5.15
C VAL D 221 -29.49 4.65 -6.49
N ILE D 222 -29.25 3.74 -7.42
CA ILE D 222 -29.92 3.77 -8.71
C ILE D 222 -30.50 2.38 -8.89
N VAL D 223 -31.79 2.28 -9.09
CA VAL D 223 -32.44 0.98 -9.25
C VAL D 223 -33.09 0.83 -10.63
N ALA D 224 -32.79 -0.27 -11.31
CA ALA D 224 -33.37 -0.52 -12.62
C ALA D 224 -33.65 -2.00 -12.79
N CYS D 225 -34.68 -2.34 -13.57
CA CYS D 225 -34.99 -3.74 -13.78
C CYS D 225 -34.04 -4.33 -14.82
N VAL D 226 -33.83 -5.64 -14.75
CA VAL D 226 -32.93 -6.30 -15.68
C VAL D 226 -33.54 -7.51 -16.38
N GLY D 227 -33.65 -7.42 -17.69
CA GLY D 227 -34.12 -8.51 -18.51
C GLY D 227 -32.84 -8.91 -19.20
N GLY D 228 -32.56 -8.26 -20.32
CA GLY D 228 -31.31 -8.49 -21.01
C GLY D 228 -30.33 -7.55 -20.33
N GLY D 229 -30.87 -6.43 -19.84
CA GLY D 229 -30.08 -5.45 -19.12
C GLY D 229 -29.75 -4.16 -19.85
N SER D 230 -30.46 -3.84 -20.92
CA SER D 230 -30.14 -2.61 -21.65
C SER D 230 -30.58 -1.28 -21.00
N ASN D 231 -31.74 -1.24 -20.36
CA ASN D 231 -32.15 0.01 -19.72
C ASN D 231 -31.34 0.21 -18.45
N ALA D 232 -31.00 -0.90 -17.79
CA ALA D 232 -30.22 -0.86 -16.56
C ALA D 232 -28.80 -0.40 -16.86
N MET D 233 -28.24 -0.90 -17.94
CA MET D 233 -26.89 -0.55 -18.33
C MET D 233 -26.86 0.90 -18.78
N GLY D 234 -27.93 1.31 -19.46
CA GLY D 234 -28.03 2.68 -19.95
C GLY D 234 -28.00 3.74 -18.87
N ILE D 235 -28.62 3.44 -17.73
CA ILE D 235 -28.65 4.41 -16.66
C ILE D 235 -27.50 4.23 -15.70
N PHE D 236 -26.96 3.01 -15.62
CA PHE D 236 -25.84 2.68 -14.73
C PHE D 236 -24.53 3.28 -15.22
N TYR D 237 -24.20 2.95 -16.45
CA TYR D 237 -22.94 3.38 -17.05
C TYR D 237 -22.32 4.72 -16.65
N PRO D 238 -23.03 5.83 -16.89
CA PRO D 238 -22.48 7.15 -16.52
C PRO D 238 -22.12 7.34 -15.05
N PHE D 239 -22.63 6.47 -14.20
CA PHE D 239 -22.37 6.56 -12.78
C PHE D 239 -21.36 5.52 -12.30
N VAL D 240 -20.86 4.70 -13.23
CA VAL D 240 -19.92 3.64 -12.87
C VAL D 240 -18.66 4.10 -12.15
N ASN D 241 -18.21 5.32 -12.41
CA ASN D 241 -17.01 5.80 -11.76
C ASN D 241 -17.27 6.71 -10.56
N ASP D 242 -18.54 6.87 -10.23
CA ASP D 242 -18.93 7.67 -9.08
C ASP D 242 -19.16 6.69 -7.94
N LYS D 243 -18.10 6.46 -7.20
CA LYS D 243 -18.09 5.53 -6.09
C LYS D 243 -19.21 5.70 -5.07
N LYS D 244 -19.63 6.93 -4.85
CA LYS D 244 -20.71 7.17 -3.91
C LYS D 244 -21.99 6.45 -4.31
N VAL D 245 -22.25 6.44 -5.61
CA VAL D 245 -23.46 5.85 -6.18
C VAL D 245 -23.59 4.33 -6.19
N LYS D 246 -24.61 3.82 -5.51
CA LYS D 246 -24.86 2.37 -5.45
C LYS D 246 -25.74 1.99 -6.64
N LEU D 247 -25.40 0.89 -7.30
CA LEU D 247 -26.18 0.41 -8.44
C LEU D 247 -26.89 -0.90 -8.09
N VAL D 248 -28.18 -0.97 -8.37
CA VAL D 248 -28.96 -2.17 -8.08
C VAL D 248 -29.81 -2.63 -9.25
N GLY D 249 -29.61 -3.89 -9.65
CA GLY D 249 -30.38 -4.45 -10.74
C GLY D 249 -31.45 -5.37 -10.17
N VAL D 250 -32.66 -5.31 -10.72
CA VAL D 250 -33.75 -6.13 -10.23
C VAL D 250 -34.18 -7.12 -11.30
N GLU D 251 -34.00 -8.41 -11.03
CA GLU D 251 -34.39 -9.44 -11.97
C GLU D 251 -35.76 -9.97 -11.60
N ALA D 252 -36.39 -10.68 -12.52
CA ALA D 252 -37.72 -11.23 -12.28
C ALA D 252 -37.69 -12.44 -11.36
N GLY D 253 -38.29 -12.30 -10.19
CA GLY D 253 -38.35 -13.40 -9.24
C GLY D 253 -39.58 -14.27 -9.54
N GLY D 254 -40.39 -13.84 -10.50
CA GLY D 254 -41.57 -14.60 -10.87
C GLY D 254 -42.39 -15.07 -9.67
N LYS D 255 -42.58 -16.38 -9.57
CA LYS D 255 -43.36 -16.94 -8.47
C LYS D 255 -42.52 -17.38 -7.29
N GLY D 256 -41.28 -16.88 -7.22
CA GLY D 256 -40.40 -17.24 -6.12
C GLY D 256 -39.17 -17.98 -6.59
N LEU D 257 -37.98 -17.56 -6.14
CA LEU D 257 -36.75 -18.22 -6.54
C LEU D 257 -36.82 -19.70 -6.23
N GLU D 258 -37.57 -20.03 -5.18
CA GLU D 258 -37.74 -21.41 -4.76
C GLU D 258 -38.95 -22.06 -5.44
N SER D 259 -39.03 -21.97 -6.76
CA SER D 259 -40.15 -22.57 -7.46
C SER D 259 -39.84 -22.73 -8.94
N GLY D 260 -38.61 -22.41 -9.32
CA GLY D 260 -38.21 -22.54 -10.71
C GLY D 260 -38.99 -21.70 -11.71
N LYS D 261 -39.98 -20.94 -11.23
CA LYS D 261 -40.79 -20.08 -12.09
C LYS D 261 -40.27 -18.64 -12.00
N HIS D 262 -39.11 -18.38 -12.61
CA HIS D 262 -38.52 -17.05 -12.59
C HIS D 262 -37.53 -16.87 -13.75
N SER D 263 -36.79 -15.77 -13.73
CA SER D 263 -35.80 -15.47 -14.77
C SER D 263 -34.58 -14.80 -14.17
N ALA D 264 -34.30 -15.05 -12.90
CA ALA D 264 -33.15 -14.46 -12.23
C ALA D 264 -31.85 -15.15 -12.65
N SER D 265 -31.41 -14.87 -13.87
CA SER D 265 -30.17 -15.42 -14.41
C SER D 265 -28.94 -15.12 -13.56
N LEU D 266 -28.79 -13.87 -13.13
CA LEU D 266 -27.65 -13.47 -12.32
C LEU D 266 -27.77 -13.97 -10.89
N ASN D 267 -28.99 -14.07 -10.41
CA ASN D 267 -29.23 -14.50 -9.03
C ASN D 267 -29.50 -15.98 -8.90
N ALA D 268 -29.16 -16.77 -9.91
CA ALA D 268 -29.43 -18.20 -9.86
C ALA D 268 -28.96 -19.02 -11.07
N GLY D 269 -28.26 -18.41 -12.01
CA GLY D 269 -27.82 -19.17 -13.17
C GLY D 269 -26.34 -19.45 -13.08
N GLN D 270 -25.84 -20.27 -14.00
CA GLN D 270 -24.40 -20.60 -14.02
C GLN D 270 -23.84 -19.99 -15.30
N VAL D 271 -22.55 -19.68 -15.32
CA VAL D 271 -21.97 -19.11 -16.53
C VAL D 271 -21.99 -20.17 -17.63
N GLY D 272 -22.06 -19.70 -18.87
CA GLY D 272 -22.10 -20.61 -19.98
C GLY D 272 -21.99 -19.82 -21.25
N VAL D 273 -22.09 -20.51 -22.38
CA VAL D 273 -21.98 -19.86 -23.66
C VAL D 273 -23.18 -20.17 -24.53
N PHE D 274 -24.02 -19.16 -24.72
CA PHE D 274 -25.21 -19.26 -25.56
C PHE D 274 -25.37 -17.93 -26.31
N HIS D 275 -26.22 -17.95 -27.33
CA HIS D 275 -26.49 -16.77 -28.15
C HIS D 275 -25.23 -15.93 -28.43
N GLY D 276 -24.13 -16.60 -28.70
CA GLY D 276 -22.91 -15.90 -29.00
C GLY D 276 -22.18 -15.18 -27.88
N MET D 277 -22.60 -15.35 -26.63
CA MET D 277 -21.94 -14.67 -25.52
C MET D 277 -21.66 -15.56 -24.32
N LEU D 278 -20.60 -15.22 -23.58
CA LEU D 278 -20.22 -15.96 -22.38
C LEU D 278 -20.75 -15.10 -21.22
N SER D 279 -21.81 -15.58 -20.59
CA SER D 279 -22.44 -14.87 -19.50
C SER D 279 -23.19 -15.84 -18.58
N TYR D 280 -24.11 -15.33 -17.79
CA TYR D 280 -24.90 -16.16 -16.88
C TYR D 280 -26.20 -16.59 -17.54
N PHE D 281 -26.49 -17.88 -17.48
CA PHE D 281 -27.73 -18.39 -18.06
C PHE D 281 -28.38 -19.36 -17.09
N LEU D 282 -29.71 -19.38 -17.11
CA LEU D 282 -30.44 -20.30 -16.26
C LEU D 282 -30.33 -21.64 -16.96
N GLN D 283 -29.35 -22.43 -16.55
CA GLN D 283 -29.09 -23.71 -17.17
C GLN D 283 -29.61 -24.94 -16.46
N ASP D 284 -29.69 -25.98 -17.27
CA ASP D 284 -30.12 -27.32 -16.92
C ASP D 284 -28.97 -27.99 -16.16
N GLU D 285 -29.19 -29.19 -15.65
CA GLU D 285 -28.16 -29.92 -14.92
C GLU D 285 -27.12 -30.39 -15.94
N GLU D 286 -27.55 -30.45 -17.20
CA GLU D 286 -26.70 -30.88 -18.29
C GLU D 286 -26.28 -29.77 -19.23
N GLY D 287 -26.28 -28.53 -18.74
CA GLY D 287 -25.85 -27.41 -19.55
C GLY D 287 -26.79 -27.03 -20.67
N GLN D 288 -28.07 -27.26 -20.45
CA GLN D 288 -29.07 -26.93 -21.46
C GLN D 288 -29.92 -25.78 -20.92
N ILE D 289 -30.47 -24.95 -21.79
CA ILE D 289 -31.28 -23.83 -21.32
C ILE D 289 -32.58 -24.28 -20.65
N LYS D 290 -32.86 -23.70 -19.48
CA LYS D 290 -34.09 -24.01 -18.72
C LYS D 290 -35.20 -23.05 -19.10
N PRO D 291 -36.46 -23.44 -18.83
CA PRO D 291 -37.60 -22.57 -19.15
C PRO D 291 -37.68 -21.47 -18.10
N THR D 292 -38.05 -20.28 -18.52
CA THR D 292 -38.13 -19.16 -17.59
C THR D 292 -39.54 -18.60 -17.53
N HIS D 293 -39.80 -17.79 -16.50
CA HIS D 293 -41.11 -17.19 -16.31
C HIS D 293 -41.04 -15.83 -15.63
N SER D 294 -42.05 -15.00 -15.92
CA SER D 294 -42.19 -13.69 -15.32
C SER D 294 -43.46 -13.08 -15.83
N ILE D 295 -44.16 -12.35 -14.97
CA ILE D 295 -45.39 -11.71 -15.37
C ILE D 295 -45.07 -10.59 -16.37
N ALA D 296 -43.85 -10.07 -16.29
CA ALA D 296 -43.40 -9.01 -17.19
C ALA D 296 -42.65 -9.65 -18.35
N PRO D 297 -43.24 -9.62 -19.55
CA PRO D 297 -42.63 -10.20 -20.76
C PRO D 297 -41.16 -9.85 -20.95
N GLY D 298 -40.86 -8.56 -20.92
CA GLY D 298 -39.49 -8.12 -21.13
C GLY D 298 -38.47 -8.67 -20.14
N LEU D 299 -38.94 -9.30 -19.08
CA LEU D 299 -38.02 -9.83 -18.08
C LEU D 299 -37.84 -11.34 -18.19
N ASP D 300 -38.65 -11.95 -19.06
CA ASP D 300 -38.66 -13.39 -19.29
C ASP D 300 -37.51 -13.85 -20.20
N TYR D 301 -36.29 -13.83 -19.70
CA TYR D 301 -35.14 -14.25 -20.52
C TYR D 301 -34.18 -15.05 -19.65
N PRO D 302 -33.74 -16.22 -20.14
CA PRO D 302 -32.83 -17.13 -19.46
C PRO D 302 -31.41 -16.63 -19.35
N GLY D 303 -31.11 -15.55 -20.06
CA GLY D 303 -29.75 -15.01 -20.01
C GLY D 303 -29.66 -13.59 -19.48
N VAL D 304 -28.53 -12.93 -19.72
CA VAL D 304 -28.31 -11.57 -19.28
C VAL D 304 -27.05 -11.02 -19.93
N GLY D 305 -26.99 -9.71 -20.13
CA GLY D 305 -25.84 -9.09 -20.76
C GLY D 305 -24.52 -9.40 -20.06
N PRO D 306 -23.44 -9.55 -20.84
CA PRO D 306 -22.10 -9.85 -20.32
C PRO D 306 -21.62 -8.77 -19.36
N GLU D 307 -21.94 -7.53 -19.69
CA GLU D 307 -21.50 -6.41 -18.87
C GLU D 307 -22.11 -6.44 -17.46
N HIS D 308 -23.28 -7.05 -17.31
CA HIS D 308 -23.89 -7.14 -15.99
C HIS D 308 -23.23 -8.26 -15.21
N ALA D 309 -22.85 -9.32 -15.92
CA ALA D 309 -22.16 -10.43 -15.30
C ALA D 309 -20.86 -9.86 -14.73
N TYR D 310 -20.22 -9.02 -15.54
CA TYR D 310 -18.97 -8.41 -15.13
C TYR D 310 -19.14 -7.51 -13.90
N LEU D 311 -20.18 -6.70 -13.90
CA LEU D 311 -20.42 -5.80 -12.78
C LEU D 311 -20.74 -6.57 -11.50
N LYS D 312 -21.44 -7.69 -11.65
CA LYS D 312 -21.78 -8.54 -10.53
C LYS D 312 -20.50 -9.14 -9.97
N LYS D 313 -19.67 -9.66 -10.87
CA LYS D 313 -18.39 -10.27 -10.52
C LYS D 313 -17.54 -9.33 -9.66
N ILE D 314 -17.14 -8.21 -10.23
CA ILE D 314 -16.32 -7.24 -9.50
C ILE D 314 -17.08 -6.54 -8.39
N GLN D 315 -18.34 -6.93 -8.22
CA GLN D 315 -19.20 -6.39 -7.17
C GLN D 315 -19.39 -4.88 -7.23
N ARG D 316 -19.47 -4.35 -8.43
CA ARG D 316 -19.67 -2.92 -8.64
C ARG D 316 -21.17 -2.63 -8.60
N ALA D 317 -21.95 -3.67 -8.85
CA ALA D 317 -23.39 -3.57 -8.86
C ALA D 317 -23.96 -4.76 -8.09
N GLU D 318 -25.08 -4.54 -7.41
CA GLU D 318 -25.73 -5.58 -6.64
C GLU D 318 -27.02 -5.96 -7.38
N TYR D 319 -27.28 -7.25 -7.54
CA TYR D 319 -28.50 -7.67 -8.23
C TYR D 319 -29.44 -8.41 -7.29
N VAL D 320 -30.72 -8.02 -7.33
CA VAL D 320 -31.73 -8.60 -6.47
C VAL D 320 -32.90 -9.12 -7.32
N THR D 321 -33.96 -9.58 -6.67
CA THR D 321 -35.13 -10.05 -7.40
C THR D 321 -36.40 -9.62 -6.69
N VAL D 322 -37.51 -9.61 -7.43
CA VAL D 322 -38.82 -9.22 -6.92
C VAL D 322 -39.83 -10.16 -7.54
N THR D 323 -40.85 -10.56 -6.78
CA THR D 323 -41.84 -11.50 -7.29
C THR D 323 -42.92 -10.86 -8.16
N ASP D 324 -43.68 -11.71 -8.86
CA ASP D 324 -44.72 -11.22 -9.72
C ASP D 324 -45.72 -10.46 -8.87
N GLU D 325 -45.96 -10.97 -7.67
CA GLU D 325 -46.91 -10.36 -6.77
C GLU D 325 -46.47 -8.98 -6.32
N GLU D 326 -45.18 -8.86 -6.01
CA GLU D 326 -44.64 -7.60 -5.56
C GLU D 326 -44.69 -6.55 -6.66
N ALA D 327 -44.23 -6.93 -7.85
CA ALA D 327 -44.21 -6.04 -9.00
C ALA D 327 -45.63 -5.59 -9.31
N LEU D 328 -46.55 -6.53 -9.21
CA LEU D 328 -47.94 -6.25 -9.48
C LEU D 328 -48.47 -5.22 -8.48
N LYS D 329 -48.02 -5.31 -7.23
CA LYS D 329 -48.45 -4.35 -6.21
C LYS D 329 -47.94 -2.95 -6.56
N ALA D 330 -46.64 -2.87 -6.86
CA ALA D 330 -46.02 -1.60 -7.25
C ALA D 330 -46.79 -1.02 -8.44
N PHE D 331 -47.18 -1.89 -9.38
CA PHE D 331 -47.94 -1.46 -10.55
C PHE D 331 -49.15 -0.62 -10.11
N HIS D 332 -49.97 -1.17 -9.21
CA HIS D 332 -51.14 -0.47 -8.72
C HIS D 332 -50.78 0.75 -7.90
N GLU D 333 -49.80 0.60 -7.02
CA GLU D 333 -49.39 1.69 -6.15
C GLU D 333 -48.95 2.94 -6.91
N LEU D 334 -48.02 2.78 -7.83
CA LEU D 334 -47.55 3.92 -8.61
C LEU D 334 -48.73 4.60 -9.32
N SER D 335 -49.63 3.78 -9.85
CA SER D 335 -50.80 4.29 -10.57
C SER D 335 -51.70 5.17 -9.70
N ARG D 336 -52.08 4.66 -8.53
CA ARG D 336 -52.93 5.37 -7.59
C ARG D 336 -52.25 6.55 -6.91
N THR D 337 -51.00 6.36 -6.53
CA THR D 337 -50.24 7.38 -5.82
C THR D 337 -49.62 8.51 -6.63
N GLU D 338 -49.03 8.20 -7.79
CA GLU D 338 -48.40 9.25 -8.59
C GLU D 338 -49.08 9.49 -9.93
N GLY D 339 -50.12 8.72 -10.22
CA GLY D 339 -50.83 8.90 -11.48
C GLY D 339 -50.00 8.51 -12.69
N ILE D 340 -49.15 7.51 -12.53
CA ILE D 340 -48.28 7.00 -13.60
C ILE D 340 -48.41 5.47 -13.66
N ILE D 341 -48.92 4.95 -14.76
CA ILE D 341 -49.08 3.51 -14.92
C ILE D 341 -47.80 2.99 -15.56
N PRO D 342 -47.00 2.25 -14.79
CA PRO D 342 -45.73 1.72 -15.29
C PRO D 342 -45.85 0.39 -16.01
N ALA D 343 -44.81 0.03 -16.76
CA ALA D 343 -44.78 -1.23 -17.47
C ALA D 343 -44.46 -2.27 -16.39
N LEU D 344 -44.88 -3.50 -16.57
CA LEU D 344 -44.61 -4.52 -15.56
C LEU D 344 -43.12 -4.71 -15.33
N GLU D 345 -42.33 -4.51 -16.37
CA GLU D 345 -40.89 -4.66 -16.22
C GLU D 345 -40.42 -3.62 -15.23
N SER D 346 -40.82 -2.37 -15.48
CA SER D 346 -40.45 -1.24 -14.63
C SER D 346 -40.96 -1.39 -13.19
N ALA D 347 -42.19 -1.91 -13.07
CA ALA D 347 -42.81 -2.12 -11.78
C ALA D 347 -41.92 -2.93 -10.83
N HIS D 348 -41.04 -3.76 -11.40
CA HIS D 348 -40.14 -4.54 -10.56
C HIS D 348 -39.15 -3.62 -9.85
N ALA D 349 -38.61 -2.66 -10.60
CA ALA D 349 -37.67 -1.72 -10.03
C ALA D 349 -38.39 -0.84 -9.03
N VAL D 350 -39.59 -0.38 -9.38
CA VAL D 350 -40.37 0.45 -8.47
C VAL D 350 -40.60 -0.31 -7.17
N ALA D 351 -41.00 -1.57 -7.28
CA ALA D 351 -41.25 -2.38 -6.12
C ALA D 351 -40.03 -2.48 -5.20
N TYR D 352 -38.90 -2.91 -5.74
CA TYR D 352 -37.74 -3.01 -4.90
C TYR D 352 -37.33 -1.67 -4.30
N ALA D 353 -37.31 -0.64 -5.14
CA ALA D 353 -36.93 0.67 -4.66
C ALA D 353 -37.80 1.08 -3.48
N MET D 354 -39.07 0.68 -3.51
CA MET D 354 -39.98 1.03 -2.42
C MET D 354 -39.58 0.42 -1.09
N LYS D 355 -39.24 -0.85 -1.09
CA LYS D 355 -38.87 -1.49 0.17
C LYS D 355 -37.47 -1.06 0.59
N LEU D 356 -36.63 -0.77 -0.39
CA LEU D 356 -35.27 -0.33 -0.11
C LEU D 356 -35.28 1.09 0.49
N ALA D 357 -36.20 1.91 0.00
CA ALA D 357 -36.33 3.29 0.48
C ALA D 357 -36.73 3.33 1.93
N LYS D 358 -37.56 2.38 2.36
CA LYS D 358 -38.01 2.33 3.73
C LYS D 358 -36.90 2.15 4.73
N GLU D 359 -35.80 1.54 4.29
CA GLU D 359 -34.69 1.29 5.19
C GLU D 359 -33.62 2.35 5.14
N MET D 360 -33.96 3.51 4.59
CA MET D 360 -32.99 4.60 4.47
C MET D 360 -33.51 5.87 5.13
N SER D 361 -32.63 6.86 5.34
CA SER D 361 -33.02 8.11 5.98
C SER D 361 -33.66 9.11 5.03
N ARG D 362 -34.56 9.92 5.60
CA ARG D 362 -35.30 10.89 4.84
C ARG D 362 -34.47 11.84 3.98
N ASP D 363 -33.15 11.85 4.18
CA ASP D 363 -32.31 12.75 3.40
C ASP D 363 -31.53 12.06 2.28
N GLU D 364 -31.76 10.76 2.11
CA GLU D 364 -31.07 9.99 1.07
C GLU D 364 -31.82 10.04 -0.26
N ILE D 365 -31.11 9.69 -1.33
CA ILE D 365 -31.69 9.76 -2.66
C ILE D 365 -31.66 8.51 -3.52
N ILE D 366 -32.81 8.13 -4.05
CA ILE D 366 -32.92 6.96 -4.91
C ILE D 366 -33.50 7.39 -6.25
N ILE D 367 -32.88 6.92 -7.32
CA ILE D 367 -33.38 7.21 -8.67
C ILE D 367 -33.78 5.87 -9.27
N VAL D 368 -35.04 5.75 -9.68
CA VAL D 368 -35.53 4.53 -10.29
C VAL D 368 -35.74 4.77 -11.78
N ASN D 369 -35.32 3.82 -12.60
CA ASN D 369 -35.46 3.97 -14.03
C ASN D 369 -36.82 3.42 -14.48
N LEU D 370 -37.77 4.31 -14.77
CA LEU D 370 -39.07 3.86 -15.23
C LEU D 370 -38.95 3.63 -16.74
N SER D 371 -38.47 2.45 -17.11
CA SER D 371 -38.24 2.08 -18.51
C SER D 371 -39.39 2.16 -19.51
N GLY D 372 -40.63 2.12 -19.06
CA GLY D 372 -41.73 2.21 -20.01
C GLY D 372 -43.10 2.36 -19.39
N ARG D 373 -44.08 2.74 -20.20
CA ARG D 373 -45.44 2.91 -19.70
C ARG D 373 -46.15 1.57 -19.72
N GLY D 374 -47.13 1.42 -18.85
CA GLY D 374 -47.83 0.15 -18.75
C GLY D 374 -49.07 -0.06 -19.59
N ASP D 375 -49.33 0.82 -20.54
CA ASP D 375 -50.52 0.67 -21.39
C ASP D 375 -50.52 -0.74 -21.97
N LYS D 376 -49.35 -1.19 -22.40
CA LYS D 376 -49.19 -2.52 -22.99
C LYS D 376 -49.58 -3.68 -22.08
N ASP D 377 -49.54 -3.46 -20.77
CA ASP D 377 -49.83 -4.54 -19.85
C ASP D 377 -51.22 -4.56 -19.22
N LEU D 378 -52.10 -3.67 -19.65
CA LEU D 378 -53.43 -3.63 -19.07
C LEU D 378 -54.12 -4.98 -19.13
N ASP D 379 -54.08 -5.65 -20.28
CA ASP D 379 -54.72 -6.95 -20.37
C ASP D 379 -54.13 -7.94 -19.39
N ILE D 380 -52.81 -8.05 -19.36
CA ILE D 380 -52.14 -8.96 -18.43
C ILE D 380 -52.71 -8.72 -17.02
N VAL D 381 -52.59 -7.49 -16.54
CA VAL D 381 -53.05 -7.13 -15.22
C VAL D 381 -54.55 -7.34 -15.03
N LEU D 382 -55.34 -6.70 -15.89
CA LEU D 382 -56.80 -6.79 -15.84
C LEU D 382 -57.24 -8.24 -15.68
N LYS D 383 -56.50 -9.16 -16.27
CA LYS D 383 -56.84 -10.56 -16.18
C LYS D 383 -56.61 -11.06 -14.76
N VAL D 384 -55.36 -11.17 -14.34
CA VAL D 384 -55.04 -11.66 -13.00
C VAL D 384 -55.77 -10.94 -11.87
N SER D 385 -55.64 -9.63 -11.79
CA SER D 385 -56.27 -8.88 -10.72
C SER D 385 -57.76 -8.66 -10.96
N MET E 1 -15.51 14.93 7.90
CA MET E 1 -15.92 14.03 8.99
C MET E 1 -17.44 13.77 8.98
N PHE E 2 -18.07 14.09 7.85
CA PHE E 2 -19.50 13.87 7.64
C PHE E 2 -19.65 13.56 6.15
N LYS E 3 -20.70 12.81 5.79
CA LYS E 3 -20.92 12.44 4.39
C LYS E 3 -21.16 13.67 3.50
N ASP E 4 -20.68 13.64 2.26
CA ASP E 4 -20.90 14.79 1.40
C ASP E 4 -22.39 15.02 1.17
N GLY E 5 -22.76 16.26 0.91
CA GLY E 5 -24.16 16.57 0.68
C GLY E 5 -24.98 16.55 1.95
N SER E 6 -24.31 16.41 3.10
CA SER E 6 -25.01 16.37 4.38
C SER E 6 -25.51 17.73 4.85
N LEU E 7 -26.64 17.70 5.55
CA LEU E 7 -27.21 18.91 6.10
C LEU E 7 -26.79 18.91 7.57
N ILE E 8 -26.19 20.00 8.03
CA ILE E 8 -25.71 20.08 9.40
C ILE E 8 -26.44 21.10 10.27
N PRO E 9 -27.29 20.62 11.19
CA PRO E 9 -28.05 21.49 12.07
C PRO E 9 -27.22 22.04 13.21
N TYR E 10 -27.59 23.22 13.67
CA TYR E 10 -26.92 23.87 14.80
C TYR E 10 -27.93 24.22 15.87
N LEU E 11 -27.61 23.87 17.11
CA LEU E 11 -28.47 24.18 18.24
C LEU E 11 -27.62 24.61 19.42
N THR E 12 -28.17 25.52 20.23
CA THR E 12 -27.49 26.01 21.41
C THR E 12 -27.93 25.16 22.60
N ALA E 13 -26.99 24.43 23.19
CA ALA E 13 -27.29 23.58 24.33
C ALA E 13 -27.96 24.34 25.47
N GLY E 14 -29.08 23.82 25.96
CA GLY E 14 -29.76 24.46 27.07
C GLY E 14 -30.80 25.48 26.66
N ASP E 15 -31.17 25.50 25.38
CA ASP E 15 -32.17 26.45 24.89
C ASP E 15 -33.40 25.70 24.41
N PRO E 16 -34.50 25.73 25.19
CA PRO E 16 -34.69 26.40 26.49
C PRO E 16 -34.19 25.65 27.73
N ASP E 17 -33.93 24.36 27.60
CA ASP E 17 -33.42 23.56 28.74
C ASP E 17 -32.66 22.34 28.24
N LYS E 18 -31.83 21.75 29.11
CA LYS E 18 -31.03 20.61 28.67
C LYS E 18 -31.84 19.47 28.08
N GLN E 19 -33.02 19.23 28.63
CA GLN E 19 -33.87 18.16 28.12
C GLN E 19 -34.33 18.45 26.69
N SER E 20 -34.93 19.63 26.50
CA SER E 20 -35.42 20.04 25.19
C SER E 20 -34.37 19.95 24.11
N THR E 21 -33.11 20.26 24.43
CA THR E 21 -32.05 20.19 23.45
C THR E 21 -31.87 18.75 23.00
N LEU E 22 -31.85 17.82 23.96
CA LEU E 22 -31.69 16.40 23.64
C LEU E 22 -32.84 15.97 22.73
N ASN E 23 -34.04 16.45 23.04
CA ASN E 23 -35.22 16.12 22.24
C ASN E 23 -35.07 16.60 20.81
N PHE E 24 -34.70 17.86 20.64
CA PHE E 24 -34.52 18.43 19.30
C PHE E 24 -33.47 17.65 18.51
N LEU E 25 -32.39 17.26 19.18
CA LEU E 25 -31.33 16.49 18.54
C LEU E 25 -31.85 15.18 18.01
N LEU E 26 -32.55 14.45 18.86
CA LEU E 26 -33.10 13.17 18.48
C LEU E 26 -34.09 13.29 17.33
N ALA E 27 -34.90 14.35 17.35
CA ALA E 27 -35.90 14.58 16.31
C ALA E 27 -35.33 14.96 14.94
N LEU E 28 -34.18 15.61 14.94
CA LEU E 28 -33.56 16.03 13.69
C LEU E 28 -32.52 15.04 13.21
N ASP E 29 -32.01 14.22 14.13
CA ASP E 29 -30.99 13.25 13.82
C ASP E 29 -31.08 12.58 12.45
N GLU E 30 -32.26 12.06 12.13
CA GLU E 30 -32.48 11.37 10.85
C GLU E 30 -32.24 12.19 9.59
N TYR E 31 -32.33 13.51 9.68
CA TYR E 31 -32.11 14.35 8.52
C TYR E 31 -30.70 14.92 8.46
N ALA E 32 -29.96 14.80 9.55
CA ALA E 32 -28.61 15.35 9.63
C ALA E 32 -27.49 14.38 9.36
N GLY E 33 -26.40 14.91 8.78
CA GLY E 33 -25.23 14.12 8.51
C GLY E 33 -24.19 14.38 9.59
N ALA E 34 -24.47 15.40 10.39
CA ALA E 34 -23.61 15.82 11.51
C ALA E 34 -24.34 16.93 12.24
N ILE E 35 -24.05 17.09 13.52
CA ILE E 35 -24.70 18.14 14.33
C ILE E 35 -23.73 19.04 15.09
N GLU E 36 -23.99 20.34 15.06
CA GLU E 36 -23.16 21.31 15.78
C GLU E 36 -23.90 21.72 17.07
N LEU E 37 -23.26 21.51 18.22
CA LEU E 37 -23.87 21.87 19.49
C LEU E 37 -23.10 23.03 20.13
N GLY E 38 -23.78 24.13 20.39
CA GLY E 38 -23.12 25.29 20.96
C GLY E 38 -23.24 25.42 22.48
N ILE E 39 -22.12 25.74 23.12
CA ILE E 39 -22.08 25.93 24.57
C ILE E 39 -22.30 27.41 24.90
N PRO E 40 -23.39 27.74 25.60
CA PRO E 40 -23.74 29.12 25.99
C PRO E 40 -22.62 29.93 26.62
N PHE E 41 -22.41 31.14 26.11
CA PHE E 41 -21.40 32.04 26.62
C PHE E 41 -22.03 33.37 26.93
N SER E 42 -21.55 34.04 27.98
CA SER E 42 -22.12 35.33 28.37
C SER E 42 -21.81 36.44 27.38
N ASP E 43 -20.67 36.33 26.70
CA ASP E 43 -20.28 37.35 25.74
C ASP E 43 -19.88 36.87 24.36
N PRO E 44 -20.87 36.47 23.54
CA PRO E 44 -20.58 36.00 22.19
C PRO E 44 -20.08 37.22 21.40
N ILE E 45 -19.20 37.02 20.43
CA ILE E 45 -18.70 38.15 19.66
C ILE E 45 -19.15 38.08 18.21
N ALA E 46 -19.90 39.09 17.81
CA ALA E 46 -20.43 39.17 16.45
C ALA E 46 -20.91 37.79 16.03
N ASP E 47 -21.71 37.16 16.90
CA ASP E 47 -22.23 35.83 16.64
C ASP E 47 -23.53 35.83 15.86
N GLY E 48 -24.12 37.02 15.67
CA GLY E 48 -25.38 37.08 14.93
C GLY E 48 -26.55 37.06 15.88
N LYS E 49 -27.40 38.08 15.78
CA LYS E 49 -28.55 38.23 16.65
C LYS E 49 -29.37 36.99 17.04
N THR E 50 -29.81 36.20 16.07
CA THR E 50 -30.61 35.03 16.38
C THR E 50 -29.87 34.06 17.32
N ILE E 51 -28.63 33.75 16.98
CA ILE E 51 -27.84 32.85 17.81
C ILE E 51 -27.46 33.51 19.12
N GLN E 52 -27.07 34.77 19.02
CA GLN E 52 -26.68 35.57 20.18
C GLN E 52 -27.76 35.51 21.25
N GLU E 53 -29.02 35.64 20.82
CA GLU E 53 -30.14 35.60 21.75
C GLU E 53 -30.33 34.24 22.41
N SER E 54 -30.05 33.16 21.67
CA SER E 54 -30.20 31.83 22.23
C SER E 54 -29.25 31.64 23.41
N HIS E 55 -28.06 32.24 23.30
CA HIS E 55 -27.06 32.15 24.38
C HIS E 55 -27.63 32.75 25.67
N TYR E 56 -28.24 33.92 25.55
CA TYR E 56 -28.81 34.58 26.69
C TYR E 56 -29.91 33.71 27.29
N ARG E 57 -30.80 33.21 26.45
CA ARG E 57 -31.89 32.35 26.92
C ARG E 57 -31.32 31.19 27.75
N ALA E 58 -30.42 30.44 27.15
CA ALA E 58 -29.81 29.29 27.81
C ALA E 58 -29.26 29.63 29.19
N LEU E 59 -28.48 30.71 29.27
CA LEU E 59 -27.87 31.11 30.53
C LEU E 59 -28.90 31.65 31.54
N LYS E 60 -29.94 32.30 31.03
CA LYS E 60 -30.98 32.85 31.91
C LYS E 60 -31.67 31.71 32.64
N ASN E 61 -31.81 30.58 31.97
CA ASN E 61 -32.46 29.42 32.55
C ASN E 61 -31.48 28.59 33.35
N GLY E 62 -30.35 29.20 33.70
CA GLY E 62 -29.34 28.53 34.49
C GLY E 62 -28.56 27.37 33.89
N PHE E 63 -28.11 27.51 32.65
CA PHE E 63 -27.34 26.44 32.03
C PHE E 63 -25.99 26.29 32.71
N LYS E 64 -25.43 25.07 32.65
CA LYS E 64 -24.14 24.78 33.27
C LYS E 64 -23.34 23.83 32.38
N LEU E 65 -22.06 24.11 32.23
CA LEU E 65 -21.18 23.32 31.37
C LEU E 65 -21.39 21.82 31.35
N ARG E 66 -21.48 21.19 32.51
CA ARG E 66 -21.66 19.74 32.50
C ARG E 66 -22.93 19.35 31.73
N GLU E 67 -24.00 20.15 31.84
CA GLU E 67 -25.26 19.85 31.15
C GLU E 67 -25.05 19.68 29.65
N ALA E 68 -24.01 20.33 29.12
CA ALA E 68 -23.71 20.21 27.70
C ALA E 68 -23.25 18.80 27.43
N PHE E 69 -22.24 18.35 28.19
CA PHE E 69 -21.68 17.01 28.05
C PHE E 69 -22.74 15.95 28.26
N TRP E 70 -23.66 16.23 29.18
CA TRP E 70 -24.76 15.32 29.49
C TRP E 70 -25.60 15.10 28.23
N ILE E 71 -25.98 16.18 27.56
CA ILE E 71 -26.78 16.11 26.35
C ILE E 71 -26.08 15.25 25.30
N VAL E 72 -24.79 15.49 25.12
CA VAL E 72 -24.03 14.73 24.14
C VAL E 72 -23.98 13.25 24.51
N LYS E 73 -23.67 12.97 25.78
CA LYS E 73 -23.59 11.58 26.25
C LYS E 73 -24.94 10.87 26.11
N GLU E 74 -26.01 11.54 26.52
CA GLU E 74 -27.34 10.96 26.43
C GLU E 74 -27.70 10.69 24.98
N PHE E 75 -27.39 11.64 24.10
CA PHE E 75 -27.67 11.50 22.67
C PHE E 75 -26.93 10.30 22.11
N ARG E 76 -25.74 10.05 22.64
CA ARG E 76 -24.92 8.92 22.19
C ARG E 76 -25.58 7.57 22.44
N ARG E 77 -26.50 7.52 23.39
CA ARG E 77 -27.21 6.27 23.71
C ARG E 77 -28.12 5.85 22.55
N HIS E 78 -28.44 6.78 21.67
CA HIS E 78 -29.33 6.47 20.56
C HIS E 78 -28.68 6.59 19.20
N SER E 79 -27.87 7.63 19.03
CA SER E 79 -27.22 7.87 17.74
C SER E 79 -25.70 7.89 17.81
N SER E 80 -25.11 7.86 16.62
CA SER E 80 -23.67 7.90 16.46
C SER E 80 -23.31 9.07 15.53
N THR E 81 -24.33 9.81 15.09
CA THR E 81 -24.13 10.96 14.21
C THR E 81 -23.04 11.86 14.78
N PRO E 82 -22.07 12.28 13.94
CA PRO E 82 -20.98 13.14 14.40
C PRO E 82 -21.48 14.38 15.14
N ILE E 83 -20.87 14.67 16.29
CA ILE E 83 -21.24 15.83 17.09
C ILE E 83 -20.05 16.78 17.18
N VAL E 84 -20.23 18.01 16.71
CA VAL E 84 -19.16 19.00 16.80
C VAL E 84 -19.54 20.03 17.84
N LEU E 85 -18.71 20.13 18.87
CA LEU E 85 -18.94 21.05 19.97
C LEU E 85 -18.40 22.43 19.61
N MET E 86 -19.22 23.46 19.80
CA MET E 86 -18.79 24.80 19.48
C MET E 86 -18.86 25.67 20.72
N THR E 87 -17.70 26.15 21.14
CA THR E 87 -17.59 26.96 22.35
C THR E 87 -16.52 28.03 22.27
N TYR E 88 -16.58 28.99 23.19
CA TYR E 88 -15.58 30.03 23.25
C TYR E 88 -14.45 29.47 24.11
N TYR E 89 -13.27 30.08 24.01
CA TYR E 89 -12.10 29.60 24.72
C TYR E 89 -12.13 29.63 26.24
N ASN E 90 -12.78 30.63 26.83
CA ASN E 90 -12.82 30.74 28.29
C ASN E 90 -13.14 29.46 29.08
N PRO E 91 -14.23 28.76 28.72
CA PRO E 91 -14.56 27.54 29.44
C PRO E 91 -13.47 26.49 29.39
N ILE E 92 -12.90 26.27 28.21
CA ILE E 92 -11.86 25.27 28.09
C ILE E 92 -10.56 25.74 28.75
N TYR E 93 -10.33 27.06 28.75
CA TYR E 93 -9.13 27.64 29.37
C TYR E 93 -9.25 27.50 30.88
N ARG E 94 -10.42 27.87 31.37
CA ARG E 94 -10.74 27.82 32.79
C ARG E 94 -10.66 26.41 33.35
N ALA E 95 -10.80 25.41 32.48
CA ALA E 95 -10.79 24.03 32.92
C ALA E 95 -9.53 23.25 32.56
N GLY E 96 -8.74 23.76 31.63
CA GLY E 96 -7.54 23.07 31.23
C GLY E 96 -7.77 22.44 29.87
N VAL E 97 -6.99 22.85 28.88
CA VAL E 97 -7.15 22.34 27.51
C VAL E 97 -7.35 20.83 27.47
N ARG E 98 -6.33 20.09 27.91
CA ARG E 98 -6.40 18.64 27.90
C ARG E 98 -7.60 18.13 28.72
N ASN E 99 -7.82 18.69 29.91
CA ASN E 99 -8.96 18.25 30.73
C ASN E 99 -10.29 18.39 30.00
N PHE E 100 -10.50 19.54 29.35
CA PHE E 100 -11.73 19.79 28.62
C PHE E 100 -11.86 18.82 27.45
N LEU E 101 -10.83 18.77 26.60
CA LEU E 101 -10.83 17.88 25.45
C LEU E 101 -11.08 16.43 25.84
N ALA E 102 -10.57 16.04 27.00
CA ALA E 102 -10.74 14.69 27.50
C ALA E 102 -12.20 14.42 27.81
N GLU E 103 -12.79 15.26 28.64
CA GLU E 103 -14.19 15.12 29.02
C GLU E 103 -15.07 15.14 27.79
N ALA E 104 -14.69 15.94 26.80
CA ALA E 104 -15.46 16.06 25.56
C ALA E 104 -15.46 14.73 24.81
N LYS E 105 -14.26 14.17 24.63
CA LYS E 105 -14.09 12.90 23.95
C LYS E 105 -14.90 11.82 24.65
N ALA E 106 -14.80 11.79 25.96
CA ALA E 106 -15.51 10.83 26.79
C ALA E 106 -17.02 10.96 26.70
N SER E 107 -17.51 12.17 26.43
CA SER E 107 -18.96 12.38 26.33
C SER E 107 -19.51 11.95 24.99
N GLY E 108 -18.61 11.67 24.05
CA GLY E 108 -19.04 11.25 22.73
C GLY E 108 -18.93 12.35 21.69
N VAL E 109 -18.10 13.35 21.96
CA VAL E 109 -17.90 14.46 21.04
C VAL E 109 -16.84 14.06 20.03
N ASP E 110 -17.08 14.38 18.76
CA ASP E 110 -16.17 14.04 17.67
C ASP E 110 -15.26 15.18 17.28
N GLY E 111 -15.83 16.38 17.17
CA GLY E 111 -15.04 17.54 16.80
C GLY E 111 -15.34 18.76 17.64
N ILE E 112 -14.43 19.72 17.62
CA ILE E 112 -14.61 20.94 18.39
C ILE E 112 -14.13 22.17 17.60
N LEU E 113 -14.81 23.29 17.84
CA LEU E 113 -14.47 24.58 17.21
C LEU E 113 -14.42 25.64 18.29
N VAL E 114 -13.24 26.22 18.51
CA VAL E 114 -13.10 27.26 19.52
C VAL E 114 -13.23 28.58 18.76
N VAL E 115 -14.41 29.17 18.88
CA VAL E 115 -14.80 30.41 18.21
C VAL E 115 -13.85 31.60 18.28
N ASP E 116 -13.32 31.87 19.47
CA ASP E 116 -12.44 33.02 19.65
C ASP E 116 -10.96 32.69 19.89
N LEU E 117 -10.47 31.63 19.25
CA LEU E 117 -9.07 31.25 19.39
C LEU E 117 -8.44 31.27 17.99
N PRO E 118 -7.70 32.33 17.64
CA PRO E 118 -7.03 32.51 16.35
C PRO E 118 -6.23 31.29 15.91
N VAL E 119 -6.11 31.09 14.61
CA VAL E 119 -5.38 29.94 14.08
C VAL E 119 -3.93 29.96 14.56
N PHE E 120 -3.29 31.11 14.42
CA PHE E 120 -1.91 31.26 14.83
C PHE E 120 -1.69 31.17 16.34
N HIS E 121 -2.76 30.98 17.09
CA HIS E 121 -2.66 30.86 18.54
C HIS E 121 -3.14 29.47 19.01
N ALA E 122 -3.57 28.64 18.08
CA ALA E 122 -4.08 27.32 18.44
C ALA E 122 -3.13 26.18 18.19
N LYS E 123 -1.83 26.47 18.12
CA LYS E 123 -0.84 25.43 17.87
C LYS E 123 -0.93 24.36 18.95
N GLU E 124 -0.80 24.75 20.20
CA GLU E 124 -0.86 23.79 21.29
C GLU E 124 -2.22 23.12 21.39
N PHE E 125 -3.28 23.85 21.09
CA PHE E 125 -4.62 23.27 21.17
C PHE E 125 -4.80 22.13 20.18
N THR E 126 -4.53 22.39 18.90
CA THR E 126 -4.66 21.34 17.90
C THR E 126 -3.82 20.12 18.26
N GLU E 127 -2.70 20.36 18.94
CA GLU E 127 -1.79 19.31 19.36
C GLU E 127 -2.40 18.39 20.42
N ILE E 128 -2.94 18.99 21.47
CA ILE E 128 -3.58 18.22 22.54
C ILE E 128 -4.86 17.58 22.02
N ALA E 129 -5.52 18.28 21.10
CA ALA E 129 -6.76 17.77 20.52
C ALA E 129 -6.51 16.43 19.83
N ARG E 130 -5.42 16.34 19.07
CA ARG E 130 -5.06 15.11 18.38
C ARG E 130 -4.85 14.00 19.42
N GLU E 131 -4.01 14.29 20.40
CA GLU E 131 -3.70 13.35 21.46
C GLU E 131 -4.90 12.93 22.29
N GLU E 132 -5.97 13.71 22.25
CA GLU E 132 -7.16 13.36 23.01
C GLU E 132 -8.24 12.74 22.12
N GLY E 133 -7.92 12.61 20.84
CA GLY E 133 -8.86 12.02 19.90
C GLY E 133 -10.04 12.91 19.55
N ILE E 134 -9.79 14.21 19.39
CA ILE E 134 -10.83 15.16 19.03
C ILE E 134 -10.42 15.83 17.74
N LYS E 135 -11.33 15.89 16.76
CA LYS E 135 -11.02 16.52 15.49
C LYS E 135 -11.18 18.04 15.64
N THR E 136 -10.33 18.79 14.95
CA THR E 136 -10.38 20.24 15.03
C THR E 136 -11.18 20.86 13.90
N VAL E 137 -11.94 21.90 14.24
CA VAL E 137 -12.74 22.63 13.25
C VAL E 137 -12.38 24.12 13.37
N PHE E 138 -11.88 24.70 12.29
CA PHE E 138 -11.53 26.12 12.27
C PHE E 138 -12.38 26.81 11.21
N LEU E 139 -12.69 28.08 11.41
CA LEU E 139 -13.48 28.76 10.41
C LEU E 139 -12.73 29.82 9.62
N ALA E 140 -13.28 30.14 8.45
CA ALA E 140 -12.71 31.14 7.55
C ALA E 140 -13.85 32.04 7.06
N ALA E 141 -13.55 33.31 6.80
CA ALA E 141 -14.53 34.28 6.34
C ALA E 141 -14.11 34.87 5.00
N PRO E 142 -15.03 35.58 4.32
CA PRO E 142 -14.70 36.18 3.03
C PRO E 142 -13.43 37.03 3.08
N ASN E 143 -13.24 37.78 4.16
CA ASN E 143 -12.06 38.62 4.28
C ASN E 143 -10.79 37.86 4.65
N THR E 144 -10.86 36.54 4.72
CA THR E 144 -9.70 35.72 5.05
C THR E 144 -8.83 35.55 3.80
N PRO E 145 -7.56 35.99 3.87
CA PRO E 145 -6.64 35.88 2.72
C PRO E 145 -6.34 34.42 2.35
N ASP E 146 -6.04 34.16 1.08
CA ASP E 146 -5.74 32.81 0.64
C ASP E 146 -4.58 32.26 1.46
N GLU E 147 -3.76 33.16 1.97
CA GLU E 147 -2.62 32.76 2.77
C GLU E 147 -3.07 32.05 4.05
N ARG E 148 -3.88 32.74 4.87
CA ARG E 148 -4.37 32.15 6.11
C ARG E 148 -5.25 30.95 5.82
N LEU E 149 -6.01 31.02 4.73
CA LEU E 149 -6.90 29.94 4.34
C LEU E 149 -6.13 28.63 4.35
N LYS E 150 -4.95 28.63 3.71
CA LYS E 150 -4.11 27.43 3.65
C LYS E 150 -3.76 26.98 5.06
N VAL E 151 -3.26 27.90 5.87
CA VAL E 151 -2.88 27.59 7.24
C VAL E 151 -4.04 27.01 8.05
N ILE E 152 -5.23 27.54 7.81
CA ILE E 152 -6.43 27.07 8.49
C ILE E 152 -6.69 25.62 8.07
N ASP E 153 -6.59 25.36 6.77
CA ASP E 153 -6.80 24.03 6.22
C ASP E 153 -5.76 23.06 6.80
N ASP E 154 -4.51 23.51 6.85
CA ASP E 154 -3.41 22.70 7.35
C ASP E 154 -3.55 22.31 8.80
N MET E 155 -4.39 23.00 9.56
CA MET E 155 -4.59 22.66 10.96
C MET E 155 -5.92 21.99 11.25
N THR E 156 -6.79 21.97 10.24
CA THR E 156 -8.11 21.37 10.37
C THR E 156 -8.07 19.86 10.14
N THR E 157 -8.64 19.11 11.09
CA THR E 157 -8.68 17.65 10.97
C THR E 157 -10.13 17.20 10.90
N GLY E 158 -11.04 18.16 10.98
CA GLY E 158 -12.47 17.85 10.91
C GLY E 158 -13.03 18.39 9.61
N PHE E 159 -13.08 19.72 9.50
CA PHE E 159 -13.56 20.37 8.29
C PHE E 159 -13.50 21.87 8.49
N VAL E 160 -13.23 22.59 7.39
CA VAL E 160 -13.16 24.04 7.44
C VAL E 160 -14.58 24.58 7.41
N TYR E 161 -14.86 25.51 8.31
CA TYR E 161 -16.20 26.10 8.43
C TYR E 161 -16.24 27.50 7.80
N LEU E 162 -16.92 27.62 6.66
CA LEU E 162 -17.02 28.90 5.97
C LEU E 162 -18.24 29.68 6.42
N VAL E 163 -18.07 30.96 6.75
CA VAL E 163 -19.15 31.84 7.20
C VAL E 163 -19.13 33.15 6.41
N SER E 164 -20.29 33.79 6.26
CA SER E 164 -20.37 35.05 5.50
C SER E 164 -20.29 36.31 6.34
N LEU E 165 -19.79 37.39 5.73
CA LEU E 165 -19.63 38.68 6.40
C LEU E 165 -20.86 39.20 7.14
N TYR E 166 -22.04 38.75 6.73
CA TYR E 166 -23.29 39.18 7.36
C TYR E 166 -24.25 38.02 7.42
N GLY E 167 -24.55 37.46 6.25
CA GLY E 167 -25.44 36.32 6.19
C GLY E 167 -26.32 36.38 4.96
N THR E 168 -27.41 37.12 5.08
CA THR E 168 -28.36 37.28 4.00
C THR E 168 -28.40 38.75 3.57
N THR E 169 -28.36 39.02 2.26
CA THR E 169 -28.40 40.39 1.76
C THR E 169 -29.72 41.12 2.05
N GLY E 170 -30.69 40.44 2.67
CA GLY E 170 -31.95 41.09 2.96
C GLY E 170 -33.02 40.62 1.99
N ALA E 171 -33.03 41.19 0.78
CA ALA E 171 -34.01 40.86 -0.25
C ALA E 171 -34.71 39.57 -0.03
N ARG E 172 -34.10 38.45 -0.42
CA ARG E 172 -34.76 37.16 -0.25
C ARG E 172 -33.73 36.27 0.31
N GLU E 173 -33.05 36.81 1.32
CA GLU E 173 -32.00 36.07 1.94
C GLU E 173 -31.12 35.45 0.88
N GLU E 174 -30.90 36.21 -0.19
CA GLU E 174 -30.04 35.75 -1.27
C GLU E 174 -28.60 35.70 -0.77
N ILE E 175 -27.97 34.53 -0.88
CA ILE E 175 -26.59 34.35 -0.45
C ILE E 175 -25.68 35.39 -1.13
N PRO E 176 -24.97 36.18 -0.33
CA PRO E 176 -24.06 37.21 -0.84
C PRO E 176 -23.12 36.68 -1.91
N LYS E 177 -22.83 37.49 -2.91
CA LYS E 177 -21.91 37.08 -3.96
C LYS E 177 -20.57 36.82 -3.29
N THR E 178 -20.28 37.61 -2.26
CA THR E 178 -19.04 37.50 -1.50
C THR E 178 -18.88 36.13 -0.84
N ALA E 179 -19.99 35.54 -0.40
CA ALA E 179 -19.96 34.23 0.25
C ALA E 179 -19.62 33.11 -0.74
N TYR E 180 -20.16 33.19 -1.95
CA TYR E 180 -19.88 32.17 -2.96
C TYR E 180 -18.42 32.21 -3.34
N ASP E 181 -17.86 33.41 -3.41
CA ASP E 181 -16.45 33.57 -3.75
C ASP E 181 -15.57 32.89 -2.72
N LEU E 182 -15.96 32.96 -1.45
CA LEU E 182 -15.21 32.33 -0.38
C LEU E 182 -15.22 30.83 -0.65
N LEU E 183 -16.41 30.28 -0.89
CA LEU E 183 -16.56 28.85 -1.16
C LEU E 183 -15.72 28.42 -2.37
N ARG E 184 -15.77 29.20 -3.44
CA ARG E 184 -15.01 28.90 -4.65
C ARG E 184 -13.53 28.73 -4.32
N ARG E 185 -12.96 29.74 -3.67
CA ARG E 185 -11.56 29.72 -3.28
C ARG E 185 -11.27 28.56 -2.35
N ALA E 186 -12.14 28.37 -1.36
CA ALA E 186 -11.97 27.30 -0.38
C ALA E 186 -11.82 25.95 -1.05
N LYS E 187 -12.78 25.56 -1.90
CA LYS E 187 -12.72 24.27 -2.58
C LYS E 187 -11.44 24.17 -3.39
N ARG E 188 -11.07 25.28 -4.01
CA ARG E 188 -9.88 25.37 -4.84
C ARG E 188 -8.57 25.35 -4.05
N ILE E 189 -8.66 25.47 -2.72
CA ILE E 189 -7.47 25.50 -1.88
C ILE E 189 -7.38 24.45 -0.77
N CYS E 190 -8.52 24.15 -0.14
CA CYS E 190 -8.54 23.21 0.98
C CYS E 190 -8.49 21.74 0.61
N ARG E 191 -7.91 20.95 1.50
CA ARG E 191 -7.84 19.51 1.31
C ARG E 191 -8.99 18.94 2.14
N ASN E 192 -9.39 19.67 3.18
CA ASN E 192 -10.48 19.21 4.02
C ASN E 192 -11.86 19.45 3.43
N LYS E 193 -12.85 18.83 4.04
CA LYS E 193 -14.22 19.01 3.59
C LYS E 193 -14.58 20.41 4.05
N VAL E 194 -15.53 21.02 3.36
CA VAL E 194 -15.95 22.37 3.69
C VAL E 194 -17.44 22.43 4.00
N ALA E 195 -17.77 22.98 5.17
CA ALA E 195 -19.17 23.15 5.56
C ALA E 195 -19.47 24.66 5.46
N VAL E 196 -20.65 25.01 4.97
CA VAL E 196 -21.00 26.42 4.85
C VAL E 196 -22.15 26.87 5.73
N GLY E 197 -21.95 28.01 6.37
CA GLY E 197 -22.96 28.60 7.22
C GLY E 197 -23.18 30.00 6.69
N PHE E 198 -23.95 30.12 5.62
CA PHE E 198 -24.22 31.40 5.01
C PHE E 198 -25.60 31.95 5.33
N GLY E 199 -26.28 31.32 6.28
CA GLY E 199 -27.61 31.80 6.64
C GLY E 199 -28.71 31.28 5.75
N VAL E 200 -28.65 29.99 5.46
CA VAL E 200 -29.63 29.31 4.63
C VAL E 200 -31.03 29.44 5.25
N SER E 201 -32.04 29.73 4.44
CA SER E 201 -33.40 29.86 4.96
C SER E 201 -34.44 29.25 4.02
N LYS E 202 -34.02 28.91 2.81
CA LYS E 202 -34.93 28.29 1.84
C LYS E 202 -34.22 27.23 1.01
N ARG E 203 -34.97 26.23 0.57
CA ARG E 203 -34.44 25.12 -0.21
C ARG E 203 -33.42 25.50 -1.28
N GLU E 204 -33.70 26.56 -2.03
CA GLU E 204 -32.82 26.98 -3.11
C GLU E 204 -31.38 27.20 -2.68
N HIS E 205 -31.19 27.67 -1.45
CA HIS E 205 -29.87 27.93 -0.89
C HIS E 205 -29.08 26.64 -0.79
N VAL E 206 -29.67 25.66 -0.10
CA VAL E 206 -29.04 24.36 0.09
C VAL E 206 -28.61 23.76 -1.24
N VAL E 207 -29.51 23.78 -2.21
CA VAL E 207 -29.25 23.24 -3.52
C VAL E 207 -28.12 23.97 -4.23
N SER E 208 -28.23 25.29 -4.29
CA SER E 208 -27.21 26.08 -4.95
C SER E 208 -25.84 25.94 -4.30
N LEU E 209 -25.80 25.88 -2.97
CA LEU E 209 -24.54 25.75 -2.25
C LEU E 209 -23.87 24.40 -2.44
N LEU E 210 -24.65 23.32 -2.39
CA LEU E 210 -24.12 21.98 -2.60
C LEU E 210 -23.57 21.93 -4.02
N LYS E 211 -24.37 22.44 -4.94
CA LYS E 211 -24.04 22.51 -6.34
C LYS E 211 -22.70 23.19 -6.57
N GLU E 212 -22.37 24.17 -5.73
CA GLU E 212 -21.12 24.91 -5.86
C GLU E 212 -19.95 24.27 -5.17
N GLY E 213 -20.15 23.06 -4.67
CA GLY E 213 -19.06 22.34 -4.02
C GLY E 213 -19.07 22.25 -2.50
N ALA E 214 -20.14 22.72 -1.87
CA ALA E 214 -20.19 22.66 -0.42
C ALA E 214 -20.38 21.22 0.03
N ASN E 215 -19.42 20.69 0.78
CA ASN E 215 -19.51 19.33 1.28
C ASN E 215 -20.66 19.24 2.27
N GLY E 216 -20.84 20.31 3.04
CA GLY E 216 -21.92 20.32 4.01
C GLY E 216 -22.57 21.70 4.07
N VAL E 217 -23.84 21.73 4.45
CA VAL E 217 -24.55 23.01 4.57
C VAL E 217 -25.11 23.09 5.97
N VAL E 218 -24.63 24.06 6.72
CA VAL E 218 -25.07 24.26 8.10
C VAL E 218 -26.36 25.07 8.17
N VAL E 219 -27.26 24.66 9.06
CA VAL E 219 -28.52 25.35 9.26
C VAL E 219 -28.67 25.59 10.75
N GLY E 220 -28.47 26.84 11.16
CA GLY E 220 -28.58 27.19 12.57
C GLY E 220 -29.61 28.26 12.87
N SER E 221 -29.45 29.45 12.28
CA SER E 221 -30.41 30.54 12.52
C SER E 221 -31.85 30.11 12.25
N ALA E 222 -32.10 29.55 11.06
CA ALA E 222 -33.43 29.10 10.69
C ALA E 222 -34.06 28.22 11.78
N LEU E 223 -33.23 27.38 12.41
CA LEU E 223 -33.71 26.49 13.45
C LEU E 223 -33.83 27.14 14.83
N VAL E 224 -32.77 27.81 15.30
CA VAL E 224 -32.82 28.41 16.62
C VAL E 224 -33.86 29.51 16.69
N LYS E 225 -34.20 30.07 15.53
CA LYS E 225 -35.21 31.11 15.46
C LYS E 225 -36.56 30.49 15.87
N ILE E 226 -36.79 29.27 15.41
CA ILE E 226 -38.01 28.52 15.73
C ILE E 226 -37.98 28.11 17.20
N ILE E 227 -36.82 27.67 17.68
CA ILE E 227 -36.66 27.26 19.06
C ILE E 227 -36.92 28.45 19.98
N GLY E 228 -36.73 29.64 19.44
CA GLY E 228 -36.94 30.83 20.24
C GLY E 228 -38.42 31.18 20.28
N GLU E 229 -39.14 30.84 19.22
CA GLU E 229 -40.56 31.16 19.13
C GLU E 229 -41.47 30.08 19.70
N LYS E 230 -41.00 28.83 19.68
CA LYS E 230 -41.82 27.72 20.17
C LYS E 230 -41.34 27.10 21.49
N GLY E 231 -40.17 27.48 21.97
CA GLY E 231 -39.67 26.95 23.22
C GLY E 231 -39.65 25.42 23.27
N ARG E 232 -40.19 24.86 24.35
CA ARG E 232 -40.22 23.41 24.52
C ARG E 232 -41.03 22.69 23.44
N GLU E 233 -41.96 23.42 22.82
CA GLU E 233 -42.83 22.86 21.79
C GLU E 233 -42.30 23.04 20.36
N ALA E 234 -41.00 23.18 20.21
CA ALA E 234 -40.43 23.41 18.89
C ALA E 234 -40.26 22.17 18.02
N THR E 235 -40.10 21.02 18.67
CA THR E 235 -39.85 19.76 17.96
C THR E 235 -40.50 19.61 16.58
N GLU E 236 -41.82 19.63 16.52
CA GLU E 236 -42.49 19.44 15.25
C GLU E 236 -42.14 20.46 14.18
N PHE E 237 -42.15 21.74 14.55
CA PHE E 237 -41.83 22.81 13.62
C PHE E 237 -40.40 22.72 13.09
N LEU E 238 -39.50 22.20 13.92
CA LEU E 238 -38.12 22.06 13.50
C LEU E 238 -38.02 21.06 12.36
N LYS E 239 -38.72 19.94 12.51
CA LYS E 239 -38.70 18.89 11.49
C LYS E 239 -39.30 19.42 10.19
N LYS E 240 -40.43 20.09 10.30
CA LYS E 240 -41.09 20.65 9.13
C LYS E 240 -40.10 21.54 8.36
N LYS E 241 -39.38 22.39 9.10
CA LYS E 241 -38.42 23.29 8.47
C LYS E 241 -37.25 22.52 7.85
N VAL E 242 -36.71 21.57 8.60
CA VAL E 242 -35.59 20.77 8.09
C VAL E 242 -36.04 20.08 6.82
N GLU E 243 -37.24 19.51 6.86
CA GLU E 243 -37.78 18.80 5.71
C GLU E 243 -37.85 19.73 4.51
N GLU E 244 -38.30 20.96 4.73
CA GLU E 244 -38.36 21.93 3.65
C GLU E 244 -36.98 22.15 3.02
N LEU E 245 -35.97 22.31 3.86
CA LEU E 245 -34.63 22.55 3.38
C LEU E 245 -34.02 21.35 2.64
N LEU E 246 -34.38 20.13 3.05
CA LEU E 246 -33.88 18.94 2.37
C LEU E 246 -34.68 18.66 1.10
N GLY E 247 -35.82 19.33 0.96
CA GLY E 247 -36.64 19.13 -0.21
C GLY E 247 -37.54 17.92 -0.10
N ILE E 248 -37.71 17.43 1.11
CA ILE E 248 -38.54 16.28 1.35
C ILE E 248 -39.99 16.62 1.05
N MET F 1 2.18 41.57 21.30
CA MET F 1 0.70 41.76 21.45
C MET F 1 0.32 41.17 22.79
N TRP F 2 1.35 40.75 23.50
CA TRP F 2 1.25 40.17 24.84
C TRP F 2 1.99 41.04 25.85
N PHE F 3 1.46 41.06 27.08
CA PHE F 3 2.06 41.80 28.20
C PHE F 3 2.27 40.68 29.20
N GLY F 4 3.40 40.00 29.07
CA GLY F 4 3.65 38.87 29.94
C GLY F 4 2.78 37.77 29.37
N GLU F 5 1.96 37.18 30.22
CA GLU F 5 1.07 36.11 29.80
C GLU F 5 -0.29 36.68 29.36
N PHE F 6 -0.53 37.95 29.68
CA PHE F 6 -1.78 38.60 29.36
C PHE F 6 -1.86 39.29 27.99
N GLY F 7 -3.08 39.62 27.59
CA GLY F 7 -3.30 40.26 26.30
C GLY F 7 -3.89 39.34 25.26
N GLY F 8 -3.26 39.29 24.09
CA GLY F 8 -3.76 38.42 23.04
C GLY F 8 -4.68 39.04 22.01
N GLN F 9 -5.15 38.20 21.10
CA GLN F 9 -6.03 38.63 20.02
C GLN F 9 -7.16 37.61 19.87
N TYR F 10 -7.79 37.26 20.99
CA TYR F 10 -8.85 36.27 21.00
C TYR F 10 -10.18 36.69 20.41
N VAL F 11 -10.30 36.57 19.09
CA VAL F 11 -11.54 36.93 18.41
C VAL F 11 -11.83 36.02 17.24
N PRO F 12 -13.10 35.98 16.79
CA PRO F 12 -13.51 35.14 15.67
C PRO F 12 -12.71 35.54 14.43
N GLU F 13 -12.52 34.61 13.50
CA GLU F 13 -11.77 34.87 12.28
C GLU F 13 -12.28 36.09 11.49
N THR F 14 -13.57 36.39 11.61
CA THR F 14 -14.16 37.51 10.90
C THR F 14 -13.58 38.87 11.30
N LEU F 15 -12.96 38.93 12.48
CA LEU F 15 -12.38 40.17 12.98
C LEU F 15 -10.88 40.24 12.78
N ILE F 16 -10.29 39.12 12.37
CA ILE F 16 -8.84 39.08 12.17
C ILE F 16 -8.30 40.01 11.09
N GLU F 17 -8.89 40.01 9.90
CA GLU F 17 -8.40 40.88 8.85
C GLU F 17 -8.38 42.36 9.27
N PRO F 18 -9.53 42.89 9.74
CA PRO F 18 -9.57 44.30 10.16
C PRO F 18 -8.49 44.59 11.21
N LEU F 19 -8.33 43.67 12.15
CA LEU F 19 -7.33 43.82 13.19
C LEU F 19 -5.92 43.81 12.61
N LYS F 20 -5.63 42.82 11.77
CA LYS F 20 -4.31 42.70 11.15
C LYS F 20 -3.98 43.96 10.37
N GLU F 21 -4.95 44.49 9.65
CA GLU F 21 -4.71 45.71 8.88
C GLU F 21 -4.46 46.91 9.79
N LEU F 22 -5.18 47.00 10.90
CA LEU F 22 -4.99 48.10 11.85
C LEU F 22 -3.57 48.03 12.41
N GLU F 23 -3.06 46.81 12.64
CA GLU F 23 -1.71 46.63 13.14
C GLU F 23 -0.71 47.23 12.17
N LYS F 24 -0.87 46.91 10.89
CA LYS F 24 0.01 47.43 9.85
C LYS F 24 0.01 48.96 9.82
N ALA F 25 -1.18 49.55 9.75
CA ALA F 25 -1.30 51.01 9.71
C ALA F 25 -0.63 51.65 10.89
N TYR F 26 -0.94 51.16 12.08
CA TYR F 26 -0.36 51.73 13.27
C TYR F 26 1.16 51.68 13.21
N LYS F 27 1.72 50.63 12.62
CA LYS F 27 3.16 50.52 12.51
C LYS F 27 3.78 51.61 11.64
N ARG F 28 3.20 51.84 10.46
CA ARG F 28 3.76 52.85 9.58
C ARG F 28 3.53 54.28 10.00
N PHE F 29 2.54 54.53 10.84
CA PHE F 29 2.28 55.91 11.24
C PHE F 29 2.70 56.19 12.65
N LYS F 30 2.83 55.13 13.44
CA LYS F 30 3.20 55.25 14.84
C LYS F 30 4.30 56.27 15.01
N ASP F 31 5.27 56.27 14.08
CA ASP F 31 6.38 57.19 14.17
C ASP F 31 6.55 58.09 12.95
N ASP F 32 5.55 58.11 12.05
CA ASP F 32 5.62 58.96 10.88
C ASP F 32 5.67 60.41 11.37
N GLU F 33 6.68 61.15 10.92
CA GLU F 33 6.85 62.53 11.33
C GLU F 33 5.59 63.37 11.08
N GLU F 34 5.05 63.28 9.88
CA GLU F 34 3.85 64.04 9.55
C GLU F 34 2.67 63.68 10.46
N PHE F 35 2.46 62.39 10.68
CA PHE F 35 1.37 61.96 11.53
C PHE F 35 1.44 62.60 12.92
N ASN F 36 2.60 62.47 13.57
CA ASN F 36 2.76 63.05 14.89
C ASN F 36 2.68 64.58 14.87
N ARG F 37 3.20 65.18 13.82
CA ARG F 37 3.14 66.62 13.71
C ARG F 37 1.69 67.11 13.80
N GLN F 38 0.80 66.41 13.11
CA GLN F 38 -0.61 66.76 13.14
C GLN F 38 -1.22 66.38 14.48
N LEU F 39 -0.83 65.22 15.00
CA LEU F 39 -1.36 64.78 16.28
C LEU F 39 -1.10 65.83 17.34
N ASN F 40 0.13 66.32 17.38
CA ASN F 40 0.49 67.31 18.38
C ASN F 40 -0.22 68.60 18.12
N TYR F 41 -0.42 68.90 16.84
CA TYR F 41 -1.09 70.12 16.43
C TYR F 41 -2.52 70.22 16.98
N TYR F 42 -3.27 69.14 16.84
CA TYR F 42 -4.63 69.12 17.34
C TYR F 42 -4.65 69.06 18.85
N LEU F 43 -3.79 68.21 19.40
CA LEU F 43 -3.70 68.08 20.86
C LEU F 43 -3.47 69.45 21.48
N LYS F 44 -2.68 70.28 20.80
CA LYS F 44 -2.38 71.59 21.33
C LYS F 44 -3.44 72.65 21.11
N THR F 45 -3.68 72.99 19.84
CA THR F 45 -4.65 74.05 19.53
C THR F 45 -6.13 73.73 19.66
N TRP F 46 -6.48 72.45 19.69
CA TRP F 46 -7.89 72.08 19.78
C TRP F 46 -8.24 71.47 21.13
N ALA F 47 -7.40 70.54 21.57
CA ALA F 47 -7.65 69.86 22.83
C ALA F 47 -7.22 70.69 24.04
N GLY F 48 -6.23 71.55 23.85
CA GLY F 48 -5.77 72.38 24.95
C GLY F 48 -4.53 71.89 25.68
N ARG F 49 -3.88 70.84 25.17
CA ARG F 49 -2.68 70.34 25.81
C ARG F 49 -1.54 71.34 25.71
N PRO F 50 -0.67 71.39 26.73
CA PRO F 50 -0.68 70.58 27.96
C PRO F 50 -1.62 71.07 29.04
N THR F 51 -1.89 70.18 29.99
CA THR F 51 -2.77 70.50 31.11
C THR F 51 -1.81 70.80 32.24
N PRO F 52 -2.22 71.66 33.17
CA PRO F 52 -1.33 71.97 34.28
C PRO F 52 -1.24 70.89 35.33
N LEU F 53 -0.20 71.00 36.16
CA LEU F 53 0.03 70.09 37.29
C LEU F 53 -0.22 71.03 38.46
N TYR F 54 -1.33 70.85 39.15
CA TYR F 54 -1.68 71.74 40.24
C TYR F 54 -1.31 71.23 41.62
N TYR F 55 -0.84 72.14 42.47
CA TYR F 55 -0.47 71.77 43.84
C TYR F 55 -1.60 72.10 44.79
N ALA F 56 -2.22 71.08 45.36
CA ALA F 56 -3.34 71.27 46.28
C ALA F 56 -2.80 71.68 47.66
N LYS F 57 -2.27 72.90 47.72
CA LYS F 57 -1.68 73.45 48.94
C LYS F 57 -2.61 73.30 50.13
N ARG F 58 -3.83 73.78 49.97
CA ARG F 58 -4.76 73.72 51.05
C ARG F 58 -5.17 72.30 51.48
N LEU F 59 -5.34 71.39 50.53
CA LEU F 59 -5.74 70.02 50.87
C LEU F 59 -4.58 69.29 51.53
N THR F 60 -3.37 69.47 51.03
CA THR F 60 -2.23 68.76 51.62
C THR F 60 -2.00 69.21 53.07
N GLU F 61 -2.17 70.50 53.33
CA GLU F 61 -1.96 71.00 54.68
C GLU F 61 -3.08 70.55 55.60
N LYS F 62 -4.30 70.47 55.06
CA LYS F 62 -5.43 70.03 55.87
C LYS F 62 -5.17 68.61 56.38
N ILE F 63 -4.41 67.83 55.62
CA ILE F 63 -4.12 66.43 55.98
C ILE F 63 -2.82 66.33 56.77
N GLY F 64 -1.93 67.29 56.53
CA GLY F 64 -0.66 67.31 57.22
C GLY F 64 0.29 66.20 56.84
N GLY F 65 0.07 65.59 55.68
CA GLY F 65 0.92 64.50 55.25
C GLY F 65 1.85 64.93 54.14
N ALA F 66 1.92 64.12 53.08
CA ALA F 66 2.76 64.40 51.93
C ALA F 66 2.12 65.48 51.08
N LYS F 67 2.88 66.00 50.13
CA LYS F 67 2.38 67.03 49.23
C LYS F 67 1.52 66.35 48.15
N ILE F 68 0.42 66.98 47.79
CA ILE F 68 -0.48 66.44 46.80
C ILE F 68 -0.60 67.31 45.55
N TYR F 69 -0.18 66.74 44.42
CA TYR F 69 -0.29 67.43 43.13
C TYR F 69 -1.37 66.76 42.31
N LEU F 70 -2.05 67.51 41.47
CA LEU F 70 -3.12 66.97 40.63
C LEU F 70 -2.84 67.21 39.14
N LYS F 71 -2.82 66.14 38.34
CA LYS F 71 -2.64 66.31 36.89
C LYS F 71 -4.05 66.64 36.40
N ARG F 72 -4.25 67.90 36.00
CA ARG F 72 -5.55 68.40 35.58
C ARG F 72 -6.05 67.97 34.19
N GLU F 73 -6.33 66.68 34.01
CA GLU F 73 -6.85 66.23 32.73
C GLU F 73 -8.31 66.68 32.61
N ASP F 74 -8.85 67.18 33.72
CA ASP F 74 -10.22 67.68 33.75
C ASP F 74 -10.34 68.94 32.91
N LEU F 75 -9.19 69.48 32.50
CA LEU F 75 -9.20 70.69 31.70
C LEU F 75 -9.08 70.49 30.18
N VAL F 76 -8.84 69.26 29.71
CA VAL F 76 -8.74 69.06 28.26
C VAL F 76 -10.12 69.28 27.64
N HIS F 77 -10.15 69.72 26.38
CA HIS F 77 -11.42 69.95 25.68
C HIS F 77 -12.25 68.68 25.81
N GLY F 78 -13.44 68.80 26.37
CA GLY F 78 -14.30 67.64 26.55
C GLY F 78 -14.45 67.30 28.02
N GLY F 79 -13.47 67.68 28.83
CA GLY F 79 -13.55 67.43 30.24
C GLY F 79 -12.99 66.11 30.73
N ALA F 80 -12.30 65.36 29.87
CA ALA F 80 -11.74 64.08 30.30
C ALA F 80 -10.61 63.62 29.40
N HIS F 81 -9.73 62.80 29.96
CA HIS F 81 -8.59 62.29 29.21
C HIS F 81 -9.02 61.52 27.97
N LYS F 82 -10.25 61.03 27.97
CA LYS F 82 -10.76 60.26 26.85
C LYS F 82 -10.48 60.95 25.49
N THR F 83 -10.52 62.27 25.50
CA THR F 83 -10.28 63.07 24.30
C THR F 83 -8.92 62.81 23.66
N ASN F 84 -7.92 62.47 24.46
CA ASN F 84 -6.58 62.19 23.93
C ASN F 84 -6.65 61.02 22.97
N ASN F 85 -7.21 59.91 23.44
CA ASN F 85 -7.35 58.70 22.63
C ASN F 85 -8.27 58.90 21.42
N ALA F 86 -9.36 59.65 21.61
CA ALA F 86 -10.28 59.90 20.52
C ALA F 86 -9.55 60.55 19.34
N ILE F 87 -8.88 61.67 19.61
CA ILE F 87 -8.15 62.38 18.57
C ILE F 87 -7.14 61.46 17.91
N GLY F 88 -6.38 60.71 18.71
CA GLY F 88 -5.38 59.80 18.18
C GLY F 88 -5.93 58.82 17.16
N GLN F 89 -6.85 57.96 17.60
CA GLN F 89 -7.44 56.97 16.71
C GLN F 89 -8.19 57.58 15.52
N ALA F 90 -8.86 58.71 15.72
CA ALA F 90 -9.58 59.32 14.61
C ALA F 90 -8.57 59.77 13.57
N LEU F 91 -7.47 60.40 14.01
CA LEU F 91 -6.45 60.87 13.08
C LEU F 91 -5.81 59.69 12.35
N LEU F 92 -5.52 58.63 13.11
CA LEU F 92 -4.93 57.44 12.52
C LEU F 92 -5.89 56.89 11.48
N ALA F 93 -7.17 56.87 11.80
CA ALA F 93 -8.18 56.34 10.88
C ALA F 93 -8.19 57.17 9.60
N LYS F 94 -8.00 58.48 9.75
CA LYS F 94 -8.00 59.36 8.60
C LYS F 94 -6.77 59.07 7.74
N PHE F 95 -5.62 58.92 8.35
CA PHE F 95 -4.40 58.61 7.61
C PHE F 95 -4.53 57.26 6.91
N MET F 96 -5.29 56.35 7.52
CA MET F 96 -5.50 55.05 6.93
C MET F 96 -6.41 55.18 5.72
N GLY F 97 -6.99 56.37 5.54
CA GLY F 97 -7.88 56.59 4.43
C GLY F 97 -9.33 56.22 4.73
N LYS F 98 -9.67 56.04 6.00
CA LYS F 98 -11.04 55.70 6.36
C LYS F 98 -11.87 56.99 6.31
N THR F 99 -13.19 56.84 6.28
CA THR F 99 -14.06 58.01 6.21
C THR F 99 -15.16 57.98 7.26
N ARG F 100 -15.23 56.89 8.00
CA ARG F 100 -16.27 56.74 8.98
C ARG F 100 -15.72 56.19 10.29
N LEU F 101 -16.25 56.69 11.39
CA LEU F 101 -15.87 56.22 12.71
C LEU F 101 -17.12 55.62 13.38
N ILE F 102 -16.96 54.49 14.06
CA ILE F 102 -18.08 53.91 14.80
C ILE F 102 -17.58 53.47 16.16
N ALA F 103 -18.47 53.56 17.14
CA ALA F 103 -18.15 53.19 18.51
C ALA F 103 -19.47 52.97 19.25
N GLU F 104 -19.38 52.42 20.45
CA GLU F 104 -20.57 52.20 21.25
C GLU F 104 -20.35 52.92 22.57
N THR F 105 -21.42 53.23 23.29
CA THR F 105 -21.27 53.90 24.57
C THR F 105 -22.40 53.59 25.55
N GLY F 106 -22.07 53.64 26.83
CA GLY F 106 -23.05 53.39 27.88
C GLY F 106 -23.43 54.72 28.52
N ALA F 107 -22.56 55.25 29.39
CA ALA F 107 -22.82 56.54 30.04
C ALA F 107 -22.93 57.62 28.98
N GLY F 108 -22.13 57.46 27.92
CA GLY F 108 -22.16 58.42 26.83
C GLY F 108 -20.85 59.19 26.70
N GLN F 109 -19.97 59.04 27.68
CA GLN F 109 -18.69 59.75 27.65
C GLN F 109 -17.86 59.42 26.42
N HIS F 110 -17.63 58.12 26.17
CA HIS F 110 -16.86 57.74 25.01
C HIS F 110 -17.59 58.19 23.74
N GLY F 111 -18.91 58.07 23.77
CA GLY F 111 -19.69 58.46 22.62
C GLY F 111 -19.38 59.88 22.24
N VAL F 112 -19.49 60.78 23.22
CA VAL F 112 -19.25 62.19 22.97
C VAL F 112 -17.83 62.46 22.50
N ALA F 113 -16.85 61.83 23.15
CA ALA F 113 -15.46 62.03 22.77
C ALA F 113 -15.27 61.68 21.30
N THR F 114 -15.80 60.52 20.91
CA THR F 114 -15.68 60.06 19.53
C THR F 114 -16.36 61.05 18.59
N ALA F 115 -17.56 61.44 18.94
CA ALA F 115 -18.29 62.38 18.13
C ALA F 115 -17.51 63.67 17.88
N MET F 116 -16.88 64.21 18.93
CA MET F 116 -16.12 65.45 18.81
C MET F 116 -14.94 65.32 17.84
N ALA F 117 -14.19 64.25 18.00
CA ALA F 117 -13.03 64.01 17.16
C ALA F 117 -13.46 63.83 15.71
N GLY F 118 -14.51 63.05 15.51
CA GLY F 118 -15.00 62.83 14.17
C GLY F 118 -15.36 64.15 13.53
N ALA F 119 -16.02 65.03 14.28
CA ALA F 119 -16.41 66.32 13.76
C ALA F 119 -15.18 67.16 13.39
N LEU F 120 -14.19 67.13 14.26
CA LEU F 120 -12.96 67.87 14.05
C LEU F 120 -12.28 67.47 12.77
N LEU F 121 -12.18 66.15 12.56
CA LEU F 121 -11.51 65.63 11.37
C LEU F 121 -12.42 65.37 10.20
N GLY F 122 -13.65 65.79 10.30
CA GLY F 122 -14.53 65.58 9.19
C GLY F 122 -14.84 64.16 8.80
N MET F 123 -15.31 63.38 9.75
CA MET F 123 -15.62 62.00 9.48
C MET F 123 -17.03 61.67 9.88
N LYS F 124 -17.60 60.67 9.22
CA LYS F 124 -18.96 60.26 9.54
C LYS F 124 -18.82 59.50 10.85
N VAL F 125 -19.72 59.76 11.80
CA VAL F 125 -19.70 59.09 13.09
C VAL F 125 -21.05 58.46 13.43
N ASP F 126 -21.06 57.14 13.60
CA ASP F 126 -22.27 56.42 13.95
C ASP F 126 -21.97 55.83 15.31
N ILE F 127 -22.82 56.10 16.28
CA ILE F 127 -22.58 55.57 17.60
C ILE F 127 -23.68 54.64 18.06
N TYR F 128 -23.28 53.43 18.44
CA TYR F 128 -24.22 52.43 18.93
C TYR F 128 -24.45 52.58 20.42
N MET F 129 -25.71 52.52 20.83
CA MET F 129 -26.06 52.69 22.22
C MET F 129 -27.33 51.92 22.53
N GLY F 130 -27.33 51.19 23.64
CA GLY F 130 -28.51 50.43 24.01
C GLY F 130 -29.66 51.37 24.26
N ALA F 131 -30.85 50.99 23.80
CA ALA F 131 -32.04 51.82 23.95
C ALA F 131 -32.26 52.21 25.41
N GLU F 132 -31.87 51.32 26.32
CA GLU F 132 -31.98 51.57 27.75
C GLU F 132 -31.19 52.82 28.10
N ASP F 133 -29.90 52.80 27.74
CA ASP F 133 -29.01 53.91 28.00
C ASP F 133 -29.42 55.18 27.25
N VAL F 134 -29.97 55.03 26.05
CA VAL F 134 -30.40 56.19 25.27
C VAL F 134 -31.43 56.99 26.08
N GLU F 135 -32.34 56.29 26.75
CA GLU F 135 -33.36 56.94 27.56
C GLU F 135 -32.73 57.64 28.76
N ARG F 136 -31.83 56.92 29.42
CA ARG F 136 -31.14 57.42 30.59
C ARG F 136 -30.22 58.60 30.36
N GLN F 137 -29.69 58.72 29.13
CA GLN F 137 -28.74 59.78 28.83
C GLN F 137 -29.20 60.92 27.94
N LYS F 138 -30.40 61.43 28.19
CA LYS F 138 -30.95 62.53 27.40
C LYS F 138 -29.91 63.55 26.90
N MET F 139 -29.23 64.23 27.83
CA MET F 139 -28.27 65.25 27.48
C MET F 139 -27.05 64.81 26.67
N ASN F 140 -26.54 63.60 26.92
CA ASN F 140 -25.38 63.12 26.18
C ASN F 140 -25.75 62.77 24.74
N VAL F 141 -26.91 62.15 24.57
CA VAL F 141 -27.38 61.82 23.24
C VAL F 141 -27.52 63.11 22.43
N PHE F 142 -28.09 64.13 23.05
CA PHE F 142 -28.29 65.42 22.40
C PHE F 142 -26.94 66.01 22.02
N ARG F 143 -25.97 65.85 22.90
CA ARG F 143 -24.64 66.38 22.66
C ARG F 143 -24.05 65.72 21.41
N MET F 144 -24.18 64.41 21.34
CA MET F 144 -23.65 63.67 20.21
C MET F 144 -24.29 64.12 18.92
N LYS F 145 -25.60 64.34 18.97
CA LYS F 145 -26.31 64.76 17.78
C LYS F 145 -25.87 66.16 17.38
N LEU F 146 -25.66 67.04 18.35
CA LEU F 146 -25.22 68.40 18.10
C LEU F 146 -23.88 68.38 17.37
N LEU F 147 -23.04 67.42 17.74
CA LEU F 147 -21.71 67.25 17.16
C LEU F 147 -21.75 66.57 15.78
N GLY F 148 -22.95 66.36 15.27
CA GLY F 148 -23.12 65.74 13.97
C GLY F 148 -23.13 64.22 13.87
N ALA F 149 -22.92 63.53 14.98
CA ALA F 149 -22.93 62.07 14.91
C ALA F 149 -24.37 61.62 15.03
N ASN F 150 -24.67 60.44 14.52
CA ASN F 150 -26.04 59.94 14.66
C ASN F 150 -25.99 58.71 15.56
N VAL F 151 -26.75 58.80 16.66
CA VAL F 151 -26.78 57.73 17.62
C VAL F 151 -27.82 56.70 17.22
N ILE F 152 -27.34 55.48 17.08
CA ILE F 152 -28.13 54.32 16.68
C ILE F 152 -28.54 53.51 17.91
N PRO F 153 -29.82 53.58 18.29
CA PRO F 153 -30.29 52.83 19.46
C PRO F 153 -30.42 51.35 19.15
N VAL F 154 -29.92 50.48 20.02
CA VAL F 154 -30.05 49.06 19.78
C VAL F 154 -31.09 48.53 20.79
N ASN F 155 -32.06 47.77 20.29
CA ASN F 155 -33.11 47.24 21.15
C ASN F 155 -33.02 45.74 21.35
N SER F 156 -32.10 45.08 20.66
CA SER F 156 -31.95 43.64 20.81
C SER F 156 -31.43 43.33 22.23
N GLY F 157 -31.67 42.11 22.70
CA GLY F 157 -31.22 41.72 24.02
C GLY F 157 -31.67 42.65 25.14
N SER F 158 -30.79 42.87 26.10
CA SER F 158 -31.09 43.71 27.24
C SER F 158 -31.14 45.21 26.89
N ARG F 159 -30.95 45.54 25.62
CA ARG F 159 -30.95 46.92 25.17
C ARG F 159 -29.90 47.76 25.91
N THR F 160 -28.80 47.14 26.31
CA THR F 160 -27.75 47.86 27.04
C THR F 160 -26.44 47.85 26.26
N LEU F 161 -25.38 48.29 26.94
CA LEU F 161 -24.07 48.36 26.33
C LEU F 161 -23.63 47.09 25.63
N LYS F 162 -23.77 45.96 26.30
CA LYS F 162 -23.36 44.69 25.72
C LYS F 162 -23.98 44.48 24.35
N ASP F 163 -25.24 44.80 24.22
CA ASP F 163 -25.94 44.62 22.96
C ASP F 163 -25.46 45.61 21.90
N ALA F 164 -25.03 46.79 22.35
CA ALA F 164 -24.53 47.82 21.44
C ALA F 164 -23.15 47.40 20.93
N ILE F 165 -22.35 46.81 21.79
CA ILE F 165 -21.02 46.38 21.40
C ILE F 165 -21.09 45.42 20.23
N ASN F 166 -21.94 44.41 20.35
CA ASN F 166 -22.10 43.43 19.29
C ASN F 166 -22.55 44.06 17.99
N GLU F 167 -23.42 45.07 18.08
CA GLU F 167 -23.89 45.74 16.88
C GLU F 167 -22.72 46.46 16.22
N ALA F 168 -21.87 47.07 17.03
CA ALA F 168 -20.71 47.77 16.52
C ALA F 168 -19.80 46.77 15.80
N LEU F 169 -19.46 45.68 16.47
CA LEU F 169 -18.60 44.66 15.89
C LEU F 169 -19.12 44.16 14.56
N ARG F 170 -20.38 43.77 14.50
CA ARG F 170 -20.97 43.29 13.26
C ARG F 170 -20.77 44.35 12.17
N ASP F 171 -21.05 45.60 12.52
CA ASP F 171 -20.91 46.72 11.59
C ASP F 171 -19.50 46.78 11.03
N TRP F 172 -18.51 46.78 11.92
CA TRP F 172 -17.11 46.84 11.51
C TRP F 172 -16.71 45.73 10.55
N VAL F 173 -17.05 44.50 10.88
CA VAL F 173 -16.71 43.37 10.03
C VAL F 173 -17.16 43.57 8.59
N ALA F 174 -18.28 44.25 8.41
CA ALA F 174 -18.81 44.50 7.07
C ALA F 174 -18.31 45.76 6.41
N THR F 175 -17.96 46.77 7.21
CA THR F 175 -17.52 48.04 6.65
C THR F 175 -16.11 48.51 6.97
N PHE F 176 -15.32 47.63 7.57
CA PHE F 176 -13.96 48.00 7.98
C PHE F 176 -13.10 48.59 6.89
N GLU F 177 -13.51 48.40 5.63
CA GLU F 177 -12.75 48.93 4.50
C GLU F 177 -12.66 50.46 4.56
N TYR F 178 -13.75 51.11 4.98
CA TYR F 178 -13.77 52.56 5.06
C TYR F 178 -14.19 53.06 6.44
N THR F 179 -14.36 52.12 7.37
CA THR F 179 -14.79 52.47 8.71
C THR F 179 -13.82 52.01 9.80
N HIS F 180 -13.55 52.90 10.75
CA HIS F 180 -12.69 52.55 11.86
C HIS F 180 -13.50 52.40 13.14
N TYR F 181 -13.16 51.38 13.92
CA TYR F 181 -13.84 51.09 15.18
C TYR F 181 -12.99 51.71 16.30
N LEU F 182 -13.54 52.73 16.94
CA LEU F 182 -12.83 53.45 17.99
C LEU F 182 -13.05 52.90 19.40
N ILE F 183 -12.10 52.10 19.90
CA ILE F 183 -12.19 51.54 21.27
C ILE F 183 -11.82 52.61 22.29
N GLY F 184 -12.59 52.70 23.36
CA GLY F 184 -12.34 53.73 24.36
C GLY F 184 -11.33 53.53 25.48
N SER F 185 -10.80 52.33 25.67
CA SER F 185 -9.84 52.11 26.75
C SER F 185 -8.81 51.07 26.37
N VAL F 186 -7.81 50.89 27.23
CA VAL F 186 -6.73 49.94 26.98
C VAL F 186 -7.18 48.49 27.08
N VAL F 187 -8.31 48.17 26.46
CA VAL F 187 -8.85 46.81 26.50
C VAL F 187 -9.14 46.28 25.10
N GLY F 188 -9.63 45.05 25.03
CA GLY F 188 -9.97 44.48 23.73
C GLY F 188 -8.81 43.72 23.14
N PRO F 189 -8.93 43.25 21.89
CA PRO F 189 -7.86 42.51 21.26
C PRO F 189 -6.75 43.42 20.79
N HIS F 190 -5.61 42.82 20.51
CA HIS F 190 -4.48 43.57 20.00
C HIS F 190 -4.98 44.14 18.66
N PRO F 191 -4.47 45.32 18.26
CA PRO F 191 -3.48 46.17 18.89
C PRO F 191 -4.06 47.30 19.77
N TYR F 192 -5.35 47.22 20.09
CA TYR F 192 -5.97 48.27 20.87
C TYR F 192 -5.35 48.59 22.24
N PRO F 193 -5.23 47.59 23.11
CA PRO F 193 -4.66 47.79 24.45
C PRO F 193 -3.42 48.64 24.44
N THR F 194 -2.57 48.42 23.44
CA THR F 194 -1.35 49.18 23.38
C THR F 194 -1.49 50.51 22.62
N ILE F 195 -2.26 50.54 21.53
CA ILE F 195 -2.47 51.79 20.78
C ILE F 195 -3.05 52.85 21.72
N VAL F 196 -4.11 52.48 22.43
CA VAL F 196 -4.76 53.41 23.35
C VAL F 196 -3.77 53.91 24.40
N ARG F 197 -2.94 53.02 24.92
CA ARG F 197 -1.96 53.45 25.92
C ARG F 197 -1.02 54.50 25.34
N ASP F 198 -0.55 54.24 24.13
CA ASP F 198 0.35 55.17 23.46
C ASP F 198 -0.25 56.55 23.32
N PHE F 199 -1.51 56.61 22.94
CA PHE F 199 -2.17 57.90 22.78
C PHE F 199 -2.47 58.63 24.11
N GLN F 200 -2.22 57.95 25.23
CA GLN F 200 -2.46 58.54 26.55
C GLN F 200 -1.17 58.81 27.34
N SER F 201 -0.05 58.32 26.81
CA SER F 201 1.25 58.53 27.44
C SER F 201 1.62 59.99 27.60
N VAL F 202 1.00 60.85 26.81
CA VAL F 202 1.27 62.28 26.90
C VAL F 202 1.08 62.72 28.34
N ILE F 203 0.01 62.23 28.96
CA ILE F 203 -0.29 62.60 30.35
C ILE F 203 0.94 62.41 31.23
N GLY F 204 1.46 61.18 31.27
CA GLY F 204 2.65 60.92 32.07
C GLY F 204 3.84 61.79 31.69
N ARG F 205 4.17 61.85 30.41
CA ARG F 205 5.28 62.66 29.94
C ARG F 205 5.21 64.10 30.48
N GLU F 206 4.07 64.75 30.24
CA GLU F 206 3.87 66.12 30.71
C GLU F 206 4.07 66.18 32.22
N ALA F 207 3.37 65.31 32.96
CA ALA F 207 3.46 65.28 34.41
C ALA F 207 4.90 65.12 34.92
N LYS F 208 5.69 64.29 34.24
CA LYS F 208 7.07 64.07 34.66
C LYS F 208 7.84 65.38 34.59
N ALA F 209 7.84 65.97 33.39
CA ALA F 209 8.53 67.22 33.17
C ALA F 209 8.06 68.27 34.19
N GLN F 210 6.75 68.35 34.38
CA GLN F 210 6.14 69.30 35.29
C GLN F 210 6.55 69.13 36.75
N ILE F 211 6.55 67.89 37.25
CA ILE F 211 6.92 67.68 38.64
C ILE F 211 8.40 67.97 38.84
N LEU F 212 9.21 67.70 37.83
CA LEU F 212 10.64 67.99 37.95
C LEU F 212 10.83 69.49 38.05
N GLU F 213 10.06 70.24 37.26
CA GLU F 213 10.17 71.69 37.26
C GLU F 213 9.74 72.27 38.60
N ALA F 214 8.77 71.64 39.24
CA ALA F 214 8.26 72.15 40.50
C ALA F 214 8.97 71.67 41.74
N GLU F 215 9.41 70.42 41.73
CA GLU F 215 10.06 69.85 42.89
C GLU F 215 11.51 69.45 42.67
N GLY F 216 11.96 69.56 41.44
CA GLY F 216 13.34 69.19 41.13
C GLY F 216 13.59 67.69 41.27
N GLN F 217 12.53 66.89 41.37
CA GLN F 217 12.67 65.45 41.51
C GLN F 217 11.41 64.69 41.16
N LEU F 218 11.54 63.39 40.94
CA LEU F 218 10.40 62.56 40.61
C LEU F 218 9.54 62.34 41.83
N PRO F 219 8.25 62.04 41.63
CA PRO F 219 7.32 61.82 42.75
C PRO F 219 7.56 60.50 43.47
N ASP F 220 7.03 60.40 44.68
CA ASP F 220 7.19 59.19 45.47
C ASP F 220 6.08 58.21 45.10
N VAL F 221 4.92 58.75 44.78
CA VAL F 221 3.77 57.93 44.40
C VAL F 221 2.94 58.60 43.32
N ILE F 222 2.31 57.78 42.48
CA ILE F 222 1.41 58.27 41.45
C ILE F 222 0.13 57.47 41.64
N VAL F 223 -0.99 58.16 41.81
CA VAL F 223 -2.25 57.48 42.04
C VAL F 223 -3.26 57.80 40.95
N ALA F 224 -3.88 56.77 40.37
CA ALA F 224 -4.87 56.96 39.32
C ALA F 224 -5.98 55.93 39.45
N CYS F 225 -7.20 56.31 39.08
CA CYS F 225 -8.29 55.37 39.15
C CYS F 225 -8.23 54.41 37.96
N VAL F 226 -8.77 53.20 38.13
CA VAL F 226 -8.76 52.20 37.09
C VAL F 226 -10.12 51.60 36.77
N GLY F 227 -10.57 51.82 35.55
CA GLY F 227 -11.82 51.25 35.06
C GLY F 227 -11.27 50.23 34.09
N GLY F 228 -11.05 50.67 32.86
CA GLY F 228 -10.45 49.79 31.86
C GLY F 228 -8.96 49.95 32.10
N GLY F 229 -8.59 51.13 32.57
CA GLY F 229 -7.21 51.45 32.89
C GLY F 229 -6.45 52.35 31.94
N SER F 230 -7.15 53.10 31.08
CA SER F 230 -6.44 53.95 30.13
C SER F 230 -5.81 55.23 30.70
N ASN F 231 -6.46 55.90 31.65
CA ASN F 231 -5.87 57.13 32.19
C ASN F 231 -4.75 56.74 33.13
N ALA F 232 -4.91 55.60 33.79
CA ALA F 232 -3.91 55.11 34.72
C ALA F 232 -2.66 54.70 33.96
N MET F 233 -2.87 54.01 32.86
CA MET F 233 -1.75 53.54 32.05
C MET F 233 -1.06 54.75 31.41
N GLY F 234 -1.87 55.75 31.04
CA GLY F 234 -1.33 56.94 30.40
C GLY F 234 -0.37 57.72 31.26
N ILE F 235 -0.63 57.76 32.56
CA ILE F 235 0.24 58.51 33.47
C ILE F 235 1.32 57.61 34.08
N PHE F 236 1.05 56.31 34.17
CA PHE F 236 2.01 55.36 34.73
C PHE F 236 3.20 55.13 33.81
N TYR F 237 2.89 54.72 32.58
CA TYR F 237 3.90 54.37 31.59
C TYR F 237 5.25 55.10 31.59
N PRO F 238 5.25 56.42 31.40
CA PRO F 238 6.53 57.14 31.40
C PRO F 238 7.37 57.00 32.67
N PHE F 239 6.77 56.53 33.75
CA PHE F 239 7.46 56.37 35.03
C PHE F 239 7.78 54.92 35.33
N VAL F 240 7.42 54.02 34.43
CA VAL F 240 7.64 52.61 34.65
C VAL F 240 9.09 52.20 34.91
N ASN F 241 10.05 52.92 34.34
CA ASN F 241 11.45 52.57 34.55
C ASN F 241 12.13 53.39 35.64
N ASP F 242 11.35 54.26 36.28
CA ASP F 242 11.87 55.07 37.37
C ASP F 242 11.49 54.33 38.63
N LYS F 243 12.40 53.47 39.07
CA LYS F 243 12.21 52.64 40.24
C LYS F 243 11.78 53.37 41.52
N LYS F 244 12.25 54.60 41.70
CA LYS F 244 11.86 55.37 42.87
C LYS F 244 10.34 55.54 42.95
N VAL F 245 9.73 55.78 41.80
CA VAL F 245 8.30 56.05 41.69
C VAL F 245 7.35 54.88 41.92
N LYS F 246 6.50 55.01 42.93
CA LYS F 246 5.52 54.00 43.26
C LYS F 246 4.25 54.26 42.43
N LEU F 247 3.67 53.20 41.88
CA LEU F 247 2.45 53.33 41.08
C LEU F 247 1.27 52.65 41.79
N VAL F 248 0.16 53.36 41.91
CA VAL F 248 -1.02 52.82 42.58
C VAL F 248 -2.31 53.01 41.78
N GLY F 249 -2.98 51.90 41.50
CA GLY F 249 -4.23 51.94 40.78
C GLY F 249 -5.38 51.78 41.77
N VAL F 250 -6.44 52.56 41.59
CA VAL F 250 -7.57 52.49 42.50
C VAL F 250 -8.79 51.99 41.75
N GLU F 251 -9.30 50.82 42.10
CA GLU F 251 -10.49 50.26 41.46
C GLU F 251 -11.73 50.62 42.27
N ALA F 252 -12.90 50.44 41.69
CA ALA F 252 -14.15 50.76 42.39
C ALA F 252 -14.53 49.71 43.41
N GLY F 253 -14.51 50.11 44.68
CA GLY F 253 -14.88 49.19 45.75
C GLY F 253 -16.39 49.20 45.92
N GLY F 254 -17.07 50.09 45.19
CA GLY F 254 -18.52 50.17 45.29
C GLY F 254 -19.03 50.19 46.71
N LYS F 255 -19.89 49.23 47.05
CA LYS F 255 -20.47 49.14 48.38
C LYS F 255 -19.70 48.22 49.33
N GLY F 256 -18.44 47.93 48.99
CA GLY F 256 -17.61 47.06 49.82
C GLY F 256 -17.25 45.77 49.13
N LEU F 257 -15.97 45.40 49.16
CA LEU F 257 -15.53 44.17 48.51
C LEU F 257 -16.32 42.99 49.03
N GLU F 258 -16.76 43.10 50.28
CA GLU F 258 -17.54 42.05 50.91
C GLU F 258 -19.04 42.25 50.71
N SER F 259 -19.46 42.45 49.47
CA SER F 259 -20.88 42.66 49.20
C SER F 259 -21.20 42.43 47.74
N GLY F 260 -20.20 42.02 46.98
CA GLY F 260 -20.41 41.76 45.55
C GLY F 260 -20.85 42.95 44.72
N LYS F 261 -21.02 44.10 45.35
CA LYS F 261 -21.41 45.33 44.66
C LYS F 261 -20.16 46.18 44.41
N HIS F 262 -19.33 45.78 43.46
CA HIS F 262 -18.12 46.51 43.11
C HIS F 262 -17.64 46.16 41.70
N SER F 263 -16.44 46.62 41.35
CA SER F 263 -15.85 46.34 40.04
C SER F 263 -14.36 46.14 40.14
N ALA F 264 -13.89 45.71 41.31
CA ALA F 264 -12.46 45.48 41.54
C ALA F 264 -11.99 44.20 40.86
N SER F 265 -11.86 44.25 39.54
CA SER F 265 -11.43 43.11 38.74
C SER F 265 -10.05 42.61 39.15
N LEU F 266 -9.10 43.52 39.33
CA LEU F 266 -7.75 43.14 39.71
C LEU F 266 -7.67 42.70 41.18
N ASN F 267 -8.51 43.30 42.02
CA ASN F 267 -8.50 43.01 43.45
C ASN F 267 -9.49 41.94 43.86
N ALA F 268 -9.98 41.16 42.91
CA ALA F 268 -10.97 40.13 43.23
C ALA F 268 -11.46 39.27 42.07
N GLY F 269 -10.89 39.43 40.89
CA GLY F 269 -11.33 38.63 39.75
C GLY F 269 -10.34 37.54 39.42
N GLN F 270 -10.72 36.62 38.55
CA GLN F 270 -9.83 35.53 38.14
C GLN F 270 -9.45 35.77 36.69
N VAL F 271 -8.29 35.28 36.26
CA VAL F 271 -7.91 35.49 34.87
C VAL F 271 -8.86 34.71 33.99
N GLY F 272 -9.03 35.20 32.77
CA GLY F 272 -9.93 34.56 31.84
C GLY F 272 -9.80 35.20 30.48
N VAL F 273 -10.62 34.75 29.54
CA VAL F 273 -10.59 35.29 28.21
C VAL F 273 -11.96 35.79 27.75
N PHE F 274 -12.10 37.11 27.71
CA PHE F 274 -13.32 37.79 27.28
C PHE F 274 -12.93 39.01 26.45
N HIS F 275 -13.90 39.55 25.72
CA HIS F 275 -13.69 40.72 24.87
C HIS F 275 -12.35 40.68 24.12
N GLY F 276 -11.98 39.51 23.62
CA GLY F 276 -10.74 39.41 22.88
C GLY F 276 -9.42 39.51 23.63
N MET F 277 -9.46 39.53 24.97
CA MET F 277 -8.23 39.63 25.74
C MET F 277 -8.14 38.66 26.93
N LEU F 278 -6.92 38.25 27.25
CA LEU F 278 -6.65 37.36 28.38
C LEU F 278 -6.22 38.29 29.50
N SER F 279 -7.10 38.50 30.48
CA SER F 279 -6.83 39.39 31.60
C SER F 279 -7.64 38.98 32.82
N TYR F 280 -7.81 39.89 33.77
CA TYR F 280 -8.59 39.63 34.98
C TYR F 280 -10.03 40.06 34.79
N PHE F 281 -10.97 39.17 35.09
CA PHE F 281 -12.39 39.48 34.98
C PHE F 281 -13.14 39.01 36.23
N LEU F 282 -14.15 39.77 36.63
CA LEU F 282 -14.96 39.39 37.77
C LEU F 282 -15.86 38.30 37.24
N GLN F 283 -15.41 37.06 37.43
CA GLN F 283 -16.15 35.91 36.95
C GLN F 283 -17.02 35.16 37.94
N ASP F 284 -17.91 34.40 37.34
CA ASP F 284 -18.89 33.53 37.97
C ASP F 284 -18.14 32.28 38.46
N GLU F 285 -18.84 31.41 39.17
CA GLU F 285 -18.22 30.18 39.67
C GLU F 285 -18.04 29.27 38.47
N GLU F 286 -18.79 29.54 37.41
CA GLU F 286 -18.73 28.75 36.19
C GLU F 286 -18.05 29.46 35.02
N GLY F 287 -17.21 30.44 35.32
CA GLY F 287 -16.51 31.15 34.28
C GLY F 287 -17.39 32.06 33.42
N GLN F 288 -18.41 32.61 34.03
CA GLN F 288 -19.31 33.51 33.33
C GLN F 288 -19.13 34.92 33.93
N ILE F 289 -19.37 35.95 33.15
CA ILE F 289 -19.19 37.31 33.67
C ILE F 289 -20.23 37.67 34.74
N LYS F 290 -19.75 38.24 35.85
CA LYS F 290 -20.61 38.65 36.96
C LYS F 290 -21.03 40.10 36.79
N PRO F 291 -22.12 40.49 37.46
CA PRO F 291 -22.60 41.87 37.37
C PRO F 291 -21.70 42.74 38.23
N THR F 292 -21.45 43.96 37.79
CA THR F 292 -20.59 44.85 38.56
C THR F 292 -21.33 46.11 38.95
N HIS F 293 -20.75 46.86 39.88
CA HIS F 293 -21.35 48.09 40.35
C HIS F 293 -20.34 49.13 40.79
N SER F 294 -20.73 50.40 40.68
CA SER F 294 -19.90 51.53 41.12
C SER F 294 -20.68 52.79 40.92
N ILE F 295 -20.51 53.73 41.83
CA ILE F 295 -21.24 55.00 41.72
C ILE F 295 -20.66 55.78 40.54
N ALA F 296 -19.42 55.48 40.17
CA ALA F 296 -18.76 56.14 39.05
C ALA F 296 -18.92 55.25 37.82
N PRO F 297 -19.72 55.70 36.83
CA PRO F 297 -19.97 54.95 35.61
C PRO F 297 -18.71 54.41 34.94
N GLY F 298 -17.73 55.27 34.71
CA GLY F 298 -16.52 54.84 34.07
C GLY F 298 -15.74 53.74 34.77
N LEU F 299 -16.10 53.45 36.01
CA LEU F 299 -15.41 52.41 36.77
C LEU F 299 -16.15 51.08 36.82
N ASP F 300 -17.39 51.11 36.34
CA ASP F 300 -18.28 49.95 36.31
C ASP F 300 -17.96 48.98 35.15
N TYR F 301 -16.86 48.25 35.26
CA TYR F 301 -16.49 47.31 34.22
C TYR F 301 -15.93 46.05 34.87
N PRO F 302 -16.42 44.87 34.43
CA PRO F 302 -16.01 43.55 34.95
C PRO F 302 -14.59 43.13 34.58
N GLY F 303 -13.96 43.88 33.68
CA GLY F 303 -12.62 43.52 33.28
C GLY F 303 -11.58 44.61 33.57
N VAL F 304 -10.44 44.51 32.90
CA VAL F 304 -9.36 45.46 33.06
C VAL F 304 -8.29 45.22 31.99
N GLY F 305 -7.58 46.27 31.62
CA GLY F 305 -6.55 46.13 30.61
C GLY F 305 -5.50 45.08 30.93
N PRO F 306 -5.00 44.38 29.91
CA PRO F 306 -3.99 43.33 30.07
C PRO F 306 -2.70 43.87 30.69
N GLU F 307 -2.34 45.09 30.30
CA GLU F 307 -1.11 45.69 30.79
C GLU F 307 -1.14 45.93 32.29
N HIS F 308 -2.34 46.10 32.84
CA HIS F 308 -2.44 46.33 34.27
C HIS F 308 -2.31 44.98 34.98
N ALA F 309 -2.85 43.94 34.35
CA ALA F 309 -2.77 42.60 34.91
C ALA F 309 -1.27 42.28 34.98
N TYR F 310 -0.57 42.62 33.91
CA TYR F 310 0.86 42.36 33.86
C TYR F 310 1.61 43.13 34.94
N LEU F 311 1.28 44.40 35.12
CA LEU F 311 1.95 45.20 36.13
C LEU F 311 1.68 44.68 37.53
N LYS F 312 0.46 44.18 37.75
CA LYS F 312 0.08 43.63 39.04
C LYS F 312 0.92 42.37 39.29
N LYS F 313 0.95 41.51 38.28
CA LYS F 313 1.68 40.26 38.35
C LYS F 313 3.14 40.48 38.78
N ILE F 314 3.91 41.19 37.97
CA ILE F 314 5.31 41.46 38.27
C ILE F 314 5.46 42.42 39.45
N GLN F 315 4.33 42.79 40.04
CA GLN F 315 4.32 43.68 41.18
C GLN F 315 5.02 45.01 40.96
N ARG F 316 4.88 45.57 39.78
CA ARG F 316 5.49 46.87 39.45
C ARG F 316 4.52 47.97 39.88
N ALA F 317 3.25 47.58 40.02
CA ALA F 317 2.20 48.50 40.43
C ALA F 317 1.32 47.83 41.47
N GLU F 318 0.82 48.62 42.41
CA GLU F 318 -0.04 48.09 43.46
C GLU F 318 -1.45 48.58 43.19
N TYR F 319 -2.44 47.68 43.28
CA TYR F 319 -3.82 48.09 43.04
C TYR F 319 -4.65 47.98 44.30
N VAL F 320 -5.43 49.03 44.57
CA VAL F 320 -6.26 49.09 45.76
C VAL F 320 -7.71 49.39 45.37
N THR F 321 -8.56 49.60 46.37
CA THR F 321 -9.95 49.94 46.11
C THR F 321 -10.45 51.00 47.08
N VAL F 322 -11.53 51.68 46.70
CA VAL F 322 -12.15 52.72 47.50
C VAL F 322 -13.65 52.56 47.33
N THR F 323 -14.42 52.81 48.39
CA THR F 323 -15.86 52.65 48.32
C THR F 323 -16.60 53.83 47.72
N ASP F 324 -17.87 53.62 47.40
CA ASP F 324 -18.68 54.67 46.81
C ASP F 324 -18.73 55.82 47.80
N GLU F 325 -18.85 55.47 49.07
CA GLU F 325 -18.94 56.47 50.12
C GLU F 325 -17.67 57.30 50.24
N GLU F 326 -16.52 56.64 50.15
CA GLU F 326 -15.25 57.34 50.24
C GLU F 326 -15.04 58.28 49.07
N ALA F 327 -15.29 57.78 47.86
CA ALA F 327 -15.13 58.57 46.65
C ALA F 327 -16.05 59.76 46.71
N LEU F 328 -17.25 59.52 47.19
CA LEU F 328 -18.24 60.58 47.29
C LEU F 328 -17.74 61.65 48.25
N LYS F 329 -17.03 61.24 49.32
CA LYS F 329 -16.50 62.20 50.29
C LYS F 329 -15.45 63.08 49.63
N ALA F 330 -14.51 62.42 48.95
CA ALA F 330 -13.46 63.12 48.23
C ALA F 330 -14.09 64.11 47.25
N PHE F 331 -15.17 63.69 46.59
CA PHE F 331 -15.87 64.54 45.64
C PHE F 331 -16.17 65.88 46.30
N HIS F 332 -16.85 65.85 47.43
CA HIS F 332 -17.19 67.07 48.15
C HIS F 332 -15.96 67.82 48.67
N GLU F 333 -15.03 67.07 49.24
CA GLU F 333 -13.83 67.66 49.80
C GLU F 333 -13.04 68.48 48.78
N LEU F 334 -12.70 67.86 47.65
CA LEU F 334 -11.93 68.57 46.63
C LEU F 334 -12.68 69.83 46.20
N SER F 335 -14.00 69.73 46.10
CA SER F 335 -14.82 70.84 45.68
C SER F 335 -14.72 72.03 46.62
N ARG F 336 -14.94 71.76 47.90
CA ARG F 336 -14.90 72.80 48.94
C ARG F 336 -13.51 73.34 49.22
N THR F 337 -12.53 72.44 49.25
CA THR F 337 -11.15 72.76 49.56
C THR F 337 -10.29 73.37 48.47
N GLU F 338 -10.37 72.86 47.25
CA GLU F 338 -9.55 73.41 46.18
C GLU F 338 -10.35 74.09 45.07
N GLY F 339 -11.68 74.06 45.18
CA GLY F 339 -12.51 74.68 44.17
C GLY F 339 -12.47 73.96 42.83
N ILE F 340 -12.36 72.64 42.88
CA ILE F 340 -12.31 71.80 41.70
C ILE F 340 -13.27 70.63 41.89
N ILE F 341 -14.33 70.58 41.08
CA ILE F 341 -15.31 69.49 41.16
C ILE F 341 -14.82 68.35 40.25
N PRO F 342 -14.38 67.24 40.83
CA PRO F 342 -13.88 66.10 40.06
C PRO F 342 -14.94 65.12 39.59
N ALA F 343 -14.58 64.29 38.62
CA ALA F 343 -15.49 63.28 38.13
C ALA F 343 -15.48 62.20 39.20
N LEU F 344 -16.58 61.47 39.36
CA LEU F 344 -16.63 60.42 40.37
C LEU F 344 -15.52 59.38 40.17
N GLU F 345 -15.15 59.13 38.92
CA GLU F 345 -14.09 58.18 38.66
C GLU F 345 -12.83 58.71 39.32
N SER F 346 -12.50 59.96 39.02
CA SER F 346 -11.30 60.62 39.58
C SER F 346 -11.35 60.71 41.10
N ALA F 347 -12.53 60.99 41.63
CA ALA F 347 -12.70 61.11 43.07
C ALA F 347 -12.18 59.86 43.81
N HIS F 348 -12.17 58.71 43.14
CA HIS F 348 -11.67 57.52 43.79
C HIS F 348 -10.19 57.66 44.03
N ALA F 349 -9.47 58.18 43.05
CA ALA F 349 -8.03 58.36 43.19
C ALA F 349 -7.78 59.42 44.23
N VAL F 350 -8.54 60.51 44.18
CA VAL F 350 -8.37 61.58 45.15
C VAL F 350 -8.56 61.03 46.57
N ALA F 351 -9.61 60.25 46.75
CA ALA F 351 -9.89 59.68 48.05
C ALA F 351 -8.71 58.83 48.57
N TYR F 352 -8.27 57.86 47.77
CA TYR F 352 -7.18 57.03 48.24
C TYR F 352 -5.92 57.83 48.50
N ALA F 353 -5.61 58.73 47.58
CA ALA F 353 -4.41 59.55 47.73
C ALA F 353 -4.48 60.33 49.04
N MET F 354 -5.68 60.72 49.44
CA MET F 354 -5.83 61.48 50.69
C MET F 354 -5.44 60.67 51.93
N LYS F 355 -5.92 59.44 52.03
CA LYS F 355 -5.60 58.64 53.19
C LYS F 355 -4.15 58.15 53.12
N LEU F 356 -3.65 57.96 51.91
CA LEU F 356 -2.27 57.50 51.72
C LEU F 356 -1.30 58.63 52.07
N ALA F 357 -1.70 59.86 51.80
CA ALA F 357 -0.87 61.01 52.08
C ALA F 357 -0.67 61.19 53.57
N LYS F 358 -1.71 60.89 54.34
CA LYS F 358 -1.64 61.05 55.79
C LYS F 358 -0.57 60.20 56.43
N GLU F 359 -0.24 59.08 55.80
CA GLU F 359 0.76 58.17 56.36
C GLU F 359 2.15 58.43 55.81
N MET F 360 2.38 59.61 55.26
CA MET F 360 3.68 59.93 54.70
C MET F 360 4.22 61.22 55.29
N SER F 361 5.49 61.51 55.09
CA SER F 361 6.10 62.70 55.65
C SER F 361 5.89 63.94 54.81
N ARG F 362 5.82 65.08 55.48
CA ARG F 362 5.57 66.36 54.84
C ARG F 362 6.50 66.71 53.68
N ASP F 363 7.54 65.93 53.46
CA ASP F 363 8.47 66.23 52.37
C ASP F 363 8.32 65.28 51.17
N GLU F 364 7.37 64.36 51.27
CA GLU F 364 7.12 63.40 50.20
C GLU F 364 6.15 63.95 49.15
N ILE F 365 6.15 63.33 47.98
CA ILE F 365 5.32 63.79 46.86
C ILE F 365 4.37 62.78 46.23
N ILE F 366 3.11 63.19 46.10
CA ILE F 366 2.11 62.34 45.49
C ILE F 366 1.48 63.10 44.32
N ILE F 367 1.36 62.43 43.18
CA ILE F 367 0.72 63.03 42.01
C ILE F 367 -0.53 62.21 41.73
N VAL F 368 -1.68 62.86 41.74
CA VAL F 368 -2.94 62.20 41.46
C VAL F 368 -3.43 62.62 40.08
N ASN F 369 -3.88 61.66 39.30
CA ASN F 369 -4.36 61.94 37.97
C ASN F 369 -5.85 62.28 38.01
N LEU F 370 -6.18 63.58 37.89
CA LEU F 370 -7.58 63.99 37.89
C LEU F 370 -8.11 63.84 36.47
N SER F 371 -8.50 62.60 36.12
CA SER F 371 -8.96 62.25 34.79
C SER F 371 -10.11 63.06 34.16
N GLY F 372 -10.93 63.73 34.98
CA GLY F 372 -12.01 64.49 34.38
C GLY F 372 -12.79 65.37 35.34
N ARG F 373 -13.57 66.29 34.80
CA ARG F 373 -14.37 67.17 35.64
C ARG F 373 -15.66 66.49 36.03
N GLY F 374 -16.24 66.91 37.15
CA GLY F 374 -17.45 66.29 37.64
C GLY F 374 -18.79 66.89 37.24
N ASP F 375 -18.79 67.80 36.28
CA ASP F 375 -20.04 68.39 35.83
C ASP F 375 -21.02 67.27 35.47
N LYS F 376 -20.51 66.26 34.77
CA LYS F 376 -21.33 65.13 34.35
C LYS F 376 -21.99 64.36 35.49
N ASP F 377 -21.42 64.42 36.68
CA ASP F 377 -21.97 63.67 37.78
C ASP F 377 -22.83 64.42 38.77
N LEU F 378 -23.14 65.69 38.49
CA LEU F 378 -23.97 66.44 39.43
C LEU F 378 -25.28 65.73 39.76
N ASP F 379 -25.99 65.25 38.75
CA ASP F 379 -27.24 64.55 39.03
C ASP F 379 -27.01 63.35 39.93
N ILE F 380 -26.07 62.49 39.58
CA ILE F 380 -25.78 61.31 40.41
C ILE F 380 -25.65 61.76 41.86
N VAL F 381 -24.71 62.67 42.12
CA VAL F 381 -24.44 63.15 43.47
C VAL F 381 -25.65 63.86 44.10
N LEU F 382 -26.15 64.87 43.42
CA LEU F 382 -27.30 65.63 43.91
C LEU F 382 -28.40 64.70 44.39
N LYS F 383 -28.54 63.55 43.75
CA LYS F 383 -29.56 62.60 44.13
C LYS F 383 -29.22 61.98 45.47
N VAL F 384 -28.20 61.13 45.52
CA VAL F 384 -27.83 60.48 46.77
C VAL F 384 -27.62 61.40 47.96
N SER F 385 -26.74 62.39 47.81
CA SER F 385 -26.47 63.30 48.89
C SER F 385 -27.55 64.36 49.07
N MET G 1 -33.13 125.19 56.31
CA MET G 1 -34.22 125.83 55.56
C MET G 1 -35.57 125.52 56.20
N PHE G 2 -35.54 125.01 57.44
CA PHE G 2 -36.74 124.67 58.17
C PHE G 2 -36.55 124.99 59.64
N LYS G 3 -37.65 125.27 60.36
CA LYS G 3 -37.58 125.61 61.78
C LYS G 3 -36.98 124.47 62.60
N ASP G 4 -36.19 124.79 63.62
CA ASP G 4 -35.60 123.74 64.43
C ASP G 4 -36.69 122.92 65.11
N GLY G 5 -36.39 121.65 65.39
CA GLY G 5 -37.35 120.78 66.04
C GLY G 5 -38.46 120.33 65.10
N SER G 6 -38.32 120.65 63.81
CA SER G 6 -39.33 120.29 62.83
C SER G 6 -39.30 118.81 62.47
N LEU G 7 -40.47 118.29 62.13
CA LEU G 7 -40.61 116.92 61.73
C LEU G 7 -40.70 116.99 60.21
N ILE G 8 -39.86 116.22 59.51
CA ILE G 8 -39.84 116.24 58.05
C ILE G 8 -40.30 114.92 57.39
N PRO G 9 -41.51 114.92 56.83
CA PRO G 9 -42.04 113.72 56.18
C PRO G 9 -41.44 113.51 54.80
N TYR G 10 -41.38 112.24 54.40
CA TYR G 10 -40.88 111.87 53.09
C TYR G 10 -41.92 111.02 52.36
N LEU G 11 -42.20 111.37 51.10
CA LEU G 11 -43.14 110.63 50.28
C LEU G 11 -42.61 110.48 48.87
N THR G 12 -42.93 109.37 48.23
CA THR G 12 -42.51 109.13 46.87
C THR G 12 -43.61 109.60 45.93
N ALA G 13 -43.33 110.63 45.14
CA ALA G 13 -44.30 111.17 44.19
C ALA G 13 -44.87 110.08 43.27
N GLY G 14 -46.20 110.03 43.17
CA GLY G 14 -46.84 109.06 42.32
C GLY G 14 -47.15 107.71 42.96
N ASP G 15 -47.06 107.64 44.29
CA ASP G 15 -47.34 106.41 45.01
C ASP G 15 -48.56 106.58 45.91
N PRO G 16 -49.71 106.02 45.52
CA PRO G 16 -50.00 105.25 44.30
C PRO G 16 -50.27 106.03 43.01
N ASP G 17 -50.58 107.31 43.13
CA ASP G 17 -50.85 108.14 41.94
C ASP G 17 -50.59 109.62 42.23
N LYS G 18 -50.42 110.43 41.19
CA LYS G 18 -50.11 111.84 41.44
C LYS G 18 -51.10 112.55 42.33
N GLN G 19 -52.39 112.23 42.19
CA GLN G 19 -53.41 112.89 43.01
C GLN G 19 -53.24 112.52 44.48
N SER G 20 -53.18 111.23 44.77
CA SER G 20 -53.00 110.76 46.14
C SER G 20 -51.81 111.40 46.85
N THR G 21 -50.71 111.62 46.12
CA THR G 21 -49.52 112.22 46.71
C THR G 21 -49.86 113.64 47.17
N LEU G 22 -50.55 114.39 46.32
CA LEU G 22 -50.93 115.74 46.67
C LEU G 22 -51.80 115.72 47.92
N ASN G 23 -52.70 114.74 47.97
CA ASN G 23 -53.59 114.60 49.10
C ASN G 23 -52.80 114.34 50.39
N PHE G 24 -51.89 113.39 50.35
CA PHE G 24 -51.08 113.08 51.52
C PHE G 24 -50.30 114.30 51.99
N LEU G 25 -49.77 115.06 51.04
CA LEU G 25 -49.01 116.26 51.37
C LEU G 25 -49.87 117.25 52.13
N LEU G 26 -51.04 117.54 51.57
CA LEU G 26 -51.93 118.49 52.20
C LEU G 26 -52.36 118.05 53.58
N ALA G 27 -52.58 116.75 53.76
CA ALA G 27 -53.00 116.20 55.05
C ALA G 27 -51.94 116.24 56.13
N LEU G 28 -50.68 116.13 55.72
CA LEU G 28 -49.57 116.13 56.67
C LEU G 28 -48.97 117.51 56.87
N ASP G 29 -49.20 118.39 55.90
CA ASP G 29 -48.65 119.73 55.94
C ASP G 29 -48.60 120.40 57.32
N GLU G 30 -49.72 120.41 58.03
CA GLU G 30 -49.82 121.03 59.34
C GLU G 30 -48.86 120.50 60.41
N TYR G 31 -48.39 119.28 60.25
CA TYR G 31 -47.48 118.71 61.24
C TYR G 31 -46.02 118.82 60.83
N ALA G 32 -45.80 119.15 59.57
CA ALA G 32 -44.45 119.23 59.03
C ALA G 32 -43.83 120.61 58.98
N GLY G 33 -42.51 120.65 59.17
CA GLY G 33 -41.75 121.88 59.13
C GLY G 33 -41.10 122.00 57.76
N ALA G 34 -41.12 120.88 57.03
CA ALA G 34 -40.57 120.77 55.69
C ALA G 34 -40.93 119.40 55.14
N ILE G 35 -41.03 119.29 53.81
CA ILE G 35 -41.38 118.01 53.19
C ILE G 35 -40.39 117.56 52.10
N GLU G 36 -40.04 116.27 52.13
CA GLU G 36 -39.14 115.71 51.12
C GLU G 36 -39.97 114.91 50.11
N LEU G 37 -39.90 115.28 48.84
CA LEU G 37 -40.65 114.58 47.79
C LEU G 37 -39.70 113.81 46.87
N GLY G 38 -39.86 112.50 46.80
CA GLY G 38 -39.00 111.69 45.96
C GLY G 38 -39.50 111.42 44.55
N ILE G 39 -38.61 111.55 43.56
CA ILE G 39 -38.93 111.28 42.16
C ILE G 39 -38.57 109.82 41.82
N PRO G 40 -39.57 109.00 41.49
CA PRO G 40 -39.39 107.58 41.15
C PRO G 40 -38.27 107.28 40.14
N PHE G 41 -37.43 106.33 40.50
CA PHE G 41 -36.32 105.92 39.64
C PHE G 41 -36.37 104.40 39.47
N SER G 42 -36.02 103.93 38.28
CA SER G 42 -36.06 102.49 38.02
C SER G 42 -35.00 101.74 38.79
N ASP G 43 -33.87 102.38 39.06
CA ASP G 43 -32.79 101.70 39.77
C ASP G 43 -32.24 102.42 40.99
N PRO G 44 -32.99 102.43 42.10
CA PRO G 44 -32.53 103.09 43.33
C PRO G 44 -31.34 102.28 43.83
N ILE G 45 -30.38 102.92 44.49
CA ILE G 45 -29.23 102.18 44.98
C ILE G 45 -29.20 102.17 46.50
N ALA G 46 -29.25 100.96 47.06
CA ALA G 46 -29.25 100.76 48.52
C ALA G 46 -30.14 101.83 49.15
N ASP G 47 -31.35 101.98 48.62
CA ASP G 47 -32.28 102.99 49.10
C ASP G 47 -33.14 102.50 50.26
N GLY G 48 -33.06 101.20 50.56
CA GLY G 48 -33.87 100.68 51.66
C GLY G 48 -35.17 100.10 51.12
N LYS G 49 -35.42 98.83 51.44
CA LYS G 49 -36.60 98.11 50.95
C LYS G 49 -37.94 98.83 50.91
N THR G 50 -38.36 99.43 52.01
CA THR G 50 -39.65 100.12 52.04
C THR G 50 -39.72 101.22 50.99
N ILE G 51 -38.69 102.06 50.93
CA ILE G 51 -38.68 103.15 49.96
C ILE G 51 -38.48 102.60 48.55
N GLN G 52 -37.56 101.65 48.43
CA GLN G 52 -37.25 101.02 47.17
C GLN G 52 -38.53 100.51 46.51
N GLU G 53 -39.40 99.87 47.29
CA GLU G 53 -40.66 99.35 46.76
C GLU G 53 -41.61 100.43 46.29
N SER G 54 -41.61 101.59 46.96
CA SER G 54 -42.49 102.68 46.57
C SER G 54 -42.12 103.16 45.18
N HIS G 55 -40.84 103.13 44.85
CA HIS G 55 -40.37 103.55 43.54
C HIS G 55 -40.99 102.67 42.46
N TYR G 56 -40.95 101.36 42.68
CA TYR G 56 -41.50 100.42 41.73
C TYR G 56 -43.00 100.67 41.56
N ARG G 57 -43.71 100.81 42.68
CA ARG G 57 -45.15 101.07 42.63
C ARG G 57 -45.45 102.28 41.74
N ALA G 58 -44.81 103.41 42.07
CA ALA G 58 -45.01 104.64 41.33
C ALA G 58 -44.83 104.46 39.83
N LEU G 59 -43.73 103.82 39.44
CA LEU G 59 -43.44 103.59 38.03
C LEU G 59 -44.37 102.59 37.38
N LYS G 60 -44.79 101.59 38.14
CA LYS G 60 -45.71 100.59 37.60
C LYS G 60 -47.02 101.25 37.20
N ASN G 61 -47.42 102.27 37.95
CA ASN G 61 -48.66 102.98 37.67
C ASN G 61 -48.44 104.10 36.66
N GLY G 62 -47.33 104.00 35.93
CA GLY G 62 -47.04 104.98 34.90
C GLY G 62 -46.70 106.40 35.30
N PHE G 63 -45.87 106.57 36.31
CA PHE G 63 -45.48 107.90 36.73
C PHE G 63 -44.63 108.58 35.66
N LYS G 64 -44.68 109.91 35.63
CA LYS G 64 -43.92 110.67 34.67
C LYS G 64 -43.36 111.95 35.31
N LEU G 65 -42.09 112.26 35.02
CA LEU G 65 -41.42 113.42 35.60
C LEU G 65 -42.24 114.68 35.76
N ARG G 66 -43.00 115.09 34.74
CA ARG G 66 -43.78 116.33 34.90
C ARG G 66 -44.78 116.21 36.04
N GLU G 67 -45.35 115.02 36.23
CA GLU G 67 -46.33 114.81 37.31
C GLU G 67 -45.75 115.18 38.69
N ALA G 68 -44.44 115.10 38.82
CA ALA G 68 -43.78 115.46 40.08
C ALA G 68 -43.91 116.95 40.26
N PHE G 69 -43.49 117.70 39.25
CA PHE G 69 -43.56 119.16 39.28
C PHE G 69 -44.99 119.64 39.48
N TRP G 70 -45.94 118.91 38.90
CA TRP G 70 -47.36 119.24 39.02
C TRP G 70 -47.78 119.18 40.49
N ILE G 71 -47.40 118.08 41.16
CA ILE G 71 -47.74 117.92 42.57
C ILE G 71 -47.20 119.10 43.36
N VAL G 72 -45.95 119.43 43.14
CA VAL G 72 -45.33 120.53 43.86
C VAL G 72 -46.04 121.85 43.59
N LYS G 73 -46.32 122.13 42.32
CA LYS G 73 -46.99 123.37 41.94
C LYS G 73 -48.39 123.45 42.53
N GLU G 74 -49.12 122.34 42.46
CA GLU G 74 -50.48 122.28 42.99
C GLU G 74 -50.46 122.50 44.52
N PHE G 75 -49.51 121.86 45.19
CA PHE G 75 -49.38 121.99 46.63
C PHE G 75 -49.10 123.43 46.99
N ARG G 76 -48.35 124.12 46.15
CA ARG G 76 -48.02 125.52 46.39
C ARG G 76 -49.24 126.43 46.43
N ARG G 77 -50.34 125.99 45.82
CA ARG G 77 -51.57 126.79 45.82
C ARG G 77 -52.17 126.86 47.24
N HIS G 78 -51.74 125.98 48.12
CA HIS G 78 -52.30 125.96 49.47
C HIS G 78 -51.27 126.24 50.54
N SER G 79 -50.07 125.69 50.38
CA SER G 79 -49.04 125.87 51.39
C SER G 79 -47.77 126.50 50.85
N SER G 80 -46.91 126.86 51.78
CA SER G 80 -45.63 127.46 51.47
C SER G 80 -44.52 126.65 52.16
N THR G 81 -44.93 125.59 52.86
CA THR G 81 -43.98 124.71 53.55
C THR G 81 -42.84 124.33 52.61
N PRO G 82 -41.59 124.43 53.09
CA PRO G 82 -40.43 124.09 52.26
C PRO G 82 -40.55 122.69 51.63
N ILE G 83 -40.27 122.61 50.34
CA ILE G 83 -40.31 121.35 49.61
C ILE G 83 -38.92 121.00 49.10
N VAL G 84 -38.39 119.86 49.51
CA VAL G 84 -37.09 119.43 49.05
C VAL G 84 -37.29 118.26 48.10
N LEU G 85 -36.86 118.44 46.86
CA LEU G 85 -36.98 117.41 45.83
C LEU G 85 -35.82 116.43 45.92
N MET G 86 -36.12 115.13 45.95
CA MET G 86 -35.07 114.13 46.03
C MET G 86 -35.13 113.20 44.82
N THR G 87 -34.08 113.26 44.01
CA THR G 87 -34.02 112.46 42.79
C THR G 87 -32.63 111.99 42.46
N TYR G 88 -32.54 111.03 41.54
CA TYR G 88 -31.25 110.53 41.10
C TYR G 88 -30.81 111.43 39.97
N TYR G 89 -29.53 111.41 39.67
CA TYR G 89 -28.96 112.29 38.64
C TYR G 89 -29.47 112.12 37.21
N ASN G 90 -29.77 110.89 36.80
CA ASN G 90 -30.20 110.64 35.43
C ASN G 90 -31.25 111.58 34.87
N PRO G 91 -32.36 111.78 35.58
CA PRO G 91 -33.41 112.67 35.08
C PRO G 91 -32.91 114.11 34.85
N ILE G 92 -32.15 114.63 35.79
CA ILE G 92 -31.69 116.00 35.63
C ILE G 92 -30.59 116.05 34.58
N TYR G 93 -29.83 114.98 34.44
CA TYR G 93 -28.76 114.94 33.44
C TYR G 93 -29.38 114.89 32.05
N ARG G 94 -30.36 114.01 31.93
CA ARG G 94 -31.08 113.78 30.70
C ARG G 94 -31.81 115.04 30.23
N ALA G 95 -32.08 115.96 31.16
CA ALA G 95 -32.81 117.17 30.81
C ALA G 95 -31.98 118.45 30.81
N GLY G 96 -30.80 118.39 31.40
CA GLY G 96 -29.96 119.57 31.46
C GLY G 96 -30.02 120.15 32.86
N VAL G 97 -28.88 120.19 33.54
CA VAL G 97 -28.82 120.70 34.90
C VAL G 97 -29.62 121.97 35.09
N ARG G 98 -29.21 123.04 34.41
CA ARG G 98 -29.91 124.31 34.52
C ARG G 98 -31.39 124.17 34.16
N ASN G 99 -31.71 123.50 33.07
CA ASN G 99 -33.10 123.33 32.68
C ASN G 99 -33.93 122.69 33.78
N PHE G 100 -33.41 121.63 34.39
CA PHE G 100 -34.12 120.92 35.45
C PHE G 100 -34.30 121.85 36.66
N LEU G 101 -33.18 122.40 37.15
CA LEU G 101 -33.20 123.29 38.29
C LEU G 101 -34.17 124.45 38.10
N ALA G 102 -34.27 124.92 36.87
CA ALA G 102 -35.15 126.02 36.53
C ALA G 102 -36.61 125.61 36.69
N GLU G 103 -36.98 124.52 36.04
CA GLU G 103 -38.35 124.03 36.13
C GLU G 103 -38.70 123.73 37.59
N ALA G 104 -37.72 123.26 38.36
CA ALA G 104 -37.93 122.93 39.77
C ALA G 104 -38.27 124.17 40.55
N LYS G 105 -37.47 125.21 40.37
CA LYS G 105 -37.66 126.48 41.05
C LYS G 105 -39.05 127.04 40.71
N ALA G 106 -39.37 127.01 39.43
CA ALA G 106 -40.65 127.50 38.94
C ALA G 106 -41.86 126.73 39.49
N SER G 107 -41.66 125.46 39.83
CA SER G 107 -42.76 124.66 40.36
C SER G 107 -42.99 124.92 41.84
N GLY G 108 -42.06 125.63 42.46
CA GLY G 108 -42.20 125.94 43.87
C GLY G 108 -41.29 125.09 44.75
N VAL G 109 -40.25 124.51 44.16
CA VAL G 109 -39.32 123.69 44.91
C VAL G 109 -38.28 124.59 45.56
N ASP G 110 -37.95 124.30 46.81
CA ASP G 110 -37.00 125.09 47.58
C ASP G 110 -35.60 124.48 47.58
N GLY G 111 -35.52 123.18 47.79
CA GLY G 111 -34.23 122.51 47.81
C GLY G 111 -34.21 121.21 47.04
N ILE G 112 -33.02 120.73 46.72
CA ILE G 112 -32.89 119.50 45.97
C ILE G 112 -31.71 118.68 46.48
N LEU G 113 -31.86 117.36 46.39
CA LEU G 113 -30.81 116.41 46.80
C LEU G 113 -30.64 115.36 45.71
N VAL G 114 -29.48 115.34 45.07
CA VAL G 114 -29.22 114.38 44.02
C VAL G 114 -28.53 113.20 44.70
N VAL G 115 -29.30 112.16 44.95
CA VAL G 115 -28.85 110.96 45.64
C VAL G 115 -27.56 110.30 45.18
N ASP G 116 -27.36 110.17 43.87
CA ASP G 116 -26.18 109.51 43.35
C ASP G 116 -25.14 110.40 42.67
N LEU G 117 -24.99 111.62 43.17
CA LEU G 117 -24.01 112.57 42.63
C LEU G 117 -23.03 112.95 43.75
N PRO G 118 -21.84 112.33 43.77
CA PRO G 118 -20.80 112.58 44.78
C PRO G 118 -20.52 114.04 45.01
N VAL G 119 -20.11 114.38 46.24
CA VAL G 119 -19.82 115.77 46.58
C VAL G 119 -18.76 116.33 45.66
N PHE G 120 -17.66 115.60 45.53
CA PHE G 120 -16.55 116.02 44.69
C PHE G 120 -16.88 116.07 43.21
N HIS G 121 -18.10 115.72 42.84
CA HIS G 121 -18.51 115.75 41.44
C HIS G 121 -19.65 116.76 41.24
N ALA G 122 -20.09 117.38 42.32
CA ALA G 122 -21.22 118.31 42.23
C ALA G 122 -20.84 119.78 42.22
N LYS G 123 -19.60 120.08 41.86
CA LYS G 123 -19.15 121.46 41.85
C LYS G 123 -20.02 122.30 40.92
N GLU G 124 -20.13 121.89 39.67
CA GLU G 124 -20.93 122.65 38.72
C GLU G 124 -22.40 122.67 39.09
N PHE G 125 -22.88 121.58 39.68
CA PHE G 125 -24.28 121.51 40.05
C PHE G 125 -24.62 122.55 41.11
N THR G 126 -23.88 122.56 42.21
CA THR G 126 -24.15 123.50 43.28
C THR G 126 -24.09 124.93 42.75
N GLU G 127 -23.25 125.12 41.74
CA GLU G 127 -23.06 126.43 41.12
C GLU G 127 -24.31 126.89 40.37
N ILE G 128 -24.83 126.04 39.51
CA ILE G 128 -26.04 126.38 38.74
C ILE G 128 -27.23 126.44 39.68
N ALA G 129 -27.19 125.62 40.73
CA ALA G 129 -28.27 125.57 41.71
C ALA G 129 -28.46 126.94 42.34
N ARG G 130 -27.35 127.56 42.73
CA ARG G 130 -27.37 128.89 43.34
C ARG G 130 -27.99 129.87 42.36
N GLU G 131 -27.45 129.88 41.15
CA GLU G 131 -27.93 130.78 40.11
C GLU G 131 -29.39 130.57 39.74
N GLU G 132 -29.93 129.40 40.07
CA GLU G 132 -31.32 129.13 39.74
C GLU G 132 -32.23 129.28 40.96
N GLY G 133 -31.62 129.65 42.08
CA GLY G 133 -32.39 129.85 43.29
C GLY G 133 -32.90 128.59 43.94
N ILE G 134 -32.07 127.55 43.94
CA ILE G 134 -32.41 126.27 44.55
C ILE G 134 -31.37 125.95 45.61
N LYS G 135 -31.81 125.60 46.81
CA LYS G 135 -30.86 125.27 47.86
C LYS G 135 -30.38 123.84 47.68
N THR G 136 -29.13 123.59 48.02
CA THR G 136 -28.57 122.26 47.88
C THR G 136 -28.63 121.45 49.17
N VAL G 137 -28.89 120.16 49.03
CA VAL G 137 -28.94 119.26 50.17
C VAL G 137 -28.05 118.07 49.84
N PHE G 138 -27.03 117.83 50.67
CA PHE G 138 -26.11 116.71 50.49
C PHE G 138 -26.21 115.83 51.71
N LEU G 139 -25.97 114.53 51.55
CA LEU G 139 -26.04 113.65 52.70
C LEU G 139 -24.70 113.08 53.14
N ALA G 140 -24.66 112.64 54.39
CA ALA G 140 -23.47 112.06 54.99
C ALA G 140 -23.88 110.83 55.78
N ALA G 141 -22.99 109.84 55.83
CA ALA G 141 -23.25 108.59 56.53
C ALA G 141 -22.24 108.34 57.64
N PRO G 142 -22.50 107.36 58.51
CA PRO G 142 -21.56 107.07 59.59
C PRO G 142 -20.14 106.87 59.08
N ASN G 143 -19.98 106.17 57.95
CA ASN G 143 -18.65 105.93 57.41
C ASN G 143 -18.02 107.13 56.70
N THR G 144 -18.67 108.28 56.75
CA THR G 144 -18.15 109.48 56.11
C THR G 144 -17.10 110.10 57.04
N PRO G 145 -15.87 110.28 56.55
CA PRO G 145 -14.78 110.88 57.35
C PRO G 145 -15.03 112.34 57.70
N ASP G 146 -14.50 112.79 58.83
CA ASP G 146 -14.69 114.18 59.24
C ASP G 146 -14.20 115.10 58.15
N GLU G 147 -13.28 114.60 57.34
CA GLU G 147 -12.75 115.39 56.25
C GLU G 147 -13.83 115.72 55.22
N ARG G 148 -14.47 114.69 54.66
CA ARG G 148 -15.52 114.90 53.66
C ARG G 148 -16.70 115.63 54.30
N LEU G 149 -16.98 115.32 55.56
CA LEU G 149 -18.08 115.94 56.29
C LEU G 149 -18.01 117.46 56.13
N LYS G 150 -16.82 118.02 56.34
CA LYS G 150 -16.61 119.46 56.22
C LYS G 150 -16.95 119.90 54.81
N VAL G 151 -16.38 119.21 53.82
CA VAL G 151 -16.62 119.55 52.41
C VAL G 151 -18.09 119.51 52.07
N ILE G 152 -18.80 118.53 52.63
CA ILE G 152 -20.23 118.36 52.39
C ILE G 152 -20.95 119.59 52.96
N ASP G 153 -20.58 119.97 54.19
CA ASP G 153 -21.16 121.13 54.84
C ASP G 153 -20.89 122.41 54.05
N ASP G 154 -19.65 122.53 53.56
CA ASP G 154 -19.23 123.69 52.80
C ASP G 154 -19.98 123.86 51.49
N MET G 155 -20.62 122.81 51.00
CA MET G 155 -21.36 122.92 49.75
C MET G 155 -22.87 122.92 49.94
N THR G 156 -23.31 122.65 51.17
CA THR G 156 -24.72 122.61 51.49
C THR G 156 -25.28 124.00 51.79
N THR G 157 -26.36 124.35 51.12
CA THR G 157 -27.01 125.64 51.33
C THR G 157 -28.41 125.42 51.89
N GLY G 158 -28.80 124.16 52.05
CA GLY G 158 -30.11 123.84 52.58
C GLY G 158 -29.95 123.21 53.94
N PHE G 159 -29.35 122.02 53.99
CA PHE G 159 -29.10 121.33 55.25
C PHE G 159 -28.45 119.98 54.95
N VAL G 160 -27.59 119.56 55.86
CA VAL G 160 -26.92 118.27 55.70
C VAL G 160 -27.88 117.18 56.14
N TYR G 161 -28.00 116.15 55.32
CA TYR G 161 -28.90 115.03 55.59
C TYR G 161 -28.13 113.81 56.12
N LEU G 162 -28.30 113.50 57.39
CA LEU G 162 -27.58 112.36 57.98
C LEU G 162 -28.42 111.09 57.90
N VAL G 163 -27.81 110.00 57.46
CA VAL G 163 -28.49 108.71 57.32
C VAL G 163 -27.66 107.62 57.96
N SER G 164 -28.32 106.55 58.45
CA SER G 164 -27.61 105.44 59.12
C SER G 164 -27.25 104.27 58.20
N LEU G 165 -26.17 103.56 58.56
CA LEU G 165 -25.67 102.42 57.79
C LEU G 165 -26.72 101.37 57.45
N TYR G 166 -27.78 101.30 58.24
CA TYR G 166 -28.85 100.32 58.01
C TYR G 166 -30.18 100.96 58.32
N GLU G 173 -36.22 98.75 66.96
CA GLU G 173 -35.87 99.82 66.07
C GLU G 173 -35.05 100.84 66.84
N GLU G 174 -34.19 100.33 67.72
CA GLU G 174 -33.36 101.20 68.52
C GLU G 174 -32.31 101.81 67.59
N ILE G 175 -32.27 103.13 67.60
CA ILE G 175 -31.34 103.85 66.74
C ILE G 175 -29.92 103.38 67.03
N PRO G 176 -29.21 102.91 66.01
CA PRO G 176 -27.83 102.43 66.14
C PRO G 176 -26.92 103.42 66.88
N LYS G 177 -25.99 102.88 67.68
CA LYS G 177 -25.08 103.74 68.41
C LYS G 177 -24.28 104.49 67.38
N THR G 178 -24.00 103.82 66.26
CA THR G 178 -23.24 104.40 65.16
C THR G 178 -23.91 105.65 64.57
N ALA G 179 -25.24 105.67 64.56
CA ALA G 179 -25.99 106.81 64.02
C ALA G 179 -25.88 108.03 64.91
N TYR G 180 -25.94 107.83 66.22
CA TYR G 180 -25.83 108.95 67.15
C TYR G 180 -24.46 109.58 67.03
N ASP G 181 -23.44 108.74 66.88
CA ASP G 181 -22.08 109.23 66.75
C ASP G 181 -21.95 110.14 65.52
N LEU G 182 -22.65 109.79 64.44
CA LEU G 182 -22.61 110.60 63.23
C LEU G 182 -23.20 111.97 63.57
N LEU G 183 -24.36 111.96 64.25
CA LEU G 183 -25.03 113.20 64.64
C LEU G 183 -24.12 114.06 65.51
N ARG G 184 -23.50 113.43 66.51
CA ARG G 184 -22.60 114.12 67.43
C ARG G 184 -21.55 114.89 66.64
N ARG G 185 -20.81 114.17 65.80
CA ARG G 185 -19.76 114.77 64.97
C ARG G 185 -20.32 115.86 64.07
N ALA G 186 -21.45 115.57 63.44
CA ALA G 186 -22.07 116.51 62.53
C ALA G 186 -22.33 117.85 63.20
N LYS G 187 -23.04 117.84 64.33
CA LYS G 187 -23.34 119.09 65.03
C LYS G 187 -22.05 119.80 65.41
N ARG G 188 -21.07 119.00 65.81
CA ARG G 188 -19.77 119.53 66.22
C ARG G 188 -18.91 120.03 65.05
N ILE G 189 -19.34 119.80 63.81
CA ILE G 189 -18.56 120.22 62.65
C ILE G 189 -19.31 121.10 61.63
N CYS G 190 -20.59 120.83 61.42
CA CYS G 190 -21.35 121.57 60.43
C CYS G 190 -21.85 122.94 60.86
N ARG G 191 -21.98 123.84 59.88
CA ARG G 191 -22.49 125.16 60.12
C ARG G 191 -23.96 125.12 59.75
N ASN G 192 -24.32 124.21 58.83
CA ASN G 192 -25.71 124.07 58.40
C ASN G 192 -26.57 123.31 59.38
N LYS G 193 -27.88 123.39 59.15
CA LYS G 193 -28.81 122.66 59.99
C LYS G 193 -28.64 121.20 59.59
N VAL G 194 -28.96 120.30 60.51
CA VAL G 194 -28.83 118.89 60.24
C VAL G 194 -30.16 118.16 60.40
N ALA G 195 -30.57 117.42 59.36
CA ALA G 195 -31.79 116.63 59.41
C ALA G 195 -31.37 115.17 59.53
N VAL G 196 -32.07 114.38 60.33
CA VAL G 196 -31.69 112.98 60.46
C VAL G 196 -32.75 112.00 59.95
N GLY G 197 -32.28 110.99 59.25
CA GLY G 197 -33.13 109.96 58.71
C GLY G 197 -32.54 108.65 59.18
N PHE G 198 -32.82 108.30 60.44
CA PHE G 198 -32.28 107.08 61.01
C PHE G 198 -33.32 105.97 61.12
N GLY G 199 -34.48 106.15 60.48
CA GLY G 199 -35.50 105.13 60.53
C GLY G 199 -36.38 105.20 61.76
N VAL G 200 -36.80 106.41 62.08
CA VAL G 200 -37.67 106.66 63.22
C VAL G 200 -38.97 105.89 63.06
N SER G 201 -39.45 105.27 64.14
CA SER G 201 -40.70 104.53 64.07
C SER G 201 -41.56 104.71 65.31
N LYS G 202 -40.97 105.29 66.36
CA LYS G 202 -41.72 105.52 67.59
C LYS G 202 -41.31 106.86 68.22
N ARG G 203 -42.26 107.47 68.92
CA ARG G 203 -42.05 108.76 69.56
C ARG G 203 -40.70 108.96 70.25
N GLU G 204 -40.25 107.95 70.98
CA GLU G 204 -38.98 108.02 71.70
C GLU G 204 -37.80 108.41 70.82
N HIS G 205 -37.83 107.96 69.57
CA HIS G 205 -36.78 108.26 68.61
C HIS G 205 -36.71 109.75 68.34
N VAL G 206 -37.84 110.31 67.94
CA VAL G 206 -37.95 111.73 67.64
C VAL G 206 -37.42 112.58 68.79
N VAL G 207 -37.87 112.25 70.01
CA VAL G 207 -37.47 112.97 71.20
C VAL G 207 -35.97 112.86 71.46
N SER G 208 -35.46 111.63 71.48
CA SER G 208 -34.04 111.40 71.72
C SER G 208 -33.16 112.09 70.69
N LEU G 209 -33.56 112.03 69.41
CA LEU G 209 -32.77 112.65 68.33
C LEU G 209 -32.75 114.16 68.40
N LEU G 210 -33.90 114.78 68.66
CA LEU G 210 -33.98 116.23 68.79
C LEU G 210 -33.09 116.63 69.96
N LYS G 211 -33.24 115.90 71.04
CA LYS G 211 -32.49 116.09 72.26
C LYS G 211 -30.99 116.08 72.02
N GLU G 212 -30.56 115.26 71.06
CA GLU G 212 -29.14 115.14 70.76
C GLU G 212 -28.65 116.18 69.76
N GLY G 213 -29.49 117.14 69.42
CA GLY G 213 -29.07 118.19 68.51
C GLY G 213 -29.59 118.14 67.09
N ALA G 214 -30.49 117.23 66.80
CA ALA G 214 -31.02 117.13 65.46
C ALA G 214 -31.94 118.31 65.18
N ASN G 215 -31.60 119.11 64.19
CA ASN G 215 -32.43 120.27 63.82
C ASN G 215 -33.75 119.78 63.25
N GLY G 216 -33.68 118.68 62.52
CA GLY G 216 -34.89 118.10 61.94
C GLY G 216 -34.85 116.58 62.00
N VAL G 217 -36.02 115.97 62.05
CA VAL G 217 -36.09 114.51 62.08
C VAL G 217 -36.97 114.08 60.93
N VAL G 218 -36.38 113.34 60.00
CA VAL G 218 -37.08 112.86 58.82
C VAL G 218 -37.84 111.57 59.09
N VAL G 219 -39.06 111.49 58.57
CA VAL G 219 -39.89 110.31 58.72
C VAL G 219 -40.36 109.91 57.34
N GLY G 220 -39.79 108.82 56.82
CA GLY G 220 -40.15 108.34 55.51
C GLY G 220 -40.66 106.92 55.51
N SER G 221 -39.82 105.96 55.89
CA SER G 221 -40.24 104.56 55.92
C SER G 221 -41.57 104.34 56.64
N ALA G 222 -41.65 104.82 57.87
CA ALA G 222 -42.85 104.69 58.67
C ALA G 222 -44.09 105.13 57.90
N LEU G 223 -43.95 106.18 57.09
CA LEU G 223 -45.07 106.69 56.30
C LEU G 223 -45.31 105.96 55.00
N VAL G 224 -44.29 105.77 54.19
CA VAL G 224 -44.48 105.08 52.91
C VAL G 224 -44.89 103.64 53.12
N LYS G 225 -44.58 103.09 54.29
CA LYS G 225 -44.95 101.71 54.59
C LYS G 225 -46.48 101.65 54.67
N ILE G 226 -47.08 102.70 55.25
CA ILE G 226 -48.52 102.82 55.38
C ILE G 226 -49.14 103.08 54.03
N ILE G 227 -48.49 103.92 53.24
CA ILE G 227 -48.98 104.24 51.90
C ILE G 227 -48.97 102.99 51.02
N GLY G 228 -48.11 102.05 51.38
CA GLY G 228 -48.04 100.82 50.62
C GLY G 228 -49.14 99.86 51.04
N GLU G 229 -49.56 99.93 52.30
CA GLU G 229 -50.59 99.05 52.81
C GLU G 229 -52.00 99.59 52.62
N LYS G 230 -52.15 100.91 52.57
CA LYS G 230 -53.47 101.51 52.43
C LYS G 230 -53.76 102.16 51.07
N GLY G 231 -52.73 102.28 50.23
CA GLY G 231 -52.93 102.88 48.93
C GLY G 231 -53.60 104.25 48.96
N ARG G 232 -54.63 104.43 48.14
CA ARG G 232 -55.33 105.71 48.08
C ARG G 232 -56.00 106.08 49.41
N GLU G 233 -56.26 105.09 50.25
CA GLU G 233 -56.93 105.30 51.52
C GLU G 233 -55.98 105.50 52.69
N ALA G 234 -54.76 105.94 52.42
CA ALA G 234 -53.78 106.10 53.49
C ALA G 234 -53.90 107.37 54.31
N THR G 235 -54.47 108.41 53.73
CA THR G 235 -54.59 109.70 54.40
C THR G 235 -54.78 109.68 55.92
N GLU G 236 -55.87 109.10 56.39
CA GLU G 236 -56.13 109.08 57.82
C GLU G 236 -55.06 108.40 58.65
N PHE G 237 -54.62 107.22 58.22
CA PHE G 237 -53.60 106.47 58.93
C PHE G 237 -52.27 107.21 59.00
N LEU G 238 -51.98 108.00 57.96
CA LEU G 238 -50.74 108.76 57.94
C LEU G 238 -50.75 109.80 59.05
N LYS G 239 -51.86 110.51 59.19
CA LYS G 239 -52.00 111.53 60.22
C LYS G 239 -51.85 110.90 61.60
N LYS G 240 -52.56 109.80 61.83
CA LYS G 240 -52.50 109.09 63.10
C LYS G 240 -51.06 108.76 63.45
N LYS G 241 -50.30 108.27 62.48
CA LYS G 241 -48.90 107.93 62.72
C LYS G 241 -48.05 109.20 62.96
N VAL G 242 -48.26 110.23 62.17
CA VAL G 242 -47.50 111.45 62.35
C VAL G 242 -47.79 111.98 63.74
N GLU G 243 -49.07 111.98 64.11
CA GLU G 243 -49.47 112.47 65.42
C GLU G 243 -48.74 111.71 66.51
N GLU G 244 -48.65 110.40 66.36
CA GLU G 244 -47.94 109.58 67.34
C GLU G 244 -46.51 110.05 67.50
N LEU G 245 -45.84 110.27 66.37
CA LEU G 245 -44.44 110.70 66.38
C LEU G 245 -44.23 112.09 66.96
N LEU G 246 -45.20 112.99 66.76
CA LEU G 246 -45.07 114.32 67.31
C LEU G 246 -45.49 114.34 68.79
N GLY G 247 -46.12 113.26 69.23
CA GLY G 247 -46.54 113.18 70.61
C GLY G 247 -47.88 113.84 70.84
N ILE G 248 -48.64 113.99 69.75
CA ILE G 248 -49.96 114.58 69.80
C ILE G 248 -50.95 113.47 70.04
N MET H 1 -11.07 107.65 36.12
CA MET H 1 -12.37 106.97 36.39
C MET H 1 -13.31 107.24 35.23
N TRP H 2 -12.82 108.03 34.28
CA TRP H 2 -13.58 108.37 33.08
C TRP H 2 -12.96 107.81 31.81
N PHE H 3 -13.82 107.46 30.85
CA PHE H 3 -13.39 106.97 29.52
C PHE H 3 -14.07 107.96 28.60
N GLY H 4 -13.40 109.08 28.35
CA GLY H 4 -14.00 110.11 27.54
C GLY H 4 -14.99 110.78 28.47
N GLU H 5 -16.25 110.86 28.03
CA GLU H 5 -17.30 111.48 28.83
C GLU H 5 -18.00 110.42 29.70
N PHE H 6 -17.76 109.16 29.39
CA PHE H 6 -18.40 108.03 30.08
C PHE H 6 -17.67 107.52 31.31
N GLY H 7 -18.39 106.75 32.12
CA GLY H 7 -17.83 106.18 33.34
C GLY H 7 -18.36 106.84 34.61
N GLY H 8 -17.46 107.26 35.47
CA GLY H 8 -17.86 107.93 36.68
C GLY H 8 -17.97 107.08 37.93
N GLN H 9 -18.43 107.71 39.00
CA GLN H 9 -18.60 107.05 40.28
C GLN H 9 -19.91 107.51 40.91
N TYR H 10 -20.99 107.44 40.12
CA TYR H 10 -22.32 107.85 40.58
C TYR H 10 -23.02 106.94 41.57
N VAL H 11 -22.69 107.10 42.86
CA VAL H 11 -23.31 106.29 43.90
C VAL H 11 -23.55 107.10 45.16
N PRO H 12 -24.45 106.61 46.02
CA PRO H 12 -24.76 107.30 47.28
C PRO H 12 -23.49 107.40 48.11
N GLU H 13 -23.43 108.39 49.00
CA GLU H 13 -22.27 108.61 49.85
C GLU H 13 -21.87 107.38 50.66
N THR H 14 -22.84 106.52 50.97
CA THR H 14 -22.59 105.33 51.75
C THR H 14 -21.65 104.32 51.08
N LEU H 15 -21.53 104.42 49.75
CA LEU H 15 -20.67 103.52 48.97
C LEU H 15 -19.32 104.13 48.64
N ILE H 16 -19.18 105.43 48.88
CA ILE H 16 -17.94 106.12 48.58
C ILE H 16 -16.72 105.62 49.34
N GLU H 17 -16.81 105.47 50.65
CA GLU H 17 -15.63 105.02 51.39
C GLU H 17 -15.10 103.67 50.88
N PRO H 18 -15.97 102.66 50.79
CA PRO H 18 -15.52 101.34 50.31
C PRO H 18 -14.87 101.46 48.92
N LEU H 19 -15.49 102.26 48.05
CA LEU H 19 -14.96 102.46 46.72
C LEU H 19 -13.59 103.13 46.76
N LYS H 20 -13.51 104.25 47.49
CA LYS H 20 -12.25 104.98 47.62
C LYS H 20 -11.14 104.06 48.11
N GLU H 21 -11.45 103.23 49.10
CA GLU H 21 -10.46 102.33 49.63
C GLU H 21 -10.03 101.29 48.59
N LEU H 22 -10.99 100.80 47.81
CA LEU H 22 -10.69 99.80 46.79
C LEU H 22 -9.73 100.43 45.78
N GLU H 23 -9.94 101.71 45.48
CA GLU H 23 -9.07 102.43 44.55
C GLU H 23 -7.64 102.40 45.05
N LYS H 24 -7.46 102.72 46.33
CA LYS H 24 -6.14 102.74 46.93
C LYS H 24 -5.47 101.39 46.84
N ALA H 25 -6.15 100.36 47.30
CA ALA H 25 -5.60 99.02 47.27
C ALA H 25 -5.16 98.63 45.86
N TYR H 26 -6.06 98.83 44.90
CA TYR H 26 -5.75 98.47 43.53
C TYR H 26 -4.49 99.18 43.05
N LYS H 27 -4.29 100.42 43.48
CA LYS H 27 -3.10 101.16 43.07
C LYS H 27 -1.80 100.54 43.59
N ARG H 28 -1.76 100.18 44.86
CA ARG H 28 -0.55 99.60 45.42
C ARG H 28 -0.26 98.18 44.99
N PHE H 29 -1.27 97.44 44.55
CA PHE H 29 -1.02 96.06 44.15
C PHE H 29 -1.05 95.85 42.66
N LYS H 30 -1.70 96.77 41.95
CA LYS H 30 -1.81 96.70 40.51
C LYS H 30 -0.50 96.25 39.88
N ASP H 31 0.61 96.77 40.39
CA ASP H 31 1.90 96.42 39.84
C ASP H 31 2.86 95.80 40.86
N ASP H 32 2.36 95.44 42.04
CA ASP H 32 3.21 94.82 43.04
C ASP H 32 3.72 93.51 42.46
N GLU H 33 5.04 93.35 42.46
CA GLU H 33 5.65 92.14 41.92
C GLU H 33 5.07 90.87 42.53
N GLU H 34 5.00 90.81 43.85
CA GLU H 34 4.47 89.63 44.53
C GLU H 34 3.03 89.35 44.14
N PHE H 35 2.20 90.39 44.12
CA PHE H 35 0.80 90.21 43.74
C PHE H 35 0.68 89.53 42.38
N ASN H 36 1.31 90.10 41.35
CA ASN H 36 1.22 89.51 40.03
C ASN H 36 1.85 88.13 39.97
N ARG H 37 2.91 87.93 40.72
CA ARG H 37 3.56 86.63 40.71
C ARG H 37 2.55 85.54 41.10
N GLN H 38 1.74 85.83 42.12
CA GLN H 38 0.72 84.90 42.57
C GLN H 38 -0.43 84.84 41.57
N LEU H 39 -0.82 86.00 41.04
CA LEU H 39 -1.90 86.04 40.07
C LEU H 39 -1.58 85.14 38.89
N ASN H 40 -0.36 85.24 38.39
CA ASN H 40 0.01 84.40 37.25
C ASN H 40 0.09 82.96 37.66
N TYR H 41 0.52 82.74 38.89
CA TYR H 41 0.65 81.39 39.43
C TYR H 41 -0.67 80.62 39.40
N TYR H 42 -1.72 81.24 39.92
CA TYR H 42 -3.03 80.62 39.93
C TYR H 42 -3.60 80.53 38.52
N LEU H 43 -3.47 81.60 37.76
CA LEU H 43 -3.97 81.63 36.40
C LEU H 43 -3.39 80.45 35.63
N LYS H 44 -2.14 80.13 35.91
CA LYS H 44 -1.49 79.04 35.21
C LYS H 44 -1.80 77.65 35.72
N THR H 45 -1.42 77.36 36.94
CA THR H 45 -1.63 76.03 37.50
C THR H 45 -3.04 75.63 37.92
N TRP H 46 -3.91 76.63 38.16
CA TRP H 46 -5.27 76.34 38.60
C TRP H 46 -6.32 76.61 37.53
N ALA H 47 -6.19 77.75 36.86
CA ALA H 47 -7.11 78.15 35.80
C ALA H 47 -6.83 77.48 34.47
N GLY H 48 -5.56 77.14 34.24
CA GLY H 48 -5.20 76.49 33.00
C GLY H 48 -4.67 77.41 31.91
N ARG H 49 -4.43 78.68 32.22
CA ARG H 49 -3.90 79.61 31.22
C ARG H 49 -2.47 79.23 30.85
N PRO H 50 -2.08 79.47 29.59
CA PRO H 50 -2.88 80.08 28.52
C PRO H 50 -3.85 79.12 27.81
N THR H 51 -4.79 79.72 27.09
CA THR H 51 -5.77 78.97 26.33
C THR H 51 -5.26 79.01 24.92
N PRO H 52 -5.54 77.97 24.13
CA PRO H 52 -5.04 77.96 22.75
C PRO H 52 -5.83 78.87 21.81
N LEU H 53 -5.21 79.16 20.67
CA LEU H 53 -5.81 79.95 19.60
C LEU H 53 -6.00 78.88 18.53
N TYR H 54 -7.25 78.49 18.29
CA TYR H 54 -7.54 77.43 17.33
C TYR H 54 -7.95 77.93 15.96
N TYR H 55 -7.47 77.24 14.92
CA TYR H 55 -7.80 77.60 13.55
C TYR H 55 -8.92 76.70 13.05
N ALA H 56 -10.09 77.30 12.83
CA ALA H 56 -11.27 76.57 12.36
C ALA H 56 -11.13 76.30 10.87
N LYS H 57 -10.18 75.43 10.52
CA LYS H 57 -9.88 75.09 9.13
C LYS H 57 -11.14 74.70 8.37
N ARG H 58 -11.87 73.75 8.92
CA ARG H 58 -13.05 73.29 8.25
C ARG H 58 -14.16 74.33 8.11
N LEU H 59 -14.36 75.17 9.12
CA LEU H 59 -15.41 76.18 9.04
C LEU H 59 -15.01 77.29 8.06
N THR H 60 -13.75 77.69 8.07
CA THR H 60 -13.34 78.76 7.19
C THR H 60 -13.48 78.33 5.74
N GLU H 61 -13.15 77.07 5.46
CA GLU H 61 -13.23 76.59 4.09
C GLU H 61 -14.67 76.43 3.66
N LYS H 62 -15.53 76.06 4.61
CA LYS H 62 -16.93 75.88 4.30
C LYS H 62 -17.55 77.20 3.84
N ILE H 63 -17.01 78.30 4.33
CA ILE H 63 -17.51 79.62 3.98
C ILE H 63 -16.75 80.20 2.79
N GLY H 64 -15.50 79.78 2.62
CA GLY H 64 -14.70 80.25 1.50
C GLY H 64 -14.26 81.69 1.60
N GLY H 65 -14.28 82.26 2.80
CA GLY H 65 -13.89 83.64 2.99
C GLY H 65 -12.55 83.76 3.68
N ALA H 66 -12.49 84.61 4.69
CA ALA H 66 -11.27 84.84 5.44
C ALA H 66 -11.03 83.67 6.39
N LYS H 67 -9.82 83.62 6.95
CA LYS H 67 -9.46 82.57 7.89
C LYS H 67 -10.08 82.92 9.24
N ILE H 68 -10.58 81.89 9.93
CA ILE H 68 -11.21 82.09 11.23
C ILE H 68 -10.49 81.38 12.36
N TYR H 69 -10.00 82.17 13.31
CA TYR H 69 -9.32 81.63 14.49
C TYR H 69 -10.24 81.83 15.69
N LEU H 70 -10.15 80.93 16.66
CA LEU H 70 -10.96 81.03 17.87
C LEU H 70 -10.11 81.09 19.14
N LYS H 71 -10.28 82.12 19.97
CA LYS H 71 -9.55 82.20 21.23
C LYS H 71 -10.38 81.33 22.17
N ARG H 72 -9.85 80.15 22.50
CA ARG H 72 -10.56 79.17 23.33
C ARG H 72 -10.68 79.45 24.83
N GLU H 73 -11.40 80.51 25.20
CA GLU H 73 -11.58 80.81 26.62
C GLU H 73 -12.53 79.79 27.21
N ASP H 74 -13.15 78.98 26.34
CA ASP H 74 -14.08 77.94 26.76
C ASP H 74 -13.32 76.84 27.50
N LEU H 75 -12.00 76.88 27.42
CA LEU H 75 -11.19 75.87 28.08
C LEU H 75 -10.65 76.25 29.46
N VAL H 76 -10.82 77.49 29.91
CA VAL H 76 -10.31 77.86 31.24
C VAL H 76 -11.14 77.13 32.29
N HIS H 77 -10.52 76.85 33.45
CA HIS H 77 -11.21 76.15 34.52
C HIS H 77 -12.50 76.89 34.80
N GLY H 78 -13.63 76.19 34.74
CA GLY H 78 -14.91 76.86 34.95
C GLY H 78 -15.70 76.99 33.65
N GLY H 79 -15.01 76.98 32.51
CA GLY H 79 -15.68 77.05 31.23
C GLY H 79 -16.01 78.42 30.68
N ALA H 80 -15.47 79.47 31.30
CA ALA H 80 -15.72 80.82 30.82
C ALA H 80 -14.67 81.82 31.28
N HIS H 81 -14.49 82.87 30.50
CA HIS H 81 -13.52 83.90 30.82
C HIS H 81 -13.78 84.52 32.19
N LYS H 82 -15.02 84.43 32.68
CA LYS H 82 -15.35 85.02 33.97
C LYS H 82 -14.37 84.63 35.07
N THR H 83 -13.81 83.43 34.97
CA THR H 83 -12.85 82.92 35.94
C THR H 83 -11.60 83.82 36.07
N ASN H 84 -11.22 84.48 34.98
CA ASN H 84 -10.06 85.36 35.01
C ASN H 84 -10.28 86.48 36.03
N ASN H 85 -11.39 87.18 35.89
CA ASN H 85 -11.75 88.27 36.77
C ASN H 85 -11.98 87.80 38.21
N ALA H 86 -12.61 86.64 38.36
CA ALA H 86 -12.88 86.11 39.70
C ALA H 86 -11.57 85.95 40.47
N ILE H 87 -10.64 85.20 39.89
CA ILE H 87 -9.35 84.98 40.54
C ILE H 87 -8.67 86.32 40.88
N GLY H 88 -8.66 87.24 39.93
CA GLY H 88 -8.06 88.55 40.13
C GLY H 88 -8.60 89.28 41.35
N GLN H 89 -9.88 89.62 41.33
CA GLN H 89 -10.50 90.33 42.45
C GLN H 89 -10.42 89.56 43.77
N ALA H 90 -10.56 88.23 43.73
CA ALA H 90 -10.48 87.48 44.97
C ALA H 90 -9.06 87.63 45.55
N LEU H 91 -8.04 87.50 44.69
CA LEU H 91 -6.67 87.62 45.17
C LEU H 91 -6.41 89.02 45.71
N LEU H 92 -6.91 90.03 45.00
CA LEU H 92 -6.75 91.41 45.42
C LEU H 92 -7.42 91.61 46.78
N ALA H 93 -8.58 91.01 46.95
CA ALA H 93 -9.32 91.12 48.22
C ALA H 93 -8.51 90.46 49.34
N LYS H 94 -7.84 89.37 49.02
CA LYS H 94 -7.04 88.70 50.02
C LYS H 94 -5.85 89.58 50.40
N PHE H 95 -5.18 90.17 49.41
CA PHE H 95 -4.05 91.05 49.69
C PHE H 95 -4.51 92.27 50.49
N MET H 96 -5.75 92.67 50.29
CA MET H 96 -6.31 93.80 51.01
C MET H 96 -6.58 93.40 52.45
N GLY H 97 -6.43 92.11 52.73
CA GLY H 97 -6.68 91.62 54.07
C GLY H 97 -8.14 91.30 54.32
N LYS H 98 -8.96 91.17 53.28
CA LYS H 98 -10.36 90.85 53.47
C LYS H 98 -10.47 89.35 53.72
N THR H 99 -11.61 88.90 54.23
CA THR H 99 -11.78 87.49 54.52
C THR H 99 -13.08 86.93 53.95
N ARG H 100 -13.88 87.80 53.35
CA ARG H 100 -15.15 87.37 52.81
C ARG H 100 -15.44 88.01 51.46
N LEU H 101 -16.00 87.20 50.56
CA LEU H 101 -16.38 87.67 49.22
C LEU H 101 -17.89 87.59 49.10
N ILE H 102 -18.50 88.60 48.50
CA ILE H 102 -19.94 88.56 48.27
C ILE H 102 -20.21 89.02 46.86
N ALA H 103 -21.24 88.44 46.27
CA ALA H 103 -21.62 88.80 44.91
C ALA H 103 -23.06 88.35 44.70
N GLU H 104 -23.67 88.80 43.61
CA GLU H 104 -25.03 88.39 43.30
C GLU H 104 -24.98 87.72 41.92
N THR H 105 -26.00 86.92 41.60
CA THR H 105 -26.02 86.25 40.32
C THR H 105 -27.43 85.94 39.83
N GLY H 106 -27.60 85.94 38.52
CA GLY H 106 -28.88 85.63 37.90
C GLY H 106 -28.85 84.22 37.35
N ALA H 107 -28.20 84.04 36.20
CA ALA H 107 -28.07 82.73 35.57
C ALA H 107 -27.29 81.82 36.52
N GLY H 108 -26.35 82.40 37.25
CA GLY H 108 -25.56 81.63 38.20
C GLY H 108 -24.10 81.51 37.79
N GLN H 109 -23.77 81.96 36.58
CA GLN H 109 -22.40 81.88 36.09
C GLN H 109 -21.43 82.66 36.94
N HIS H 110 -21.75 83.93 37.20
CA HIS H 110 -20.86 84.72 38.03
C HIS H 110 -20.81 84.13 39.43
N GLY H 111 -21.97 83.69 39.91
CA GLY H 111 -22.02 83.08 41.22
C GLY H 111 -21.01 81.96 41.35
N VAL H 112 -21.05 81.02 40.41
CA VAL H 112 -20.14 79.90 40.45
C VAL H 112 -18.67 80.33 40.35
N ALA H 113 -18.39 81.25 39.45
CA ALA H 113 -17.02 81.71 39.28
C ALA H 113 -16.50 82.27 40.60
N THR H 114 -17.31 83.11 41.25
CA THR H 114 -16.93 83.69 42.53
C THR H 114 -16.71 82.59 43.58
N ALA H 115 -17.67 81.70 43.68
CA ALA H 115 -17.56 80.59 44.61
C ALA H 115 -16.26 79.80 44.45
N MET H 116 -15.87 79.49 43.21
CA MET H 116 -14.66 78.72 42.96
C MET H 116 -13.41 79.45 43.44
N ALA H 117 -13.32 80.73 43.12
CA ALA H 117 -12.16 81.53 43.50
C ALA H 117 -12.07 81.64 45.01
N GLY H 118 -13.21 81.90 45.63
CA GLY H 118 -13.26 81.99 47.09
C GLY H 118 -12.75 80.71 47.72
N ALA H 119 -13.15 79.57 47.17
CA ALA H 119 -12.71 78.29 47.67
C ALA H 119 -11.21 78.13 47.51
N LEU H 120 -10.70 78.50 46.34
CA LEU H 120 -9.28 78.40 46.04
C LEU H 120 -8.43 79.20 47.03
N LEU H 121 -8.85 80.43 47.29
CA LEU H 121 -8.11 81.31 48.20
C LEU H 121 -8.57 81.24 49.64
N GLY H 122 -9.45 80.31 49.95
CA GLY H 122 -9.90 80.19 51.32
C GLY H 122 -10.61 81.37 51.90
N MET H 123 -11.69 81.80 51.25
CA MET H 123 -12.45 82.92 51.73
C MET H 123 -13.90 82.55 51.88
N LYS H 124 -14.59 83.25 52.78
CA LYS H 124 -16.00 83.00 52.99
C LYS H 124 -16.70 83.61 51.77
N VAL H 125 -17.67 82.88 51.22
CA VAL H 125 -18.40 83.37 50.06
C VAL H 125 -19.90 83.34 50.28
N ASP H 126 -20.53 84.50 50.20
CA ASP H 126 -21.99 84.59 50.35
C ASP H 126 -22.49 85.11 49.04
N ILE H 127 -23.40 84.38 48.41
CA ILE H 127 -23.91 84.84 47.13
C ILE H 127 -25.40 85.15 47.17
N TYR H 128 -25.75 86.37 46.76
CA TYR H 128 -27.13 86.80 46.74
C TYR H 128 -27.76 86.43 45.42
N MET H 129 -28.97 85.90 45.49
CA MET H 129 -29.67 85.46 44.29
C MET H 129 -31.18 85.55 44.51
N GLY H 130 -31.88 86.13 43.54
CA GLY H 130 -33.33 86.24 43.66
C GLY H 130 -33.95 84.86 43.80
N ALA H 131 -34.93 84.74 44.69
CA ALA H 131 -35.59 83.46 44.91
C ALA H 131 -36.10 82.88 43.59
N GLU H 132 -36.52 83.76 42.68
CA GLU H 132 -37.00 83.34 41.37
C GLU H 132 -35.92 82.53 40.67
N ASP H 133 -34.75 83.13 40.54
CA ASP H 133 -33.63 82.51 39.87
C ASP H 133 -33.14 81.28 40.63
N VAL H 134 -33.22 81.30 41.95
CA VAL H 134 -32.77 80.14 42.72
C VAL H 134 -33.55 78.90 42.28
N GLU H 135 -34.86 79.05 42.06
CA GLU H 135 -35.71 77.95 41.63
C GLU H 135 -35.31 77.50 40.23
N ARG H 136 -35.12 78.48 39.35
CA ARG H 136 -34.76 78.21 37.97
C ARG H 136 -33.37 77.58 37.78
N GLN H 137 -32.46 77.82 38.72
CA GLN H 137 -31.10 77.32 38.58
C GLN H 137 -30.66 76.19 39.48
N LYS H 138 -31.51 75.20 39.62
CA LYS H 138 -31.21 74.04 40.46
C LYS H 138 -29.72 73.63 40.47
N MET H 139 -29.20 73.24 39.32
CA MET H 139 -27.81 72.78 39.24
C MET H 139 -26.72 73.78 39.58
N ASN H 140 -26.92 75.06 39.25
CA ASN H 140 -25.91 76.07 39.57
C ASN H 140 -25.86 76.33 41.06
N VAL H 141 -27.04 76.38 41.69
CA VAL H 141 -27.12 76.60 43.12
C VAL H 141 -26.36 75.46 43.83
N PHE H 142 -26.61 74.25 43.37
CA PHE H 142 -25.96 73.09 43.94
C PHE H 142 -24.45 73.19 43.79
N ARG H 143 -24.02 73.66 42.63
CA ARG H 143 -22.61 73.81 42.33
C ARG H 143 -21.97 74.77 43.33
N MET H 144 -22.62 75.91 43.53
CA MET H 144 -22.12 76.90 44.45
C MET H 144 -22.01 76.33 45.87
N LYS H 145 -23.01 75.55 46.27
CA LYS H 145 -23.00 74.96 47.60
C LYS H 145 -21.87 73.94 47.70
N LEU H 146 -21.65 73.17 46.64
CA LEU H 146 -20.57 72.17 46.62
C LEU H 146 -19.22 72.85 46.82
N LEU H 147 -19.08 74.06 46.27
CA LEU H 147 -17.87 74.84 46.35
C LEU H 147 -17.70 75.56 47.69
N GLY H 148 -18.61 75.27 48.62
CA GLY H 148 -18.54 75.88 49.93
C GLY H 148 -19.19 77.24 50.14
N ALA H 149 -19.73 77.84 49.10
CA ALA H 149 -20.37 79.14 49.27
C ALA H 149 -21.80 78.89 49.70
N ASN H 150 -22.40 79.88 50.36
CA ASN H 150 -23.78 79.71 50.76
C ASN H 150 -24.60 80.73 50.00
N VAL H 151 -25.56 80.22 49.23
CA VAL H 151 -26.41 81.08 48.44
C VAL H 151 -27.59 81.59 49.26
N ILE H 152 -27.68 82.90 49.34
CA ILE H 152 -28.71 83.63 50.08
C ILE H 152 -29.83 84.05 49.14
N PRO H 153 -30.99 83.39 49.26
CA PRO H 153 -32.13 83.74 48.39
C PRO H 153 -32.76 85.05 48.82
N VAL H 154 -33.08 85.93 47.90
CA VAL H 154 -33.73 87.17 48.28
C VAL H 154 -35.16 87.09 47.77
N ASN H 155 -36.12 87.41 48.63
CA ASN H 155 -37.53 87.34 48.24
C ASN H 155 -38.19 88.70 48.16
N SER H 156 -37.46 89.75 48.49
CA SER H 156 -38.03 91.10 48.43
C SER H 156 -38.25 91.46 46.96
N GLY H 157 -39.16 92.38 46.70
CA GLY H 157 -39.43 92.81 45.33
C GLY H 157 -39.80 91.69 44.38
N SER H 158 -39.32 91.78 43.15
CA SER H 158 -39.59 90.78 42.13
C SER H 158 -38.83 89.47 42.34
N ARG H 159 -38.08 89.38 43.43
CA ARG H 159 -37.31 88.17 43.74
C ARG H 159 -36.34 87.80 42.61
N THR H 160 -35.84 88.81 41.89
CA THR H 160 -34.91 88.57 40.81
C THR H 160 -33.55 89.22 41.07
N LEU H 161 -32.72 89.23 40.04
CA LEU H 161 -31.40 89.82 40.12
C LEU H 161 -31.36 91.22 40.70
N LYS H 162 -32.22 92.10 40.21
CA LYS H 162 -32.23 93.47 40.70
C LYS H 162 -32.35 93.52 42.20
N ASP H 163 -33.21 92.70 42.77
CA ASP H 163 -33.40 92.66 44.21
C ASP H 163 -32.19 92.08 44.93
N ALA H 164 -31.47 91.18 44.25
CA ALA H 164 -30.29 90.56 44.83
C ALA H 164 -29.14 91.57 44.85
N ILE H 165 -29.07 92.39 43.82
CA ILE H 165 -28.02 93.39 43.74
C ILE H 165 -28.11 94.33 44.94
N ASN H 166 -29.30 94.84 45.23
CA ASN H 166 -29.49 95.75 46.35
C ASN H 166 -29.11 95.11 47.68
N GLU H 167 -29.43 93.82 47.84
CA GLU H 167 -29.07 93.11 49.05
C GLU H 167 -27.56 93.05 49.20
N ALA H 168 -26.87 92.81 48.08
CA ALA H 168 -25.42 92.74 48.10
C ALA H 168 -24.86 94.09 48.50
N LEU H 169 -25.32 95.16 47.85
CA LEU H 169 -24.84 96.51 48.17
C LEU H 169 -25.01 96.85 49.64
N ARG H 170 -26.22 96.65 50.16
CA ARG H 170 -26.48 96.93 51.56
C ARG H 170 -25.45 96.19 52.41
N ASP H 171 -25.27 94.90 52.10
CA ASP H 171 -24.32 94.06 52.82
C ASP H 171 -22.93 94.68 52.83
N TRP H 172 -22.45 95.06 51.65
CA TRP H 172 -21.13 95.62 51.53
C TRP H 172 -20.96 96.88 52.36
N VAL H 173 -21.91 97.80 52.26
CA VAL H 173 -21.82 99.04 53.02
C VAL H 173 -21.59 98.80 54.52
N ALA H 174 -22.13 97.71 55.04
CA ALA H 174 -21.99 97.40 56.46
C ALA H 174 -20.77 96.54 56.79
N THR H 175 -20.32 95.73 55.83
CA THR H 175 -19.20 94.82 56.10
C THR H 175 -17.94 95.01 55.25
N PHE H 176 -17.90 96.11 54.50
CA PHE H 176 -16.75 96.31 53.62
C PHE H 176 -15.39 96.25 54.27
N GLU H 177 -15.36 96.38 55.59
CA GLU H 177 -14.11 96.34 56.32
C GLU H 177 -13.40 95.00 56.11
N TYR H 178 -14.16 93.91 56.09
CA TYR H 178 -13.57 92.59 55.90
C TYR H 178 -14.19 91.82 54.74
N THR H 179 -15.05 92.50 54.00
CA THR H 179 -15.72 91.88 52.87
C THR H 179 -15.51 92.62 51.57
N HIS H 180 -15.23 91.87 50.50
CA HIS H 180 -15.05 92.45 49.18
C HIS H 180 -16.25 92.10 48.30
N TYR H 181 -16.69 93.08 47.53
CA TYR H 181 -17.82 92.92 46.61
C TYR H 181 -17.27 92.65 45.21
N LEU H 182 -17.48 91.43 44.74
CA LEU H 182 -16.95 90.98 43.45
C LEU H 182 -17.85 91.25 42.25
N ILE H 183 -17.61 92.34 41.52
CA ILE H 183 -18.42 92.66 40.34
C ILE H 183 -18.01 91.77 39.18
N GLY H 184 -18.99 91.28 38.43
CA GLY H 184 -18.70 90.37 37.34
C GLY H 184 -18.34 90.86 35.95
N SER H 185 -18.50 92.16 35.67
CA SER H 185 -18.18 92.68 34.35
C SER H 185 -17.63 94.10 34.42
N VAL H 186 -17.19 94.61 33.28
CA VAL H 186 -16.63 95.96 33.19
C VAL H 186 -17.69 97.04 33.36
N VAL H 187 -18.53 96.89 34.38
CA VAL H 187 -19.60 97.86 34.64
C VAL H 187 -19.58 98.33 36.08
N GLY H 188 -20.50 99.23 36.40
CA GLY H 188 -20.58 99.75 37.77
C GLY H 188 -19.75 101.00 37.98
N PRO H 189 -19.63 101.47 39.23
CA PRO H 189 -18.85 102.67 39.48
C PRO H 189 -17.36 102.37 39.47
N HIS H 190 -16.56 103.42 39.36
CA HIS H 190 -15.12 103.29 39.38
C HIS H 190 -14.79 102.71 40.76
N PRO H 191 -13.71 101.92 40.86
CA PRO H 191 -12.76 101.50 39.84
C PRO H 191 -13.04 100.17 39.14
N TYR H 192 -14.25 99.65 39.29
CA TYR H 192 -14.58 98.36 38.71
C TYR H 192 -14.43 98.21 37.20
N PRO H 193 -15.08 99.08 36.42
CA PRO H 193 -14.99 99.00 34.96
C PRO H 193 -13.58 98.80 34.47
N THR H 194 -12.63 99.44 35.13
CA THR H 194 -11.26 99.33 34.69
C THR H 194 -10.53 98.17 35.35
N ILE H 195 -10.78 97.91 36.63
CA ILE H 195 -10.13 96.77 37.29
C ILE H 195 -10.47 95.47 36.55
N VAL H 196 -11.76 95.26 36.30
CA VAL H 196 -12.20 94.05 35.60
C VAL H 196 -11.53 93.94 34.23
N ARG H 197 -11.44 95.05 33.50
CA ARG H 197 -10.79 95.02 32.19
C ARG H 197 -9.34 94.56 32.32
N ASP H 198 -8.64 95.10 33.31
CA ASP H 198 -7.25 94.73 33.52
C ASP H 198 -7.09 93.24 33.77
N PHE H 199 -7.98 92.66 34.56
CA PHE H 199 -7.89 91.23 34.85
C PHE H 199 -8.27 90.33 33.66
N GLN H 200 -8.78 90.93 32.58
CA GLN H 200 -9.18 90.18 31.38
C GLN H 200 -8.27 90.43 30.17
N SER H 201 -7.36 91.40 30.30
CA SER H 201 -6.42 91.75 29.23
C SER H 201 -5.53 90.57 28.82
N VAL H 202 -5.38 89.60 29.72
CA VAL H 202 -4.55 88.45 29.43
C VAL H 202 -5.03 87.84 28.12
N ILE H 203 -6.36 87.74 27.97
CA ILE H 203 -6.94 87.17 26.76
C ILE H 203 -6.31 87.78 25.51
N GLY H 204 -6.43 89.11 25.38
CA GLY H 204 -5.86 89.79 24.24
C GLY H 204 -4.36 89.57 24.08
N ARG H 205 -3.62 89.76 25.17
CA ARG H 205 -2.19 89.59 25.14
C ARG H 205 -1.81 88.22 24.57
N GLU H 206 -2.38 87.16 25.15
CA GLU H 206 -2.10 85.81 24.67
C GLU H 206 -2.43 85.69 23.17
N ALA H 207 -3.64 86.12 22.81
CA ALA H 207 -4.10 86.04 21.43
C ALA H 207 -3.16 86.74 20.45
N LYS H 208 -2.64 87.90 20.86
CA LYS H 208 -1.75 88.66 20.00
C LYS H 208 -0.50 87.82 19.71
N ALA H 209 0.16 87.38 20.76
CA ALA H 209 1.36 86.59 20.62
C ALA H 209 1.07 85.39 19.74
N GLN H 210 -0.03 84.72 20.05
CA GLN H 210 -0.43 83.53 19.35
C GLN H 210 -0.68 83.73 17.86
N ILE H 211 -1.42 84.76 17.49
CA ILE H 211 -1.69 85.00 16.08
C ILE H 211 -0.41 85.37 15.34
N LEU H 212 0.51 86.05 16.01
CA LEU H 212 1.77 86.40 15.37
C LEU H 212 2.55 85.12 15.09
N GLU H 213 2.51 84.20 16.03
CA GLU H 213 3.23 82.95 15.90
C GLU H 213 2.67 82.12 14.76
N ALA H 214 1.37 82.20 14.55
CA ALA H 214 0.73 81.40 13.51
C ALA H 214 0.64 82.03 12.13
N GLU H 215 0.48 83.34 12.08
CA GLU H 215 0.35 84.03 10.81
C GLU H 215 1.46 85.04 10.53
N GLY H 216 2.31 85.28 11.51
CA GLY H 216 3.38 86.24 11.35
C GLY H 216 2.89 87.67 11.22
N GLN H 217 1.63 87.90 11.59
CA GLN H 217 1.06 89.24 11.50
C GLN H 217 -0.19 89.40 12.34
N LEU H 218 -0.59 90.65 12.59
CA LEU H 218 -1.78 90.91 13.38
C LEU H 218 -3.03 90.62 12.56
N PRO H 219 -4.15 90.33 13.25
CA PRO H 219 -5.40 90.03 12.56
C PRO H 219 -6.03 91.24 11.92
N ASP H 220 -6.92 90.98 10.97
CA ASP H 220 -7.64 92.04 10.27
C ASP H 220 -8.85 92.47 11.08
N VAL H 221 -9.46 91.51 11.76
CA VAL H 221 -10.63 91.77 12.59
C VAL H 221 -10.64 90.91 13.84
N ILE H 222 -11.23 91.45 14.91
CA ILE H 222 -11.37 90.70 16.16
C ILE H 222 -12.85 90.84 16.51
N VAL H 223 -13.53 89.73 16.68
CA VAL H 223 -14.97 89.76 16.99
C VAL H 223 -15.26 89.12 18.34
N ALA H 224 -16.03 89.83 19.17
CA ALA H 224 -16.40 89.32 20.49
C ALA H 224 -17.81 89.74 20.84
N CYS H 225 -18.51 88.92 21.61
CA CYS H 225 -19.87 89.27 22.01
C CYS H 225 -19.82 90.26 23.16
N VAL H 226 -20.85 91.08 23.28
CA VAL H 226 -20.89 92.08 24.33
C VAL H 226 -22.16 92.05 25.17
N GLY H 227 -22.00 91.78 26.45
CA GLY H 227 -23.11 91.80 27.39
C GLY H 227 -22.78 93.04 28.20
N GLY H 228 -21.96 92.86 29.22
CA GLY H 228 -21.50 93.99 30.01
C GLY H 228 -20.28 94.48 29.25
N GLY H 229 -19.61 93.53 28.59
CA GLY H 229 -18.46 93.85 27.77
C GLY H 229 -17.09 93.46 28.30
N SER H 230 -17.03 92.57 29.28
CA SER H 230 -15.73 92.21 29.83
C SER H 230 -14.86 91.28 28.99
N ASN H 231 -15.44 90.31 28.29
CA ASN H 231 -14.60 89.43 27.48
C ASN H 231 -14.17 90.18 26.23
N ALA H 232 -15.04 91.05 25.74
CA ALA H 232 -14.77 91.84 24.55
C ALA H 232 -13.64 92.83 24.85
N MET H 233 -13.72 93.45 26.02
CA MET H 233 -12.72 94.43 26.41
C MET H 233 -11.41 93.73 26.67
N GLY H 234 -11.48 92.54 27.24
CA GLY H 234 -10.27 91.80 27.54
C GLY H 234 -9.47 91.41 26.32
N ILE H 235 -10.14 91.13 25.19
CA ILE H 235 -9.42 90.76 23.99
C ILE H 235 -9.15 91.96 23.11
N PHE H 236 -9.98 93.00 23.21
CA PHE H 236 -9.79 94.22 22.42
C PHE H 236 -8.59 95.03 22.87
N TYR H 237 -8.56 95.35 24.16
CA TYR H 237 -7.55 96.20 24.75
C TYR H 237 -6.14 96.17 24.20
N PRO H 238 -5.47 95.01 24.26
CA PRO H 238 -4.10 94.91 23.76
C PRO H 238 -3.91 95.28 22.29
N PHE H 239 -5.01 95.33 21.53
CA PHE H 239 -4.96 95.67 20.10
C PHE H 239 -5.45 97.09 19.83
N VAL H 240 -5.81 97.82 20.88
CA VAL H 240 -6.34 99.16 20.69
C VAL H 240 -5.42 100.13 19.96
N ASN H 241 -4.12 99.96 20.10
CA ASN H 241 -3.19 100.87 19.42
C ASN H 241 -2.67 100.34 18.11
N ASP H 242 -3.12 99.16 17.72
CA ASP H 242 -2.72 98.54 16.46
C ASP H 242 -3.80 98.92 15.46
N LYS H 243 -3.59 100.05 14.81
CA LYS H 243 -4.52 100.59 13.84
C LYS H 243 -4.99 99.64 12.74
N LYS H 244 -4.13 98.72 12.33
CA LYS H 244 -4.54 97.76 11.30
C LYS H 244 -5.74 96.93 11.76
N VAL H 245 -5.73 96.55 13.04
CA VAL H 245 -6.76 95.71 13.64
C VAL H 245 -8.16 96.31 13.85
N LYS H 246 -9.15 95.72 13.20
CA LYS H 246 -10.52 96.17 13.33
C LYS H 246 -11.17 95.47 14.53
N LEU H 247 -11.90 96.21 15.34
CA LEU H 247 -12.56 95.65 16.50
C LEU H 247 -14.09 95.66 16.33
N VAL H 248 -14.73 94.51 16.54
CA VAL H 248 -16.19 94.41 16.40
C VAL H 248 -16.88 93.77 17.60
N GLY H 249 -17.82 94.49 18.20
CA GLY H 249 -18.58 93.98 19.32
C GLY H 249 -19.95 93.52 18.83
N VAL H 250 -20.39 92.36 19.31
CA VAL H 250 -21.69 91.84 18.88
C VAL H 250 -22.66 91.82 20.05
N GLU H 251 -23.73 92.60 19.97
CA GLU H 251 -24.73 92.65 21.03
C GLU H 251 -25.87 91.73 20.68
N ALA H 252 -26.71 91.42 21.66
CA ALA H 252 -27.84 90.54 21.45
C ALA H 252 -29.00 91.20 20.71
N GLY H 253 -29.27 90.74 19.49
CA GLY H 253 -30.37 91.29 18.72
C GLY H 253 -31.66 90.60 19.08
N GLY H 254 -31.56 89.57 19.90
CA GLY H 254 -32.75 88.86 20.34
C GLY H 254 -33.67 88.49 19.21
N LYS H 255 -34.91 88.94 19.28
CA LYS H 255 -35.90 88.65 18.26
C LYS H 255 -36.03 89.72 17.18
N GLY H 256 -34.99 90.55 17.06
CA GLY H 256 -34.99 91.60 16.05
C GLY H 256 -35.01 92.98 16.68
N LEU H 257 -34.11 93.87 16.21
CA LEU H 257 -34.07 95.23 16.75
C LEU H 257 -35.42 95.89 16.64
N GLU H 258 -36.17 95.48 15.63
CA GLU H 258 -37.50 96.02 15.40
C GLU H 258 -38.58 95.20 16.10
N SER H 259 -38.41 94.96 17.40
CA SER H 259 -39.38 94.17 18.13
C SER H 259 -39.23 94.38 19.63
N GLY H 260 -38.31 95.26 20.02
CA GLY H 260 -38.09 95.53 21.43
C GLY H 260 -37.62 94.35 22.26
N LYS H 261 -37.49 93.19 21.63
CA LYS H 261 -37.04 92.00 22.31
C LYS H 261 -35.54 91.79 22.07
N HIS H 262 -34.71 92.61 22.68
CA HIS H 262 -33.26 92.51 22.52
C HIS H 262 -32.53 93.17 23.69
N SER H 263 -31.21 93.30 23.56
CA SER H 263 -30.35 93.93 24.58
C SER H 263 -29.24 94.75 23.96
N ALA H 264 -29.47 95.25 22.75
CA ALA H 264 -28.47 96.06 22.04
C ALA H 264 -28.40 97.46 22.60
N SER H 265 -27.80 97.60 23.78
CA SER H 265 -27.66 98.87 24.46
C SER H 265 -26.92 99.91 23.62
N LEU H 266 -25.79 99.49 23.04
CA LEU H 266 -24.99 100.39 22.21
C LEU H 266 -25.63 100.66 20.86
N ASN H 267 -26.35 99.68 20.33
CA ASN H 267 -26.97 99.83 19.02
C ASN H 267 -28.41 100.31 19.08
N ALA H 268 -28.82 100.89 20.21
CA ALA H 268 -30.20 101.33 20.34
C ALA H 268 -30.58 102.00 21.66
N GLY H 269 -29.60 102.21 22.54
CA GLY H 269 -29.92 102.84 23.81
C GLY H 269 -29.47 104.28 23.84
N GLN H 270 -29.87 105.02 24.87
CA GLN H 270 -29.49 106.42 25.00
C GLN H 270 -28.56 106.49 26.20
N VAL H 271 -27.68 107.50 26.25
CA VAL H 271 -26.78 107.60 27.38
C VAL H 271 -27.59 107.98 28.62
N GLY H 272 -27.10 107.57 29.78
CA GLY H 272 -27.80 107.87 31.01
C GLY H 272 -26.93 107.47 32.17
N VAL H 273 -27.48 107.60 33.37
CA VAL H 273 -26.74 107.26 34.56
C VAL H 273 -27.48 106.25 35.43
N PHE H 274 -26.97 105.02 35.45
CA PHE H 274 -27.55 103.93 36.23
C PHE H 274 -26.39 103.10 36.78
N HIS H 275 -26.69 102.23 37.74
CA HIS H 275 -25.71 101.35 38.36
C HIS H 275 -24.36 102.04 38.58
N GLY H 276 -24.40 103.30 38.97
CA GLY H 276 -23.16 104.02 39.24
C GLY H 276 -22.28 104.42 38.07
N MET H 277 -22.77 104.31 36.85
CA MET H 277 -21.96 104.66 35.69
C MET H 277 -22.74 105.44 34.62
N LEU H 278 -22.02 106.30 33.90
CA LEU H 278 -22.62 107.09 32.83
C LEU H 278 -22.24 106.35 31.55
N SER H 279 -23.23 105.68 30.94
CA SER H 279 -22.99 104.91 29.73
C SER H 279 -24.27 104.81 28.90
N TYR H 280 -24.36 103.81 28.02
CA TYR H 280 -25.55 103.61 27.20
C TYR H 280 -26.48 102.61 27.87
N PHE H 281 -27.76 102.96 27.96
CA PHE H 281 -28.74 102.06 28.56
C PHE H 281 -30.01 102.03 27.71
N LEU H 282 -30.65 100.87 27.67
CA LEU H 282 -31.88 100.75 26.92
C LEU H 282 -32.94 101.40 27.81
N GLN H 283 -33.19 102.68 27.55
CA GLN H 283 -34.12 103.44 28.34
C GLN H 283 -35.51 103.64 27.80
N ASP H 284 -36.38 103.98 28.75
CA ASP H 284 -37.79 104.28 28.57
C ASP H 284 -37.90 105.67 27.94
N GLU H 285 -39.10 106.06 27.57
CA GLU H 285 -39.32 107.38 26.99
C GLU H 285 -39.12 108.41 28.11
N GLU H 286 -39.25 107.94 29.35
CA GLU H 286 -39.11 108.79 30.53
C GLU H 286 -37.83 108.56 31.33
N GLY H 287 -36.81 108.03 30.67
CA GLY H 287 -35.54 107.79 31.34
C GLY H 287 -35.57 106.67 32.36
N GLN H 288 -36.40 105.67 32.12
CA GLN H 288 -36.48 104.55 33.02
C GLN H 288 -35.95 103.31 32.29
N ILE H 289 -35.37 102.36 33.02
CA ILE H 289 -34.84 101.17 32.37
C ILE H 289 -35.92 100.31 31.71
N LYS H 290 -35.67 99.88 30.47
CA LYS H 290 -36.58 99.03 29.70
C LYS H 290 -36.25 97.55 29.91
N PRO H 291 -37.21 96.68 29.64
CA PRO H 291 -36.96 95.24 29.81
C PRO H 291 -36.14 94.77 28.61
N THR H 292 -35.25 93.82 28.85
CA THR H 292 -34.42 93.33 27.77
C THR H 292 -34.58 91.84 27.59
N HIS H 293 -34.12 91.34 26.45
CA HIS H 293 -34.24 89.92 26.12
C HIS H 293 -33.09 89.40 25.27
N SER H 294 -32.81 88.12 25.42
CA SER H 294 -31.78 87.43 24.64
C SER H 294 -31.79 85.98 25.01
N ILE H 295 -31.60 85.12 24.01
CA ILE H 295 -31.60 83.70 24.27
C ILE H 295 -30.36 83.36 25.10
N ALA H 296 -29.34 84.21 25.02
CA ALA H 296 -28.10 84.01 25.77
C ALA H 296 -28.19 84.85 27.04
N PRO H 297 -28.31 84.20 28.21
CA PRO H 297 -28.42 84.87 29.51
C PRO H 297 -27.39 85.97 29.72
N GLY H 298 -26.12 85.64 29.55
CA GLY H 298 -25.07 86.62 29.74
C GLY H 298 -25.15 87.87 28.88
N LEU H 299 -26.03 87.89 27.89
CA LEU H 299 -26.15 89.06 27.01
C LEU H 299 -27.36 89.90 27.35
N ASP H 300 -28.20 89.37 28.23
CA ASP H 300 -29.45 90.00 28.64
C ASP H 300 -29.22 91.12 29.65
N TYR H 301 -28.67 92.24 29.22
CA TYR H 301 -28.40 93.36 30.13
C TYR H 301 -28.73 94.67 29.43
N PRO H 302 -29.49 95.55 30.10
CA PRO H 302 -29.92 96.85 29.60
C PRO H 302 -28.82 97.87 29.46
N GLY H 303 -27.66 97.58 30.04
CA GLY H 303 -26.55 98.51 29.96
C GLY H 303 -25.33 97.96 29.23
N VAL H 304 -24.20 98.64 29.43
CA VAL H 304 -22.93 98.25 28.82
C VAL H 304 -21.78 99.04 29.45
N GLY H 305 -20.60 98.43 29.45
CA GLY H 305 -19.44 99.08 30.03
C GLY H 305 -19.17 100.46 29.45
N PRO H 306 -18.69 101.40 30.28
CA PRO H 306 -18.37 102.78 29.86
C PRO H 306 -17.30 102.81 28.79
N GLU H 307 -16.33 101.92 28.92
CA GLU H 307 -15.23 101.86 27.98
C GLU H 307 -15.68 101.50 26.56
N HIS H 308 -16.77 100.75 26.45
CA HIS H 308 -17.27 100.39 25.13
C HIS H 308 -18.02 101.58 24.55
N ALA H 309 -18.68 102.33 25.40
CA ALA H 309 -19.42 103.51 24.96
C ALA H 309 -18.37 104.45 24.39
N TYR H 310 -17.25 104.56 25.08
CA TYR H 310 -16.17 105.42 24.66
C TYR H 310 -15.60 104.97 23.31
N LEU H 311 -15.34 103.66 23.17
CA LEU H 311 -14.81 103.14 21.91
C LEU H 311 -15.77 103.35 20.76
N LYS H 312 -17.05 103.26 21.05
CA LYS H 312 -18.08 103.47 20.03
C LYS H 312 -18.05 104.92 19.60
N LYS H 313 -18.02 105.79 20.59
CA LYS H 313 -17.98 107.23 20.36
C LYS H 313 -16.87 107.63 19.40
N ILE H 314 -15.62 107.40 19.83
CA ILE H 314 -14.46 107.75 19.02
C ILE H 314 -14.33 106.85 17.79
N GLN H 315 -15.29 105.96 17.62
CA GLN H 315 -15.32 105.05 16.49
C GLN H 315 -14.09 104.17 16.33
N ARG H 316 -13.52 103.73 17.44
CA ARG H 316 -12.35 102.86 17.43
C ARG H 316 -12.83 101.43 17.28
N ALA H 317 -14.07 101.21 17.67
CA ALA H 317 -14.69 99.89 17.59
C ALA H 317 -16.09 100.01 17.00
N GLU H 318 -16.49 99.00 16.23
CA GLU H 318 -17.79 98.97 15.60
C GLU H 318 -18.65 97.95 16.32
N TYR H 319 -19.88 98.30 16.66
CA TYR H 319 -20.75 97.35 17.35
C TYR H 319 -21.94 96.97 16.49
N VAL H 320 -22.20 95.67 16.43
CA VAL H 320 -23.28 95.15 15.61
C VAL H 320 -24.21 94.27 16.47
N THR H 321 -25.16 93.61 15.82
CA THR H 321 -26.08 92.73 16.53
C THR H 321 -26.40 91.47 15.73
N VAL H 322 -26.82 90.44 16.43
CA VAL H 322 -27.16 89.16 15.82
C VAL H 322 -28.40 88.66 16.53
N THR H 323 -29.30 88.01 15.80
CA THR H 323 -30.54 87.53 16.39
C THR H 323 -30.41 86.21 17.11
N ASP H 324 -31.42 85.87 17.90
CA ASP H 324 -31.42 84.62 18.64
C ASP H 324 -31.32 83.47 17.65
N GLU H 325 -32.02 83.62 16.53
CA GLU H 325 -32.02 82.59 15.51
C GLU H 325 -30.64 82.39 14.88
N GLU H 326 -29.96 83.49 14.61
CA GLU H 326 -28.63 83.43 14.02
C GLU H 326 -27.62 82.79 14.97
N ALA H 327 -27.63 83.24 16.22
CA ALA H 327 -26.72 82.73 17.24
C ALA H 327 -26.98 81.24 17.44
N LEU H 328 -28.25 80.88 17.40
CA LEU H 328 -28.64 79.50 17.57
C LEU H 328 -28.08 78.66 16.40
N LYS H 329 -28.08 79.21 15.20
CA LYS H 329 -27.54 78.49 14.03
C LYS H 329 -26.05 78.26 14.22
N ALA H 330 -25.33 79.33 14.54
CA ALA H 330 -23.90 79.24 14.78
C ALA H 330 -23.64 78.18 15.86
N PHE H 331 -24.48 78.15 16.88
CA PHE H 331 -24.34 77.16 17.95
C PHE H 331 -24.22 75.75 17.34
N HIS H 332 -25.19 75.38 16.52
CA HIS H 332 -25.20 74.06 15.89
C HIS H 332 -24.05 73.88 14.92
N GLU H 333 -23.80 74.90 14.11
CA GLU H 333 -22.74 74.84 13.12
C GLU H 333 -21.37 74.56 13.73
N LEU H 334 -20.98 75.35 14.73
CA LEU H 334 -19.68 75.18 15.34
C LEU H 334 -19.57 73.78 15.89
N SER H 335 -20.65 73.31 16.47
CA SER H 335 -20.67 71.98 17.07
C SER H 335 -20.41 70.87 16.04
N ARG H 336 -21.16 70.89 14.94
CA ARG H 336 -21.04 69.88 13.88
C ARG H 336 -19.75 69.99 13.06
N THR H 337 -19.37 71.23 12.78
CA THR H 337 -18.20 71.49 11.97
C THR H 337 -16.83 71.42 12.65
N GLU H 338 -16.71 71.97 13.85
CA GLU H 338 -15.41 71.94 14.53
C GLU H 338 -15.38 71.09 15.79
N GLY H 339 -16.51 70.52 16.17
CA GLY H 339 -16.55 69.69 17.36
C GLY H 339 -16.37 70.48 18.64
N ILE H 340 -16.87 71.72 18.65
CA ILE H 340 -16.79 72.59 19.80
C ILE H 340 -18.17 73.19 20.08
N ILE H 341 -18.78 72.85 21.22
CA ILE H 341 -20.09 73.39 21.56
C ILE H 341 -19.85 74.71 22.31
N PRO H 342 -20.20 75.83 21.69
CA PRO H 342 -20.00 77.15 22.31
C PRO H 342 -21.15 77.60 23.19
N ALA H 343 -20.88 78.58 24.05
CA ALA H 343 -21.91 79.15 24.91
C ALA H 343 -22.77 80.03 24.00
N LEU H 344 -24.06 80.19 24.32
CA LEU H 344 -24.92 80.99 23.48
C LEU H 344 -24.40 82.42 23.32
N GLU H 345 -23.76 82.94 24.36
CA GLU H 345 -23.21 84.27 24.31
C GLU H 345 -22.18 84.29 23.20
N SER H 346 -21.23 83.37 23.27
CA SER H 346 -20.16 83.24 22.28
C SER H 346 -20.70 82.99 20.86
N ALA H 347 -21.75 82.17 20.78
CA ALA H 347 -22.35 81.86 19.49
C ALA H 347 -22.73 83.12 18.72
N HIS H 348 -22.99 84.22 19.41
CA HIS H 348 -23.33 85.46 18.73
C HIS H 348 -22.12 85.95 17.94
N ALA H 349 -20.95 85.90 18.58
CA ALA H 349 -19.74 86.34 17.92
C ALA H 349 -19.42 85.40 16.77
N VAL H 350 -19.54 84.11 17.02
CA VAL H 350 -19.28 83.14 15.96
C VAL H 350 -20.19 83.41 14.76
N ALA H 351 -21.46 83.64 15.02
CA ALA H 351 -22.41 83.90 13.95
C ALA H 351 -22.00 85.11 13.11
N TYR H 352 -21.78 86.25 13.76
CA TYR H 352 -21.41 87.43 13.00
C TYR H 352 -20.10 87.22 12.26
N ALA H 353 -19.09 86.67 12.93
CA ALA H 353 -17.81 86.45 12.29
C ALA H 353 -18.00 85.59 11.03
N MET H 354 -18.96 84.68 11.06
CA MET H 354 -19.19 83.82 9.90
C MET H 354 -19.67 84.60 8.69
N LYS H 355 -20.64 85.49 8.88
CA LYS H 355 -21.13 86.23 7.74
C LYS H 355 -20.14 87.30 7.31
N LEU H 356 -19.39 87.81 8.27
CA LEU H 356 -18.39 88.82 7.99
C LEU H 356 -17.24 88.19 7.21
N ALA H 357 -16.92 86.95 7.55
CA ALA H 357 -15.83 86.24 6.89
C ALA H 357 -16.12 86.02 5.41
N LYS H 358 -17.37 85.79 5.09
CA LYS H 358 -17.75 85.54 3.71
C LYS H 358 -17.48 86.71 2.78
N GLU H 359 -17.46 87.92 3.34
CA GLU H 359 -17.24 89.10 2.52
C GLU H 359 -15.78 89.53 2.48
N MET H 360 -14.88 88.64 2.85
CA MET H 360 -13.44 88.98 2.88
C MET H 360 -12.66 88.00 2.03
N SER H 361 -11.40 88.33 1.72
CA SER H 361 -10.57 87.47 0.89
C SER H 361 -9.91 86.33 1.67
N ARG H 362 -9.69 85.23 0.97
CA ARG H 362 -9.11 84.04 1.56
C ARG H 362 -7.78 84.25 2.29
N ASP H 363 -7.18 85.42 2.16
CA ASP H 363 -5.91 85.68 2.84
C ASP H 363 -6.03 86.57 4.06
N GLU H 364 -7.27 86.95 4.41
CA GLU H 364 -7.51 87.80 5.57
C GLU H 364 -7.69 86.98 6.85
N ILE H 365 -7.55 87.64 7.99
CA ILE H 365 -7.62 86.95 9.27
C ILE H 365 -8.63 87.49 10.28
N ILE H 366 -9.46 86.60 10.83
CA ILE H 366 -10.44 86.98 11.83
C ILE H 366 -10.20 86.14 13.07
N ILE H 367 -10.21 86.78 14.23
CA ILE H 367 -10.04 86.08 15.49
C ILE H 367 -11.34 86.31 16.25
N VAL H 368 -12.00 85.21 16.63
CA VAL H 368 -13.24 85.28 17.39
C VAL H 368 -12.98 84.84 18.83
N ASN H 369 -13.51 85.59 19.78
CA ASN H 369 -13.32 85.24 21.18
C ASN H 369 -14.39 84.25 21.64
N LEU H 370 -14.03 82.98 21.77
CA LEU H 370 -14.99 81.98 22.23
C LEU H 370 -14.98 82.05 23.77
N SER H 371 -15.74 83.00 24.32
CA SER H 371 -15.81 83.23 25.76
C SER H 371 -16.17 82.08 26.70
N GLY H 372 -16.84 81.04 26.20
CA GLY H 372 -17.17 79.93 27.07
C GLY H 372 -17.76 78.71 26.39
N ARG H 373 -17.81 77.60 27.10
CA ARG H 373 -18.39 76.39 26.54
C ARG H 373 -19.90 76.40 26.70
N GLY H 374 -20.59 75.68 25.82
CA GLY H 374 -22.04 75.65 25.86
C GLY H 374 -22.75 74.57 26.66
N ASP H 375 -22.00 73.84 27.47
CA ASP H 375 -22.60 72.80 28.29
C ASP H 375 -23.77 73.40 29.05
N LYS H 376 -23.55 74.57 29.62
CA LYS H 376 -24.56 75.27 30.38
C LYS H 376 -25.86 75.56 29.61
N ASP H 377 -25.79 75.62 28.28
CA ASP H 377 -26.98 75.96 27.50
C ASP H 377 -27.70 74.84 26.82
N LEU H 378 -27.29 73.60 27.08
CA LEU H 378 -27.97 72.48 26.46
C LEU H 378 -29.48 72.51 26.69
N ASP H 379 -29.92 72.72 27.91
CA ASP H 379 -31.36 72.77 28.16
C ASP H 379 -32.03 73.86 27.34
N ILE H 380 -31.50 75.07 27.39
CA ILE H 380 -32.08 76.16 26.61
C ILE H 380 -32.29 75.70 25.18
N VAL H 381 -31.21 75.28 24.55
CA VAL H 381 -31.27 74.84 23.16
C VAL H 381 -32.16 73.63 22.93
N LEU H 382 -31.89 72.55 23.66
CA LEU H 382 -32.67 71.33 23.55
C LEU H 382 -34.16 71.62 23.58
N LYS H 383 -34.55 72.65 24.32
CA LYS H 383 -35.95 73.02 24.40
C LYS H 383 -36.43 73.60 23.08
N VAL H 384 -35.98 74.80 22.74
CA VAL H 384 -36.39 75.44 21.50
C VAL H 384 -36.23 74.58 20.24
N SER H 385 -35.01 74.08 20.00
CA SER H 385 -34.77 73.29 18.82
C SER H 385 -35.26 71.86 18.95
N MET I 1 97.37 -35.31 -43.30
CA MET I 1 98.15 -34.42 -42.38
C MET I 1 99.53 -34.99 -42.15
N PHE I 2 99.94 -35.88 -43.07
CA PHE I 2 101.26 -36.48 -43.05
C PHE I 2 101.59 -36.81 -44.50
N LYS I 3 102.88 -36.83 -44.86
CA LYS I 3 103.29 -37.13 -46.23
C LYS I 3 102.87 -38.54 -46.65
N ASP I 4 102.50 -38.70 -47.92
CA ASP I 4 102.10 -40.03 -48.37
C ASP I 4 103.25 -41.03 -48.23
N GLY I 5 102.90 -42.31 -48.05
CA GLY I 5 103.91 -43.33 -47.89
C GLY I 5 104.59 -43.28 -46.54
N SER I 6 104.09 -42.44 -45.63
CA SER I 6 104.67 -42.31 -44.30
C SER I 6 104.37 -43.48 -43.38
N LEU I 7 105.30 -43.76 -42.49
CA LEU I 7 105.14 -44.83 -41.53
C LEU I 7 104.75 -44.12 -40.25
N ILE I 8 103.65 -44.55 -39.62
CA ILE I 8 103.17 -43.89 -38.42
C ILE I 8 103.23 -44.77 -37.17
N PRO I 9 104.18 -44.48 -36.27
CA PRO I 9 104.34 -45.26 -35.04
C PRO I 9 103.31 -44.91 -33.99
N TYR I 10 102.98 -45.88 -33.15
CA TYR I 10 102.04 -45.66 -32.06
C TYR I 10 102.69 -46.08 -30.74
N LEU I 11 102.59 -45.21 -29.74
CA LEU I 11 103.14 -45.50 -28.42
C LEU I 11 102.14 -45.05 -27.36
N THR I 12 102.12 -45.77 -26.24
CA THR I 12 101.25 -45.44 -25.12
C THR I 12 102.04 -44.57 -24.14
N ALA I 13 101.62 -43.32 -24.00
CA ALA I 13 102.30 -42.39 -23.09
C ALA I 13 102.44 -42.95 -21.68
N GLY I 14 103.64 -42.91 -21.14
CA GLY I 14 103.86 -43.39 -19.79
C GLY I 14 104.21 -44.87 -19.67
N ASP I 15 104.53 -45.49 -20.80
CA ASP I 15 104.89 -46.91 -20.79
C ASP I 15 106.35 -47.08 -21.20
N PRO I 16 107.23 -47.38 -20.24
CA PRO I 16 107.01 -47.57 -18.80
C PRO I 16 106.95 -46.30 -17.95
N ASP I 17 107.42 -45.17 -18.47
CA ASP I 17 107.38 -43.91 -17.73
C ASP I 17 107.38 -42.71 -18.68
N LYS I 18 106.98 -41.53 -18.21
CA LYS I 18 106.94 -40.37 -19.09
C LYS I 18 108.26 -40.05 -19.80
N GLN I 19 109.38 -40.24 -19.11
CA GLN I 19 110.67 -39.98 -19.73
C GLN I 19 110.95 -40.93 -20.90
N SER I 20 110.85 -42.24 -20.63
CA SER I 20 111.07 -43.25 -21.64
C SER I 20 110.24 -43.03 -22.91
N THR I 21 109.00 -42.57 -22.75
CA THR I 21 108.15 -42.31 -23.91
C THR I 21 108.77 -41.21 -24.77
N LEU I 22 109.24 -40.14 -24.13
CA LEU I 22 109.87 -39.05 -24.85
C LEU I 22 111.09 -39.57 -25.58
N ASN I 23 111.84 -40.45 -24.93
CA ASN I 23 113.03 -41.03 -25.53
C ASN I 23 112.68 -41.83 -26.78
N PHE I 24 111.71 -42.72 -26.65
CA PHE I 24 111.29 -43.54 -27.78
C PHE I 24 110.85 -42.65 -28.95
N LEU I 25 110.10 -41.60 -28.65
CA LEU I 25 109.63 -40.69 -29.68
C LEU I 25 110.79 -40.07 -30.44
N LEU I 26 111.74 -39.54 -29.70
CA LEU I 26 112.91 -38.91 -30.30
C LEU I 26 113.71 -39.89 -31.16
N ALA I 27 113.83 -41.12 -30.67
CA ALA I 27 114.57 -42.15 -31.38
C ALA I 27 113.91 -42.62 -32.68
N LEU I 28 112.59 -42.59 -32.74
CA LEU I 28 111.89 -43.05 -33.92
C LEU I 28 111.53 -41.90 -34.87
N ASP I 29 111.53 -40.70 -34.33
CA ASP I 29 111.18 -39.52 -35.09
C ASP I 29 111.64 -39.50 -36.56
N GLU I 30 112.92 -39.78 -36.77
CA GLU I 30 113.51 -39.76 -38.11
C GLU I 30 112.88 -40.72 -39.12
N TYR I 31 112.27 -41.80 -38.64
CA TYR I 31 111.67 -42.76 -39.54
C TYR I 31 110.17 -42.54 -39.73
N ALA I 32 109.59 -41.69 -38.89
CA ALA I 32 108.15 -41.45 -38.92
C ALA I 32 107.72 -40.21 -39.68
N GLY I 33 106.54 -40.30 -40.28
CA GLY I 33 105.97 -39.19 -41.01
C GLY I 33 104.92 -38.53 -40.12
N ALA I 34 104.60 -39.21 -39.03
CA ALA I 34 103.62 -38.76 -38.04
C ALA I 34 103.62 -39.76 -36.89
N ILE I 35 103.27 -39.29 -35.69
CA ILE I 35 103.25 -40.15 -34.52
C ILE I 35 101.93 -40.14 -33.76
N GLU I 36 101.45 -41.33 -33.36
CA GLU I 36 100.22 -41.44 -32.58
C GLU I 36 100.58 -41.70 -31.12
N LEU I 37 100.14 -40.83 -30.22
CA LEU I 37 100.42 -40.98 -28.79
C LEU I 37 99.14 -41.30 -28.03
N GLY I 38 99.14 -42.44 -27.34
CA GLY I 38 97.96 -42.84 -26.60
C GLY I 38 97.95 -42.49 -25.12
N ILE I 39 96.80 -41.99 -24.65
CA ILE I 39 96.62 -41.62 -23.25
C ILE I 39 96.00 -42.80 -22.49
N PRO I 40 96.74 -43.36 -21.52
CA PRO I 40 96.31 -44.50 -20.71
C PRO I 40 94.91 -44.38 -20.13
N PHE I 41 94.12 -45.44 -20.29
CA PHE I 41 92.76 -45.48 -19.78
C PHE I 41 92.59 -46.77 -19.00
N SER I 42 91.80 -46.71 -17.93
CA SER I 42 91.59 -47.89 -17.09
C SER I 42 90.75 -48.95 -17.79
N ASP I 43 89.86 -48.52 -18.68
CA ASP I 43 89.00 -49.47 -19.37
C ASP I 43 88.97 -49.36 -20.88
N PRO I 44 90.03 -49.82 -21.57
CA PRO I 44 90.07 -49.76 -23.02
C PRO I 44 89.01 -50.74 -23.52
N ILE I 45 88.40 -50.50 -24.67
CA ILE I 45 87.39 -51.40 -25.17
C ILE I 45 87.84 -52.05 -26.46
N ALA I 46 87.95 -53.39 -26.42
CA ALA I 46 88.39 -54.18 -27.57
C ALA I 46 89.56 -53.46 -28.25
N ASP I 47 90.53 -53.05 -27.45
CA ASP I 47 91.69 -52.32 -27.95
C ASP I 47 92.80 -53.23 -28.42
N GLY I 48 92.68 -54.53 -28.17
CA GLY I 48 93.73 -55.45 -28.60
C GLY I 48 94.72 -55.70 -27.47
N LYS I 49 94.91 -56.97 -27.13
CA LYS I 49 95.78 -57.37 -26.04
C LYS I 49 97.10 -56.64 -25.82
N THR I 50 97.93 -56.54 -26.86
CA THR I 50 99.22 -55.90 -26.72
C THR I 50 99.09 -54.44 -26.26
N ILE I 51 98.21 -53.68 -26.92
CA ILE I 51 98.01 -52.29 -26.55
C ILE I 51 97.31 -52.21 -25.21
N GLN I 52 96.30 -53.05 -25.03
CA GLN I 52 95.52 -53.10 -23.80
C GLN I 52 96.45 -53.22 -22.61
N GLU I 53 97.44 -54.09 -22.71
CA GLU I 53 98.39 -54.28 -21.63
C GLU I 53 99.24 -53.07 -21.35
N SER I 54 99.59 -52.32 -22.38
CA SER I 54 100.42 -51.14 -22.21
C SER I 54 99.69 -50.13 -21.34
N HIS I 55 98.36 -50.04 -21.51
CA HIS I 55 97.54 -49.12 -20.73
C HIS I 55 97.66 -49.43 -19.23
N TYR I 56 97.56 -50.71 -18.90
CA TYR I 56 97.68 -51.15 -17.53
C TYR I 56 99.06 -50.79 -16.99
N ARG I 57 100.11 -51.13 -17.74
CA ARG I 57 101.47 -50.80 -17.32
C ARG I 57 101.58 -49.32 -16.99
N ALA I 58 101.22 -48.47 -17.93
CA ALA I 58 101.30 -47.03 -17.76
C ALA I 58 100.62 -46.55 -16.47
N LEU I 59 99.39 -47.00 -16.23
CA LEU I 59 98.64 -46.60 -15.05
C LEU I 59 99.18 -47.20 -13.76
N LYS I 60 99.72 -48.41 -13.84
CA LYS I 60 100.29 -49.05 -12.65
C LYS I 60 101.49 -48.23 -12.14
N ASN I 61 102.22 -47.62 -13.07
CA ASN I 61 103.38 -46.82 -12.70
C ASN I 61 102.97 -45.39 -12.38
N GLY I 62 101.68 -45.20 -12.12
CA GLY I 62 101.17 -43.89 -11.76
C GLY I 62 101.14 -42.79 -12.80
N PHE I 63 100.70 -43.11 -14.01
CA PHE I 63 100.64 -42.09 -15.05
C PHE I 63 99.57 -41.05 -14.74
N LYS I 64 99.76 -39.82 -15.22
CA LYS I 64 98.79 -38.75 -14.98
C LYS I 64 98.62 -37.89 -16.22
N LEU I 65 97.38 -37.55 -16.56
CA LEU I 65 97.09 -36.78 -17.76
C LEU I 65 98.06 -35.67 -18.15
N ARG I 66 98.48 -34.84 -17.21
CA ARG I 66 99.40 -33.77 -17.57
C ARG I 66 100.71 -34.33 -18.16
N GLU I 67 101.18 -35.45 -17.63
CA GLU I 67 102.41 -36.07 -18.12
C GLU I 67 102.35 -36.33 -19.63
N ALA I 68 101.14 -36.54 -20.15
CA ALA I 68 100.97 -36.77 -21.58
C ALA I 68 101.33 -35.49 -22.31
N PHE I 69 100.68 -34.40 -21.93
CA PHE I 69 100.93 -33.10 -22.53
C PHE I 69 102.40 -32.68 -22.39
N TRP I 70 103.02 -33.07 -21.28
CA TRP I 70 104.42 -32.78 -21.02
C TRP I 70 105.29 -33.44 -22.09
N ILE I 71 105.03 -34.73 -22.35
CA ILE I 71 105.77 -35.46 -23.36
C ILE I 71 105.66 -34.77 -24.71
N VAL I 72 104.44 -34.41 -25.10
CA VAL I 72 104.23 -33.74 -26.38
C VAL I 72 104.98 -32.41 -26.44
N LYS I 73 104.84 -31.61 -25.39
CA LYS I 73 105.50 -30.31 -25.36
C LYS I 73 107.03 -30.43 -25.39
N GLU I 74 107.56 -31.37 -24.63
CA GLU I 74 109.00 -31.60 -24.60
C GLU I 74 109.48 -32.06 -25.97
N PHE I 75 108.74 -32.96 -26.60
CA PHE I 75 109.08 -33.47 -27.92
C PHE I 75 109.11 -32.33 -28.92
N ARG I 76 108.20 -31.38 -28.75
CA ARG I 76 108.13 -30.23 -29.64
C ARG I 76 109.40 -29.38 -29.65
N ARG I 77 110.19 -29.48 -28.58
CA ARG I 77 111.44 -28.72 -28.49
C ARG I 77 112.48 -29.22 -29.50
N HIS I 78 112.27 -30.42 -30.02
CA HIS I 78 113.21 -30.99 -30.97
C HIS I 78 112.61 -31.22 -32.35
N SER I 79 111.38 -31.71 -32.39
CA SER I 79 110.74 -32.01 -33.66
C SER I 79 109.46 -31.25 -33.91
N SER I 80 108.98 -31.37 -35.14
CA SER I 80 107.74 -30.74 -35.57
C SER I 80 106.86 -31.81 -36.19
N THR I 81 107.34 -33.05 -36.17
CA THR I 81 106.58 -34.18 -36.73
C THR I 81 105.16 -34.16 -36.16
N PRO I 82 104.14 -34.31 -37.03
CA PRO I 82 102.74 -34.30 -36.57
C PRO I 82 102.49 -35.29 -35.44
N ILE I 83 101.80 -34.83 -34.40
CA ILE I 83 101.46 -35.67 -33.26
C ILE I 83 99.94 -35.80 -33.15
N VAL I 84 99.45 -37.04 -33.21
CA VAL I 84 98.02 -37.28 -33.07
C VAL I 84 97.78 -37.93 -31.72
N LEU I 85 96.99 -37.25 -30.89
CA LEU I 85 96.68 -37.74 -29.56
C LEU I 85 95.51 -38.70 -29.62
N MET I 86 95.66 -39.87 -29.00
CA MET I 86 94.58 -40.84 -29.01
C MET I 86 94.14 -41.15 -27.59
N THR I 87 92.89 -40.82 -27.30
CA THR I 87 92.35 -41.01 -25.96
C THR I 87 90.87 -41.34 -25.96
N TYR I 88 90.40 -41.83 -24.81
CA TYR I 88 88.99 -42.14 -24.66
C TYR I 88 88.30 -40.86 -24.22
N TYR I 89 86.98 -40.79 -24.40
CA TYR I 89 86.22 -39.59 -24.10
C TYR I 89 86.19 -39.10 -22.65
N ASN I 90 86.21 -40.02 -21.70
CA ASN I 90 86.14 -39.64 -20.29
C ASN I 90 87.07 -38.50 -19.85
N PRO I 91 88.37 -38.59 -20.15
CA PRO I 91 89.30 -37.53 -19.74
C PRO I 91 88.93 -36.16 -20.30
N ILE I 92 88.57 -36.11 -21.57
CA ILE I 92 88.23 -34.84 -22.18
C ILE I 92 86.88 -34.38 -21.69
N TYR I 93 85.99 -35.32 -21.38
CA TYR I 93 84.65 -34.97 -20.88
C TYR I 93 84.79 -34.40 -19.48
N ARG I 94 85.57 -35.11 -18.67
CA ARG I 94 85.82 -34.75 -17.30
C ARG I 94 86.50 -33.38 -17.19
N ALA I 95 87.17 -32.94 -18.24
CA ALA I 95 87.88 -31.66 -18.20
C ALA I 95 87.23 -30.54 -19.01
N GLY I 96 86.30 -30.88 -19.89
CA GLY I 96 85.66 -29.87 -20.71
C GLY I 96 86.24 -29.97 -22.10
N VAL I 97 85.39 -30.26 -23.09
CA VAL I 97 85.82 -30.39 -24.47
C VAL I 97 86.80 -29.28 -24.89
N ARG I 98 86.31 -28.05 -24.92
CA ARG I 98 87.15 -26.92 -25.29
C ARG I 98 88.43 -26.82 -24.42
N ASN I 99 88.29 -26.97 -23.11
CA ASN I 99 89.45 -26.90 -22.23
C ASN I 99 90.51 -27.91 -22.61
N PHE I 100 90.10 -29.15 -22.86
CA PHE I 100 91.02 -30.22 -23.23
C PHE I 100 91.70 -29.90 -24.58
N LEU I 101 90.88 -29.66 -25.61
CA LEU I 101 91.38 -29.34 -26.94
C LEU I 101 92.34 -28.16 -26.93
N ALA I 102 92.08 -27.21 -26.04
CA ALA I 102 92.92 -26.02 -25.91
C ALA I 102 94.30 -26.41 -25.38
N GLU I 103 94.32 -27.10 -24.25
CA GLU I 103 95.57 -27.54 -23.65
C GLU I 103 96.35 -28.42 -24.63
N ALA I 104 95.62 -29.21 -25.42
CA ALA I 104 96.24 -30.11 -26.40
C ALA I 104 96.97 -29.30 -27.46
N LYS I 105 96.25 -28.33 -28.03
CA LYS I 105 96.80 -27.45 -29.06
C LYS I 105 98.06 -26.76 -28.53
N ALA I 106 97.95 -26.23 -27.33
CA ALA I 106 99.04 -25.52 -26.68
C ALA I 106 100.26 -26.42 -26.42
N SER I 107 100.03 -27.71 -26.26
CA SER I 107 101.14 -28.62 -25.99
C SER I 107 101.87 -29.02 -27.26
N GLY I 108 101.28 -28.68 -28.40
CA GLY I 108 101.90 -29.00 -29.66
C GLY I 108 101.25 -30.18 -30.35
N VAL I 109 100.01 -30.47 -29.98
CA VAL I 109 99.27 -31.56 -30.58
C VAL I 109 98.60 -31.07 -31.88
N ASP I 110 98.66 -31.88 -32.93
CA ASP I 110 98.10 -31.53 -34.22
C ASP I 110 96.71 -32.12 -34.46
N GLY I 111 96.56 -33.39 -34.10
CA GLY I 111 95.29 -34.04 -34.28
C GLY I 111 94.89 -34.90 -33.09
N ILE I 112 93.61 -35.24 -33.05
CA ILE I 112 93.10 -36.04 -31.96
C ILE I 112 92.07 -37.06 -32.46
N LEU I 113 92.03 -38.20 -31.78
CA LEU I 113 91.08 -39.28 -32.08
C LEU I 113 90.45 -39.74 -30.75
N VAL I 114 89.14 -39.55 -30.63
CA VAL I 114 88.45 -39.98 -29.42
C VAL I 114 87.88 -41.36 -29.73
N VAL I 115 88.57 -42.37 -29.23
CA VAL I 115 88.25 -43.77 -29.46
C VAL I 115 86.81 -44.23 -29.26
N ASP I 116 86.19 -43.80 -28.17
CA ASP I 116 84.83 -44.22 -27.86
C ASP I 116 83.73 -43.15 -28.02
N LEU I 117 83.89 -42.29 -29.02
CA LEU I 117 82.91 -41.24 -29.29
C LEU I 117 82.40 -41.41 -30.71
N PRO I 118 81.22 -42.01 -30.88
CA PRO I 118 80.60 -42.26 -32.19
C PRO I 118 80.60 -41.03 -33.08
N VAL I 119 80.63 -41.26 -34.39
CA VAL I 119 80.63 -40.17 -35.36
C VAL I 119 79.39 -39.31 -35.18
N PHE I 120 78.23 -39.96 -35.13
CA PHE I 120 76.95 -39.27 -34.98
C PHE I 120 76.76 -38.56 -33.63
N HIS I 121 77.76 -38.67 -32.76
CA HIS I 121 77.71 -38.03 -31.45
C HIS I 121 78.83 -37.01 -31.31
N ALA I 122 79.66 -36.89 -32.34
CA ALA I 122 80.80 -35.97 -32.26
C ALA I 122 80.61 -34.66 -33.01
N LYS I 123 79.35 -34.28 -33.27
CA LYS I 123 79.09 -33.03 -33.97
C LYS I 123 79.71 -31.85 -33.24
N GLU I 124 79.35 -31.68 -31.97
CA GLU I 124 79.88 -30.56 -31.21
C GLU I 124 81.39 -30.65 -31.02
N PHE I 125 81.91 -31.87 -30.90
CA PHE I 125 83.34 -32.05 -30.71
C PHE I 125 84.13 -31.54 -31.91
N THR I 126 83.79 -32.04 -33.10
CA THR I 126 84.50 -31.63 -34.31
C THR I 126 84.42 -30.11 -34.47
N GLU I 127 83.32 -29.53 -34.00
CA GLU I 127 83.08 -28.09 -34.08
C GLU I 127 84.06 -27.30 -33.23
N ILE I 128 84.19 -27.67 -31.95
CA ILE I 128 85.12 -27.01 -31.02
C ILE I 128 86.55 -27.31 -31.44
N ALA I 129 86.76 -28.51 -31.97
CA ALA I 129 88.09 -28.93 -32.41
C ALA I 129 88.62 -27.96 -33.46
N ARG I 130 87.77 -27.61 -34.43
CA ARG I 130 88.12 -26.67 -35.48
C ARG I 130 88.51 -25.35 -34.87
N GLU I 131 87.62 -24.82 -34.03
CA GLU I 131 87.84 -23.55 -33.37
C GLU I 131 89.07 -23.54 -32.46
N GLU I 132 89.54 -24.71 -32.06
CA GLU I 132 90.71 -24.74 -31.20
C GLU I 132 91.97 -25.08 -31.99
N GLY I 133 91.81 -25.25 -33.30
CA GLY I 133 92.94 -25.57 -34.16
C GLY I 133 93.48 -26.98 -34.01
N ILE I 134 92.58 -27.95 -33.84
CA ILE I 134 92.97 -29.35 -33.71
C ILE I 134 92.28 -30.13 -34.83
N LYS I 135 93.06 -30.93 -35.55
CA LYS I 135 92.49 -31.73 -36.62
C LYS I 135 91.81 -32.97 -36.04
N THR I 136 90.71 -33.39 -36.67
CA THR I 136 89.98 -34.54 -36.18
C THR I 136 90.36 -35.82 -36.89
N VAL I 137 90.44 -36.92 -36.13
CA VAL I 137 90.75 -38.23 -36.69
C VAL I 137 89.67 -39.21 -36.25
N PHE I 138 88.94 -39.78 -37.20
CA PHE I 138 87.89 -40.76 -36.90
C PHE I 138 88.26 -42.09 -37.53
N LEU I 139 87.85 -43.19 -36.91
CA LEU I 139 88.17 -44.48 -37.51
C LEU I 139 87.00 -45.22 -38.10
N ALA I 140 87.31 -46.15 -39.00
CA ALA I 140 86.33 -46.98 -39.67
C ALA I 140 86.84 -48.42 -39.67
N ALA I 141 85.89 -49.36 -39.64
CA ALA I 141 86.22 -50.78 -39.62
C ALA I 141 85.60 -51.52 -40.80
N PRO I 142 86.03 -52.76 -41.07
CA PRO I 142 85.45 -53.51 -42.18
C PRO I 142 83.92 -53.54 -42.13
N ASN I 143 83.35 -53.69 -40.94
CA ASN I 143 81.90 -53.74 -40.81
C ASN I 143 81.21 -52.39 -40.93
N THR I 144 81.98 -51.35 -41.22
CA THR I 144 81.41 -50.01 -41.37
C THR I 144 80.81 -49.88 -42.76
N PRO I 145 79.50 -49.56 -42.84
CA PRO I 145 78.81 -49.42 -44.14
C PRO I 145 79.33 -48.22 -44.95
N ASP I 146 79.23 -48.32 -46.27
CA ASP I 146 79.70 -47.23 -47.13
C ASP I 146 79.00 -45.95 -46.75
N GLU I 147 77.81 -46.08 -46.19
CA GLU I 147 77.04 -44.92 -45.77
C GLU I 147 77.76 -44.15 -44.67
N ARG I 148 78.07 -44.82 -43.55
CA ARG I 148 78.77 -44.17 -42.43
C ARG I 148 80.16 -43.74 -42.86
N LEU I 149 80.78 -44.55 -43.72
CA LEU I 149 82.12 -44.25 -44.20
C LEU I 149 82.17 -42.82 -44.72
N LYS I 150 81.20 -42.45 -45.56
CA LYS I 150 81.14 -41.10 -46.12
C LYS I 150 81.04 -40.08 -45.00
N VAL I 151 80.11 -40.30 -44.07
CA VAL I 151 79.92 -39.40 -42.94
C VAL I 151 81.20 -39.23 -42.12
N ILE I 152 81.92 -40.33 -41.96
CA ILE I 152 83.16 -40.32 -41.20
C ILE I 152 84.17 -39.43 -41.94
N ASP I 153 84.24 -39.61 -43.25
CA ASP I 153 85.15 -38.82 -44.09
C ASP I 153 84.78 -37.34 -44.05
N ASP I 154 83.47 -37.06 -44.12
CA ASP I 154 82.96 -35.70 -44.10
C ASP I 154 83.25 -34.95 -42.81
N MET I 155 83.59 -35.67 -41.75
CA MET I 155 83.88 -35.01 -40.48
C MET I 155 85.35 -35.03 -40.13
N THR I 156 86.13 -35.79 -40.90
CA THR I 156 87.56 -35.92 -40.67
C THR I 156 88.34 -34.78 -41.29
N THR I 157 89.20 -34.13 -40.51
CA THR I 157 90.01 -33.03 -41.01
C THR I 157 91.49 -33.41 -40.93
N GLY I 158 91.75 -34.60 -40.41
CA GLY I 158 93.12 -35.08 -40.28
C GLY I 158 93.34 -36.23 -41.23
N PHE I 159 92.66 -37.34 -40.98
CA PHE I 159 92.76 -38.53 -41.82
C PHE I 159 91.90 -39.63 -41.24
N VAL I 160 91.33 -40.45 -42.11
CA VAL I 160 90.49 -41.56 -41.67
C VAL I 160 91.41 -42.70 -41.25
N TYR I 161 91.13 -43.27 -40.09
CA TYR I 161 91.95 -44.36 -39.56
C TYR I 161 91.26 -45.72 -39.76
N LEU I 162 91.78 -46.53 -40.67
CA LEU I 162 91.19 -47.85 -40.93
C LEU I 162 91.82 -48.91 -40.04
N VAL I 163 90.97 -49.74 -39.43
CA VAL I 163 91.42 -50.83 -38.54
C VAL I 163 90.73 -52.13 -38.92
N SER I 164 91.38 -53.27 -38.64
CA SER I 164 90.79 -54.57 -39.00
C SER I 164 90.02 -55.26 -37.87
N LEU I 165 89.06 -56.08 -38.25
CA LEU I 165 88.21 -56.80 -37.29
C LEU I 165 88.96 -57.59 -36.22
N TYR I 166 90.22 -57.94 -36.49
CA TYR I 166 91.02 -58.67 -35.53
C TYR I 166 92.45 -58.20 -35.60
N GLY I 167 93.02 -58.29 -36.79
CA GLY I 167 94.38 -57.85 -36.99
C GLY I 167 95.13 -58.74 -37.96
N ARG I 172 100.76 -66.15 -40.90
CA ARG I 172 101.96 -65.32 -40.96
C ARG I 172 101.55 -63.90 -40.85
N GLU I 173 100.66 -63.65 -39.92
CA GLU I 173 100.17 -62.32 -39.72
C GLU I 173 99.77 -61.76 -41.08
N GLU I 174 99.18 -62.62 -41.89
CA GLU I 174 98.73 -62.22 -43.21
C GLU I 174 97.53 -61.32 -43.04
N ILE I 175 97.63 -60.11 -43.61
CA ILE I 175 96.58 -59.14 -43.50
C ILE I 175 95.29 -59.73 -44.05
N PRO I 176 94.23 -59.76 -43.22
CA PRO I 176 92.92 -60.30 -43.60
C PRO I 176 92.41 -59.76 -44.94
N LYS I 177 91.73 -60.61 -45.69
CA LYS I 177 91.19 -60.20 -46.99
C LYS I 177 90.20 -59.10 -46.72
N THR I 178 89.52 -59.23 -45.60
CA THR I 178 88.52 -58.27 -45.17
C THR I 178 89.11 -56.87 -44.96
N ALA I 179 90.35 -56.80 -44.48
CA ALA I 179 91.02 -55.51 -44.26
C ALA I 179 91.34 -54.79 -45.56
N TYR I 180 91.79 -55.54 -46.57
CA TYR I 180 92.10 -54.94 -47.85
C TYR I 180 90.85 -54.37 -48.47
N ASP I 181 89.75 -55.09 -48.31
CA ASP I 181 88.48 -54.64 -48.88
C ASP I 181 88.08 -53.30 -48.27
N LEU I 182 88.35 -53.12 -46.98
CA LEU I 182 88.02 -51.87 -46.31
C LEU I 182 88.83 -50.76 -46.98
N LEU I 183 90.14 -50.98 -47.13
CA LEU I 183 91.02 -50.02 -47.76
C LEU I 183 90.56 -49.67 -49.18
N ARG I 184 90.22 -50.68 -49.96
CA ARG I 184 89.77 -50.48 -51.33
C ARG I 184 88.60 -49.49 -51.34
N ARG I 185 87.57 -49.80 -50.57
CA ARG I 185 86.38 -48.96 -50.47
C ARG I 185 86.73 -47.57 -49.97
N ALA I 186 87.54 -47.52 -48.93
CA ALA I 186 87.94 -46.25 -48.35
C ALA I 186 88.56 -45.31 -49.39
N LYS I 187 89.58 -45.77 -50.10
CA LYS I 187 90.24 -44.94 -51.11
C LYS I 187 89.23 -44.51 -52.16
N ARG I 188 88.35 -45.43 -52.52
CA ARG I 188 87.32 -45.19 -53.50
C ARG I 188 86.21 -44.28 -53.02
N ILE I 189 86.20 -43.95 -51.73
CA ILE I 189 85.13 -43.10 -51.17
C ILE I 189 85.60 -41.85 -50.44
N CYS I 190 86.70 -41.95 -49.70
CA CYS I 190 87.20 -40.83 -48.91
C CYS I 190 87.97 -39.76 -49.66
N ARG I 191 87.85 -38.53 -49.18
CA ARG I 191 88.56 -37.40 -49.76
C ARG I 191 89.81 -37.23 -48.93
N ASN I 192 89.74 -37.66 -47.67
CA ASN I 192 90.89 -37.54 -46.77
C ASN I 192 91.92 -38.62 -46.98
N LYS I 193 93.09 -38.39 -46.40
CA LYS I 193 94.16 -39.37 -46.48
C LYS I 193 93.70 -40.52 -45.58
N VAL I 194 94.18 -41.71 -45.87
CA VAL I 194 93.81 -42.88 -45.10
C VAL I 194 95.03 -43.56 -44.49
N ALA I 195 95.01 -43.76 -43.17
CA ALA I 195 96.11 -44.44 -42.48
C ALA I 195 95.57 -45.82 -42.10
N VAL I 196 96.39 -46.85 -42.21
CA VAL I 196 95.93 -48.18 -41.87
C VAL I 196 96.65 -48.81 -40.68
N GLY I 197 95.86 -49.41 -39.81
CA GLY I 197 96.38 -50.10 -38.64
C GLY I 197 95.82 -51.52 -38.72
N PHE I 198 96.46 -52.35 -39.53
CA PHE I 198 95.99 -53.72 -39.70
C PHE I 198 96.86 -54.74 -38.95
N GLY I 199 97.78 -54.24 -38.12
CA GLY I 199 98.64 -55.14 -37.37
C GLY I 199 99.88 -55.58 -38.13
N VAL I 200 100.51 -54.61 -38.77
CA VAL I 200 101.71 -54.84 -39.54
C VAL I 200 102.80 -55.42 -38.64
N SER I 201 103.52 -56.43 -39.13
CA SER I 201 104.59 -57.03 -38.34
C SER I 201 105.82 -57.38 -39.19
N LYS I 202 105.68 -57.30 -40.51
CA LYS I 202 106.80 -57.59 -41.37
C LYS I 202 106.78 -56.67 -42.59
N ARG I 203 107.97 -56.40 -43.11
CA ARG I 203 108.12 -55.52 -44.26
C ARG I 203 107.07 -55.68 -45.38
N GLU I 204 106.77 -56.92 -45.74
CA GLU I 204 105.82 -57.21 -46.81
C GLU I 204 104.48 -56.52 -46.64
N HIS I 205 104.04 -56.41 -45.38
CA HIS I 205 102.79 -55.76 -45.07
C HIS I 205 102.81 -54.30 -45.48
N VAL I 206 103.82 -53.58 -44.99
CA VAL I 206 103.96 -52.16 -45.30
C VAL I 206 103.93 -51.92 -46.79
N VAL I 207 104.71 -52.73 -47.51
CA VAL I 207 104.80 -52.62 -48.96
C VAL I 207 103.46 -52.87 -49.63
N SER I 208 102.87 -54.02 -49.32
CA SER I 208 101.60 -54.36 -49.91
C SER I 208 100.49 -53.34 -49.62
N LEU I 209 100.44 -52.82 -48.40
CA LEU I 209 99.44 -51.85 -48.02
C LEU I 209 99.61 -50.50 -48.72
N LEU I 210 100.85 -50.02 -48.81
CA LEU I 210 101.12 -48.76 -49.48
C LEU I 210 100.72 -48.93 -50.93
N LYS I 211 101.11 -50.07 -51.48
CA LYS I 211 100.83 -50.45 -52.85
C LYS I 211 99.35 -50.41 -53.16
N GLU I 212 98.54 -50.73 -52.16
CA GLU I 212 97.09 -50.74 -52.33
C GLU I 212 96.42 -49.40 -52.10
N GLY I 213 97.21 -48.35 -51.92
CA GLY I 213 96.64 -47.04 -51.73
C GLY I 213 96.67 -46.46 -50.34
N ALA I 214 97.32 -47.14 -49.40
CA ALA I 214 97.38 -46.61 -48.05
C ALA I 214 98.30 -45.40 -47.99
N ASN I 215 97.75 -44.26 -47.61
CA ASN I 215 98.54 -43.03 -47.50
C ASN I 215 99.54 -43.18 -46.36
N GLY I 216 99.12 -43.86 -45.31
CA GLY I 216 99.99 -44.07 -44.17
C GLY I 216 99.79 -45.46 -43.60
N VAL I 217 100.83 -46.00 -42.97
CA VAL I 217 100.74 -47.32 -42.37
C VAL I 217 101.17 -47.18 -40.91
N VAL I 218 100.22 -47.45 -40.02
CA VAL I 218 100.46 -47.35 -38.60
C VAL I 218 101.11 -48.61 -38.04
N VAL I 219 102.06 -48.42 -37.14
CA VAL I 219 102.77 -49.53 -36.51
C VAL I 219 102.74 -49.31 -35.00
N GLY I 220 101.87 -50.06 -34.32
CA GLY I 220 101.74 -49.93 -32.89
C GLY I 220 102.06 -51.19 -32.12
N SER I 221 101.29 -52.25 -32.36
CA SER I 221 101.52 -53.51 -31.65
C SER I 221 102.98 -53.97 -31.73
N ALA I 222 103.51 -54.06 -32.95
CA ALA I 222 104.89 -54.48 -33.14
C ALA I 222 105.87 -53.70 -32.24
N LEU I 223 105.60 -52.41 -32.05
CA LEU I 223 106.46 -51.57 -31.21
C LEU I 223 106.20 -51.68 -29.72
N VAL I 224 104.94 -51.50 -29.30
CA VAL I 224 104.62 -51.59 -27.86
C VAL I 224 104.91 -52.97 -27.30
N LYS I 225 104.93 -53.99 -28.17
CA LYS I 225 105.23 -55.34 -27.75
C LYS I 225 106.68 -55.38 -27.27
N ILE I 226 107.53 -54.64 -27.99
CA ILE I 226 108.94 -54.55 -27.66
C ILE I 226 109.10 -53.71 -26.40
N ILE I 227 108.34 -52.62 -26.31
CA ILE I 227 108.40 -51.75 -25.14
C ILE I 227 107.97 -52.51 -23.89
N GLY I 228 107.18 -53.55 -24.09
CA GLY I 228 106.73 -54.34 -22.97
C GLY I 228 107.77 -55.34 -22.55
N GLU I 229 108.60 -55.78 -23.49
CA GLU I 229 109.64 -56.77 -23.21
C GLU I 229 110.95 -56.15 -22.78
N LYS I 230 111.23 -54.93 -23.24
CA LYS I 230 112.50 -54.26 -22.93
C LYS I 230 112.40 -53.09 -21.96
N GLY I 231 111.17 -52.66 -21.66
CA GLY I 231 111.01 -51.54 -20.74
C GLY I 231 111.80 -50.31 -21.11
N ARG I 232 112.54 -49.76 -20.14
CA ARG I 232 113.33 -48.56 -20.37
C ARG I 232 114.41 -48.77 -21.41
N GLU I 233 114.83 -50.01 -21.62
CA GLU I 233 115.89 -50.34 -22.56
C GLU I 233 115.37 -50.70 -23.95
N ALA I 234 114.20 -50.22 -24.31
CA ALA I 234 113.64 -50.57 -25.62
C ALA I 234 114.17 -49.79 -26.81
N THR I 235 114.61 -48.56 -26.57
CA THR I 235 115.10 -47.68 -27.63
C THR I 235 115.78 -48.34 -28.83
N GLU I 236 116.87 -49.03 -28.61
CA GLU I 236 117.59 -49.65 -29.72
C GLU I 236 116.76 -50.66 -30.51
N PHE I 237 116.08 -51.56 -29.80
CA PHE I 237 115.26 -52.58 -30.43
C PHE I 237 114.12 -51.99 -31.24
N LEU I 238 113.62 -50.83 -30.82
CA LEU I 238 112.55 -50.18 -31.52
C LEU I 238 113.02 -49.71 -32.88
N LYS I 239 114.19 -49.11 -32.93
CA LYS I 239 114.77 -48.63 -34.18
C LYS I 239 115.00 -49.79 -35.12
N LYS I 240 115.60 -50.85 -34.60
CA LYS I 240 115.89 -52.03 -35.41
C LYS I 240 114.61 -52.52 -36.07
N LYS I 241 113.53 -52.58 -35.31
CA LYS I 241 112.24 -53.04 -35.84
C LYS I 241 111.67 -52.05 -36.86
N VAL I 242 111.72 -50.77 -36.53
CA VAL I 242 111.22 -49.77 -37.45
C VAL I 242 112.00 -49.85 -38.77
N GLU I 243 113.32 -49.97 -38.64
CA GLU I 243 114.16 -50.07 -39.83
C GLU I 243 113.74 -51.26 -40.67
N GLU I 244 113.47 -52.39 -40.02
CA GLU I 244 113.04 -53.58 -40.74
C GLU I 244 111.79 -53.27 -41.56
N LEU I 245 110.82 -52.61 -40.93
CA LEU I 245 109.57 -52.29 -41.59
C LEU I 245 109.71 -51.29 -42.72
N LEU I 246 110.66 -50.37 -42.62
CA LEU I 246 110.87 -49.39 -43.69
C LEU I 246 111.72 -49.99 -44.78
N GLY I 247 112.36 -51.12 -44.49
CA GLY I 247 113.20 -51.76 -45.46
C GLY I 247 114.59 -51.14 -45.55
N ILE I 248 114.98 -50.33 -44.58
CA ILE I 248 116.30 -49.72 -44.64
C ILE I 248 117.34 -50.36 -43.72
N MET J 1 68.09 -43.50 -26.70
CA MET J 1 69.28 -44.16 -26.11
C MET J 1 69.81 -43.41 -24.89
N TRP J 2 69.07 -42.39 -24.48
CA TRP J 2 69.42 -41.55 -23.34
C TRP J 2 68.34 -41.57 -22.27
N PHE J 3 68.77 -41.46 -21.02
CA PHE J 3 67.85 -41.41 -19.88
C PHE J 3 68.28 -40.09 -19.25
N GLY J 4 67.68 -39.02 -19.73
CA GLY J 4 68.06 -37.72 -19.21
C GLY J 4 69.40 -37.45 -19.87
N GLU J 5 70.39 -37.12 -19.07
CA GLU J 5 71.73 -36.83 -19.58
C GLU J 5 72.58 -38.11 -19.64
N PHE J 6 72.09 -39.16 -18.98
CA PHE J 6 72.82 -40.43 -18.90
C PHE J 6 72.51 -41.43 -20.02
N GLY J 7 73.39 -42.42 -20.14
CA GLY J 7 73.22 -43.45 -21.16
C GLY J 7 74.23 -43.32 -22.28
N GLY J 8 73.73 -43.30 -23.51
CA GLY J 8 74.60 -43.18 -24.66
C GLY J 8 75.06 -44.46 -25.34
N GLN J 9 75.92 -44.29 -26.33
CA GLN J 9 76.47 -45.40 -27.10
C GLN J 9 77.96 -45.20 -27.30
N TYR J 10 78.67 -44.87 -26.23
CA TYR J 10 80.11 -44.61 -26.27
C TYR J 10 81.01 -45.83 -26.51
N VAL J 11 81.19 -46.20 -27.78
CA VAL J 11 82.05 -47.33 -28.14
C VAL J 11 82.82 -47.08 -29.44
N PRO J 12 83.89 -47.84 -29.66
CA PRO J 12 84.69 -47.69 -30.88
C PRO J 12 83.82 -47.98 -32.07
N GLU J 13 84.17 -47.41 -33.23
CA GLU J 13 83.39 -47.61 -34.45
C GLU J 13 83.18 -49.07 -34.82
N THR J 14 84.11 -49.93 -34.39
CA THR J 14 84.02 -51.35 -34.70
C THR J 14 82.81 -52.04 -34.10
N LEU J 15 82.25 -51.45 -33.04
CA LEU J 15 81.08 -52.00 -32.36
C LEU J 15 79.77 -51.37 -32.80
N ILE J 16 79.86 -50.28 -33.56
CA ILE J 16 78.68 -49.56 -34.00
C ILE J 16 77.75 -50.36 -34.90
N GLU J 17 78.27 -51.03 -35.93
CA GLU J 17 77.38 -51.79 -36.80
C GLU J 17 76.57 -52.85 -36.05
N PRO J 18 77.25 -53.72 -35.27
CA PRO J 18 76.53 -54.75 -34.51
C PRO J 18 75.45 -54.13 -33.61
N LEU J 19 75.79 -53.03 -32.92
CA LEU J 19 74.84 -52.33 -32.08
C LEU J 19 73.67 -51.79 -32.90
N LYS J 20 73.96 -51.06 -33.97
CA LYS J 20 72.93 -50.50 -34.83
C LYS J 20 71.98 -51.59 -35.31
N GLU J 21 72.54 -52.73 -35.69
CA GLU J 21 71.69 -53.80 -36.17
C GLU J 21 70.82 -54.37 -35.06
N LEU J 22 71.37 -54.44 -33.85
CA LEU J 22 70.61 -54.96 -32.71
C LEU J 22 69.43 -54.04 -32.45
N GLU J 23 69.67 -52.74 -32.61
CA GLU J 23 68.63 -51.76 -32.40
C GLU J 23 67.47 -52.05 -33.35
N LYS J 24 67.78 -52.27 -34.62
CA LYS J 24 66.76 -52.54 -35.63
C LYS J 24 65.95 -53.78 -35.28
N ALA J 25 66.65 -54.86 -35.00
CA ALA J 25 65.98 -56.11 -34.67
C ALA J 25 65.04 -55.93 -33.49
N TYR J 26 65.55 -55.31 -32.42
CA TYR J 26 64.74 -55.12 -31.24
C TYR J 26 63.49 -54.34 -31.56
N LYS J 27 63.58 -53.40 -32.50
CA LYS J 27 62.41 -52.60 -32.86
C LYS J 27 61.33 -53.45 -33.51
N ARG J 28 61.71 -54.27 -34.49
CA ARG J 28 60.70 -55.06 -35.17
C ARG J 28 60.13 -56.21 -34.39
N PHE J 29 60.82 -56.66 -33.35
CA PHE J 29 60.31 -57.78 -32.58
C PHE J 29 59.78 -57.37 -31.21
N LYS J 30 60.24 -56.21 -30.75
CA LYS J 30 59.84 -55.70 -29.45
C LYS J 30 58.35 -55.92 -29.21
N ASP J 31 57.56 -55.71 -30.25
CA ASP J 31 56.11 -55.87 -30.13
C ASP J 31 55.50 -56.89 -31.09
N ASP J 32 56.34 -57.67 -31.77
CA ASP J 32 55.84 -58.67 -32.69
C ASP J 32 55.00 -59.65 -31.88
N GLU J 33 53.77 -59.86 -32.30
CA GLU J 33 52.90 -60.77 -31.60
C GLU J 33 53.53 -62.16 -31.41
N GLU J 34 54.03 -62.75 -32.49
CA GLU J 34 54.64 -64.08 -32.41
C GLU J 34 55.82 -64.10 -31.45
N PHE J 35 56.68 -63.09 -31.52
CA PHE J 35 57.82 -63.05 -30.63
C PHE J 35 57.39 -63.13 -29.17
N ASN J 36 56.49 -62.23 -28.75
CA ASN J 36 56.05 -62.24 -27.36
C ASN J 36 55.31 -63.52 -27.00
N ARG J 37 54.55 -64.06 -27.94
CA ARG J 37 53.82 -65.29 -27.67
C ARG J 37 54.78 -66.37 -27.22
N GLN J 38 55.92 -66.46 -27.91
CA GLN J 38 56.94 -67.44 -27.57
C GLN J 38 57.65 -67.05 -26.29
N LEU J 39 57.92 -65.76 -26.13
CA LEU J 39 58.60 -65.28 -24.94
C LEU J 39 57.82 -65.66 -23.70
N ASN J 40 56.51 -65.44 -23.75
CA ASN J 40 55.67 -65.77 -22.60
C ASN J 40 55.57 -67.27 -22.43
N TYR J 41 55.56 -67.98 -23.55
CA TYR J 41 55.49 -69.43 -23.52
C TYR J 41 56.64 -70.05 -22.71
N TYR J 42 57.86 -69.61 -22.99
CA TYR J 42 59.01 -70.14 -22.30
C TYR J 42 59.05 -69.65 -20.88
N LEU J 43 58.79 -68.36 -20.71
CA LEU J 43 58.78 -67.78 -19.37
C LEU J 43 57.86 -68.58 -18.46
N LYS J 44 56.74 -69.04 -19.02
CA LYS J 44 55.77 -69.79 -18.24
C LYS J 44 56.11 -71.27 -18.01
N THR J 45 56.14 -72.04 -19.10
CA THR J 45 56.39 -73.48 -18.99
C THR J 45 57.81 -73.95 -18.70
N TRP J 46 58.80 -73.10 -18.93
CA TRP J 46 60.19 -73.48 -18.70
C TRP J 46 60.82 -72.74 -17.53
N ALA J 47 60.56 -71.44 -17.47
CA ALA J 47 61.12 -70.62 -16.40
C ALA J 47 60.32 -70.73 -15.11
N GLY J 48 59.02 -70.98 -15.24
CA GLY J 48 58.17 -71.10 -14.06
C GLY J 48 57.38 -69.85 -13.68
N ARG J 49 57.41 -68.82 -14.54
CA ARG J 49 56.66 -67.60 -14.24
C ARG J 49 55.17 -67.87 -14.28
N PRO J 50 54.40 -67.17 -13.44
CA PRO J 50 54.84 -66.15 -12.48
C PRO J 50 55.38 -66.70 -11.18
N THR J 51 56.07 -65.83 -10.45
CA THR J 51 56.63 -66.18 -9.16
C THR J 51 55.64 -65.62 -8.14
N PRO J 52 55.55 -66.23 -6.96
CA PRO J 52 54.61 -65.72 -5.98
C PRO J 52 55.09 -64.47 -5.25
N LEU J 53 54.15 -63.77 -4.62
CA LEU J 53 54.42 -62.59 -3.81
C LEU J 53 54.10 -63.14 -2.42
N TYR J 54 55.13 -63.33 -1.61
CA TYR J 54 54.96 -63.92 -0.29
C TYR J 54 54.92 -62.91 0.84
N TYR J 55 54.03 -63.15 1.81
CA TYR J 55 53.90 -62.27 2.95
C TYR J 55 54.68 -62.83 4.13
N ALA J 56 55.75 -62.15 4.50
CA ALA J 56 56.58 -62.59 5.63
C ALA J 56 55.90 -62.23 6.95
N LYS J 57 54.80 -62.93 7.23
CA LYS J 57 53.98 -62.70 8.42
C LYS J 57 54.84 -62.69 9.66
N ARG J 58 55.62 -63.74 9.83
CA ARG J 58 56.44 -63.85 11.01
C ARG J 58 57.54 -62.79 11.15
N LEU J 59 58.14 -62.41 10.04
CA LEU J 59 59.21 -61.41 10.09
C LEU J 59 58.62 -60.01 10.33
N THR J 60 57.48 -59.70 9.71
CA THR J 60 56.90 -58.37 9.91
C THR J 60 56.46 -58.18 11.34
N GLU J 61 55.91 -59.24 11.95
CA GLU J 61 55.45 -59.15 13.34
C GLU J 61 56.63 -59.07 14.29
N LYS J 62 57.71 -59.77 13.96
CA LYS J 62 58.89 -59.75 14.81
C LYS J 62 59.44 -58.32 14.91
N ILE J 63 59.23 -57.52 13.86
CA ILE J 63 59.71 -56.14 13.81
C ILE J 63 58.65 -55.17 14.32
N GLY J 64 57.38 -55.56 14.19
CA GLY J 64 56.28 -54.73 14.63
C GLY J 64 56.09 -53.46 13.83
N GLY J 65 56.61 -53.43 12.61
CA GLY J 65 56.47 -52.24 11.79
C GLY J 65 55.47 -52.45 10.67
N ALA J 66 55.86 -52.07 9.46
CA ALA J 66 55.01 -52.22 8.29
C ALA J 66 54.99 -53.67 7.84
N LYS J 67 54.06 -53.99 6.93
CA LYS J 67 53.96 -55.35 6.42
C LYS J 67 55.05 -55.54 5.37
N ILE J 68 55.64 -56.72 5.36
CA ILE J 68 56.71 -57.04 4.42
C ILE J 68 56.37 -58.17 3.46
N TYR J 69 56.31 -57.86 2.17
CA TYR J 69 56.03 -58.87 1.15
C TYR J 69 57.32 -59.11 0.39
N LEU J 70 57.50 -60.33 -0.13
CA LEU J 70 58.70 -60.67 -0.89
C LEU J 70 58.36 -61.17 -2.29
N LYS J 71 58.93 -60.54 -3.32
CA LYS J 71 58.71 -61.01 -4.70
C LYS J 71 59.72 -62.16 -4.85
N ARG J 72 59.21 -63.38 -4.86
CA ARG J 72 60.05 -64.57 -4.93
C ARG J 72 60.72 -64.89 -6.26
N GLU J 73 61.64 -64.05 -6.71
CA GLU J 73 62.35 -64.33 -7.96
C GLU J 73 63.34 -65.46 -7.73
N ASP J 74 63.52 -65.81 -6.45
CA ASP J 74 64.41 -66.90 -6.07
C ASP J 74 63.83 -68.23 -6.56
N LEU J 75 62.58 -68.22 -7.00
CA LEU J 75 61.96 -69.44 -7.45
C LEU J 75 61.97 -69.67 -8.95
N VAL J 76 62.44 -68.70 -9.75
CA VAL J 76 62.46 -68.92 -11.20
C VAL J 76 63.53 -69.98 -11.52
N HIS J 77 63.33 -70.73 -12.59
CA HIS J 77 64.27 -71.77 -12.99
C HIS J 77 65.65 -71.13 -13.08
N GLY J 78 66.60 -71.68 -12.31
CA GLY J 78 67.94 -71.11 -12.30
C GLY J 78 68.22 -70.48 -10.95
N GLY J 79 67.18 -70.02 -10.26
CA GLY J 79 67.36 -69.43 -8.95
C GLY J 79 67.63 -67.94 -8.89
N ALA J 80 67.44 -67.24 -10.00
CA ALA J 80 67.67 -65.79 -10.02
C ALA J 80 66.95 -65.11 -11.17
N HIS J 81 66.64 -63.83 -10.99
CA HIS J 81 65.94 -63.06 -12.03
C HIS J 81 66.73 -63.02 -13.34
N LYS J 82 68.04 -63.25 -13.25
CA LYS J 82 68.88 -63.22 -14.44
C LYS J 82 68.30 -64.05 -15.59
N THR J 83 67.60 -65.14 -15.24
CA THR J 83 66.99 -66.02 -16.22
C THR J 83 65.97 -65.31 -17.12
N ASN J 84 65.32 -64.28 -16.60
CA ASN J 84 64.34 -63.56 -17.40
C ASN J 84 65.02 -62.93 -18.61
N ASN J 85 66.10 -62.20 -18.35
CA ASN J 85 66.87 -61.53 -19.38
C ASN J 85 67.53 -62.51 -20.35
N ALA J 86 68.04 -63.62 -19.81
CA ALA J 86 68.70 -64.62 -20.63
C ALA J 86 67.74 -65.14 -21.71
N ILE J 87 66.57 -65.60 -21.28
CA ILE J 87 65.58 -66.11 -22.21
C ILE J 87 65.23 -65.07 -23.25
N GLY J 88 65.01 -63.84 -22.80
CA GLY J 88 64.64 -62.76 -23.70
C GLY J 88 65.64 -62.53 -24.83
N GLN J 89 66.87 -62.19 -24.46
CA GLN J 89 67.90 -61.94 -25.46
C GLN J 89 68.21 -63.17 -26.32
N ALA J 90 68.18 -64.35 -25.73
CA ALA J 90 68.47 -65.53 -26.52
C ALA J 90 67.37 -65.72 -27.57
N LEU J 91 66.12 -65.51 -27.18
CA LEU J 91 65.01 -65.67 -28.12
C LEU J 91 65.11 -64.62 -29.21
N LEU J 92 65.41 -63.38 -28.81
CA LEU J 92 65.56 -62.28 -29.76
C LEU J 92 66.68 -62.64 -30.75
N ALA J 93 67.78 -63.17 -30.22
CA ALA J 93 68.91 -63.57 -31.06
C ALA J 93 68.47 -64.64 -32.06
N LYS J 94 67.61 -65.54 -31.61
CA LYS J 94 67.16 -66.59 -32.50
C LYS J 94 66.29 -65.99 -33.60
N PHE J 95 65.40 -65.07 -33.24
CA PHE J 95 64.54 -64.42 -34.23
C PHE J 95 65.36 -63.61 -35.21
N MET J 96 66.49 -63.10 -34.74
CA MET J 96 67.38 -62.31 -35.60
C MET J 96 68.09 -63.27 -36.56
N GLY J 97 67.92 -64.56 -36.33
CA GLY J 97 68.57 -65.54 -37.17
C GLY J 97 70.00 -65.88 -36.74
N LYS J 98 70.38 -65.53 -35.51
CA LYS J 98 71.71 -65.84 -35.03
C LYS J 98 71.74 -67.31 -34.61
N THR J 99 72.92 -67.89 -34.47
CA THR J 99 73.04 -69.29 -34.11
C THR J 99 73.99 -69.50 -32.94
N ARG J 100 74.62 -68.43 -32.49
CA ARG J 100 75.56 -68.53 -31.41
C ARG J 100 75.40 -67.40 -30.39
N LEU J 101 75.55 -67.76 -29.12
CA LEU J 101 75.47 -66.80 -28.03
C LEU J 101 76.81 -66.76 -27.34
N ILE J 102 77.28 -65.57 -26.99
CA ILE J 102 78.53 -65.45 -26.25
C ILE J 102 78.32 -64.46 -25.13
N ALA J 103 79.01 -64.68 -24.03
CA ALA J 103 78.93 -63.80 -22.88
C ALA J 103 80.13 -64.06 -22.00
N GLU J 104 80.35 -63.18 -21.03
CA GLU J 104 81.46 -63.36 -20.11
C GLU J 104 80.89 -63.44 -18.70
N THR J 105 81.62 -63.99 -17.75
CA THR J 105 81.12 -64.09 -16.40
C THR J 105 82.22 -64.12 -15.36
N GLY J 106 81.91 -63.59 -14.17
CA GLY J 106 82.86 -63.58 -13.07
C GLY J 106 82.49 -64.66 -12.07
N ALA J 107 81.47 -64.41 -11.26
CA ALA J 107 81.02 -65.39 -10.27
C ALA J 107 80.53 -66.62 -11.00
N GLY J 108 79.97 -66.41 -12.18
CA GLY J 108 79.48 -67.52 -12.99
C GLY J 108 77.96 -67.54 -13.13
N GLN J 109 77.28 -66.66 -12.40
CA GLN J 109 75.84 -66.61 -12.47
C GLN J 109 75.31 -66.28 -13.85
N HIS J 110 75.83 -65.20 -14.43
CA HIS J 110 75.36 -64.84 -15.76
C HIS J 110 75.75 -65.96 -16.73
N GLY J 111 76.95 -66.50 -16.55
CA GLY J 111 77.40 -67.58 -17.41
C GLY J 111 76.38 -68.70 -17.46
N VAL J 112 76.01 -69.21 -16.29
CA VAL J 112 75.05 -70.29 -16.22
C VAL J 112 73.71 -69.92 -16.84
N ALA J 113 73.19 -68.74 -16.50
CA ALA J 113 71.92 -68.30 -17.06
C ALA J 113 71.97 -68.35 -18.59
N THR J 114 73.03 -67.78 -19.17
CA THR J 114 73.19 -67.77 -20.62
C THR J 114 73.25 -69.18 -21.17
N ALA J 115 74.07 -70.01 -20.54
CA ALA J 115 74.20 -71.39 -20.96
C ALA J 115 72.82 -72.11 -21.01
N MET J 116 72.01 -71.93 -19.97
CA MET J 116 70.69 -72.60 -19.91
C MET J 116 69.79 -72.17 -21.06
N ALA J 117 69.72 -70.88 -21.30
CA ALA J 117 68.86 -70.35 -22.34
C ALA J 117 69.32 -70.85 -23.70
N GLY J 118 70.63 -70.80 -23.92
CA GLY J 118 71.18 -71.26 -25.18
C GLY J 118 70.80 -72.73 -25.39
N ALA J 119 70.90 -73.53 -24.34
CA ALA J 119 70.54 -74.94 -24.44
C ALA J 119 69.06 -75.09 -24.80
N LEU J 120 68.21 -74.31 -24.14
CA LEU J 120 66.78 -74.35 -24.36
C LEU J 120 66.42 -74.06 -25.80
N LEU J 121 67.03 -73.02 -26.36
CA LEU J 121 66.73 -72.63 -27.72
C LEU J 121 67.67 -73.22 -28.76
N GLY J 122 68.51 -74.14 -28.33
CA GLY J 122 69.40 -74.75 -29.28
C GLY J 122 70.40 -73.90 -29.98
N MET J 123 71.21 -73.20 -29.20
CA MET J 123 72.20 -72.33 -29.77
C MET J 123 73.58 -72.67 -29.22
N LYS J 124 74.60 -72.35 -29.99
CA LYS J 124 75.95 -72.61 -29.56
C LYS J 124 76.23 -71.53 -28.50
N VAL J 125 76.87 -71.92 -27.40
CA VAL J 125 77.18 -70.98 -26.33
C VAL J 125 78.65 -71.04 -25.94
N ASP J 126 79.34 -69.92 -26.09
CA ASP J 126 80.75 -69.82 -25.73
C ASP J 126 80.79 -68.77 -24.64
N ILE J 127 81.35 -69.14 -23.50
CA ILE J 127 81.42 -68.19 -22.41
C ILE J 127 82.85 -67.86 -22.01
N TYR J 128 83.15 -66.56 -22.01
CA TYR J 128 84.48 -66.10 -21.64
C TYR J 128 84.56 -65.89 -20.14
N MET J 129 85.67 -66.32 -19.54
CA MET J 129 85.83 -66.20 -18.12
C MET J 129 87.32 -66.16 -17.80
N GLY J 130 87.70 -65.25 -16.91
CA GLY J 130 89.10 -65.12 -16.54
C GLY J 130 89.59 -66.41 -15.89
N ALA J 131 90.79 -66.85 -16.27
CA ALA J 131 91.35 -68.07 -15.71
C ALA J 131 91.29 -68.05 -14.19
N GLU J 132 91.45 -66.87 -13.61
CA GLU J 132 91.39 -66.69 -12.16
C GLU J 132 90.07 -67.19 -11.63
N ASP J 133 89.00 -66.67 -12.22
CA ASP J 133 87.65 -67.03 -11.83
C ASP J 133 87.33 -68.48 -12.17
N VAL J 134 87.85 -68.98 -13.27
CA VAL J 134 87.59 -70.37 -13.63
C VAL J 134 88.04 -71.27 -12.47
N GLU J 135 89.20 -70.98 -11.89
CA GLU J 135 89.73 -71.79 -10.77
C GLU J 135 88.82 -71.68 -9.56
N ARG J 136 88.43 -70.44 -9.26
CA ARG J 136 87.58 -70.17 -8.12
C ARG J 136 86.16 -70.73 -8.23
N GLN J 137 85.66 -70.90 -9.44
CA GLN J 137 84.29 -71.38 -9.63
C GLN J 137 84.07 -72.81 -10.12
N LYS J 138 84.80 -73.75 -9.52
CA LYS J 138 84.70 -75.14 -9.91
C LYS J 138 83.29 -75.58 -10.32
N MET J 139 82.34 -75.49 -9.39
CA MET J 139 80.98 -75.95 -9.65
C MET J 139 80.18 -75.21 -10.71
N ASN J 140 80.40 -73.92 -10.86
CA ASN J 140 79.67 -73.17 -11.88
C ASN J 140 80.21 -73.53 -13.28
N VAL J 141 81.52 -73.66 -13.39
CA VAL J 141 82.11 -74.01 -14.67
C VAL J 141 81.52 -75.36 -15.10
N PHE J 142 81.50 -76.30 -14.17
CA PHE J 142 80.97 -77.63 -14.43
C PHE J 142 79.51 -77.55 -14.89
N ARG J 143 78.76 -76.68 -14.24
CA ARG J 143 77.35 -76.49 -14.56
C ARG J 143 77.20 -76.01 -16.00
N MET J 144 78.02 -75.04 -16.38
CA MET J 144 77.98 -74.52 -17.74
C MET J 144 78.33 -75.60 -18.76
N LYS J 145 79.31 -76.43 -18.42
CA LYS J 145 79.70 -77.49 -19.32
C LYS J 145 78.58 -78.52 -19.44
N LEU J 146 77.94 -78.84 -18.33
CA LEU J 146 76.82 -79.79 -18.33
C LEU J 146 75.70 -79.29 -19.25
N LEU J 147 75.51 -77.98 -19.28
CA LEU J 147 74.48 -77.35 -20.09
C LEU J 147 74.88 -77.24 -21.56
N GLY J 148 76.02 -77.81 -21.91
CA GLY J 148 76.48 -77.79 -23.28
C GLY J 148 77.28 -76.59 -23.76
N ALA J 149 77.51 -75.62 -22.89
CA ALA J 149 78.29 -74.47 -23.31
C ALA J 149 79.75 -74.79 -23.07
N ASN J 150 80.64 -74.12 -23.78
CA ASN J 150 82.05 -74.37 -23.55
C ASN J 150 82.65 -73.09 -22.99
N VAL J 151 83.21 -73.20 -21.78
CA VAL J 151 83.81 -72.05 -21.13
C VAL J 151 85.25 -71.86 -21.58
N ILE J 152 85.49 -70.68 -22.12
CA ILE J 152 86.78 -70.26 -22.64
C ILE J 152 87.55 -69.46 -21.61
N PRO J 153 88.58 -70.05 -20.99
CA PRO J 153 89.38 -69.34 -19.99
C PRO J 153 90.28 -68.30 -20.64
N VAL J 154 90.33 -67.08 -20.10
CA VAL J 154 91.21 -66.06 -20.67
C VAL J 154 92.34 -65.84 -19.67
N ASN J 155 93.58 -65.87 -20.16
CA ASN J 155 94.73 -65.73 -19.27
C ASN J 155 95.45 -64.41 -19.49
N SER J 156 95.00 -63.62 -20.45
CA SER J 156 95.65 -62.34 -20.72
C SER J 156 95.37 -61.41 -19.56
N GLY J 157 96.23 -60.40 -19.38
CA GLY J 157 96.07 -59.46 -18.30
C GLY J 157 95.98 -60.08 -16.92
N SER J 158 95.08 -59.55 -16.08
CA SER J 158 94.87 -60.05 -14.72
C SER J 158 94.08 -61.37 -14.66
N ARG J 159 93.79 -61.95 -15.82
CA ARG J 159 93.04 -63.21 -15.89
C ARG J 159 91.72 -63.13 -15.13
N THR J 160 91.12 -61.95 -15.11
CA THR J 160 89.84 -61.77 -14.44
C THR J 160 88.74 -61.32 -15.41
N LEU J 161 87.61 -60.92 -14.84
CA LEU J 161 86.46 -60.49 -15.62
C LEU J 161 86.75 -59.45 -16.68
N LYS J 162 87.46 -58.39 -16.30
CA LYS J 162 87.78 -57.36 -17.24
C LYS J 162 88.44 -57.92 -18.51
N ASP J 163 89.38 -58.85 -18.33
CA ASP J 163 90.06 -59.44 -19.46
C ASP J 163 89.12 -60.30 -20.29
N ALA J 164 88.13 -60.89 -19.64
CA ALA J 164 87.16 -61.75 -20.32
C ALA J 164 86.21 -60.91 -21.16
N ILE J 165 85.85 -59.75 -20.63
CA ILE J 165 84.96 -58.85 -21.34
C ILE J 165 85.57 -58.44 -22.68
N ASN J 166 86.83 -58.04 -22.67
CA ASN J 166 87.50 -57.64 -23.89
C ASN J 166 87.54 -58.79 -24.90
N GLU J 167 87.75 -60.01 -24.42
CA GLU J 167 87.79 -61.15 -25.32
C GLU J 167 86.43 -61.33 -25.98
N ALA J 168 85.38 -61.15 -25.19
CA ALA J 168 84.03 -61.29 -25.71
C ALA J 168 83.80 -60.24 -26.79
N LEU J 169 84.13 -58.98 -26.47
CA LEU J 169 83.94 -57.89 -27.42
C LEU J 169 84.64 -58.16 -28.74
N ARG J 170 85.92 -58.50 -28.66
CA ARG J 170 86.69 -58.79 -29.86
C ARG J 170 85.96 -59.87 -30.68
N ASP J 171 85.51 -60.90 -29.99
CA ASP J 171 84.80 -62.02 -30.62
C ASP J 171 83.58 -61.50 -31.38
N TRP J 172 82.76 -60.73 -30.69
CA TRP J 172 81.55 -60.21 -31.31
C TRP J 172 81.81 -59.39 -32.56
N VAL J 173 82.76 -58.48 -32.49
CA VAL J 173 83.07 -57.64 -33.65
C VAL J 173 83.35 -58.47 -34.90
N ALA J 174 83.93 -59.65 -34.71
CA ALA J 174 84.26 -60.51 -35.84
C ALA J 174 83.17 -61.47 -36.24
N THR J 175 82.34 -61.86 -35.29
CA THR J 175 81.29 -62.84 -35.56
C THR J 175 79.85 -62.40 -35.38
N PHE J 176 79.63 -61.11 -35.18
CA PHE J 176 78.29 -60.61 -34.93
C PHE J 176 77.24 -60.99 -35.98
N GLU J 177 77.70 -61.40 -37.15
CA GLU J 177 76.79 -61.79 -38.21
C GLU J 177 75.91 -62.97 -37.79
N TYR J 178 76.47 -63.91 -37.05
CA TYR J 178 75.71 -65.07 -36.61
C TYR J 178 75.80 -65.28 -35.08
N THR J 179 76.40 -64.32 -34.40
CA THR J 179 76.58 -64.42 -32.97
C THR J 179 76.00 -63.24 -32.22
N HIS J 180 75.29 -63.53 -31.14
CA HIS J 180 74.73 -62.47 -30.30
C HIS J 180 75.50 -62.37 -28.99
N TYR J 181 75.74 -61.15 -28.55
CA TYR J 181 76.47 -60.89 -27.31
C TYR J 181 75.43 -60.62 -26.24
N LEU J 182 75.32 -61.53 -25.28
CA LEU J 182 74.32 -61.45 -24.21
C LEU J 182 74.77 -60.68 -22.96
N ILE J 183 74.43 -59.39 -22.85
CA ILE J 183 74.79 -58.59 -21.68
C ILE J 183 73.89 -58.96 -20.49
N GLY J 184 74.48 -59.10 -19.32
CA GLY J 184 73.73 -59.49 -18.15
C GLY J 184 72.95 -58.49 -17.31
N SER J 185 73.17 -57.20 -17.50
CA SER J 185 72.45 -56.22 -16.70
C SER J 185 72.10 -54.97 -17.49
N VAL J 186 71.37 -54.06 -16.88
CA VAL J 186 70.96 -52.82 -17.55
C VAL J 186 72.10 -51.84 -17.71
N VAL J 187 73.24 -52.35 -18.18
CA VAL J 187 74.43 -51.53 -18.40
C VAL J 187 74.99 -51.68 -19.84
N GLY J 188 76.07 -50.94 -20.12
CA GLY J 188 76.68 -50.99 -21.43
C GLY J 188 76.11 -49.97 -22.38
N PRO J 189 76.47 -50.04 -23.67
CA PRO J 189 75.94 -49.08 -24.63
C PRO J 189 74.52 -49.42 -25.05
N HIS J 190 73.86 -48.45 -25.65
CA HIS J 190 72.51 -48.65 -26.15
C HIS J 190 72.64 -49.76 -27.19
N PRO J 191 71.59 -50.57 -27.38
CA PRO J 191 70.29 -50.57 -26.72
C PRO J 191 70.17 -51.50 -25.52
N TYR J 192 71.31 -51.99 -25.01
CA TYR J 192 71.26 -52.91 -23.89
C TYR J 192 70.55 -52.44 -22.62
N PRO J 193 71.00 -51.33 -22.02
CA PRO J 193 70.38 -50.81 -20.79
C PRO J 193 68.87 -50.86 -20.80
N THR J 194 68.29 -50.56 -21.95
CA THR J 194 66.85 -50.57 -22.05
C THR J 194 66.28 -51.94 -22.41
N ILE J 195 66.94 -52.67 -23.31
CA ILE J 195 66.44 -54.01 -23.69
C ILE J 195 66.37 -54.89 -22.44
N VAL J 196 67.45 -54.90 -21.66
CA VAL J 196 67.48 -55.71 -20.45
C VAL J 196 66.37 -55.30 -19.50
N ARG J 197 66.15 -54.00 -19.33
CA ARG J 197 65.07 -53.56 -18.45
C ARG J 197 63.73 -54.10 -18.92
N ASP J 198 63.48 -54.01 -20.21
CA ASP J 198 62.22 -54.50 -20.75
C ASP J 198 61.99 -55.97 -20.47
N PHE J 199 63.03 -56.78 -20.56
CA PHE J 199 62.89 -58.21 -20.30
C PHE J 199 62.76 -58.56 -18.81
N GLN J 200 62.91 -57.55 -17.94
CA GLN J 200 62.77 -57.74 -16.50
C GLN J 200 61.51 -57.08 -15.91
N SER J 201 60.82 -56.28 -16.71
CA SER J 201 59.62 -55.58 -16.27
C SER J 201 58.55 -56.53 -15.81
N VAL J 202 58.60 -57.78 -16.26
CA VAL J 202 57.60 -58.76 -15.87
C VAL J 202 57.52 -58.78 -14.34
N ILE J 203 58.68 -58.75 -13.69
CA ILE J 203 58.73 -58.78 -12.23
C ILE J 203 57.78 -57.74 -11.64
N GLY J 204 57.98 -56.48 -12.00
CA GLY J 204 57.11 -55.42 -11.48
C GLY J 204 55.65 -55.63 -11.84
N ARG J 205 55.37 -55.92 -13.11
CA ARG J 205 54.00 -56.13 -13.54
C ARG J 205 53.30 -57.16 -12.66
N GLU J 206 53.92 -58.34 -12.53
CA GLU J 206 53.35 -59.40 -11.71
C GLU J 206 53.13 -58.88 -10.27
N ALA J 207 54.18 -58.33 -9.68
CA ALA J 207 54.09 -57.84 -8.32
C ALA J 207 52.97 -56.81 -8.12
N LYS J 208 52.76 -55.96 -9.10
CA LYS J 208 51.70 -54.96 -8.99
C LYS J 208 50.35 -55.66 -8.87
N ALA J 209 50.05 -56.49 -9.86
CA ALA J 209 48.80 -57.23 -9.87
C ALA J 209 48.62 -57.99 -8.56
N GLN J 210 49.68 -58.64 -8.14
CA GLN J 210 49.69 -59.44 -6.93
C GLN J 210 49.41 -58.68 -5.65
N ILE J 211 50.07 -57.54 -5.46
CA ILE J 211 49.86 -56.76 -4.25
C ILE J 211 48.46 -56.18 -4.23
N LEU J 212 47.90 -55.87 -5.39
CA LEU J 212 46.55 -55.33 -5.45
C LEU J 212 45.59 -56.43 -5.02
N GLU J 213 45.86 -57.65 -5.45
CA GLU J 213 45.01 -58.77 -5.12
C GLU J 213 45.04 -59.06 -3.63
N ALA J 214 46.19 -58.88 -3.01
CA ALA J 214 46.33 -59.15 -1.59
C ALA J 214 45.98 -58.02 -0.64
N GLU J 215 46.25 -56.79 -1.05
CA GLU J 215 46.00 -55.65 -0.19
C GLU J 215 44.99 -54.67 -0.75
N GLY J 216 44.54 -54.90 -1.98
CA GLY J 216 43.59 -53.99 -2.60
C GLY J 216 44.17 -52.60 -2.86
N GLN J 217 45.50 -52.47 -2.81
CA GLN J 217 46.15 -51.19 -3.04
C GLN J 217 47.64 -51.32 -3.38
N LEU J 218 48.23 -50.27 -3.92
CA LEU J 218 49.64 -50.29 -4.26
C LEU J 218 50.47 -50.16 -3.00
N PRO J 219 51.72 -50.63 -3.05
CA PRO J 219 52.63 -50.57 -1.89
C PRO J 219 53.13 -49.18 -1.57
N ASP J 220 53.61 -49.00 -0.35
CA ASP J 220 54.12 -47.71 0.09
C ASP J 220 55.57 -47.59 -0.32
N VAL J 221 56.27 -48.71 -0.31
CA VAL J 221 57.67 -48.74 -0.68
C VAL J 221 58.03 -50.02 -1.40
N ILE J 222 59.00 -49.94 -2.29
CA ILE J 222 59.51 -51.10 -3.02
C ILE J 222 61.03 -51.04 -2.83
N VAL J 223 61.59 -52.11 -2.28
CA VAL J 223 63.03 -52.13 -2.03
C VAL J 223 63.71 -53.24 -2.82
N ALA J 224 64.79 -52.89 -3.51
CA ALA J 224 65.53 -53.87 -4.30
C ALA J 224 67.03 -53.56 -4.25
N CYS J 225 67.88 -54.59 -4.32
CA CYS J 225 69.31 -54.35 -4.29
C CYS J 225 69.78 -53.90 -5.68
N VAL J 226 70.86 -53.15 -5.73
CA VAL J 226 71.39 -52.64 -6.99
C VAL J 226 72.87 -52.95 -7.21
N GLY J 227 73.14 -53.72 -8.25
CA GLY J 227 74.50 -54.05 -8.64
C GLY J 227 74.61 -53.25 -9.92
N GLY J 228 74.16 -53.85 -11.02
CA GLY J 228 74.14 -53.14 -12.28
C GLY J 228 72.79 -52.43 -12.26
N GLY J 229 71.84 -53.06 -11.58
CA GLY J 229 70.51 -52.51 -11.45
C GLY J 229 69.40 -53.13 -12.27
N SER J 230 69.59 -54.35 -12.76
CA SER J 230 68.54 -54.97 -13.58
C SER J 230 67.33 -55.53 -12.82
N ASN J 231 67.52 -56.09 -11.63
CA ASN J 231 66.36 -56.62 -10.91
C ASN J 231 65.61 -55.45 -10.29
N ALA J 232 66.35 -54.42 -9.90
CA ALA J 232 65.75 -53.23 -9.32
C ALA J 232 64.91 -52.49 -10.36
N MET J 233 65.46 -52.38 -11.55
CA MET J 233 64.78 -51.70 -12.63
C MET J 233 63.56 -52.51 -13.06
N GLY J 234 63.71 -53.83 -13.04
CA GLY J 234 62.62 -54.69 -13.45
C GLY J 234 61.38 -54.59 -12.58
N ILE J 235 61.57 -54.38 -11.28
CA ILE J 235 60.43 -54.29 -10.38
C ILE J 235 59.99 -52.83 -10.21
N PHE J 236 60.92 -51.88 -10.37
CA PHE J 236 60.62 -50.46 -10.25
C PHE J 236 59.74 -49.93 -11.39
N TYR J 237 60.23 -50.14 -12.61
CA TYR J 237 59.58 -49.65 -13.80
C TYR J 237 58.05 -49.53 -13.83
N PRO J 238 57.33 -50.66 -13.71
CA PRO J 238 55.86 -50.59 -13.74
C PRO J 238 55.21 -49.67 -12.70
N PHE J 239 55.97 -49.28 -11.68
CA PHE J 239 55.47 -48.41 -10.61
C PHE J 239 55.99 -46.99 -10.73
N VAL J 240 56.75 -46.72 -11.77
CA VAL J 240 57.33 -45.39 -11.95
C VAL J 240 56.33 -44.24 -12.04
N ASN J 241 55.13 -44.51 -12.56
CA ASN J 241 54.11 -43.48 -12.69
C ASN J 241 53.09 -43.47 -11.55
N ASP J 242 53.28 -44.37 -10.60
CA ASP J 242 52.41 -44.45 -9.44
C ASP J 242 53.11 -43.66 -8.34
N LYS J 243 52.80 -42.36 -8.31
CA LYS J 243 53.39 -41.44 -7.36
C LYS J 243 53.35 -41.86 -5.90
N LYS J 244 52.30 -42.57 -5.51
CA LYS J 244 52.20 -43.02 -4.12
C LYS J 244 53.38 -43.92 -3.75
N VAL J 245 53.80 -44.75 -4.69
CA VAL J 245 54.87 -45.73 -4.49
C VAL J 245 56.31 -45.20 -4.40
N LYS J 246 56.95 -45.44 -3.27
CA LYS J 246 58.31 -45.01 -3.04
C LYS J 246 59.25 -46.11 -3.54
N LEU J 247 60.31 -45.72 -4.24
CA LEU J 247 61.28 -46.68 -4.77
C LEU J 247 62.63 -46.52 -4.07
N VAL J 248 63.18 -47.63 -3.59
CA VAL J 248 64.46 -47.59 -2.89
C VAL J 248 65.47 -48.63 -3.39
N GLY J 249 66.63 -48.16 -3.81
CA GLY J 249 67.68 -49.04 -4.29
C GLY J 249 68.72 -49.21 -3.21
N VAL J 250 69.19 -50.43 -3.00
CA VAL J 250 70.18 -50.66 -1.96
C VAL J 250 71.49 -51.11 -2.61
N GLU J 251 72.55 -50.32 -2.45
CA GLU J 251 73.85 -50.67 -3.02
C GLU J 251 74.69 -51.30 -1.92
N ALA J 252 75.79 -51.93 -2.33
CA ALA J 252 76.66 -52.60 -1.38
C ALA J 252 77.54 -51.64 -0.61
N GLY J 253 77.31 -51.58 0.70
CA GLY J 253 78.13 -50.72 1.54
C GLY J 253 79.39 -51.44 1.96
N GLY J 254 79.49 -52.72 1.61
CA GLY J 254 80.66 -53.50 1.96
C GLY J 254 81.07 -53.33 3.40
N LYS J 255 82.30 -52.89 3.62
CA LYS J 255 82.82 -52.71 4.98
C LYS J 255 82.67 -51.29 5.51
N GLY J 256 81.77 -50.53 4.92
CA GLY J 256 81.54 -49.16 5.37
C GLY J 256 81.91 -48.14 4.33
N LEU J 257 81.02 -47.20 4.02
CA LEU J 257 81.31 -46.19 3.03
C LEU J 257 82.60 -45.47 3.38
N GLU J 258 82.90 -45.40 4.67
CA GLU J 258 84.10 -44.75 5.14
C GLU J 258 85.26 -45.74 5.25
N SER J 259 85.52 -46.50 4.19
CA SER J 259 86.61 -47.46 4.21
C SER J 259 87.03 -47.87 2.81
N GLY J 260 86.41 -47.26 1.81
CA GLY J 260 86.74 -47.57 0.42
C GLY J 260 86.46 -49.00 -0.01
N LYS J 261 86.00 -49.84 0.92
CA LYS J 261 85.68 -51.23 0.63
C LYS J 261 84.17 -51.37 0.40
N HIS J 262 83.70 -50.90 -0.75
CA HIS J 262 82.28 -50.99 -1.10
C HIS J 262 82.07 -50.88 -2.60
N SER J 263 80.82 -50.73 -3.03
CA SER J 263 80.49 -50.61 -4.45
C SER J 263 79.34 -49.65 -4.64
N ALA J 264 79.17 -48.73 -3.72
CA ALA J 264 78.07 -47.76 -3.79
C ALA J 264 78.36 -46.69 -4.85
N SER J 265 78.22 -47.08 -6.10
CA SER J 265 78.46 -46.18 -7.23
C SER J 265 77.57 -44.94 -7.19
N LEU J 266 76.28 -45.13 -6.96
CA LEU J 266 75.34 -44.02 -6.90
C LEU J 266 75.48 -43.20 -5.63
N ASN J 267 75.87 -43.85 -4.53
CA ASN J 267 76.01 -43.18 -3.25
C ASN J 267 77.41 -42.71 -2.95
N ALA J 268 78.25 -42.59 -3.97
CA ALA J 268 79.65 -42.18 -3.75
C ALA J 268 80.52 -42.08 -5.00
N GLY J 269 79.96 -42.26 -6.18
CA GLY J 269 80.77 -42.17 -7.38
C GLY J 269 80.52 -40.89 -8.13
N GLN J 270 81.35 -40.58 -9.12
CA GLN J 270 81.18 -39.38 -9.94
C GLN J 270 80.74 -39.83 -11.33
N VAL J 271 80.04 -38.97 -12.06
CA VAL J 271 79.60 -39.37 -13.39
C VAL J 271 80.83 -39.48 -14.28
N GLY J 272 80.73 -40.33 -15.29
CA GLY J 272 81.84 -40.54 -16.20
C GLY J 272 81.39 -41.40 -17.36
N VAL J 273 82.35 -41.76 -18.21
CA VAL J 273 82.03 -42.57 -19.36
C VAL J 273 82.93 -43.79 -19.43
N PHE J 274 82.34 -44.95 -19.14
CA PHE J 274 83.02 -46.24 -19.18
C PHE J 274 82.05 -47.27 -19.74
N HIS J 275 82.59 -48.43 -20.13
CA HIS J 275 81.79 -49.52 -20.68
C HIS J 275 80.69 -49.04 -21.61
N GLY J 276 80.99 -48.04 -22.43
CA GLY J 276 80.01 -47.54 -23.38
C GLY J 276 78.83 -46.74 -22.87
N MET J 277 78.86 -46.34 -21.60
CA MET J 277 77.74 -45.58 -21.05
C MET J 277 78.17 -44.41 -20.18
N LEU J 278 77.34 -43.37 -20.17
CA LEU J 278 77.59 -42.20 -19.34
C LEU J 278 76.72 -42.39 -18.11
N SER J 279 77.36 -42.70 -16.98
CA SER J 279 76.64 -42.95 -15.73
C SER J 279 77.55 -42.67 -14.53
N TYR J 280 77.19 -43.23 -13.37
CA TYR J 280 77.98 -43.03 -12.16
C TYR J 280 78.97 -44.15 -11.99
N PHE J 281 80.24 -43.81 -11.76
CA PHE J 281 81.25 -44.83 -11.55
C PHE J 281 82.13 -44.47 -10.36
N LEU J 282 82.57 -45.48 -9.61
CA LEU J 282 83.45 -45.24 -8.48
C LEU J 282 84.81 -44.95 -9.10
N GLN J 283 85.08 -43.67 -9.31
CA GLN J 283 86.32 -43.25 -9.92
C GLN J 283 87.44 -42.78 -9.02
N ASP J 284 88.62 -42.80 -9.64
CA ASP J 284 89.90 -42.41 -9.10
C ASP J 284 89.94 -40.89 -9.08
N GLU J 285 90.98 -40.33 -8.48
CA GLU J 285 91.13 -38.88 -8.42
C GLU J 285 91.46 -38.40 -9.83
N GLU J 286 91.95 -39.32 -10.64
CA GLU J 286 92.33 -39.02 -12.02
C GLU J 286 91.39 -39.59 -13.07
N GLY J 287 90.14 -39.85 -12.68
CA GLY J 287 89.17 -40.38 -13.63
C GLY J 287 89.43 -41.81 -14.05
N GLN J 288 90.01 -42.61 -13.16
CA GLN J 288 90.29 -44.00 -13.45
C GLN J 288 89.40 -44.87 -12.56
N ILE J 289 89.03 -46.06 -13.02
CA ILE J 289 88.17 -46.91 -12.19
C ILE J 289 88.86 -47.38 -10.92
N LYS J 290 88.14 -47.30 -9.80
CA LYS J 290 88.64 -47.73 -8.48
C LYS J 290 88.22 -49.17 -8.21
N PRO J 291 88.93 -49.83 -7.30
CA PRO J 291 88.61 -51.22 -6.95
C PRO J 291 87.37 -51.21 -6.06
N THR J 292 86.52 -52.19 -6.23
CA THR J 292 85.30 -52.27 -5.44
C THR J 292 85.26 -53.55 -4.63
N HIS J 293 84.35 -53.58 -3.64
CA HIS J 293 84.20 -54.75 -2.78
C HIS J 293 82.77 -54.93 -2.28
N SER J 294 82.43 -56.18 -1.99
CA SER J 294 81.13 -56.55 -1.46
C SER J 294 81.13 -58.03 -1.20
N ILE J 295 80.49 -58.43 -0.11
CA ILE J 295 80.42 -59.84 0.22
C ILE J 295 79.53 -60.54 -0.81
N ALA J 296 78.64 -59.77 -1.43
CA ALA J 296 77.73 -60.31 -2.45
C ALA J 296 78.35 -60.04 -3.82
N PRO J 297 78.81 -61.10 -4.51
CA PRO J 297 79.44 -60.99 -5.84
C PRO J 297 78.65 -60.11 -6.81
N GLY J 298 77.39 -60.40 -7.01
CA GLY J 298 76.60 -59.61 -7.93
C GLY J 298 76.49 -58.13 -7.65
N LEU J 299 76.97 -57.70 -6.48
CA LEU J 299 76.90 -56.28 -6.13
C LEU J 299 78.24 -55.57 -6.28
N ASP J 300 79.27 -56.36 -6.52
CA ASP J 300 80.65 -55.89 -6.69
C ASP J 300 80.90 -55.28 -8.08
N TYR J 301 80.35 -54.10 -8.34
CA TYR J 301 80.56 -53.46 -9.64
C TYR J 301 80.76 -51.96 -9.42
N PRO J 302 81.80 -51.39 -10.03
CA PRO J 302 82.15 -49.97 -9.93
C PRO J 302 81.19 -49.03 -10.64
N GLY J 303 80.27 -49.58 -11.43
CA GLY J 303 79.31 -48.75 -12.13
C GLY J 303 77.86 -49.01 -11.77
N VAL J 304 76.96 -48.55 -12.63
CA VAL J 304 75.53 -48.72 -12.41
C VAL J 304 74.77 -48.29 -13.68
N GLY J 305 73.61 -48.90 -13.89
CA GLY J 305 72.81 -48.56 -15.04
C GLY J 305 72.49 -47.08 -15.18
N PRO J 306 72.43 -46.57 -16.41
CA PRO J 306 72.14 -45.18 -16.71
C PRO J 306 70.77 -44.77 -16.18
N GLU J 307 69.81 -45.68 -16.33
CA GLU J 307 68.45 -45.40 -15.91
C GLU J 307 68.33 -45.16 -14.40
N HIS J 308 69.24 -45.74 -13.62
CA HIS J 308 69.21 -45.54 -12.18
C HIS J 308 69.81 -44.17 -11.86
N ALA J 309 70.83 -43.79 -12.63
CA ALA J 309 71.46 -42.50 -12.46
C ALA J 309 70.39 -41.45 -12.72
N TYR J 310 69.59 -41.68 -13.76
CA TYR J 310 68.53 -40.78 -14.12
C TYR J 310 67.47 -40.68 -13.03
N LEU J 311 67.05 -41.82 -12.50
CA LEU J 311 66.05 -41.84 -11.42
C LEU J 311 66.57 -41.13 -10.17
N LYS J 312 67.86 -41.30 -9.89
CA LYS J 312 68.47 -40.65 -8.74
C LYS J 312 68.44 -39.14 -8.94
N LYS J 313 68.85 -38.72 -10.14
CA LYS J 313 68.90 -37.32 -10.51
C LYS J 313 67.56 -36.63 -10.27
N ILE J 314 66.54 -37.06 -11.00
CA ILE J 314 65.22 -36.48 -10.88
C ILE J 314 64.57 -36.82 -9.53
N GLN J 315 65.31 -37.52 -8.68
CA GLN J 315 64.84 -37.90 -7.36
C GLN J 315 63.54 -38.69 -7.35
N ARG J 316 63.35 -39.57 -8.33
CA ARG J 316 62.16 -40.41 -8.43
C ARG J 316 62.39 -41.66 -7.59
N ALA J 317 63.66 -41.94 -7.32
CA ALA J 317 64.05 -43.10 -6.53
C ALA J 317 65.15 -42.68 -5.57
N GLU J 318 65.17 -43.31 -4.40
CA GLU J 318 66.16 -43.01 -3.38
C GLU J 318 67.11 -44.19 -3.28
N TYR J 319 68.41 -43.92 -3.24
CA TYR J 319 69.34 -45.04 -3.13
C TYR J 319 70.10 -45.00 -1.82
N VAL J 320 70.19 -46.15 -1.17
CA VAL J 320 70.85 -46.27 0.12
C VAL J 320 71.91 -47.37 0.08
N THR J 321 72.52 -47.69 1.21
CA THR J 321 73.53 -48.74 1.26
C THR J 321 73.39 -49.54 2.54
N VAL J 322 73.94 -50.75 2.51
CA VAL J 322 73.90 -51.67 3.64
C VAL J 322 75.26 -52.36 3.69
N THR J 323 75.75 -52.62 4.89
CA THR J 323 77.06 -53.24 5.02
C THR J 323 77.05 -54.74 4.87
N ASP J 324 78.24 -55.32 4.71
CA ASP J 324 78.36 -56.76 4.56
C ASP J 324 77.80 -57.44 5.80
N GLU J 325 78.07 -56.83 6.95
CA GLU J 325 77.60 -57.38 8.23
C GLU J 325 76.09 -57.37 8.32
N GLU J 326 75.48 -56.28 7.88
CA GLU J 326 74.03 -56.15 7.92
C GLU J 326 73.36 -57.16 6.99
N ALA J 327 73.85 -57.23 5.76
CA ALA J 327 73.31 -58.16 4.77
C ALA J 327 73.44 -59.58 5.29
N LEU J 328 74.58 -59.85 5.90
CA LEU J 328 74.86 -61.17 6.42
C LEU J 328 73.86 -61.51 7.53
N LYS J 329 73.47 -60.50 8.32
CA LYS J 329 72.50 -60.72 9.40
C LYS J 329 71.15 -61.09 8.80
N ALA J 330 70.69 -60.28 7.84
CA ALA J 330 69.43 -60.51 7.16
C ALA J 330 69.45 -61.93 6.54
N PHE J 331 70.60 -62.33 6.02
CA PHE J 331 70.74 -63.67 5.44
C PHE J 331 70.29 -64.72 6.44
N HIS J 332 70.85 -64.69 7.64
CA HIS J 332 70.49 -65.64 8.68
C HIS J 332 69.05 -65.47 9.16
N GLU J 333 68.66 -64.22 9.36
CA GLU J 333 67.32 -63.92 9.83
C GLU J 333 66.23 -64.50 8.94
N LEU J 334 66.29 -64.18 7.64
CA LEU J 334 65.27 -64.66 6.71
C LEU J 334 65.21 -66.17 6.73
N SER J 335 66.39 -66.78 6.83
CA SER J 335 66.48 -68.23 6.84
C SER J 335 65.76 -68.85 8.04
N ARG J 336 66.09 -68.38 9.24
CA ARG J 336 65.48 -68.89 10.47
C ARG J 336 64.00 -68.53 10.63
N THR J 337 63.67 -67.28 10.27
CA THR J 337 62.33 -66.76 10.43
C THR J 337 61.30 -67.15 9.38
N GLU J 338 61.67 -67.11 8.11
CA GLU J 338 60.70 -67.46 7.08
C GLU J 338 61.01 -68.75 6.33
N GLY J 339 62.15 -69.37 6.65
CA GLY J 339 62.52 -70.60 5.97
C GLY J 339 62.87 -70.41 4.51
N ILE J 340 63.49 -69.28 4.21
CA ILE J 340 63.90 -68.94 2.87
C ILE J 340 65.34 -68.42 2.92
N ILE J 341 66.26 -69.15 2.31
CA ILE J 341 67.68 -68.74 2.27
C ILE J 341 67.88 -67.84 1.04
N PRO J 342 68.08 -66.53 1.25
CA PRO J 342 68.27 -65.58 0.15
C PRO J 342 69.69 -65.48 -0.34
N ALA J 343 69.85 -64.92 -1.53
CA ALA J 343 71.17 -64.71 -2.09
C ALA J 343 71.74 -63.51 -1.33
N LEU J 344 73.05 -63.43 -1.19
CA LEU J 344 73.65 -62.30 -0.50
C LEU J 344 73.27 -60.95 -1.13
N GLU J 345 73.10 -60.93 -2.44
CA GLU J 345 72.71 -59.69 -3.11
C GLU J 345 71.35 -59.28 -2.56
N SER J 346 70.39 -60.22 -2.60
CA SER J 346 69.03 -60.00 -2.10
C SER J 346 69.00 -59.63 -0.62
N ALA J 347 69.86 -60.29 0.16
CA ALA J 347 69.94 -60.05 1.60
C ALA J 347 70.17 -58.58 1.90
N HIS J 348 70.77 -57.84 0.97
CA HIS J 348 70.96 -56.41 1.21
C HIS J 348 69.62 -55.69 1.23
N ALA J 349 68.74 -56.05 0.31
CA ALA J 349 67.42 -55.42 0.24
C ALA J 349 66.62 -55.85 1.47
N VAL J 350 66.70 -57.12 1.80
CA VAL J 350 65.97 -57.61 2.97
C VAL J 350 66.42 -56.83 4.21
N ALA J 351 67.73 -56.69 4.38
CA ALA J 351 68.27 -55.98 5.52
C ALA J 351 67.74 -54.55 5.63
N TYR J 352 67.85 -53.77 4.55
CA TYR J 352 67.37 -52.40 4.63
C TYR J 352 65.88 -52.36 4.85
N ALA J 353 65.14 -53.19 4.13
CA ALA J 353 63.69 -53.19 4.28
C ALA J 353 63.31 -53.46 5.73
N MET J 354 64.11 -54.27 6.41
CA MET J 354 63.82 -54.58 7.82
C MET J 354 63.93 -53.37 8.72
N LYS J 355 65.00 -52.59 8.59
CA LYS J 355 65.14 -51.43 9.44
C LYS J 355 64.17 -50.32 9.01
N LEU J 356 63.86 -50.28 7.73
CA LEU J 356 62.95 -49.28 7.21
C LEU J 356 61.52 -49.59 7.67
N ALA J 357 61.20 -50.87 7.77
CA ALA J 357 59.87 -51.29 8.19
C ALA J 357 59.60 -50.89 9.63
N LYS J 358 60.64 -50.94 10.45
CA LYS J 358 60.50 -50.60 11.86
C LYS J 358 60.05 -49.16 12.09
N GLU J 359 60.35 -48.28 11.15
CA GLU J 359 59.99 -46.88 11.29
C GLU J 359 58.67 -46.54 10.60
N MET J 360 57.86 -47.55 10.32
CA MET J 360 56.58 -47.31 9.66
C MET J 360 55.45 -47.90 10.47
N SER J 361 54.21 -47.55 10.13
CA SER J 361 53.05 -48.05 10.87
C SER J 361 52.60 -49.42 10.39
N ARG J 362 52.02 -50.17 11.32
CA ARG J 362 51.56 -51.52 11.07
C ARG J 362 50.60 -51.68 9.90
N ASP J 363 50.12 -50.58 9.33
CA ASP J 363 49.19 -50.68 8.20
C ASP J 363 49.84 -50.35 6.87
N GLU J 364 51.14 -50.06 6.89
CA GLU J 364 51.88 -49.73 5.68
C GLU J 364 52.41 -50.97 4.97
N ILE J 365 52.74 -50.83 3.69
CA ILE J 365 53.20 -51.96 2.89
C ILE J 365 54.55 -51.83 2.19
N ILE J 366 55.40 -52.82 2.39
CA ILE J 366 56.71 -52.84 1.74
C ILE J 366 56.86 -54.12 0.92
N ILE J 367 57.33 -53.97 -0.31
CA ILE J 367 57.55 -55.13 -1.17
C ILE J 367 59.06 -55.18 -1.43
N VAL J 368 59.68 -56.30 -1.07
CA VAL J 368 61.11 -56.49 -1.29
C VAL J 368 61.32 -57.48 -2.41
N ASN J 369 62.24 -57.17 -3.31
CA ASN J 369 62.52 -58.03 -4.44
C ASN J 369 63.57 -59.05 -4.06
N LEU J 370 63.15 -60.30 -3.83
CA LEU J 370 64.10 -61.36 -3.48
C LEU J 370 64.63 -61.92 -4.80
N SER J 371 65.64 -61.24 -5.34
CA SER J 371 66.25 -61.59 -6.62
C SER J 371 66.78 -62.98 -6.84
N GLY J 372 67.14 -63.69 -5.78
CA GLY J 372 67.65 -65.03 -5.98
C GLY J 372 67.81 -65.85 -4.72
N ARG J 373 67.97 -67.16 -4.88
CA ARG J 373 68.16 -68.03 -3.73
C ARG J 373 69.62 -68.03 -3.32
N GLY J 374 69.87 -68.29 -2.03
CA GLY J 374 71.23 -68.27 -1.51
C GLY J 374 72.04 -69.55 -1.54
N ASP J 375 71.55 -70.58 -2.22
CA ASP J 375 72.29 -71.83 -2.28
C ASP J 375 73.73 -71.54 -2.74
N LYS J 376 73.85 -70.67 -3.74
CA LYS J 376 75.15 -70.30 -4.28
C LYS J 376 76.11 -69.66 -3.28
N ASP J 377 75.59 -69.09 -2.20
CA ASP J 377 76.45 -68.40 -1.24
C ASP J 377 76.76 -69.16 0.04
N LEU J 378 76.36 -70.41 0.13
CA LEU J 378 76.63 -71.16 1.33
C LEU J 378 78.11 -71.15 1.69
N ASP J 379 78.98 -71.41 0.73
CA ASP J 379 80.40 -71.40 1.03
C ASP J 379 80.87 -70.05 1.57
N ILE J 380 80.52 -68.98 0.87
CA ILE J 380 80.92 -67.65 1.31
C ILE J 380 80.55 -67.50 2.78
N VAL J 381 79.26 -67.66 3.09
CA VAL J 381 78.77 -67.53 4.45
C VAL J 381 79.40 -68.52 5.43
N LEU J 382 79.28 -69.80 5.13
CA LEU J 382 79.85 -70.85 5.97
C LEU J 382 81.28 -70.54 6.38
N LYS J 383 82.00 -69.86 5.49
CA LYS J 383 83.37 -69.50 5.80
C LYS J 383 83.41 -68.42 6.87
N VAL J 384 83.00 -67.19 6.54
CA VAL J 384 83.03 -66.09 7.50
C VAL J 384 82.34 -66.40 8.83
N SER J 385 81.07 -66.79 8.79
CA SER J 385 80.34 -67.08 10.01
C SER J 385 80.69 -68.43 10.62
N MET K 1 52.78 -118.00 33.35
CA MET K 1 53.18 -119.41 33.05
C MET K 1 54.53 -119.75 33.68
N PHE K 2 54.83 -119.05 34.77
CA PHE K 2 56.06 -119.20 35.56
C PHE K 2 55.69 -118.93 37.02
N LYS K 3 56.45 -119.49 37.96
CA LYS K 3 56.17 -119.30 39.39
C LYS K 3 56.29 -117.82 39.78
N ASP K 4 55.43 -117.36 40.68
CA ASP K 4 55.50 -115.96 41.11
C ASP K 4 56.85 -115.66 41.74
N GLY K 5 57.27 -114.40 41.66
CA GLY K 5 58.55 -113.99 42.20
C GLY K 5 59.73 -114.49 41.39
N SER K 6 59.46 -115.09 40.23
CA SER K 6 60.52 -115.63 39.37
C SER K 6 61.30 -114.54 38.66
N LEU K 7 62.58 -114.83 38.43
CA LEU K 7 63.45 -113.91 37.72
C LEU K 7 63.52 -114.47 36.31
N ILE K 8 63.23 -113.63 35.32
CA ILE K 8 63.22 -114.07 33.92
C ILE K 8 64.33 -113.45 33.08
N PRO K 9 65.36 -114.25 32.72
CA PRO K 9 66.47 -113.75 31.91
C PRO K 9 66.13 -113.68 30.44
N TYR K 10 66.77 -112.74 29.73
CA TYR K 10 66.56 -112.59 28.31
C TYR K 10 67.91 -112.67 27.59
N LEU K 11 67.96 -113.48 26.53
CA LEU K 11 69.16 -113.62 25.73
C LEU K 11 68.81 -113.66 24.25
N THR K 12 69.70 -113.12 23.43
CA THR K 12 69.50 -113.11 21.98
C THR K 12 70.20 -114.33 21.40
N ALA K 13 69.40 -115.25 20.84
CA ALA K 13 69.93 -116.48 20.24
C ALA K 13 71.02 -116.19 19.21
N GLY K 14 72.17 -116.86 19.34
CA GLY K 14 73.24 -116.66 18.39
C GLY K 14 74.23 -115.55 18.74
N ASP K 15 74.15 -115.04 19.97
CA ASP K 15 75.06 -113.98 20.42
C ASP K 15 75.98 -114.49 21.53
N PRO K 16 77.27 -114.74 21.22
CA PRO K 16 77.93 -114.60 19.92
C PRO K 16 77.76 -115.77 18.92
N ASP K 17 77.32 -116.94 19.40
CA ASP K 17 77.12 -118.10 18.52
C ASP K 17 76.07 -119.05 19.12
N LYS K 18 75.50 -119.93 18.31
CA LYS K 18 74.47 -120.83 18.82
C LYS K 18 74.91 -121.66 20.02
N GLN K 19 76.16 -122.10 20.03
CA GLN K 19 76.67 -122.89 21.16
C GLN K 19 76.70 -122.06 22.45
N SER K 20 77.35 -120.90 22.41
CA SER K 20 77.45 -120.01 23.57
C SER K 20 76.09 -119.69 24.20
N THR K 21 75.06 -119.54 23.37
CA THR K 21 73.71 -119.24 23.86
C THR K 21 73.20 -120.41 24.72
N LEU K 22 73.37 -121.62 24.20
CA LEU K 22 72.96 -122.83 24.92
C LEU K 22 73.70 -122.87 26.27
N ASN K 23 74.98 -122.53 26.24
CA ASN K 23 75.81 -122.53 27.45
C ASN K 23 75.28 -121.53 28.47
N PHE K 24 75.01 -120.29 28.02
CA PHE K 24 74.50 -119.27 28.93
C PHE K 24 73.17 -119.70 29.54
N LEU K 25 72.31 -120.33 28.73
CA LEU K 25 71.01 -120.80 29.20
C LEU K 25 71.16 -121.82 30.33
N LEU K 26 71.99 -122.84 30.08
CA LEU K 26 72.24 -123.87 31.06
C LEU K 26 72.82 -123.30 32.36
N ALA K 27 73.73 -122.33 32.23
CA ALA K 27 74.38 -121.71 33.41
C ALA K 27 73.45 -120.84 34.25
N LEU K 28 72.45 -120.25 33.62
CA LEU K 28 71.50 -119.38 34.33
C LEU K 28 70.24 -120.14 34.74
N ASP K 29 69.96 -121.24 34.06
CA ASP K 29 68.77 -122.04 34.33
C ASP K 29 68.33 -122.14 35.80
N GLU K 30 69.27 -122.47 36.68
CA GLU K 30 69.00 -122.63 38.11
C GLU K 30 68.45 -121.39 38.83
N TYR K 31 68.74 -120.20 38.30
CA TYR K 31 68.26 -118.97 38.94
C TYR K 31 66.99 -118.43 38.30
N ALA K 32 66.63 -118.98 37.14
CA ALA K 32 65.45 -118.52 36.41
C ALA K 32 64.19 -119.34 36.60
N GLY K 33 63.05 -118.63 36.56
CA GLY K 33 61.74 -119.26 36.68
C GLY K 33 61.16 -119.43 35.29
N ALA K 34 61.81 -118.76 34.33
CA ALA K 34 61.42 -118.80 32.92
C ALA K 34 62.48 -118.04 32.12
N ILE K 35 62.65 -118.40 30.85
CA ILE K 35 63.64 -117.75 30.01
C ILE K 35 63.08 -117.22 28.68
N GLU K 36 63.48 -116.00 28.33
CA GLU K 36 63.05 -115.37 27.07
C GLU K 36 64.20 -115.45 26.05
N LEU K 37 63.94 -116.11 24.92
CA LEU K 37 64.97 -116.25 23.89
C LEU K 37 64.59 -115.42 22.66
N GLY K 38 65.47 -114.49 22.29
CA GLY K 38 65.18 -113.64 21.13
C GLY K 38 65.78 -114.09 19.80
N ILE K 39 64.97 -114.05 18.75
CA ILE K 39 65.40 -114.43 17.40
C ILE K 39 65.88 -113.17 16.65
N PRO K 40 67.19 -113.12 16.31
CA PRO K 40 67.82 -111.99 15.60
C PRO K 40 67.06 -111.50 14.36
N PHE K 41 66.87 -110.19 14.32
CA PHE K 41 66.18 -109.55 13.21
C PHE K 41 67.06 -108.41 12.68
N SER K 42 67.02 -108.20 11.38
CA SER K 42 67.84 -107.16 10.77
C SER K 42 67.36 -105.76 11.14
N ASP K 43 66.05 -105.62 11.36
CA ASP K 43 65.49 -104.32 11.68
C ASP K 43 64.62 -104.24 12.93
N PRO K 44 65.24 -104.29 14.11
CA PRO K 44 64.48 -104.20 15.37
C PRO K 44 63.91 -102.78 15.43
N ILE K 45 62.75 -102.61 16.04
CA ILE K 45 62.15 -101.29 16.14
C ILE K 45 62.12 -100.77 17.58
N ALA K 46 62.82 -99.67 17.82
CA ALA K 46 62.91 -99.08 19.15
C ALA K 46 63.05 -100.20 20.19
N ASP K 47 63.98 -101.11 19.93
CA ASP K 47 64.22 -102.26 20.81
C ASP K 47 65.19 -101.95 21.94
N GLY K 48 65.83 -100.78 21.91
CA GLY K 48 66.78 -100.44 22.95
C GLY K 48 68.18 -100.80 22.50
N LYS K 49 69.08 -99.81 22.55
CA LYS K 49 70.47 -99.98 22.12
C LYS K 49 71.21 -101.27 22.49
N THR K 50 71.22 -101.63 23.76
CA THR K 50 71.94 -102.85 24.19
C THR K 50 71.41 -104.10 23.48
N ILE K 51 70.10 -104.28 23.46
CA ILE K 51 69.51 -105.43 22.79
C ILE K 51 69.66 -105.31 21.28
N GLN K 52 69.40 -104.11 20.79
CA GLN K 52 69.51 -103.81 19.36
C GLN K 52 70.86 -104.26 18.83
N GLU K 53 71.93 -103.96 19.58
CA GLU K 53 73.28 -104.35 19.17
C GLU K 53 73.49 -105.85 19.14
N SER K 54 72.85 -106.56 20.07
CA SER K 54 73.01 -108.01 20.13
C SER K 54 72.46 -108.64 18.84
N HIS K 55 71.39 -108.07 18.31
CA HIS K 55 70.79 -108.55 17.07
C HIS K 55 71.80 -108.48 15.92
N TYR K 56 72.50 -107.36 15.83
CA TYR K 56 73.49 -107.15 14.78
C TYR K 56 74.61 -108.17 14.95
N ARG K 57 75.12 -108.31 16.17
CA ARG K 57 76.18 -109.28 16.45
C ARG K 57 75.78 -110.66 15.94
N ALA K 58 74.62 -111.14 16.43
CA ALA K 58 74.11 -112.45 16.04
C ALA K 58 74.07 -112.68 14.54
N LEU K 59 73.51 -111.72 13.81
CA LEU K 59 73.41 -111.82 12.36
C LEU K 59 74.75 -111.68 11.64
N LYS K 60 75.66 -110.88 12.21
CA LYS K 60 76.98 -110.71 11.60
C LYS K 60 77.72 -112.04 11.61
N ASN K 61 77.50 -112.82 12.66
CA ASN K 61 78.15 -114.12 12.79
C ASN K 61 77.38 -115.21 12.07
N GLY K 62 76.51 -114.79 11.14
CA GLY K 62 75.74 -115.71 10.34
C GLY K 62 74.67 -116.57 11.01
N PHE K 63 73.88 -115.97 11.90
CA PHE K 63 72.83 -116.72 12.57
C PHE K 63 71.76 -117.15 11.56
N LYS K 64 71.07 -118.25 11.85
CA LYS K 64 70.01 -118.76 10.98
C LYS K 64 68.86 -119.30 11.81
N LEU K 65 67.63 -119.00 11.38
CA LEU K 65 66.44 -119.41 12.11
C LEU K 65 66.43 -120.80 12.74
N ARG K 66 66.85 -121.83 11.99
CA ARG K 66 66.85 -123.17 12.58
C ARG K 66 67.74 -123.24 13.82
N GLU K 67 68.87 -122.53 13.82
CA GLU K 67 69.78 -122.52 14.97
C GLU K 67 69.09 -122.10 16.25
N ALA K 68 68.01 -121.32 16.13
CA ALA K 68 67.25 -120.88 17.29
C ALA K 68 66.54 -122.11 17.88
N PHE K 69 65.78 -122.81 17.02
CA PHE K 69 65.05 -124.01 17.43
C PHE K 69 65.99 -125.07 17.98
N TRP K 70 67.19 -125.14 17.41
CA TRP K 70 68.21 -126.09 17.84
C TRP K 70 68.59 -125.81 19.31
N ILE K 71 68.86 -124.55 19.63
CA ILE K 71 69.21 -124.15 20.99
C ILE K 71 68.11 -124.55 21.96
N VAL K 72 66.85 -124.28 21.59
CA VAL K 72 65.72 -124.62 22.44
C VAL K 72 65.61 -126.14 22.64
N LYS K 73 65.69 -126.88 21.53
CA LYS K 73 65.60 -128.34 21.59
C LYS K 73 66.74 -128.95 22.43
N GLU K 74 67.95 -128.46 22.22
CA GLU K 74 69.12 -128.94 22.96
C GLU K 74 68.97 -128.63 24.44
N PHE K 75 68.51 -127.42 24.76
CA PHE K 75 68.31 -127.01 26.15
C PHE K 75 67.27 -127.93 26.81
N ARG K 76 66.28 -128.36 26.04
CA ARG K 76 65.23 -129.23 26.55
C ARG K 76 65.75 -130.59 27.03
N ARG K 77 66.94 -130.99 26.54
CA ARG K 77 67.54 -132.25 26.96
C ARG K 77 67.99 -132.20 28.41
N HIS K 78 68.11 -131.00 28.97
CA HIS K 78 68.55 -130.86 30.35
C HIS K 78 67.51 -130.24 31.27
N SER K 79 66.83 -129.22 30.77
CA SER K 79 65.83 -128.52 31.57
C SER K 79 64.43 -128.54 30.98
N SER K 80 63.48 -128.11 31.81
CA SER K 80 62.09 -128.03 31.44
C SER K 80 61.59 -126.61 31.71
N THR K 81 62.50 -125.75 32.19
CA THR K 81 62.18 -124.36 32.47
C THR K 81 61.44 -123.74 31.27
N PRO K 82 60.32 -123.04 31.52
CA PRO K 82 59.55 -122.42 30.44
C PRO K 82 60.42 -121.55 29.53
N ILE K 83 60.25 -121.73 28.22
CA ILE K 83 60.98 -120.97 27.23
C ILE K 83 60.00 -120.13 26.39
N VAL K 84 60.17 -118.82 26.42
CA VAL K 84 59.33 -117.92 25.64
C VAL K 84 60.16 -117.36 24.48
N LEU K 85 59.72 -117.68 23.28
CA LEU K 85 60.39 -117.24 22.06
C LEU K 85 59.92 -115.83 21.69
N MET K 86 60.88 -114.93 21.47
CA MET K 86 60.56 -113.55 21.11
C MET K 86 61.14 -113.22 19.74
N THR K 87 60.24 -112.96 18.79
CA THR K 87 60.64 -112.67 17.42
C THR K 87 59.72 -111.66 16.74
N TYR K 88 60.20 -111.12 15.62
CA TYR K 88 59.40 -110.20 14.84
C TYR K 88 58.54 -111.05 13.91
N TYR K 89 57.47 -110.46 13.39
CA TYR K 89 56.54 -111.17 12.54
C TYR K 89 57.06 -111.71 11.20
N ASN K 90 57.98 -111.01 10.57
CA ASN K 90 58.50 -111.45 9.28
C ASN K 90 58.88 -112.93 9.17
N PRO K 91 59.72 -113.44 10.10
CA PRO K 91 60.13 -114.85 10.04
C PRO K 91 58.95 -115.81 10.06
N ILE K 92 58.01 -115.57 10.97
CA ILE K 92 56.86 -116.47 11.07
C ILE K 92 55.91 -116.28 9.89
N TYR K 93 55.86 -115.06 9.35
CA TYR K 93 55.00 -114.77 8.20
C TYR K 93 55.57 -115.47 6.97
N ARG K 94 56.88 -115.30 6.83
CA ARG K 94 57.63 -115.85 5.72
C ARG K 94 57.56 -117.38 5.70
N ALA K 95 57.31 -117.99 6.85
CA ALA K 95 57.25 -119.44 6.96
C ALA K 95 55.84 -120.04 7.10
N GLY K 96 54.87 -119.22 7.47
CA GLY K 96 53.52 -119.71 7.65
C GLY K 96 53.25 -119.78 9.14
N VAL K 97 52.25 -119.03 9.59
CA VAL K 97 51.90 -118.98 11.01
C VAL K 97 51.87 -120.37 11.65
N ARG K 98 50.98 -121.22 11.18
CA ARG K 98 50.86 -122.57 11.72
C ARG K 98 52.18 -123.33 11.63
N ASN K 99 52.85 -123.29 10.47
CA ASN K 99 54.13 -123.98 10.30
C ASN K 99 55.16 -123.56 11.34
N PHE K 100 55.28 -122.25 11.55
CA PHE K 100 56.24 -121.73 12.53
C PHE K 100 55.87 -122.19 13.94
N LEU K 101 54.62 -121.93 14.34
CA LEU K 101 54.12 -122.31 15.66
C LEU K 101 54.30 -123.80 15.94
N ALA K 102 54.14 -124.61 14.89
CA ALA K 102 54.29 -126.06 14.98
C ALA K 102 55.74 -126.43 15.31
N GLU K 103 56.66 -125.92 14.49
CA GLU K 103 58.09 -126.19 14.70
C GLU K 103 58.54 -125.68 16.08
N ALA K 104 57.96 -124.56 16.52
CA ALA K 104 58.28 -123.97 17.82
C ALA K 104 57.88 -124.91 18.95
N LYS K 105 56.64 -125.39 18.89
CA LYS K 105 56.10 -126.31 19.88
C LYS K 105 56.97 -127.57 19.94
N ALA K 106 57.27 -128.12 18.76
CA ALA K 106 58.09 -129.32 18.63
C ALA K 106 59.51 -129.15 19.18
N SER K 107 60.03 -127.92 19.16
CA SER K 107 61.38 -127.67 19.66
C SER K 107 61.43 -127.54 21.18
N GLY K 108 60.24 -127.45 21.78
CA GLY K 108 60.16 -127.34 23.24
C GLY K 108 59.86 -125.93 23.69
N VAL K 109 59.29 -125.13 22.80
CA VAL K 109 58.94 -123.76 23.14
C VAL K 109 57.55 -123.75 23.79
N ASP K 110 57.44 -122.97 24.87
CA ASP K 110 56.19 -122.87 25.63
C ASP K 110 55.34 -121.67 25.24
N GLY K 111 55.98 -120.51 25.12
CA GLY K 111 55.27 -119.31 24.76
C GLY K 111 55.98 -118.49 23.68
N ILE K 112 55.24 -117.60 23.06
CA ILE K 112 55.80 -116.75 22.00
C ILE K 112 55.25 -115.33 22.08
N LEU K 113 56.09 -114.37 21.71
CA LEU K 113 55.74 -112.96 21.67
C LEU K 113 56.18 -112.39 20.33
N VAL K 114 55.22 -111.96 19.52
CA VAL K 114 55.53 -111.37 18.22
C VAL K 114 55.57 -109.85 18.45
N VAL K 115 56.80 -109.35 18.58
CA VAL K 115 57.09 -107.94 18.85
C VAL K 115 56.35 -106.88 18.04
N ASP K 116 56.29 -107.07 16.72
CA ASP K 116 55.65 -106.09 15.84
C ASP K 116 54.30 -106.50 15.25
N LEU K 117 53.50 -107.22 16.01
CA LEU K 117 52.18 -107.65 15.56
C LEU K 117 51.12 -107.12 16.53
N PRO K 118 50.47 -106.00 16.20
CA PRO K 118 49.44 -105.35 17.03
C PRO K 118 48.40 -106.33 17.55
N VAL K 119 47.87 -106.03 18.73
CA VAL K 119 46.86 -106.89 19.36
C VAL K 119 45.67 -107.06 18.43
N PHE K 120 45.15 -105.95 17.94
CA PHE K 120 44.00 -105.98 17.04
C PHE K 120 44.27 -106.64 15.69
N HIS K 121 45.50 -107.09 15.47
CA HIS K 121 45.87 -107.74 14.22
C HIS K 121 46.28 -109.19 14.46
N ALA K 122 46.31 -109.60 15.73
CA ALA K 122 46.72 -110.95 16.07
C ALA K 122 45.59 -111.92 16.37
N LYS K 123 44.39 -111.64 15.88
CA LYS K 123 43.27 -112.52 16.13
C LYS K 123 43.56 -113.94 15.62
N GLU K 124 43.87 -114.05 14.33
CA GLU K 124 44.16 -115.35 13.74
C GLU K 124 45.38 -116.00 14.35
N PHE K 125 46.38 -115.20 14.72
CA PHE K 125 47.59 -115.75 15.32
C PHE K 125 47.31 -116.44 16.65
N THR K 126 46.68 -115.73 17.57
CA THR K 126 46.36 -116.30 18.88
C THR K 126 45.52 -117.57 18.71
N GLU K 127 44.72 -117.60 17.64
CA GLU K 127 43.86 -118.74 17.34
C GLU K 127 44.65 -119.99 16.96
N ILE K 128 45.58 -119.84 16.01
CA ILE K 128 46.43 -120.96 15.58
C ILE K 128 47.38 -121.33 16.71
N ALA K 129 47.80 -120.34 17.49
CA ALA K 129 48.72 -120.56 18.61
C ALA K 129 48.13 -121.56 19.60
N ARG K 130 46.85 -121.36 19.91
CA ARG K 130 46.12 -122.24 20.83
C ARG K 130 46.12 -123.66 20.25
N GLU K 131 45.67 -123.77 19.00
CA GLU K 131 45.60 -125.06 18.31
C GLU K 131 46.96 -125.75 18.17
N GLU K 132 48.04 -124.99 18.28
CA GLU K 132 49.36 -125.59 18.15
C GLU K 132 50.00 -125.82 19.51
N GLY K 133 49.28 -125.45 20.57
CA GLY K 133 49.79 -125.63 21.91
C GLY K 133 50.89 -124.67 22.31
N ILE K 134 50.75 -123.42 21.89
CA ILE K 134 51.73 -122.39 22.21
C ILE K 134 51.00 -121.27 22.95
N LYS K 135 51.57 -120.85 24.09
CA LYS K 135 50.96 -119.78 24.87
C LYS K 135 51.34 -118.43 24.25
N THR K 136 50.41 -117.49 24.28
CA THR K 136 50.66 -116.17 23.71
C THR K 136 51.12 -115.16 24.76
N VAL K 137 52.07 -114.32 24.35
CA VAL K 137 52.59 -113.27 25.22
C VAL K 137 52.49 -111.94 24.46
N PHE K 138 51.73 -111.00 25.01
CA PHE K 138 51.57 -109.67 24.41
C PHE K 138 52.12 -108.64 25.38
N LEU K 139 52.64 -107.53 24.86
CA LEU K 139 53.15 -106.51 25.76
C LEU K 139 52.33 -105.24 25.80
N ALA K 140 52.52 -104.48 26.88
CA ALA K 140 51.82 -103.22 27.09
C ALA K 140 52.83 -102.20 27.60
N ALA K 141 52.60 -100.94 27.27
CA ALA K 141 53.50 -99.85 27.68
C ALA K 141 52.75 -98.79 28.48
N PRO K 142 53.49 -97.90 29.14
CA PRO K 142 52.84 -96.84 29.93
C PRO K 142 51.75 -96.10 29.14
N ASN K 143 52.03 -95.79 27.87
CA ASN K 143 51.06 -95.08 27.04
C ASN K 143 49.88 -95.94 26.54
N THR K 144 49.81 -97.18 27.00
CA THR K 144 48.72 -98.07 26.60
C THR K 144 47.50 -97.76 27.45
N PRO K 145 46.37 -97.41 26.81
CA PRO K 145 45.13 -97.09 27.52
C PRO K 145 44.55 -98.31 28.26
N ASP K 146 43.84 -98.05 29.36
CA ASP K 146 43.24 -99.14 30.13
C ASP K 146 42.34 -99.97 29.23
N GLU K 147 41.85 -99.33 28.17
CA GLU K 147 40.98 -100.02 27.21
C GLU K 147 41.71 -101.16 26.50
N ARG K 148 42.83 -100.81 25.84
CA ARG K 148 43.62 -101.82 25.13
C ARG K 148 44.21 -102.81 26.11
N LEU K 149 44.59 -102.32 27.29
CA LEU K 149 45.16 -103.18 28.32
C LEU K 149 44.28 -104.40 28.54
N LYS K 150 42.98 -104.17 28.68
CA LYS K 150 42.02 -105.25 28.88
C LYS K 150 42.09 -106.22 27.69
N VAL K 151 41.98 -105.67 26.49
CA VAL K 151 42.03 -106.50 25.27
C VAL K 151 43.30 -107.33 25.17
N ILE K 152 44.42 -106.74 25.60
CA ILE K 152 45.71 -107.40 25.60
C ILE K 152 45.65 -108.59 26.56
N ASP K 153 45.10 -108.34 27.75
CA ASP K 153 44.95 -109.38 28.78
C ASP K 153 44.02 -110.49 28.28
N ASP K 154 42.92 -110.10 27.64
CA ASP K 154 41.95 -111.05 27.11
C ASP K 154 42.51 -111.99 26.05
N MET K 155 43.64 -111.63 25.45
CA MET K 155 44.22 -112.46 24.40
C MET K 155 45.48 -113.19 24.84
N THR K 156 45.98 -112.80 26.01
CA THR K 156 47.20 -113.39 26.58
C THR K 156 46.90 -114.71 27.29
N THR K 157 47.64 -115.75 26.94
CA THR K 157 47.46 -117.05 27.58
C THR K 157 48.74 -117.43 28.31
N GLY K 158 49.74 -116.55 28.21
CA GLY K 158 51.01 -116.81 28.87
C GLY K 158 51.19 -115.82 30.00
N PHE K 159 51.33 -114.55 29.63
CA PHE K 159 51.49 -113.49 30.61
C PHE K 159 51.68 -112.16 29.88
N VAL K 160 51.18 -111.09 30.48
CA VAL K 160 51.30 -109.76 29.92
C VAL K 160 52.71 -109.24 30.23
N TYR K 161 53.38 -108.73 29.21
CA TYR K 161 54.73 -108.21 29.34
C TYR K 161 54.74 -106.68 29.41
N LEU K 162 55.03 -106.12 30.59
CA LEU K 162 55.06 -104.68 30.76
C LEU K 162 56.46 -104.12 30.52
N VAL K 163 56.53 -103.06 29.71
CA VAL K 163 57.81 -102.42 29.37
C VAL K 163 57.70 -100.90 29.58
N SER K 164 58.82 -100.24 29.88
CA SER K 164 58.82 -98.79 30.12
C SER K 164 59.17 -97.94 28.90
N ALA K 179 56.63 -96.10 34.93
CA ALA K 179 56.67 -97.56 34.84
C ALA K 179 55.88 -98.22 35.98
N TYR K 180 56.01 -97.69 37.19
CA TYR K 180 55.29 -98.24 38.33
C TYR K 180 53.79 -98.08 38.13
N ASP K 181 53.40 -96.94 37.57
CA ASP K 181 51.98 -96.67 37.32
C ASP K 181 51.40 -97.69 36.36
N LEU K 182 52.21 -98.10 35.39
CA LEU K 182 51.76 -99.10 34.42
C LEU K 182 51.49 -100.39 35.20
N LEU K 183 52.46 -100.80 36.02
CA LEU K 183 52.34 -102.03 36.83
C LEU K 183 51.10 -101.98 37.74
N ARG K 184 50.91 -100.85 38.41
CA ARG K 184 49.77 -100.67 39.30
C ARG K 184 48.46 -100.98 38.57
N ARG K 185 48.25 -100.29 37.45
CA ARG K 185 47.06 -100.47 36.62
C ARG K 185 46.95 -101.91 36.12
N ALA K 186 48.07 -102.45 35.64
CA ALA K 186 48.11 -103.80 35.11
C ALA K 186 47.58 -104.82 36.12
N LYS K 187 48.17 -104.85 37.32
CA LYS K 187 47.72 -105.79 38.36
C LYS K 187 46.24 -105.57 38.66
N ARG K 188 45.85 -104.30 38.69
CA ARG K 188 44.47 -103.91 38.98
C ARG K 188 43.50 -104.24 37.84
N ILE K 189 44.02 -104.64 36.68
CA ILE K 189 43.16 -104.93 35.52
C ILE K 189 43.31 -106.33 34.90
N CYS K 190 44.53 -106.83 34.85
CA CYS K 190 44.80 -108.13 34.23
C CYS K 190 44.47 -109.35 35.08
N ARG K 191 44.09 -110.43 34.38
CA ARG K 191 43.79 -111.70 35.02
C ARG K 191 45.07 -112.53 34.91
N ASN K 192 45.87 -112.24 33.89
CA ASN K 192 47.12 -112.97 33.68
C ASN K 192 48.25 -112.50 34.58
N LYS K 193 49.31 -113.30 34.62
CA LYS K 193 50.47 -112.94 35.41
C LYS K 193 51.13 -111.83 34.64
N VAL K 194 51.87 -110.99 35.35
CA VAL K 194 52.53 -109.86 34.73
C VAL K 194 54.04 -109.90 34.94
N ALA K 195 54.80 -109.85 33.84
CA ALA K 195 56.25 -109.84 33.91
C ALA K 195 56.67 -108.40 33.58
N VAL K 196 57.67 -107.88 34.27
CA VAL K 196 58.11 -106.52 33.98
C VAL K 196 59.55 -106.43 33.46
N GLY K 197 59.72 -105.62 32.42
CA GLY K 197 61.01 -105.40 31.82
C GLY K 197 61.22 -103.89 31.86
N PHE K 198 61.62 -103.38 33.03
CA PHE K 198 61.83 -101.94 33.20
C PHE K 198 63.30 -101.54 33.20
N GLY K 199 64.17 -102.47 32.83
CA GLY K 199 65.59 -102.16 32.78
C GLY K 199 66.27 -102.30 34.13
N VAL K 200 65.96 -103.40 34.81
CA VAL K 200 66.53 -103.71 36.12
C VAL K 200 68.05 -103.84 36.01
N SER K 201 68.78 -103.22 36.95
CA SER K 201 70.24 -103.28 36.93
C SER K 201 70.85 -103.51 38.32
N LYS K 202 70.02 -103.36 39.35
CA LYS K 202 70.50 -103.55 40.72
C LYS K 202 69.43 -104.24 41.56
N ARG K 203 69.88 -104.99 42.56
CA ARG K 203 68.99 -105.73 43.46
C ARG K 203 67.72 -104.98 43.92
N GLU K 204 67.87 -103.71 44.30
CA GLU K 204 66.76 -102.89 44.78
C GLU K 204 65.57 -102.87 43.83
N HIS K 205 65.86 -102.89 42.52
CA HIS K 205 64.83 -102.89 41.49
C HIS K 205 63.96 -104.13 41.59
N VAL K 206 64.62 -105.29 41.54
CA VAL K 206 63.94 -106.57 41.61
C VAL K 206 63.02 -106.61 42.84
N VAL K 207 63.57 -106.22 43.98
CA VAL K 207 62.83 -106.22 45.24
C VAL K 207 61.62 -105.29 45.20
N SER K 208 61.86 -104.03 44.82
CA SER K 208 60.78 -103.06 44.75
C SER K 208 59.67 -103.46 43.77
N LEU K 209 60.07 -104.01 42.62
CA LEU K 209 59.11 -104.43 41.59
C LEU K 209 58.24 -105.61 42.02
N LEU K 210 58.87 -106.62 42.63
CA LEU K 210 58.13 -107.79 43.10
C LEU K 210 57.16 -107.30 44.17
N LYS K 211 57.69 -106.46 45.06
CA LYS K 211 56.93 -105.85 46.15
C LYS K 211 55.69 -105.14 45.65
N GLU K 212 55.78 -104.57 44.45
CA GLU K 212 54.66 -103.84 43.86
C GLU K 212 53.68 -104.73 43.10
N GLY K 213 53.88 -106.04 43.17
CA GLY K 213 52.96 -106.94 42.48
C GLY K 213 53.44 -107.59 41.20
N ALA K 214 54.71 -107.40 40.86
CA ALA K 214 55.24 -108.01 39.65
C ALA K 214 55.39 -109.52 39.84
N ASN K 215 54.65 -110.29 39.05
CA ASN K 215 54.71 -111.75 39.12
C ASN K 215 56.10 -112.20 38.69
N GLY K 216 56.67 -111.51 37.71
CA GLY K 216 57.99 -111.84 37.23
C GLY K 216 58.78 -110.59 36.92
N VAL K 217 60.10 -110.69 37.00
CA VAL K 217 60.97 -109.54 36.69
C VAL K 217 61.96 -110.00 35.63
N VAL K 218 61.86 -109.40 34.46
CA VAL K 218 62.75 -109.73 33.35
C VAL K 218 64.07 -108.99 33.44
N VAL K 219 65.14 -109.70 33.12
CA VAL K 219 66.48 -109.13 33.12
C VAL K 219 67.14 -109.48 31.78
N GLY K 220 67.22 -108.48 30.90
CA GLY K 220 67.82 -108.67 29.60
C GLY K 220 69.03 -107.80 29.34
N SER K 221 68.84 -106.48 29.36
CA SER K 221 69.94 -105.54 29.10
C SER K 221 71.16 -105.83 29.98
N ALA K 222 70.94 -105.89 31.29
CA ALA K 222 72.02 -106.16 32.24
C ALA K 222 72.84 -107.39 31.83
N LEU K 223 72.17 -108.40 31.29
CA LEU K 223 72.84 -109.62 30.86
C LEU K 223 73.48 -109.55 29.47
N VAL K 224 72.72 -109.13 28.46
CA VAL K 224 73.27 -109.06 27.10
C VAL K 224 74.40 -108.04 27.01
N LYS K 225 74.42 -107.09 27.94
CA LYS K 225 75.47 -106.07 27.97
C LYS K 225 76.78 -106.78 28.30
N ILE K 226 76.70 -107.75 29.21
CA ILE K 226 77.85 -108.55 29.62
C ILE K 226 78.25 -109.49 28.49
N ILE K 227 77.26 -110.09 27.83
CA ILE K 227 77.52 -111.00 26.72
C ILE K 227 78.20 -110.25 25.57
N GLY K 228 77.98 -108.95 25.53
CA GLY K 228 78.60 -108.14 24.50
C GLY K 228 80.04 -107.81 24.84
N GLU K 229 80.33 -107.69 26.14
CA GLU K 229 81.69 -107.37 26.61
C GLU K 229 82.57 -108.58 26.81
N LYS K 230 81.97 -109.73 27.12
CA LYS K 230 82.75 -110.95 27.37
C LYS K 230 82.66 -112.02 26.28
N GLY K 231 81.73 -111.85 25.34
CA GLY K 231 81.60 -112.83 24.27
C GLY K 231 81.41 -114.26 24.75
N ARG K 232 82.20 -115.18 24.21
CA ARG K 232 82.12 -116.59 24.58
C ARG K 232 82.45 -116.84 26.05
N GLU K 233 83.22 -115.93 26.65
CA GLU K 233 83.64 -116.04 28.05
C GLU K 233 82.71 -115.33 29.04
N ALA K 234 81.45 -115.14 28.68
CA ALA K 234 80.50 -114.45 29.55
C ALA K 234 79.90 -115.27 30.68
N THR K 235 79.81 -116.59 30.48
CA THR K 235 79.20 -117.50 31.46
C THR K 235 79.35 -117.12 32.92
N GLU K 236 80.58 -117.06 33.42
CA GLU K 236 80.80 -116.75 34.83
C GLU K 236 80.25 -115.39 35.28
N PHE K 237 80.53 -114.36 34.50
CA PHE K 237 80.08 -113.00 34.80
C PHE K 237 78.55 -112.89 34.81
N LEU K 238 77.90 -113.68 33.98
CA LEU K 238 76.45 -113.68 33.91
C LEU K 238 75.86 -114.17 35.23
N LYS K 239 76.42 -115.28 35.73
CA LYS K 239 75.96 -115.86 37.00
C LYS K 239 76.16 -114.87 38.14
N LYS K 240 77.35 -114.28 38.20
CA LYS K 240 77.68 -113.29 39.23
C LYS K 240 76.63 -112.19 39.25
N LYS K 241 76.28 -111.69 38.06
CA LYS K 241 75.28 -110.64 37.94
C LYS K 241 73.88 -111.13 38.33
N VAL K 242 73.50 -112.31 37.86
CA VAL K 242 72.20 -112.87 38.20
C VAL K 242 72.11 -113.04 39.70
N GLU K 243 73.18 -113.57 40.29
CA GLU K 243 73.24 -113.77 41.74
C GLU K 243 73.02 -112.44 42.47
N GLU K 244 73.69 -111.38 42.00
CA GLU K 244 73.53 -110.07 42.61
C GLU K 244 72.06 -109.64 42.62
N LEU K 245 71.39 -109.82 41.48
CA LEU K 245 69.98 -109.44 41.34
C LEU K 245 69.03 -110.27 42.19
N LEU K 246 69.34 -111.56 42.40
CA LEU K 246 68.49 -112.42 43.23
C LEU K 246 68.82 -112.19 44.72
N GLY K 247 69.94 -111.52 44.99
CA GLY K 247 70.33 -111.27 46.35
C GLY K 247 71.01 -112.48 46.97
N ILE K 248 71.34 -113.49 46.14
CA ILE K 248 72.00 -114.71 46.59
C ILE K 248 73.51 -114.69 46.28
N MET L 1 44.14 -98.97 6.25
CA MET L 1 45.62 -99.09 6.38
C MET L 1 46.15 -100.17 5.46
N TRP L 2 45.25 -100.81 4.73
CA TRP L 2 45.66 -101.86 3.80
C TRP L 2 45.44 -101.48 2.34
N PHE L 3 46.35 -101.89 1.48
CA PHE L 3 46.26 -101.67 0.04
C PHE L 3 46.29 -103.09 -0.48
N GLY L 4 45.12 -103.71 -0.56
CA GLY L 4 45.07 -105.09 -0.98
C GLY L 4 45.57 -105.85 0.22
N GLU L 5 46.58 -106.70 0.00
CA GLU L 5 47.16 -107.50 1.07
C GLU L 5 48.32 -106.77 1.75
N PHE L 6 48.79 -105.70 1.11
CA PHE L 6 49.92 -104.93 1.60
C PHE L 6 49.58 -103.78 2.54
N GLY L 7 50.61 -103.28 3.23
CA GLY L 7 50.43 -102.18 4.16
C GLY L 7 50.52 -102.60 5.61
N GLY L 8 49.51 -102.23 6.38
CA GLY L 8 49.48 -102.62 7.79
C GLY L 8 50.05 -101.63 8.78
N GLN L 9 50.10 -102.05 10.04
CA GLN L 9 50.61 -101.23 11.13
C GLN L 9 51.50 -102.08 12.05
N TYR L 10 52.43 -102.81 11.44
CA TYR L 10 53.33 -103.68 12.18
C TYR L 10 54.41 -102.99 13.01
N VAL L 11 54.04 -102.60 14.23
CA VAL L 11 55.00 -101.95 15.12
C VAL L 11 54.78 -102.36 16.58
N PRO L 12 55.80 -102.16 17.43
CA PRO L 12 55.70 -102.49 18.85
C PRO L 12 54.56 -101.69 19.48
N GLU L 13 53.97 -102.21 20.54
CA GLU L 13 52.86 -101.54 21.21
C GLU L 13 53.19 -100.10 21.64
N THR L 14 54.46 -99.83 21.87
CA THR L 14 54.89 -98.49 22.30
C THR L 14 54.63 -97.40 21.26
N LEU L 15 54.49 -97.80 20.00
CA LEU L 15 54.24 -96.87 18.90
C LEU L 15 52.77 -96.79 18.51
N ILE L 16 51.96 -97.69 19.04
CA ILE L 16 50.55 -97.72 18.71
C ILE L 16 49.76 -96.47 19.12
N GLU L 17 49.93 -95.99 20.36
CA GLU L 17 49.17 -94.82 20.77
C GLU L 17 49.45 -93.61 19.86
N PRO L 18 50.74 -93.24 19.68
CA PRO L 18 51.07 -92.10 18.82
C PRO L 18 50.45 -92.26 17.42
N LEU L 19 50.54 -93.47 16.86
CA LEU L 19 49.98 -93.75 15.56
C LEU L 19 48.46 -93.60 15.56
N LYS L 20 47.80 -94.23 16.52
CA LYS L 20 46.35 -94.16 16.64
C LYS L 20 45.88 -92.72 16.72
N GLU L 21 46.60 -91.91 17.49
CA GLU L 21 46.24 -90.51 17.62
C GLU L 21 46.44 -89.75 16.32
N LEU L 22 47.51 -90.08 15.58
CA LEU L 22 47.79 -89.43 14.30
C LEU L 22 46.64 -89.75 13.34
N GLU L 23 46.14 -90.98 13.42
CA GLU L 23 45.02 -91.38 12.58
C GLU L 23 43.82 -90.47 12.84
N LYS L 24 43.51 -90.27 14.11
CA LYS L 24 42.37 -89.44 14.48
C LYS L 24 42.51 -88.03 13.94
N ALA L 25 43.66 -87.42 14.22
CA ALA L 25 43.91 -86.05 13.77
C ALA L 25 43.73 -85.93 12.28
N TYR L 26 44.39 -86.81 11.54
CA TYR L 26 44.31 -86.78 10.10
C TYR L 26 42.87 -86.86 9.62
N LYS L 27 42.04 -87.61 10.33
CA LYS L 27 40.65 -87.72 9.91
C LYS L 27 39.88 -86.41 10.04
N ARG L 28 40.04 -85.73 11.17
CA ARG L 28 39.30 -84.49 11.38
C ARG L 28 39.81 -83.31 10.58
N PHE L 29 41.06 -83.35 10.13
CA PHE L 29 41.60 -82.24 9.37
C PHE L 29 41.73 -82.53 7.88
N LYS L 30 41.77 -83.81 7.55
CA LYS L 30 41.91 -84.23 6.18
C LYS L 30 41.04 -83.40 5.26
N ASP L 31 39.83 -83.10 5.70
CA ASP L 31 38.92 -82.31 4.90
C ASP L 31 38.45 -81.02 5.56
N ASP L 32 39.07 -80.63 6.66
CA ASP L 32 38.70 -79.39 7.34
C ASP L 32 38.95 -78.24 6.37
N GLU L 33 37.92 -77.46 6.11
CA GLU L 33 38.05 -76.34 5.20
C GLU L 33 39.22 -75.44 5.56
N GLU L 34 39.30 -75.02 6.83
CA GLU L 34 40.39 -74.14 7.27
C GLU L 34 41.75 -74.77 7.07
N PHE L 35 41.89 -76.03 7.41
CA PHE L 35 43.17 -76.71 7.23
C PHE L 35 43.66 -76.63 5.78
N ASN L 36 42.81 -77.04 4.83
CA ASN L 36 43.21 -77.02 3.43
C ASN L 36 43.45 -75.62 2.92
N ARG L 37 42.62 -74.70 3.39
CA ARG L 37 42.76 -73.30 2.98
C ARG L 37 44.20 -72.84 3.27
N GLN L 38 44.72 -73.18 4.45
CA GLN L 38 46.07 -72.81 4.82
C GLN L 38 47.08 -73.64 4.03
N LEU L 39 46.77 -74.92 3.86
CA LEU L 39 47.67 -75.78 3.13
C LEU L 39 47.90 -75.23 1.73
N ASN L 40 46.81 -74.85 1.06
CA ASN L 40 46.94 -74.32 -0.30
C ASN L 40 47.64 -72.99 -0.27
N TYR L 41 47.40 -72.22 0.78
CA TYR L 41 48.00 -70.90 0.93
C TYR L 41 49.53 -70.98 0.92
N TYR L 42 50.08 -71.87 1.74
CA TYR L 42 51.53 -72.02 1.79
C TYR L 42 52.07 -72.66 0.53
N LEU L 43 51.38 -73.68 0.05
CA LEU L 43 51.78 -74.36 -1.17
C LEU L 43 51.93 -73.34 -2.29
N LYS L 44 51.04 -72.36 -2.32
CA LYS L 44 51.07 -71.34 -3.36
C LYS L 44 52.09 -70.23 -3.16
N THR L 45 51.91 -69.42 -2.13
CA THR L 45 52.81 -68.29 -1.88
C THR L 45 54.20 -68.59 -1.33
N TRP L 46 54.41 -69.77 -0.77
CA TRP L 46 55.71 -70.08 -0.19
C TRP L 46 56.44 -71.16 -0.98
N ALA L 47 55.72 -72.20 -1.35
CA ALA L 47 56.32 -73.30 -2.09
C ALA L 47 56.43 -72.98 -3.57
N GLY L 48 55.51 -72.17 -4.08
CA GLY L 48 55.55 -71.82 -5.49
C GLY L 48 54.60 -72.60 -6.39
N ARG L 49 53.73 -73.41 -5.80
CA ARG L 49 52.80 -74.19 -6.62
C ARG L 49 51.80 -73.26 -7.30
N PRO L 50 51.36 -73.62 -8.51
CA PRO L 50 51.71 -74.84 -9.26
C PRO L 50 53.02 -74.77 -10.01
N THR L 51 53.50 -75.94 -10.40
CA THR L 51 54.72 -76.05 -11.15
C THR L 51 54.28 -76.23 -12.58
N PRO L 52 55.09 -75.76 -13.54
CA PRO L 52 54.67 -75.91 -14.95
C PRO L 52 54.84 -77.31 -15.49
N LEU L 53 54.16 -77.57 -16.61
CA LEU L 53 54.26 -78.82 -17.33
C LEU L 53 54.98 -78.37 -18.59
N TYR L 54 56.23 -78.78 -18.72
CA TYR L 54 57.04 -78.35 -19.87
C TYR L 54 57.13 -79.36 -21.00
N TYR L 55 57.07 -78.86 -22.24
CA TYR L 55 57.18 -79.72 -23.41
C TYR L 55 58.61 -79.72 -23.93
N ALA L 56 59.30 -80.85 -23.80
CA ALA L 56 60.67 -80.97 -24.26
C ALA L 56 60.69 -81.14 -25.78
N LYS L 57 60.36 -80.06 -26.47
CA LYS L 57 60.27 -80.03 -27.93
C LYS L 57 61.53 -80.59 -28.57
N ARG L 58 62.65 -80.06 -28.15
CA ARG L 58 63.91 -80.48 -28.70
C ARG L 58 64.31 -81.93 -28.42
N LEU L 59 64.03 -82.41 -27.21
CA LEU L 59 64.36 -83.77 -26.87
C LEU L 59 63.43 -84.75 -27.59
N THR L 60 62.14 -84.43 -27.67
CA THR L 60 61.23 -85.35 -28.33
C THR L 60 61.58 -85.48 -29.80
N GLU L 61 61.98 -84.38 -30.44
CA GLU L 61 62.32 -84.44 -31.86
C GLU L 61 63.62 -85.16 -32.09
N LYS L 62 64.54 -85.02 -31.15
CA LYS L 62 65.83 -85.67 -31.26
C LYS L 62 65.64 -87.20 -31.25
N ILE L 63 64.59 -87.67 -30.59
CA ILE L 63 64.29 -89.10 -30.51
C ILE L 63 63.33 -89.54 -31.62
N GLY L 64 62.51 -88.61 -32.12
CA GLY L 64 61.58 -88.91 -33.18
C GLY L 64 60.43 -89.83 -32.80
N GLY L 65 60.17 -89.94 -31.51
CA GLY L 65 59.09 -90.80 -31.06
C GLY L 65 57.89 -90.01 -30.58
N ALA L 66 57.39 -90.38 -29.40
CA ALA L 66 56.23 -89.72 -28.81
C ALA L 66 56.64 -88.37 -28.25
N LYS L 67 55.64 -87.55 -27.91
CA LYS L 67 55.92 -86.24 -27.33
C LYS L 67 56.26 -86.44 -25.87
N ILE L 68 57.23 -85.67 -25.38
CA ILE L 68 57.66 -85.77 -24.00
C ILE L 68 57.41 -84.52 -23.18
N TYR L 69 56.58 -84.63 -22.16
CA TYR L 69 56.30 -83.51 -21.27
C TYR L 69 56.96 -83.78 -19.92
N LEU L 70 57.37 -82.73 -19.21
CA LEU L 70 58.01 -82.89 -17.91
C LEU L 70 57.26 -82.11 -16.84
N LYS L 71 56.85 -82.78 -15.76
CA LYS L 71 56.19 -82.09 -14.64
C LYS L 71 57.36 -81.52 -13.83
N ARG L 72 57.52 -80.20 -13.89
CA ARG L 72 58.64 -79.53 -13.23
C ARG L 72 58.61 -79.39 -11.70
N GLU L 73 58.65 -80.51 -10.99
CA GLU L 73 58.66 -80.41 -9.53
C GLU L 73 60.01 -79.89 -9.08
N ASP L 74 60.96 -79.82 -10.01
CA ASP L 74 62.30 -79.34 -9.71
C ASP L 74 62.24 -77.85 -9.41
N LEU L 75 61.09 -77.24 -9.67
CA LEU L 75 60.96 -75.83 -9.43
C LEU L 75 60.32 -75.43 -8.09
N VAL L 76 59.79 -76.40 -7.33
CA VAL L 76 59.18 -76.06 -6.04
C VAL L 76 60.26 -75.58 -5.08
N HIS L 77 59.90 -74.68 -4.16
CA HIS L 77 60.85 -74.14 -3.18
C HIS L 77 61.54 -75.32 -2.52
N GLY L 78 62.87 -75.37 -2.61
CA GLY L 78 63.59 -76.48 -2.03
C GLY L 78 64.22 -77.35 -3.11
N GLY L 79 63.62 -77.35 -4.30
CA GLY L 79 64.16 -78.12 -5.39
C GLY L 79 63.70 -79.56 -5.52
N ALA L 80 62.68 -79.94 -4.77
CA ALA L 80 62.18 -81.31 -4.85
C ALA L 80 60.75 -81.46 -4.35
N HIS L 81 60.04 -82.47 -4.84
CA HIS L 81 58.66 -82.70 -4.43
C HIS L 81 58.52 -82.93 -2.93
N LYS L 82 59.62 -83.34 -2.30
CA LYS L 82 59.61 -83.60 -0.86
C LYS L 82 58.99 -82.46 -0.06
N THR L 83 59.15 -81.24 -0.55
CA THR L 83 58.60 -80.06 0.10
C THR L 83 57.08 -80.11 0.24
N ASN L 84 56.40 -80.78 -0.69
CA ASN L 84 54.95 -80.88 -0.62
C ASN L 84 54.54 -81.57 0.67
N ASN L 85 55.13 -82.74 0.89
CA ASN L 85 54.84 -83.56 2.06
C ASN L 85 55.30 -82.88 3.35
N ALA L 86 56.45 -82.21 3.31
CA ALA L 86 56.96 -81.52 4.49
C ALA L 86 55.95 -80.50 4.99
N ILE L 87 55.53 -79.59 4.12
CA ILE L 87 54.55 -78.58 4.47
C ILE L 87 53.27 -79.23 5.01
N GLY L 88 52.78 -80.26 4.31
CA GLY L 88 51.57 -80.93 4.75
C GLY L 88 51.61 -81.46 6.18
N GLN L 89 52.54 -82.36 6.46
CA GLN L 89 52.66 -82.93 7.80
C GLN L 89 52.99 -81.88 8.86
N ALA L 90 53.83 -80.91 8.52
CA ALA L 90 54.16 -79.90 9.51
C ALA L 90 52.90 -79.12 9.87
N LEU L 91 52.10 -78.74 8.87
CA LEU L 91 50.87 -77.99 9.14
C LEU L 91 49.92 -78.84 9.96
N LEU L 92 49.79 -80.11 9.59
CA LEU L 92 48.91 -81.03 10.32
C LEU L 92 49.38 -81.12 11.77
N ALA L 93 50.69 -81.21 11.97
CA ALA L 93 51.24 -81.30 13.32
C ALA L 93 50.90 -80.03 14.11
N LYS L 94 50.93 -78.88 13.44
CA LYS L 94 50.61 -77.64 14.10
C LYS L 94 49.14 -77.64 14.48
N PHE L 95 48.27 -78.08 13.58
CA PHE L 95 46.83 -78.13 13.88
C PHE L 95 46.56 -79.09 15.03
N MET L 96 47.40 -80.12 15.14
CA MET L 96 47.26 -81.12 16.19
C MET L 96 47.70 -80.51 17.49
N GLY L 97 48.28 -79.31 17.41
CA GLY L 97 48.75 -78.66 18.60
C GLY L 97 50.15 -79.09 19.00
N LYS L 98 50.92 -79.68 18.09
CA LYS L 98 52.28 -80.08 18.42
C LYS L 98 53.18 -78.86 18.29
N THR L 99 54.37 -78.92 18.88
CA THR L 99 55.28 -77.77 18.83
C THR L 99 56.66 -78.16 18.35
N ARG L 100 56.87 -79.44 18.14
CA ARG L 100 58.17 -79.91 17.72
C ARG L 100 58.08 -80.94 16.61
N LEU L 101 59.00 -80.85 15.65
CA LEU L 101 59.06 -81.79 14.54
C LEU L 101 60.38 -82.54 14.63
N ILE L 102 60.35 -83.84 14.40
CA ILE L 102 61.60 -84.61 14.39
C ILE L 102 61.57 -85.55 13.20
N ALA L 103 62.75 -85.80 12.66
CA ALA L 103 62.88 -86.67 11.51
C ALA L 103 64.34 -87.08 11.42
N GLU L 104 64.63 -88.06 10.57
CA GLU L 104 65.99 -88.53 10.38
C GLU L 104 66.30 -88.39 8.90
N THR L 105 67.59 -88.31 8.57
CA THR L 105 67.97 -88.18 7.17
C THR L 105 69.34 -88.79 6.84
N GLY L 106 69.47 -89.27 5.61
CA GLY L 106 70.72 -89.86 5.15
C GLY L 106 71.45 -88.86 4.26
N ALA L 107 70.98 -88.71 3.02
CA ALA L 107 71.57 -87.77 2.08
C ALA L 107 71.42 -86.36 2.63
N GLY L 108 70.30 -86.13 3.31
CA GLY L 108 70.04 -84.83 3.91
C GLY L 108 68.86 -84.12 3.28
N GLN L 109 68.35 -84.66 2.17
CA GLN L 109 67.24 -84.04 1.48
C GLN L 109 66.01 -83.91 2.35
N HIS L 110 65.58 -85.01 2.95
CA HIS L 110 64.41 -84.96 3.79
C HIS L 110 64.68 -84.05 4.98
N GLY L 111 65.91 -84.13 5.49
CA GLY L 111 66.30 -83.30 6.62
C GLY L 111 66.05 -81.85 6.33
N VAL L 112 66.59 -81.38 5.20
CA VAL L 112 66.40 -79.99 4.80
C VAL L 112 64.93 -79.62 4.59
N ALA L 113 64.20 -80.47 3.87
CA ALA L 113 62.78 -80.21 3.63
C ALA L 113 62.05 -80.00 4.96
N THR L 114 62.28 -80.91 5.91
CA THR L 114 61.65 -80.81 7.22
C THR L 114 62.04 -79.52 7.91
N ALA L 115 63.34 -79.25 7.95
CA ALA L 115 63.84 -78.03 8.55
C ALA L 115 63.15 -76.77 8.01
N MET L 116 62.98 -76.69 6.69
CA MET L 116 62.36 -75.52 6.05
C MET L 116 60.92 -75.32 6.50
N ALA L 117 60.16 -76.41 6.49
CA ALA L 117 58.77 -76.35 6.87
C ALA L 117 58.64 -75.95 8.33
N GLY L 118 59.47 -76.56 9.16
CA GLY L 118 59.45 -76.24 10.57
C GLY L 118 59.68 -74.76 10.76
N ALA L 119 60.67 -74.22 10.06
CA ALA L 119 60.97 -72.80 10.17
C ALA L 119 59.79 -71.93 9.72
N LEU L 120 59.14 -72.34 8.63
CA LEU L 120 58.01 -71.61 8.09
C LEU L 120 56.86 -71.54 9.10
N LEU L 121 56.56 -72.68 9.71
CA LEU L 121 55.49 -72.74 10.68
C LEU L 121 55.89 -72.49 12.11
N GLY L 122 57.14 -72.09 12.32
CA GLY L 122 57.59 -71.82 13.66
C GLY L 122 57.56 -72.97 14.64
N MET L 123 58.24 -74.05 14.29
CA MET L 123 58.28 -75.22 15.14
C MET L 123 59.72 -75.62 15.41
N LYS L 124 59.92 -76.28 16.54
CA LYS L 124 61.24 -76.73 16.90
C LYS L 124 61.49 -77.94 16.01
N VAL L 125 62.69 -78.03 15.45
CA VAL L 125 63.05 -79.12 14.57
C VAL L 125 64.35 -79.75 15.01
N ASP L 126 64.29 -81.05 15.31
CA ASP L 126 65.46 -81.81 15.72
C ASP L 126 65.58 -82.88 14.66
N ILE L 127 66.75 -82.97 14.05
CA ILE L 127 66.94 -83.97 13.01
C ILE L 127 68.03 -84.96 13.36
N TYR L 128 67.67 -86.24 13.33
CA TYR L 128 68.60 -87.32 13.62
C TYR L 128 69.35 -87.73 12.36
N MET L 129 70.66 -87.90 12.50
CA MET L 129 71.48 -88.25 11.35
C MET L 129 72.72 -89.03 11.81
N GLY L 130 73.00 -90.14 11.13
CA GLY L 130 74.16 -90.93 11.50
C GLY L 130 75.41 -90.10 11.38
N ALA L 131 76.31 -90.22 12.36
CA ALA L 131 77.56 -89.46 12.36
C ALA L 131 78.30 -89.64 11.04
N GLU L 132 78.17 -90.83 10.45
CA GLU L 132 78.80 -91.13 9.17
C GLU L 132 78.33 -90.13 8.13
N ASP L 133 77.01 -90.06 7.97
CA ASP L 133 76.39 -89.17 7.02
C ASP L 133 76.64 -87.70 7.35
N VAL L 134 76.71 -87.36 8.64
CA VAL L 134 76.95 -85.98 9.02
C VAL L 134 78.27 -85.51 8.41
N GLU L 135 79.28 -86.37 8.44
CA GLU L 135 80.59 -86.02 7.88
C GLU L 135 80.49 -85.85 6.37
N ARG L 136 79.82 -86.81 5.74
CA ARG L 136 79.65 -86.82 4.29
C ARG L 136 78.82 -85.66 3.75
N GLN L 137 77.91 -85.12 4.57
CA GLN L 137 77.03 -84.06 4.09
C GLN L 137 77.26 -82.66 4.61
N LYS L 138 78.52 -82.23 4.64
CA LYS L 138 78.87 -80.90 5.10
C LYS L 138 77.85 -79.81 4.79
N MET L 139 77.59 -79.56 3.50
CA MET L 139 76.68 -78.50 3.09
C MET L 139 75.21 -78.67 3.49
N ASN L 140 74.69 -79.89 3.51
CA ASN L 140 73.31 -80.10 3.92
C ASN L 140 73.13 -79.86 5.41
N VAL L 141 74.08 -80.32 6.21
CA VAL L 141 74.03 -80.12 7.65
C VAL L 141 73.99 -78.62 7.93
N PHE L 142 74.87 -77.88 7.25
CA PHE L 142 74.95 -76.44 7.40
C PHE L 142 73.62 -75.79 7.02
N ARG L 143 73.00 -76.32 5.95
CA ARG L 143 71.73 -75.78 5.48
C ARG L 143 70.67 -75.95 6.57
N MET L 144 70.62 -77.14 7.16
CA MET L 144 69.65 -77.42 8.21
C MET L 144 69.87 -76.49 9.41
N LYS L 145 71.13 -76.25 9.76
CA LYS L 145 71.41 -75.38 10.88
C LYS L 145 71.01 -73.95 10.55
N LEU L 146 71.23 -73.51 9.31
CA LEU L 146 70.86 -72.16 8.88
C LEU L 146 69.35 -71.96 9.00
N LEU L 147 68.61 -73.04 8.76
CA LEU L 147 67.15 -73.01 8.83
C LEU L 147 66.63 -73.11 10.27
N GLY L 148 67.56 -73.10 11.23
CA GLY L 148 67.19 -73.16 12.63
C GLY L 148 67.01 -74.52 13.28
N ALA L 149 67.15 -75.59 12.52
CA ALA L 149 66.99 -76.92 13.09
C ALA L 149 68.34 -77.32 13.68
N ASN L 150 68.32 -78.23 14.64
CA ASN L 150 69.58 -78.69 15.19
C ASN L 150 69.72 -80.16 14.85
N VAL L 151 70.79 -80.47 14.15
CA VAL L 151 71.06 -81.82 13.73
C VAL L 151 71.78 -82.58 14.82
N ILE L 152 71.15 -83.69 15.22
CA ILE L 152 71.65 -84.56 16.26
C ILE L 152 72.37 -85.76 15.64
N PRO L 153 73.70 -85.79 15.76
CA PRO L 153 74.47 -86.91 15.20
C PRO L 153 74.32 -88.16 16.06
N VAL L 154 74.10 -89.32 15.43
CA VAL L 154 73.99 -90.54 16.22
C VAL L 154 75.24 -91.35 15.91
N ASN L 155 75.90 -91.83 16.97
CA ASN L 155 77.13 -92.61 16.79
C ASN L 155 76.96 -94.09 17.14
N SER L 156 75.78 -94.46 17.64
CA SER L 156 75.53 -95.87 17.98
C SER L 156 75.51 -96.70 16.70
N GLY L 157 75.79 -97.99 16.83
CA GLY L 157 75.79 -98.88 15.69
C GLY L 157 76.71 -98.43 14.56
N SER L 158 76.25 -98.62 13.32
CA SER L 158 77.02 -98.25 12.13
C SER L 158 77.10 -96.74 11.90
N ARG L 159 76.51 -95.95 12.81
CA ARG L 159 76.49 -94.49 12.69
C ARG L 159 75.87 -94.02 11.36
N THR L 160 74.91 -94.80 10.85
CA THR L 160 74.25 -94.46 9.60
C THR L 160 72.75 -94.21 9.79
N LEU L 161 72.05 -94.12 8.68
CA LEU L 161 70.62 -93.87 8.69
C LEU L 161 69.84 -94.81 9.60
N LYS L 162 70.08 -96.11 9.47
CA LYS L 162 69.36 -97.08 10.28
C LYS L 162 69.43 -96.71 11.77
N ASP L 163 70.61 -96.36 12.23
CA ASP L 163 70.81 -96.00 13.64
C ASP L 163 70.09 -94.69 14.00
N ALA L 164 69.97 -93.80 13.02
CA ALA L 164 69.29 -92.52 13.24
C ALA L 164 67.79 -92.74 13.33
N ILE L 165 67.27 -93.66 12.53
CA ILE L 165 65.85 -93.96 12.54
C ILE L 165 65.41 -94.42 13.93
N ASN L 166 66.16 -95.35 14.51
CA ASN L 166 65.84 -95.86 15.83
C ASN L 166 65.85 -94.76 16.87
N GLU L 167 66.81 -93.85 16.75
CA GLU L 167 66.90 -92.75 17.69
C GLU L 167 65.65 -91.87 17.58
N ALA L 168 65.20 -91.65 16.35
CA ALA L 168 64.01 -90.85 16.12
C ALA L 168 62.81 -91.54 16.76
N LEU L 169 62.63 -92.82 16.47
CA LEU L 169 61.50 -93.57 17.03
C LEU L 169 61.46 -93.51 18.55
N ARG L 170 62.60 -93.79 19.18
CA ARG L 170 62.68 -93.75 20.64
C ARG L 170 62.22 -92.38 21.11
N ASP L 171 62.73 -91.34 20.46
CA ASP L 171 62.38 -89.96 20.78
C ASP L 171 60.86 -89.74 20.74
N TRP L 172 60.25 -90.14 19.62
CA TRP L 172 58.83 -89.96 19.44
C TRP L 172 58.00 -90.65 20.52
N VAL L 173 58.33 -91.91 20.81
CA VAL L 173 57.59 -92.64 21.82
C VAL L 173 57.51 -91.90 23.16
N ALA L 174 58.56 -91.15 23.48
CA ALA L 174 58.61 -90.40 24.73
C ALA L 174 58.03 -89.00 24.65
N THR L 175 58.10 -88.38 23.47
CA THR L 175 57.63 -87.00 23.33
C THR L 175 56.46 -86.78 22.38
N PHE L 176 55.86 -87.84 21.88
CA PHE L 176 54.78 -87.71 20.91
C PHE L 176 53.64 -86.77 21.33
N GLU L 177 53.57 -86.46 22.61
CA GLU L 177 52.52 -85.57 23.11
C GLU L 177 52.63 -84.19 22.48
N TYR L 178 53.85 -83.69 22.29
CA TYR L 178 54.06 -82.38 21.70
C TYR L 178 54.99 -82.42 20.49
N THR L 179 55.36 -83.63 20.07
CA THR L 179 56.26 -83.80 18.95
C THR L 179 55.70 -84.67 17.85
N HIS L 180 55.87 -84.24 16.61
CA HIS L 180 55.40 -85.01 15.46
C HIS L 180 56.61 -85.59 14.72
N TYR L 181 56.44 -86.83 14.29
CA TYR L 181 57.48 -87.54 13.56
C TYR L 181 57.16 -87.44 12.07
N LEU L 182 58.00 -86.70 11.35
CA LEU L 182 57.79 -86.47 9.93
C LEU L 182 58.42 -87.50 9.00
N ILE L 183 57.63 -88.47 8.52
CA ILE L 183 58.13 -89.50 7.60
C ILE L 183 58.26 -88.91 6.20
N GLY L 184 59.37 -89.20 5.53
CA GLY L 184 59.60 -88.65 4.20
C GLY L 184 59.00 -89.27 2.94
N SER L 185 58.48 -90.49 3.02
CA SER L 185 57.92 -91.15 1.84
C SER L 185 56.70 -91.99 2.17
N VAL L 186 56.04 -92.51 1.13
CA VAL L 186 54.85 -93.34 1.31
C VAL L 186 55.15 -94.71 1.90
N VAL L 187 55.98 -94.72 2.94
CA VAL L 187 56.36 -95.97 3.60
C VAL L 187 56.09 -95.92 5.10
N GLY L 188 56.41 -97.02 5.77
CA GLY L 188 56.20 -97.10 7.21
C GLY L 188 54.82 -97.62 7.60
N PRO L 189 54.47 -97.55 8.89
CA PRO L 189 53.16 -98.03 9.31
C PRO L 189 52.04 -97.04 8.98
N HIS L 190 50.82 -97.53 8.99
CA HIS L 190 49.67 -96.67 8.76
C HIS L 190 49.73 -95.63 9.89
N PRO L 191 49.23 -94.40 9.64
CA PRO L 191 48.62 -93.88 8.42
C PRO L 191 49.58 -93.16 7.46
N TYR L 192 50.88 -93.28 7.69
CA TYR L 192 51.85 -92.59 6.86
C TYR L 192 51.78 -92.86 5.35
N PRO L 193 51.89 -94.12 4.91
CA PRO L 193 51.85 -94.44 3.48
C PRO L 193 50.75 -93.70 2.74
N THR L 194 49.60 -93.58 3.37
CA THR L 194 48.51 -92.90 2.71
C THR L 194 48.52 -91.37 2.93
N ILE L 195 48.87 -90.91 4.14
CA ILE L 195 48.92 -89.46 4.40
C ILE L 195 49.90 -88.79 3.42
N VAL L 196 51.10 -89.36 3.32
CA VAL L 196 52.13 -88.81 2.43
C VAL L 196 51.63 -88.79 0.98
N ARG L 197 50.95 -89.86 0.54
CA ARG L 197 50.42 -89.87 -0.81
C ARG L 197 49.45 -88.72 -1.03
N ASP L 198 48.55 -88.52 -0.07
CA ASP L 198 47.57 -87.44 -0.17
C ASP L 198 48.21 -86.07 -0.31
N PHE L 199 49.29 -85.82 0.43
CA PHE L 199 49.98 -84.54 0.34
C PHE L 199 50.81 -84.36 -0.94
N GLN L 200 50.89 -85.41 -1.76
CA GLN L 200 51.63 -85.37 -3.02
C GLN L 200 50.72 -85.46 -4.25
N SER L 201 49.45 -85.74 -4.03
CA SER L 201 48.48 -85.87 -5.12
C SER L 201 48.35 -84.59 -5.94
N VAL L 202 48.73 -83.46 -5.35
CA VAL L 202 48.66 -82.19 -6.05
C VAL L 202 49.39 -82.31 -7.37
N ILE L 203 50.57 -82.94 -7.35
CA ILE L 203 51.36 -83.13 -8.56
C ILE L 203 50.50 -83.67 -9.69
N GLY L 204 49.90 -84.84 -9.47
CA GLY L 204 49.04 -85.45 -10.49
C GLY L 204 47.87 -84.57 -10.91
N ARG L 205 47.15 -84.01 -9.92
CA ARG L 205 46.03 -83.15 -10.22
C ARG L 205 46.43 -82.01 -11.17
N GLU L 206 47.48 -81.27 -10.80
CA GLU L 206 47.97 -80.18 -11.64
C GLU L 206 48.31 -80.71 -13.02
N ALA L 207 49.13 -81.76 -13.08
CA ALA L 207 49.55 -82.33 -14.35
C ALA L 207 48.38 -82.73 -15.25
N LYS L 208 47.32 -83.26 -14.66
CA LYS L 208 46.17 -83.68 -15.44
C LYS L 208 45.55 -82.48 -16.13
N ALA L 209 45.23 -81.47 -15.33
CA ALA L 209 44.62 -80.26 -15.84
C ALA L 209 45.50 -79.66 -16.94
N GLN L 210 46.79 -79.60 -16.64
CA GLN L 210 47.77 -79.05 -17.54
C GLN L 210 47.86 -79.78 -18.89
N ILE L 211 47.93 -81.11 -18.87
CA ILE L 211 48.05 -81.84 -20.11
C ILE L 211 46.78 -81.70 -20.94
N LEU L 212 45.64 -81.59 -20.27
CA LEU L 212 44.38 -81.42 -20.99
C LEU L 212 44.39 -80.08 -21.69
N GLU L 213 44.91 -79.07 -20.99
CA GLU L 213 44.95 -77.74 -21.56
C GLU L 213 45.85 -77.69 -22.78
N ALA L 214 46.94 -78.45 -22.75
CA ALA L 214 47.90 -78.44 -23.84
C ALA L 214 47.63 -79.39 -24.99
N GLU L 215 47.10 -80.56 -24.68
CA GLU L 215 46.83 -81.56 -25.70
C GLU L 215 45.38 -81.87 -25.92
N GLY L 216 44.52 -81.35 -25.04
CA GLY L 216 43.10 -81.62 -25.12
C GLY L 216 42.74 -83.07 -24.81
N GLN L 217 43.67 -83.82 -24.21
CA GLN L 217 43.45 -85.21 -23.87
C GLN L 217 44.42 -85.74 -22.82
N LEU L 218 44.09 -86.89 -22.23
CA LEU L 218 44.96 -87.46 -21.23
C LEU L 218 46.19 -88.07 -21.88
N PRO L 219 47.27 -88.23 -21.12
CA PRO L 219 48.51 -88.81 -21.66
C PRO L 219 48.40 -90.33 -21.88
N ASP L 220 49.29 -90.86 -22.71
CA ASP L 220 49.32 -92.28 -23.00
C ASP L 220 50.10 -93.00 -21.92
N VAL L 221 51.16 -92.34 -21.42
CA VAL L 221 52.00 -92.92 -20.38
C VAL L 221 52.46 -91.86 -19.38
N ILE L 222 52.68 -92.28 -18.14
CA ILE L 222 53.19 -91.40 -17.11
C ILE L 222 54.38 -92.16 -16.51
N VAL L 223 55.56 -91.53 -16.52
CA VAL L 223 56.74 -92.18 -16.00
C VAL L 223 57.32 -91.44 -14.82
N ALA L 224 57.59 -92.16 -13.73
CA ALA L 224 58.18 -91.55 -12.54
C ALA L 224 59.15 -92.51 -11.87
N CYS L 225 60.19 -91.97 -11.22
CA CYS L 225 61.14 -92.84 -10.56
C CYS L 225 60.56 -93.30 -9.21
N VAL L 226 61.00 -94.45 -8.73
CA VAL L 226 60.51 -94.97 -7.46
C VAL L 226 61.60 -95.37 -6.47
N GLY L 227 61.62 -94.67 -5.34
CA GLY L 227 62.56 -94.97 -4.27
C GLY L 227 61.61 -95.57 -3.25
N GLY L 228 61.01 -94.71 -2.44
CA GLY L 228 60.03 -95.15 -1.48
C GLY L 228 58.74 -95.16 -2.29
N GLY L 229 58.66 -94.26 -3.27
CA GLY L 229 57.52 -94.16 -4.14
C GLY L 229 56.57 -92.99 -3.93
N SER L 230 57.00 -91.94 -3.24
CA SER L 230 56.09 -90.83 -2.98
C SER L 230 55.84 -89.89 -4.16
N ASN L 231 56.86 -89.59 -4.96
CA ASN L 231 56.64 -88.69 -6.09
C ASN L 231 55.87 -89.43 -7.19
N ALA L 232 56.13 -90.74 -7.28
CA ALA L 232 55.47 -91.59 -8.27
C ALA L 232 54.00 -91.74 -7.92
N MET L 233 53.74 -91.93 -6.63
CA MET L 233 52.37 -92.09 -6.16
C MET L 233 51.62 -90.77 -6.30
N GLY L 234 52.33 -89.68 -6.06
CA GLY L 234 51.73 -88.36 -6.15
C GLY L 234 51.21 -87.99 -7.52
N ILE L 235 51.92 -88.42 -8.56
CA ILE L 235 51.51 -88.11 -9.92
C ILE L 235 50.64 -89.22 -10.51
N PHE L 236 50.78 -90.44 -10.01
CA PHE L 236 49.99 -91.57 -10.49
C PHE L 236 48.53 -91.49 -10.05
N TYR L 237 48.36 -91.37 -8.74
CA TYR L 237 47.04 -91.36 -8.13
C TYR L 237 45.86 -90.77 -8.90
N PRO L 238 45.90 -89.47 -9.23
CA PRO L 238 44.80 -88.85 -9.96
C PRO L 238 44.45 -89.48 -11.29
N PHE L 239 45.35 -90.30 -11.82
CA PHE L 239 45.13 -90.97 -13.11
C PHE L 239 44.80 -92.45 -12.95
N VAL L 240 44.72 -92.92 -11.71
CA VAL L 240 44.44 -94.32 -11.47
C VAL L 240 43.13 -94.84 -12.08
N ASN L 241 42.12 -93.99 -12.19
CA ASN L 241 40.86 -94.45 -12.75
C ASN L 241 40.69 -94.14 -14.22
N ASP L 242 41.72 -93.54 -14.82
CA ASP L 242 41.69 -93.21 -16.23
C ASP L 242 42.38 -94.33 -16.96
N LYS L 243 41.60 -95.34 -17.33
CA LYS L 243 42.10 -96.53 -17.98
C LYS L 243 43.03 -96.33 -19.17
N LYS L 244 42.78 -95.28 -19.94
CA LYS L 244 43.65 -95.01 -21.08
C LYS L 244 45.13 -94.81 -20.66
N VAL L 245 45.32 -94.14 -19.52
CA VAL L 245 46.64 -93.81 -19.01
C VAL L 245 47.50 -94.94 -18.45
N LYS L 246 48.66 -95.16 -19.07
CA LYS L 246 49.56 -96.20 -18.61
C LYS L 246 50.49 -95.61 -17.55
N LEU L 247 50.71 -96.35 -16.46
CA LEU L 247 51.58 -95.88 -15.37
C LEU L 247 52.86 -96.71 -15.30
N VAL L 248 54.02 -96.05 -15.26
CA VAL L 248 55.28 -96.76 -15.21
C VAL L 248 56.22 -96.24 -14.13
N GLY L 249 56.66 -97.14 -13.26
CA GLY L 249 57.56 -96.77 -12.19
C GLY L 249 58.96 -97.25 -12.56
N VAL L 250 59.96 -96.42 -12.31
CA VAL L 250 61.32 -96.78 -12.64
C VAL L 250 62.14 -96.93 -11.37
N GLU L 251 62.63 -98.13 -11.08
CA GLU L 251 63.45 -98.35 -9.89
C GLU L 251 64.92 -98.31 -10.28
N ALA L 252 65.79 -98.18 -9.29
CA ALA L 252 67.23 -98.11 -9.54
C ALA L 252 67.83 -99.46 -9.90
N GLY L 253 68.32 -99.57 -11.13
CA GLY L 253 68.94 -100.81 -11.56
C GLY L 253 70.41 -100.80 -11.18
N GLY L 254 70.87 -99.68 -10.62
CA GLY L 254 72.26 -99.58 -10.22
C GLY L 254 73.22 -100.08 -11.26
N LYS L 255 74.06 -101.05 -10.90
CA LYS L 255 75.05 -101.61 -11.81
C LYS L 255 74.57 -102.84 -12.56
N GLY L 256 73.25 -103.04 -12.61
CA GLY L 256 72.69 -104.18 -13.31
C GLY L 256 71.97 -105.12 -12.36
N LEU L 257 70.75 -105.51 -12.71
CA LEU L 257 69.99 -106.43 -11.86
C LEU L 257 70.79 -107.70 -11.60
N GLU L 258 71.63 -108.06 -12.56
CA GLU L 258 72.47 -109.23 -12.45
C GLU L 258 73.82 -108.91 -11.82
N SER L 259 73.80 -108.24 -10.66
CA SER L 259 75.05 -107.89 -9.99
C SER L 259 74.81 -107.54 -8.53
N GLY L 260 73.57 -107.67 -8.08
CA GLY L 260 73.24 -107.37 -6.69
C GLY L 260 73.47 -105.94 -6.26
N LYS L 261 73.97 -105.11 -7.17
CA LYS L 261 74.23 -103.69 -6.88
C LYS L 261 73.07 -102.84 -7.41
N HIS L 262 71.92 -102.91 -6.74
CA HIS L 262 70.75 -102.14 -7.15
C HIS L 262 69.78 -101.96 -5.99
N SER L 263 68.58 -101.45 -6.28
CA SER L 263 67.54 -101.23 -5.28
C SER L 263 66.16 -101.50 -5.85
N ALA L 264 66.10 -102.37 -6.86
CA ALA L 264 64.84 -102.72 -7.50
C ALA L 264 64.02 -103.68 -6.61
N SER L 265 63.44 -103.12 -5.55
CA SER L 265 62.63 -103.90 -4.60
C SER L 265 61.44 -104.58 -5.26
N LEU L 266 60.71 -103.85 -6.08
CA LEU L 266 59.54 -104.41 -6.78
C LEU L 266 59.93 -105.35 -7.91
N ASN L 267 61.07 -105.09 -8.55
CA ASN L 267 61.53 -105.90 -9.68
C ASN L 267 62.50 -106.99 -9.28
N ALA L 268 62.53 -107.35 -7.99
CA ALA L 268 63.46 -108.37 -7.55
C ALA L 268 63.44 -108.70 -6.06
N GLY L 269 62.50 -108.13 -5.31
CA GLY L 269 62.43 -108.42 -3.89
C GLY L 269 61.28 -109.35 -3.57
N GLN L 270 61.23 -109.87 -2.34
CA GLN L 270 60.15 -110.76 -1.93
C GLN L 270 59.32 -110.01 -0.90
N VAL L 271 58.04 -110.36 -0.76
CA VAL L 271 57.21 -109.65 0.22
C VAL L 271 57.72 -109.99 1.60
N GLY L 272 57.50 -109.07 2.54
CA GLY L 272 57.95 -109.30 3.90
C GLY L 272 57.42 -108.20 4.79
N VAL L 273 57.83 -108.22 6.05
CA VAL L 273 57.38 -107.21 6.98
C VAL L 273 58.54 -106.52 7.68
N PHE L 274 58.77 -105.27 7.29
CA PHE L 274 59.83 -104.44 7.87
C PHE L 274 59.29 -103.02 8.01
N HIS L 275 60.02 -102.20 8.76
CA HIS L 275 59.66 -100.80 8.98
C HIS L 275 58.15 -100.61 9.17
N GLY L 276 57.50 -101.53 9.86
CA GLY L 276 56.07 -101.42 10.10
C GLY L 276 55.12 -101.65 8.94
N MET L 277 55.61 -102.15 7.82
CA MET L 277 54.74 -102.38 6.68
C MET L 277 54.98 -103.70 5.98
N LEU L 278 53.91 -104.23 5.37
CA LEU L 278 53.97 -105.49 4.63
C LEU L 278 54.06 -105.08 3.17
N SER L 279 55.24 -105.21 2.58
CA SER L 279 55.45 -104.84 1.19
C SER L 279 56.62 -105.64 0.60
N TYR L 280 57.20 -105.15 -0.50
CA TYR L 280 58.31 -105.82 -1.14
C TYR L 280 59.64 -105.30 -0.61
N PHE L 281 60.52 -106.21 -0.21
CA PHE L 281 61.84 -105.81 0.28
C PHE L 281 62.92 -106.68 -0.35
N LEU L 282 64.09 -106.09 -0.60
CA LEU L 282 65.21 -106.84 -1.14
C LEU L 282 65.75 -107.63 0.03
N GLN L 283 65.28 -108.87 0.15
CA GLN L 283 65.67 -109.72 1.24
C GLN L 283 66.74 -110.75 0.99
N ASP L 284 67.29 -111.19 2.12
CA ASP L 284 68.33 -112.18 2.25
C ASP L 284 67.67 -113.54 2.01
N GLU L 285 68.47 -114.60 1.95
CA GLU L 285 67.95 -115.95 1.76
C GLU L 285 67.24 -116.35 3.05
N GLU L 286 67.63 -115.68 4.15
CA GLU L 286 67.06 -115.94 5.46
C GLU L 286 66.09 -114.87 5.96
N GLY L 287 65.49 -114.13 5.03
CA GLY L 287 64.54 -113.09 5.41
C GLY L 287 65.15 -111.91 6.12
N GLN L 288 66.39 -111.59 5.77
CA GLN L 288 67.08 -110.45 6.36
C GLN L 288 67.29 -109.38 5.27
N ILE L 289 67.32 -108.11 5.65
CA ILE L 289 67.49 -107.07 4.66
C ILE L 289 68.87 -107.10 3.98
N LYS L 290 68.87 -107.02 2.65
CA LYS L 290 70.10 -107.02 1.86
C LYS L 290 70.60 -105.59 1.65
N PRO L 291 71.88 -105.45 1.31
CA PRO L 291 72.44 -104.11 1.07
C PRO L 291 72.00 -103.67 -0.32
N THR L 292 71.73 -102.38 -0.47
CA THR L 292 71.29 -101.86 -1.76
C THR L 292 72.24 -100.81 -2.30
N HIS L 293 72.10 -100.48 -3.58
CA HIS L 293 72.96 -99.50 -4.20
C HIS L 293 72.26 -98.75 -5.33
N SER L 294 72.71 -97.53 -5.57
CA SER L 294 72.21 -96.68 -6.64
C SER L 294 73.01 -95.40 -6.64
N ILE L 295 73.29 -94.89 -7.83
CA ILE L 295 74.05 -93.66 -7.94
C ILE L 295 73.20 -92.51 -7.41
N ALA L 296 71.88 -92.69 -7.46
CA ALA L 296 70.94 -91.70 -6.97
C ALA L 296 70.56 -92.04 -5.52
N PRO L 297 71.01 -91.23 -4.55
CA PRO L 297 70.74 -91.45 -3.13
C PRO L 297 69.28 -91.76 -2.83
N GLY L 298 68.37 -90.90 -3.25
CA GLY L 298 66.97 -91.11 -2.99
C GLY L 298 66.37 -92.41 -3.50
N LEU L 299 67.10 -93.15 -4.33
CA LEU L 299 66.60 -94.41 -4.87
C LEU L 299 67.17 -95.62 -4.16
N ASP L 300 68.18 -95.37 -3.32
CA ASP L 300 68.88 -96.40 -2.55
C ASP L 300 68.08 -96.87 -1.31
N TYR L 301 67.02 -97.64 -1.54
CA TYR L 301 66.19 -98.13 -0.44
C TYR L 301 65.77 -99.56 -0.74
N PRO L 302 65.96 -100.47 0.23
CA PRO L 302 65.63 -101.89 0.13
C PRO L 302 64.14 -102.20 0.09
N GLY L 303 63.31 -101.19 0.39
CA GLY L 303 61.88 -101.40 0.38
C GLY L 303 61.14 -100.56 -0.65
N VAL L 304 59.83 -100.46 -0.46
CA VAL L 304 58.97 -99.69 -1.35
C VAL L 304 57.59 -99.55 -0.72
N GLY L 305 56.88 -98.46 -1.06
CA GLY L 305 55.56 -98.23 -0.52
C GLY L 305 54.59 -99.36 -0.78
N PRO L 306 53.68 -99.63 0.17
CA PRO L 306 52.67 -100.69 0.08
C PRO L 306 51.77 -100.50 -1.12
N GLU L 307 51.40 -99.24 -1.35
CA GLU L 307 50.51 -98.91 -2.45
C GLU L 307 51.10 -99.25 -3.82
N HIS L 308 52.42 -99.25 -3.93
CA HIS L 308 53.04 -99.59 -5.21
C HIS L 308 53.02 -101.10 -5.37
N ALA L 309 53.21 -101.80 -4.24
CA ALA L 309 53.18 -103.26 -4.27
C ALA L 309 51.79 -103.65 -4.75
N TYR L 310 50.78 -102.97 -4.21
CA TYR L 310 49.41 -103.24 -4.59
C TYR L 310 49.15 -102.98 -6.07
N LEU L 311 49.66 -101.85 -6.59
CA LEU L 311 49.47 -101.51 -8.00
C LEU L 311 50.17 -102.52 -8.91
N LYS L 312 51.32 -103.00 -8.47
CA LYS L 312 52.08 -103.98 -9.23
C LYS L 312 51.27 -105.26 -9.28
N LYS L 313 50.78 -105.67 -8.11
CA LYS L 313 49.98 -106.88 -7.97
C LYS L 313 48.81 -106.90 -8.96
N ILE L 314 47.89 -105.97 -8.80
CA ILE L 314 46.72 -105.88 -9.67
C ILE L 314 47.08 -105.46 -11.08
N GLN L 315 48.38 -105.29 -11.32
CA GLN L 315 48.90 -104.89 -12.63
C GLN L 315 48.31 -103.62 -13.19
N ARG L 316 48.08 -102.63 -12.32
CA ARG L 316 47.53 -101.34 -12.71
C ARG L 316 48.70 -100.46 -13.13
N ALA L 317 49.88 -100.81 -12.63
CA ALA L 317 51.09 -100.07 -12.94
C ALA L 317 52.21 -101.07 -13.27
N GLU L 318 53.08 -100.68 -14.20
CA GLU L 318 54.21 -101.52 -14.60
C GLU L 318 55.47 -100.90 -14.03
N TYR L 319 56.33 -101.72 -13.43
CA TYR L 319 57.57 -101.19 -12.88
C TYR L 319 58.77 -101.74 -13.63
N VAL L 320 59.71 -100.86 -13.96
CA VAL L 320 60.91 -101.23 -14.70
C VAL L 320 62.15 -100.73 -13.96
N THR L 321 63.32 -100.89 -14.58
CA THR L 321 64.54 -100.42 -13.95
C THR L 321 65.47 -99.80 -14.98
N VAL L 322 66.40 -98.97 -14.51
CA VAL L 322 67.36 -98.30 -15.36
C VAL L 322 68.69 -98.33 -14.62
N THR L 323 69.80 -98.48 -15.33
CA THR L 323 71.10 -98.54 -14.69
C THR L 323 71.70 -97.19 -14.34
N ASP L 324 72.73 -97.20 -13.52
CA ASP L 324 73.39 -95.97 -13.12
C ASP L 324 73.91 -95.29 -14.36
N GLU L 325 74.45 -96.09 -15.29
CA GLU L 325 75.00 -95.55 -16.52
C GLU L 325 73.94 -94.87 -17.39
N GLU L 326 72.76 -95.49 -17.46
CA GLU L 326 71.67 -94.93 -18.26
C GLU L 326 71.17 -93.61 -17.66
N ALA L 327 70.92 -93.62 -16.36
CA ALA L 327 70.43 -92.43 -15.67
C ALA L 327 71.44 -91.30 -15.83
N LEU L 328 72.71 -91.67 -15.73
CA LEU L 328 73.77 -90.71 -15.85
C LEU L 328 73.74 -90.09 -17.26
N LYS L 329 73.44 -90.90 -18.27
CA LYS L 329 73.38 -90.38 -19.63
C LYS L 329 72.24 -89.37 -19.75
N ALA L 330 71.07 -89.76 -19.27
CA ALA L 330 69.90 -88.89 -19.30
C ALA L 330 70.24 -87.59 -18.57
N PHE L 331 70.97 -87.69 -17.47
CA PHE L 331 71.38 -86.51 -16.71
C PHE L 331 72.04 -85.49 -17.65
N HIS L 332 73.07 -85.93 -18.38
CA HIS L 332 73.77 -85.05 -19.31
C HIS L 332 72.88 -84.60 -20.47
N GLU L 333 72.13 -85.56 -21.03
CA GLU L 333 71.27 -85.27 -22.16
C GLU L 333 70.26 -84.15 -21.87
N LEU L 334 69.49 -84.30 -20.80
CA LEU L 334 68.49 -83.30 -20.45
C LEU L 334 69.14 -81.94 -20.28
N SER L 335 70.33 -81.93 -19.67
CA SER L 335 71.07 -80.70 -19.43
C SER L 335 71.44 -79.98 -20.73
N ARG L 336 72.08 -80.70 -21.64
CA ARG L 336 72.50 -80.13 -22.92
C ARG L 336 71.36 -79.80 -23.87
N THR L 337 70.37 -80.69 -23.90
CA THR L 337 69.22 -80.55 -24.78
C THR L 337 68.11 -79.60 -24.38
N GLU L 338 67.67 -79.63 -23.12
CA GLU L 338 66.60 -78.75 -22.69
C GLU L 338 67.04 -77.68 -21.69
N GLY L 339 68.31 -77.68 -21.33
CA GLY L 339 68.79 -76.68 -20.37
C GLY L 339 68.21 -76.85 -18.98
N ILE L 340 67.98 -78.09 -18.58
CA ILE L 340 67.45 -78.43 -17.26
C ILE L 340 68.29 -79.54 -16.65
N ILE L 341 68.98 -79.25 -15.55
CA ILE L 341 69.81 -80.25 -14.87
C ILE L 341 68.93 -80.97 -13.85
N PRO L 342 68.60 -82.24 -14.12
CA PRO L 342 67.75 -83.02 -13.23
C PRO L 342 68.48 -83.71 -12.10
N ALA L 343 67.72 -84.13 -11.09
CA ALA L 343 68.27 -84.86 -9.95
C ALA L 343 68.53 -86.27 -10.49
N LEU L 344 69.54 -86.95 -9.95
CA LEU L 344 69.84 -88.30 -10.40
C LEU L 344 68.64 -89.24 -10.26
N GLU L 345 67.83 -89.02 -9.23
CA GLU L 345 66.64 -89.84 -9.06
C GLU L 345 65.75 -89.67 -10.28
N SER L 346 65.45 -88.40 -10.59
CA SER L 346 64.61 -88.05 -11.73
C SER L 346 65.21 -88.54 -13.06
N ALA L 347 66.52 -88.42 -13.20
CA ALA L 347 67.19 -88.84 -14.41
C ALA L 347 66.84 -90.28 -14.78
N HIS L 348 66.46 -91.09 -13.80
CA HIS L 348 66.10 -92.47 -14.08
C HIS L 348 64.82 -92.50 -14.89
N ALA L 349 63.86 -91.67 -14.49
CA ALA L 349 62.59 -91.61 -15.20
C ALA L 349 62.82 -91.02 -16.59
N VAL L 350 63.62 -89.97 -16.67
CA VAL L 350 63.91 -89.35 -17.94
C VAL L 350 64.52 -90.39 -18.88
N ALA L 351 65.49 -91.15 -18.37
CA ALA L 351 66.14 -92.16 -19.17
C ALA L 351 65.17 -93.17 -19.75
N TYR L 352 64.37 -93.78 -18.88
CA TYR L 352 63.44 -94.77 -19.39
C TYR L 352 62.46 -94.16 -20.35
N ALA L 353 61.91 -93.01 -19.99
CA ALA L 353 60.94 -92.35 -20.87
C ALA L 353 61.55 -92.14 -22.24
N MET L 354 62.85 -91.87 -22.29
CA MET L 354 63.50 -91.64 -23.57
C MET L 354 63.48 -92.86 -24.47
N LYS L 355 63.81 -94.03 -23.92
CA LYS L 355 63.84 -95.22 -24.74
C LYS L 355 62.43 -95.70 -25.04
N LEU L 356 61.53 -95.43 -24.11
CA LEU L 356 60.14 -95.81 -24.29
C LEU L 356 59.49 -94.94 -25.38
N ALA L 357 59.88 -93.67 -25.41
CA ALA L 357 59.32 -92.76 -26.39
C ALA L 357 59.69 -93.16 -27.81
N LYS L 358 60.88 -93.70 -27.98
CA LYS L 358 61.35 -94.11 -29.30
C LYS L 358 60.49 -95.18 -29.94
N GLU L 359 59.83 -95.99 -29.11
CA GLU L 359 59.00 -97.07 -29.63
C GLU L 359 57.54 -96.69 -29.77
N MET L 360 57.26 -95.40 -29.79
CA MET L 360 55.88 -94.94 -29.92
C MET L 360 55.72 -93.98 -31.10
N SER L 361 54.48 -93.72 -31.50
CA SER L 361 54.25 -92.83 -32.64
C SER L 361 54.30 -91.36 -32.27
N ARG L 362 54.68 -90.55 -33.25
CA ARG L 362 54.83 -89.12 -33.07
C ARG L 362 53.60 -88.38 -32.54
N ASP L 363 52.46 -89.06 -32.45
CA ASP L 363 51.26 -88.40 -31.95
C ASP L 363 50.90 -88.82 -30.52
N GLU L 364 51.72 -89.69 -29.93
CA GLU L 364 51.49 -90.17 -28.56
C GLU L 364 52.06 -89.23 -27.50
N ILE L 365 51.58 -89.36 -26.27
CA ILE L 365 52.01 -88.47 -25.21
C ILE L 365 52.57 -89.13 -23.95
N ILE L 366 53.74 -88.64 -23.53
CA ILE L 366 54.38 -89.15 -22.32
C ILE L 366 54.61 -87.97 -21.37
N ILE L 367 54.29 -88.17 -20.10
CA ILE L 367 54.54 -87.15 -19.08
C ILE L 367 55.51 -87.75 -18.09
N VAL L 368 56.66 -87.10 -17.92
CA VAL L 368 57.65 -87.58 -16.98
C VAL L 368 57.66 -86.66 -15.76
N ASN L 369 57.74 -87.26 -14.59
CA ASN L 369 57.75 -86.48 -13.36
C ASN L 369 59.19 -86.09 -12.99
N LEU L 370 59.57 -84.84 -13.25
CA LEU L 370 60.90 -84.39 -12.89
C LEU L 370 60.86 -83.98 -11.42
N SER L 371 61.00 -84.98 -10.54
CA SER L 371 60.94 -84.79 -9.09
C SER L 371 61.87 -83.76 -8.44
N GLY L 372 63.00 -83.45 -9.06
CA GLY L 372 63.88 -82.47 -8.44
C GLY L 372 65.01 -81.97 -9.30
N ARG L 373 65.66 -80.89 -8.88
CA ARG L 373 66.79 -80.36 -9.63
C ARG L 373 68.05 -81.07 -9.25
N GLY L 374 69.01 -81.11 -10.16
CA GLY L 374 70.25 -81.83 -9.90
C GLY L 374 71.39 -81.07 -9.27
N ASP L 375 71.15 -79.85 -8.80
CA ASP L 375 72.23 -79.07 -8.19
C ASP L 375 72.92 -79.93 -7.12
N LYS L 376 72.10 -80.63 -6.33
CA LYS L 376 72.60 -81.49 -5.26
C LYS L 376 73.54 -82.61 -5.71
N ASP L 377 73.45 -83.02 -6.96
CA ASP L 377 74.27 -84.13 -7.45
C ASP L 377 75.50 -83.78 -8.26
N LEU L 378 75.82 -82.49 -8.37
CA LEU L 378 76.98 -82.09 -9.15
C LEU L 378 78.23 -82.82 -8.70
N ASP L 379 78.48 -82.88 -7.40
CA ASP L 379 79.67 -83.58 -6.94
C ASP L 379 79.68 -85.04 -7.36
N ILE L 380 78.57 -85.74 -7.09
CA ILE L 380 78.48 -87.14 -7.48
C ILE L 380 78.91 -87.28 -8.93
N VAL L 381 78.21 -86.57 -9.82
CA VAL L 381 78.49 -86.64 -11.24
C VAL L 381 79.89 -86.19 -11.60
N LEU L 382 80.24 -84.97 -11.21
CA LEU L 382 81.56 -84.40 -11.49
C LEU L 382 82.65 -85.38 -11.15
N LYS L 383 82.42 -86.22 -10.14
CA LYS L 383 83.40 -87.21 -9.76
C LYS L 383 83.51 -88.29 -10.82
N VAL L 384 82.49 -89.14 -10.92
CA VAL L 384 82.50 -90.24 -11.87
C VAL L 384 82.83 -89.82 -13.31
N SER L 385 82.07 -88.88 -13.86
CA SER L 385 82.30 -88.45 -15.23
C SER L 385 83.47 -87.50 -15.38
N1 PLP M . -57.31 15.41 -30.37
C2 PLP M . -57.20 14.40 -29.42
C2A PLP M . -55.91 13.60 -29.46
C3 PLP M . -58.23 14.24 -28.50
O3 PLP M . -58.07 13.24 -27.59
C4 PLP M . -59.40 15.01 -28.53
C4A PLP M . -60.53 14.78 -27.49
C5 PLP M . -59.52 16.04 -29.52
C6 PLP M . -58.45 16.18 -30.41
C5A PLP M . -60.70 17.01 -29.74
O4P PLP M . -61.03 17.94 -28.74
P PLP M . -60.58 19.45 -28.82
O1P PLP M . -61.20 19.99 -27.59
O2P PLP M . -61.17 20.00 -30.07
O3P PLP M . -59.14 19.58 -28.78
N1 PLP N . -38.50 -2.36 -19.53
C2 PLP N . -39.36 -2.17 -20.59
C2A PLP N . -40.39 -1.05 -20.43
C3 PLP N . -39.25 -2.99 -21.69
O3 PLP N . -40.14 -2.73 -22.70
C4 PLP N . -38.28 -4.02 -21.79
C4A PLP N . -38.17 -4.93 -23.03
C5 PLP N . -37.40 -4.22 -20.71
C6 PLP N . -37.56 -3.36 -19.62
C5A PLP N . -36.29 -5.26 -20.58
O4P PLP N . -35.18 -5.26 -21.47
P PLP N . -33.80 -4.65 -21.06
O1P PLP N . -32.99 -4.90 -22.28
O2P PLP N . -33.32 -5.41 -19.89
O3P PLP N . -33.92 -3.23 -20.77
N1 PLP O . -12.00 58.79 34.52
C2 PLP O . -12.92 59.48 33.77
C2A PLP O . -13.07 60.96 34.07
C3 PLP O . -13.62 58.78 32.79
O3 PLP O . -14.51 59.52 32.08
C4 PLP O . -13.44 57.40 32.55
C4A PLP O . -14.24 56.65 31.46
C5 PLP O . -12.49 56.69 33.34
C6 PLP O . -11.82 57.44 34.29
C5A PLP O . -12.14 55.22 33.28
O4P PLP O . -11.57 54.67 32.11
P PLP O . -10.02 54.39 31.99
O1P PLP O . -9.92 53.80 30.62
O2P PLP O . -9.66 53.42 33.06
O3P PLP O . -9.27 55.64 32.10
N1 PLP P . -19.64 84.99 27.31
C2 PLP P . -19.80 84.05 28.30
C2A PLP P . -19.32 82.62 27.99
C3 PLP P . -20.40 84.45 29.50
O3 PLP P . -20.53 83.47 30.44
C4 PLP P . -20.82 85.78 29.73
C4A PLP P . -21.47 86.18 31.08
C5 PLP P . -20.65 86.74 28.69
C6 PLP P . -20.05 86.30 27.53
C5A PLP P . -21.04 88.22 28.72
O4P PLP P . -20.42 89.08 29.64
P PLP P . -19.24 90.03 29.26
O1P PLP P . -18.98 90.74 30.55
O2P PLP P . -19.77 90.93 28.21
O3P PLP P . -18.10 89.25 28.83
N1 PLP Q . 70.65 -60.38 -7.33
C2 PLP Q . 71.07 -61.64 -7.75
C2A PLP Q . 70.36 -62.82 -7.10
C3 PLP Q . 72.06 -61.72 -8.70
O3 PLP Q . 72.41 -63.00 -9.07
C4 PLP Q . 72.68 -60.60 -9.28
C4A PLP Q . 73.79 -60.73 -10.34
C5 PLP Q . 72.26 -59.29 -8.84
C6 PLP Q . 71.25 -59.26 -7.88
C5A PLP Q . 72.79 -57.93 -9.30
O4P PLP Q . 72.62 -57.53 -10.66
P PLP Q . 71.49 -56.55 -11.11
O1P PLP Q . 71.74 -56.43 -12.57
O2P PLP Q . 71.71 -55.28 -10.38
O3P PLP Q . 70.18 -57.14 -10.84
N1 PLP R . 63.21 -87.67 -6.51
C2 PLP R . 63.86 -86.72 -5.75
C2A PLP R . 64.22 -85.44 -6.47
C3 PLP R . 64.15 -87.01 -4.44
O3 PLP R . 64.80 -86.02 -3.74
C4 PLP R . 63.77 -88.22 -3.82
C4A PLP R . 64.11 -88.51 -2.33
C5 PLP R . 63.11 -89.21 -4.60
C6 PLP R . 62.84 -88.86 -5.93
C5A PLP R . 62.62 -90.59 -4.16
O4P PLP R . 61.63 -90.71 -3.14
P PLP R . 60.12 -91.01 -3.48
O1P PLP R . 59.51 -91.10 -2.13
O2P PLP R . 60.10 -92.32 -4.19
O3P PLP R . 59.55 -89.93 -4.28
#